data_8QKS
#
_entry.id   8QKS
#
_cell.length_a   82.259
_cell.length_b   376.787
_cell.length_c   226.818
_cell.angle_alpha   90
_cell.angle_beta   90.062
_cell.angle_gamma   90
#
_symmetry.space_group_name_H-M   'P 1 2 1'
#
loop_
_entity.id
_entity.type
_entity.pdbx_description
1 polymer 'Reticulocyte-binding protein-like protein 5'
2 polymer 'Immunoglobulin lambda variable 1-36'
3 polymer R5034HV
#
loop_
_entity_poly.entity_id
_entity_poly.type
_entity_poly.pdbx_seq_one_letter_code
_entity_poly.pdbx_strand_id
1 'polypeptide(L)'
;NFLQYHFKELSNYNIANSIDILQEKEGHLDFVIIPHYTFLDYYKHLSYNSIYHKSSTYGKCIAVDAFIKKINEAYDKVKS
KCNDIKNDLIATIKKLEHPYDINNKNRAFKKMMDEYNTKKKKLIKCIKNHENDFNKICMDMKNYGTNLFEQLSCYNNNFC
NTNGIRYHYDEYIHKLILSVKSKNLNKDLSDMTNILQQSELLLTNLNKKMGSYIYIDTIKFIHKEMKHIFNRIEYHTKII
NDKTKIIQDKIKLNIWRTFQKDELLKRILDMSNEYSLFITSDHLRQMLYNTFYSKEKHLNNIFHHLIY
;
A,D,G,H,M,N,S,T
2 'polypeptide(L)'
;SWAQQSALTQPPSVSEAPRRRVTIYCSGSSSNIGNNAVSWYQQLPGKSPKLLIYFDDLVTSGVSDRFSGSKSGTSASLAI
SGLQSEDEADYYCAAWDDRLNGV
;
B,E,I,K,O,Q,U,W
3 'polypeptide(L)'
;TGVHSEVQLVESGGGLVQPGGSLRLSCAASGFTFNTYWMSWVRQAPGKGLEWVANIQQDGSEKDYLNSVRGRFTISRDNA
KKSLYLQMNSLRAEDTAVYYCARDNPASAVAFDVWGQGAMVTVSS
;
C,F,J,L,P,R,V,X
#
# COMPACT_ATOMS: atom_id res chain seq x y z
N GLN A 4 56.89 37.24 72.88
CA GLN A 4 56.01 37.04 74.05
C GLN A 4 54.83 36.14 73.66
N TYR A 5 53.97 36.64 72.77
CA TYR A 5 52.75 35.93 72.36
C TYR A 5 53.17 34.78 71.46
N HIS A 6 53.07 33.53 71.94
CA HIS A 6 53.51 32.37 71.18
C HIS A 6 52.49 32.06 70.09
N PHE A 7 52.65 32.69 68.91
CA PHE A 7 51.78 32.46 67.78
C PHE A 7 52.23 31.23 67.00
N LYS A 8 51.39 30.82 66.04
CA LYS A 8 51.57 29.62 65.26
C LYS A 8 52.49 29.93 64.07
N ASN A 17 50.26 16.59 60.40
CA ASN A 17 51.58 15.94 60.17
C ASN A 17 51.39 14.56 59.54
N SER A 18 50.44 14.53 58.60
CA SER A 18 50.07 13.27 57.93
C SER A 18 49.40 13.46 56.57
N ILE A 19 48.31 14.23 56.55
CA ILE A 19 47.41 14.40 55.42
C ILE A 19 46.63 13.11 55.18
N ASP A 20 45.29 13.22 55.19
CA ASP A 20 44.38 12.10 54.99
C ASP A 20 43.51 12.41 53.79
N ILE A 21 43.12 11.34 53.07
CA ILE A 21 42.32 11.41 51.87
C ILE A 21 40.93 10.83 52.17
N LEU A 22 39.91 11.30 51.45
CA LEU A 22 38.53 11.01 51.81
C LEU A 22 37.69 10.72 50.57
N GLN A 23 36.96 9.60 50.59
CA GLN A 23 35.87 9.31 49.66
C GLN A 23 34.65 8.81 50.46
N GLU A 24 33.99 9.76 51.13
CA GLU A 24 32.77 9.53 51.87
C GLU A 24 31.75 8.83 50.98
N LYS A 25 31.55 9.34 49.76
CA LYS A 25 30.78 8.65 48.73
C LYS A 25 31.71 8.02 47.68
N GLU A 26 31.17 7.09 46.90
CA GLU A 26 31.82 6.46 45.75
C GLU A 26 31.61 7.33 44.51
N GLY A 27 32.63 8.10 44.12
CA GLY A 27 32.52 9.03 43.01
C GLY A 27 33.29 10.34 43.21
N HIS A 28 33.40 10.79 44.47
CA HIS A 28 33.97 12.09 44.79
C HIS A 28 35.08 11.93 45.84
N LEU A 29 36.13 12.75 45.72
CA LEU A 29 37.29 12.69 46.60
C LEU A 29 37.70 14.10 47.02
N ASP A 30 38.09 14.26 48.29
CA ASP A 30 38.76 15.45 48.81
C ASP A 30 39.84 15.03 49.81
N PHE A 31 40.81 15.93 50.02
CA PHE A 31 41.89 15.76 50.97
C PHE A 31 41.86 16.90 51.98
N VAL A 32 42.36 16.62 53.19
CA VAL A 32 42.37 17.58 54.28
C VAL A 32 43.78 17.69 54.85
N ILE A 33 44.47 18.79 54.56
CA ILE A 33 45.85 19.01 54.97
C ILE A 33 45.84 19.50 56.41
N ILE A 34 46.32 18.66 57.33
CA ILE A 34 46.06 18.81 58.76
C ILE A 34 46.60 20.14 59.30
N PRO A 35 47.85 20.57 58.97
CA PRO A 35 48.32 21.90 59.34
C PRO A 35 47.48 23.04 58.74
N HIS A 36 47.03 22.86 57.50
CA HIS A 36 46.35 23.91 56.74
C HIS A 36 44.88 24.05 57.14
N TYR A 37 44.41 23.24 58.09
CA TYR A 37 43.04 23.31 58.57
C TYR A 37 43.01 23.87 59.99
N THR A 38 43.96 23.42 60.83
CA THR A 38 44.16 23.96 62.17
C THR A 38 44.49 25.46 62.08
N PHE A 39 45.21 25.85 61.02
CA PHE A 39 45.63 27.23 60.81
C PHE A 39 44.40 28.10 60.54
N LEU A 40 43.58 27.69 59.57
CA LEU A 40 42.41 28.44 59.13
C LEU A 40 41.32 28.39 60.21
N ASP A 41 41.47 27.47 61.16
CA ASP A 41 40.58 27.34 62.31
C ASP A 41 41.05 28.25 63.44
N TYR A 42 42.36 28.33 63.66
CA TYR A 42 42.96 29.15 64.72
C TYR A 42 42.55 30.60 64.55
N TYR A 43 42.63 31.10 63.32
CA TYR A 43 42.48 32.52 63.01
C TYR A 43 41.05 32.85 62.58
N LYS A 44 40.20 31.83 62.45
CA LYS A 44 38.76 32.05 62.42
C LYS A 44 38.22 32.01 63.85
N HIS A 45 38.99 31.41 64.77
CA HIS A 45 38.75 31.51 66.20
C HIS A 45 39.77 32.45 66.83
N LEU A 46 39.89 33.66 66.27
CA LEU A 46 40.68 34.74 66.86
C LEU A 46 40.13 36.07 66.37
N SER A 47 39.97 36.19 65.05
CA SER A 47 39.32 37.32 64.38
C SER A 47 37.98 37.63 65.04
N TYR A 48 37.23 36.58 65.40
CA TYR A 48 35.92 36.71 66.03
C TYR A 48 36.05 37.14 67.49
N ASN A 49 37.02 36.58 68.22
CA ASN A 49 37.18 36.85 69.64
C ASN A 49 37.33 38.34 69.90
N SER A 50 38.19 38.99 69.10
CA SER A 50 38.50 40.40 69.19
C SER A 50 37.24 41.26 69.05
N ILE A 51 36.47 41.02 67.98
CA ILE A 51 35.35 41.88 67.60
C ILE A 51 34.19 41.70 68.57
N TYR A 52 34.09 40.53 69.21
CA TYR A 52 33.00 40.20 70.12
C TYR A 52 33.36 40.56 71.56
N HIS A 53 34.50 41.25 71.76
CA HIS A 53 34.78 41.89 73.03
C HIS A 53 34.22 43.32 73.02
N LYS A 54 34.49 44.06 71.94
CA LYS A 54 34.26 45.49 71.88
C LYS A 54 32.92 45.77 71.16
N SER A 55 32.25 46.85 71.56
CA SER A 55 30.89 47.14 71.15
C SER A 55 30.82 47.67 69.73
N SER A 56 31.78 48.53 69.36
CA SER A 56 31.85 49.13 68.03
C SER A 56 32.12 48.07 66.96
N THR A 57 32.84 47.00 67.37
CA THR A 57 33.33 45.97 66.46
C THR A 57 32.29 44.87 66.22
N TYR A 58 31.16 44.93 66.94
CA TYR A 58 30.01 44.09 66.66
C TYR A 58 29.52 44.34 65.23
N GLY A 59 29.81 45.55 64.71
CA GLY A 59 29.46 45.92 63.34
C GLY A 59 30.27 45.13 62.30
N LYS A 60 31.48 44.71 62.68
CA LYS A 60 32.46 44.19 61.73
C LYS A 60 32.20 42.72 61.38
N CYS A 61 31.40 42.02 62.20
CA CYS A 61 31.32 40.56 62.15
C CYS A 61 30.72 40.05 60.84
N ILE A 62 30.04 40.93 60.08
CA ILE A 62 29.59 40.62 58.73
C ILE A 62 30.79 40.50 57.81
N ALA A 63 31.72 41.45 57.96
CA ALA A 63 32.92 41.53 57.11
C ALA A 63 33.92 40.44 57.48
N VAL A 64 34.03 40.14 58.79
CA VAL A 64 34.96 39.14 59.30
C VAL A 64 34.50 37.75 58.85
N ASP A 65 33.19 37.51 58.88
CA ASP A 65 32.57 36.29 58.38
C ASP A 65 32.88 36.13 56.90
N ALA A 66 32.58 37.17 56.11
CA ALA A 66 32.69 37.15 54.66
C ALA A 66 34.15 37.06 54.20
N PHE A 67 35.07 37.51 55.07
CA PHE A 67 36.51 37.40 54.83
C PHE A 67 36.93 35.93 54.93
N ILE A 68 36.57 35.29 56.07
CA ILE A 68 36.91 33.90 56.35
C ILE A 68 36.29 33.00 55.28
N LYS A 69 35.04 33.30 54.91
CA LYS A 69 34.33 32.62 53.83
C LYS A 69 35.17 32.64 52.55
N LYS A 70 35.68 33.83 52.19
CA LYS A 70 36.32 34.04 50.91
C LYS A 70 37.77 33.52 50.92
N ILE A 71 38.35 33.31 52.12
CA ILE A 71 39.61 32.60 52.25
C ILE A 71 39.37 31.10 52.03
N ASN A 72 38.35 30.56 52.69
CA ASN A 72 37.94 29.16 52.52
C ASN A 72 37.09 29.05 51.25
N GLU A 73 37.73 29.30 50.10
CA GLU A 73 37.12 29.33 48.77
C GLU A 73 38.21 29.51 47.73
N ALA A 74 39.12 30.46 48.02
CA ALA A 74 40.39 30.58 47.32
C ALA A 74 41.25 29.35 47.61
N TYR A 75 41.13 28.84 48.85
CA TYR A 75 41.73 27.59 49.28
C TYR A 75 41.20 26.43 48.43
N ASP A 76 39.87 26.43 48.20
CA ASP A 76 39.20 25.39 47.42
C ASP A 76 39.43 25.55 45.92
N LYS A 77 40.00 26.70 45.52
CA LYS A 77 40.38 26.93 44.13
C LYS A 77 41.76 26.34 43.82
N VAL A 78 42.45 25.86 44.87
CA VAL A 78 43.65 25.05 44.68
C VAL A 78 43.24 23.67 44.16
N LYS A 79 42.05 23.23 44.61
CA LYS A 79 41.45 21.98 44.16
C LYS A 79 40.73 22.21 42.82
N SER A 80 41.38 22.96 41.92
CA SER A 80 40.89 23.17 40.57
C SER A 80 41.72 22.34 39.59
N LYS A 81 42.99 22.11 39.93
CA LYS A 81 43.94 21.37 39.11
C LYS A 81 44.59 20.24 39.88
N CYS A 82 44.20 20.06 41.16
CA CYS A 82 44.47 18.84 41.91
C CYS A 82 43.24 17.95 41.84
N ASN A 83 42.61 17.91 40.66
CA ASN A 83 41.22 17.51 40.49
C ASN A 83 41.11 16.46 39.38
N ASP A 84 41.69 16.74 38.22
CA ASP A 84 41.68 15.82 37.09
C ASP A 84 42.51 14.58 37.38
N ILE A 85 43.60 14.75 38.16
CA ILE A 85 44.41 13.60 38.56
C ILE A 85 43.72 12.86 39.70
N LYS A 86 42.98 13.61 40.53
CA LYS A 86 42.11 13.05 41.56
C LYS A 86 41.03 12.16 40.95
N ASN A 87 40.43 12.63 39.85
CA ASN A 87 39.36 11.91 39.17
C ASN A 87 39.88 10.63 38.53
N ASP A 88 41.14 10.66 38.08
CA ASP A 88 41.80 9.50 37.51
C ASP A 88 42.20 8.52 38.62
N LEU A 89 42.45 9.06 39.83
CA LEU A 89 42.70 8.25 41.01
C LEU A 89 41.42 7.54 41.42
N ILE A 90 40.26 8.18 41.20
CA ILE A 90 38.96 7.60 41.51
C ILE A 90 38.66 6.43 40.57
N ALA A 91 39.19 6.48 39.33
CA ALA A 91 38.95 5.43 38.34
C ALA A 91 39.63 4.12 38.74
N THR A 92 40.30 4.11 39.89
CA THR A 92 40.75 2.94 40.63
C THR A 92 39.55 2.12 41.05
N ILE A 93 38.48 2.77 41.57
CA ILE A 93 37.29 2.07 42.03
C ILE A 93 36.58 1.40 40.85
N LYS A 94 36.65 2.04 39.67
CA LYS A 94 36.07 1.50 38.45
C LYS A 94 36.69 0.14 38.14
N LYS A 95 38.03 0.05 38.21
CA LYS A 95 38.76 -1.14 37.82
C LYS A 95 38.77 -2.19 38.94
N LEU A 96 38.52 -1.78 40.18
CA LEU A 96 38.83 -2.64 41.32
C LEU A 96 37.56 -3.35 41.74
N GLU A 97 36.54 -2.55 42.10
CA GLU A 97 35.43 -3.05 42.91
C GLU A 97 34.19 -3.27 42.04
N HIS A 98 34.09 -2.52 40.94
CA HIS A 98 33.02 -2.73 39.97
C HIS A 98 33.62 -2.86 38.57
N PRO A 99 34.22 -4.02 38.20
CA PRO A 99 34.52 -4.32 36.80
C PRO A 99 33.24 -4.35 35.95
N TYR A 100 33.17 -3.42 34.99
CA TYR A 100 31.95 -3.10 34.27
C TYR A 100 31.53 -4.27 33.37
N ASP A 101 30.21 -4.38 33.16
CA ASP A 101 29.57 -5.35 32.29
C ASP A 101 29.95 -6.82 32.54
N ILE A 102 30.52 -7.13 33.72
CA ILE A 102 30.71 -8.48 34.24
C ILE A 102 31.83 -9.24 33.52
N ASN A 103 32.37 -8.72 32.40
CA ASN A 103 33.22 -9.52 31.52
C ASN A 103 34.73 -9.34 31.79
N ASN A 104 35.10 -8.23 32.42
CA ASN A 104 36.51 -7.87 32.52
C ASN A 104 37.14 -8.64 33.68
N LYS A 105 37.53 -9.90 33.42
CA LYS A 105 38.41 -10.69 34.27
C LYS A 105 37.75 -10.91 35.66
N PHE A 109 46.56 -9.27 38.38
CA PHE A 109 46.49 -9.71 39.79
C PHE A 109 47.09 -8.62 40.68
N LYS A 110 48.27 -8.12 40.28
CA LYS A 110 48.82 -6.84 40.73
C LYS A 110 48.97 -5.98 39.47
N LYS A 111 47.97 -6.12 38.60
CA LYS A 111 47.89 -5.43 37.31
C LYS A 111 47.28 -4.04 37.50
N MET A 112 46.33 -3.94 38.43
CA MET A 112 45.72 -2.69 38.83
C MET A 112 46.39 -2.11 40.06
N MET A 113 47.04 -2.96 40.87
CA MET A 113 47.80 -2.51 42.02
C MET A 113 48.94 -1.58 41.56
N ASP A 114 49.53 -1.89 40.40
CA ASP A 114 50.58 -1.02 39.86
C ASP A 114 49.90 0.07 39.04
N GLU A 115 49.01 -0.32 38.11
CA GLU A 115 48.84 0.32 36.79
C GLU A 115 49.36 1.77 36.72
N TYR A 116 48.46 2.72 36.47
CA TYR A 116 48.60 4.13 36.83
C TYR A 116 47.87 4.31 38.17
N ASN A 117 48.28 3.55 39.18
CA ASN A 117 47.46 3.22 40.34
C ASN A 117 48.27 3.20 41.64
N THR A 118 49.58 2.96 41.52
CA THR A 118 50.56 3.17 42.59
C THR A 118 50.56 4.64 43.00
N LYS A 119 50.71 5.54 42.02
CA LYS A 119 50.56 6.98 42.10
C LYS A 119 49.27 7.51 42.81
N LYS A 120 49.00 6.99 44.03
CA LYS A 120 48.55 7.80 45.16
C LYS A 120 49.59 8.89 45.45
N LYS A 121 50.86 8.55 45.20
CA LYS A 121 51.99 9.44 45.29
C LYS A 121 51.92 10.57 44.26
N LYS A 122 51.26 10.35 43.12
CA LYS A 122 51.03 11.37 42.11
C LYS A 122 50.14 12.50 42.64
N LEU A 123 49.16 12.12 43.46
CA LEU A 123 48.26 13.08 44.11
C LEU A 123 49.03 13.83 45.20
N ILE A 124 49.67 13.07 46.10
CA ILE A 124 50.49 13.58 47.17
C ILE A 124 51.54 14.56 46.63
N LYS A 125 52.03 14.30 45.42
CA LYS A 125 52.95 15.19 44.71
C LYS A 125 52.23 16.50 44.36
N CYS A 126 51.07 16.39 43.69
CA CYS A 126 50.36 17.55 43.17
C CYS A 126 49.86 18.45 44.31
N ILE A 127 49.63 17.87 45.48
CA ILE A 127 49.32 18.63 46.69
C ILE A 127 50.55 19.47 47.07
N LYS A 128 51.72 18.83 47.20
CA LYS A 128 52.94 19.49 47.60
C LYS A 128 53.48 20.39 46.49
N ASN A 129 53.09 20.11 45.24
CA ASN A 129 53.43 20.93 44.07
C ASN A 129 52.73 22.28 44.13
N HIS A 130 51.53 22.32 44.72
CA HIS A 130 50.84 23.59 44.92
C HIS A 130 50.62 23.85 46.41
N GLU A 131 51.67 23.66 47.22
CA GLU A 131 51.61 23.88 48.66
C GLU A 131 51.83 25.36 48.99
N ASN A 132 53.10 25.71 49.31
CA ASN A 132 53.51 27.10 49.49
C ASN A 132 53.34 27.90 48.20
N ASP A 133 53.76 27.31 47.07
CA ASP A 133 53.43 27.72 45.70
C ASP A 133 51.97 28.19 45.50
N PHE A 134 51.80 29.24 44.69
CA PHE A 134 50.52 29.93 44.53
C PHE A 134 50.24 30.73 45.82
N ASN A 135 51.27 31.45 46.30
CA ASN A 135 51.02 32.67 47.08
C ASN A 135 50.97 32.19 48.51
N LYS A 136 49.87 32.40 49.26
CA LYS A 136 49.92 32.11 50.71
C LYS A 136 48.59 32.47 51.38
N ILE A 137 47.55 31.77 50.91
CA ILE A 137 46.17 31.95 51.32
C ILE A 137 46.03 31.55 52.79
N CYS A 138 46.88 30.62 53.26
CA CYS A 138 47.13 30.41 54.70
C CYS A 138 47.76 31.73 55.09
N MET A 139 48.59 31.95 56.11
CA MET A 139 49.20 33.27 56.29
C MET A 139 48.31 34.49 56.11
N ASP A 140 47.42 34.55 55.09
CA ASP A 140 46.41 35.61 55.02
C ASP A 140 45.55 35.61 56.29
N MET A 141 45.16 34.42 56.73
CA MET A 141 44.29 34.26 57.89
C MET A 141 45.03 34.65 59.17
N LYS A 142 46.33 34.36 59.24
CA LYS A 142 47.19 34.77 60.33
C LYS A 142 47.17 36.29 60.48
N ASN A 143 47.39 36.99 59.36
CA ASN A 143 47.60 38.43 59.33
C ASN A 143 46.33 39.16 59.78
N TYR A 144 45.19 38.75 59.22
CA TYR A 144 43.90 39.39 59.46
C TYR A 144 43.46 39.18 60.90
N GLY A 145 43.58 37.95 61.40
CA GLY A 145 43.23 37.60 62.76
C GLY A 145 44.10 38.35 63.77
N THR A 146 45.39 38.52 63.43
CA THR A 146 46.34 39.23 64.26
C THR A 146 46.03 40.73 64.22
N ASN A 147 45.72 41.23 63.01
CA ASN A 147 45.42 42.64 62.76
C ASN A 147 44.24 43.09 63.62
N LEU A 148 43.18 42.28 63.64
CA LEU A 148 41.98 42.60 64.40
C LEU A 148 42.21 42.37 65.89
N PHE A 149 43.22 41.54 66.25
CA PHE A 149 43.61 41.34 67.63
C PHE A 149 44.41 42.54 68.13
N GLU A 150 45.04 43.28 67.20
CA GLU A 150 45.72 44.53 67.53
C GLU A 150 44.69 45.64 67.80
N GLN A 151 43.61 45.67 67.01
CA GLN A 151 42.58 46.69 67.13
C GLN A 151 41.68 46.40 68.33
N LEU A 152 42.24 46.64 69.54
CA LEU A 152 41.54 46.43 70.80
C LEU A 152 41.46 47.73 71.59
N SER A 153 40.55 47.78 72.57
CA SER A 153 40.40 48.93 73.45
C SER A 153 40.37 48.49 74.91
N CYS A 154 39.26 48.77 75.63
CA CYS A 154 39.25 48.79 77.09
C CYS A 154 40.38 49.68 77.59
N TYR A 155 40.47 49.81 78.92
CA TYR A 155 41.45 50.65 79.60
C TYR A 155 42.82 49.99 79.56
N ASN A 156 42.86 48.64 79.63
CA ASN A 156 44.10 47.86 79.73
C ASN A 156 44.81 48.04 81.07
N ASN A 157 44.12 48.64 82.05
CA ASN A 157 44.62 48.71 83.40
C ASN A 157 44.57 47.33 84.04
N ASN A 158 44.80 47.32 85.35
CA ASN A 158 44.87 46.12 86.15
C ASN A 158 43.65 45.21 85.92
N PHE A 159 42.46 45.80 85.70
CA PHE A 159 41.20 45.05 85.63
C PHE A 159 40.43 45.35 84.34
N CYS A 160 40.54 44.43 83.38
CA CYS A 160 39.86 44.49 82.09
C CYS A 160 38.75 43.43 82.05
N ASN A 161 37.79 43.63 81.17
CA ASN A 161 36.57 42.83 81.12
C ASN A 161 36.82 41.50 80.41
N THR A 162 36.20 40.44 80.93
CA THR A 162 36.22 39.11 80.33
C THR A 162 34.89 38.84 79.65
N ASN A 163 34.63 39.58 78.57
CA ASN A 163 33.60 39.20 77.61
C ASN A 163 34.29 38.37 76.52
N GLY A 164 34.03 38.69 75.24
CA GLY A 164 34.82 38.21 74.12
C GLY A 164 34.83 36.68 74.01
N ILE A 165 35.49 36.04 74.99
CA ILE A 165 35.68 34.60 75.06
C ILE A 165 34.33 33.93 75.32
N ARG A 166 33.55 34.51 76.24
CA ARG A 166 32.27 33.97 76.67
C ARG A 166 31.24 34.02 75.54
N TYR A 167 31.33 35.05 74.69
CA TYR A 167 30.49 35.15 73.51
C TYR A 167 30.72 33.93 72.63
N HIS A 168 31.98 33.70 72.25
CA HIS A 168 32.35 32.72 71.24
C HIS A 168 32.05 31.31 71.76
N TYR A 169 32.35 31.07 73.05
CA TYR A 169 32.10 29.81 73.73
C TYR A 169 30.64 29.39 73.57
N ASP A 170 29.71 30.22 74.06
CA ASP A 170 28.31 29.85 74.19
C ASP A 170 27.56 29.97 72.87
N GLU A 171 28.18 30.59 71.85
CA GLU A 171 27.56 30.77 70.55
C GLU A 171 28.16 29.81 69.52
N TYR A 172 29.36 29.28 69.80
CA TYR A 172 30.04 28.42 68.85
C TYR A 172 30.45 27.08 69.48
N ILE A 173 31.05 27.12 70.68
CA ILE A 173 31.73 25.97 71.24
C ILE A 173 30.76 25.07 71.99
N HIS A 174 30.06 25.65 73.00
CA HIS A 174 29.27 24.89 73.96
C HIS A 174 28.14 24.11 73.28
N LYS A 175 27.69 24.59 72.12
CA LYS A 175 26.68 23.89 71.34
C LYS A 175 27.24 22.59 70.78
N LEU A 176 28.51 22.63 70.34
CA LEU A 176 29.15 21.52 69.65
C LEU A 176 29.70 20.47 70.62
N ILE A 177 30.00 20.86 71.86
CA ILE A 177 30.55 19.91 72.83
C ILE A 177 29.47 18.91 73.25
N LEU A 178 28.21 19.39 73.32
CA LEU A 178 27.06 18.55 73.64
C LEU A 178 26.82 17.56 72.50
N SER A 179 26.98 18.04 71.25
CA SER A 179 26.80 17.23 70.06
C SER A 179 27.74 16.03 70.07
N VAL A 180 28.95 16.22 70.61
CA VAL A 180 29.99 15.20 70.61
C VAL A 180 29.80 14.23 71.78
N LYS A 181 29.37 14.74 72.94
CA LYS A 181 29.17 13.90 74.11
C LYS A 181 27.95 12.98 73.93
N SER A 182 27.01 13.42 73.09
CA SER A 182 25.81 12.67 72.77
C SER A 182 26.13 11.45 71.90
N LYS A 183 27.21 11.54 71.12
CA LYS A 183 27.68 10.44 70.28
C LYS A 183 28.92 9.82 70.95
N ASN A 184 28.70 9.11 72.06
CA ASN A 184 29.74 8.44 72.83
C ASN A 184 30.71 7.66 71.92
N LEU A 185 31.87 8.27 71.67
CA LEU A 185 32.87 7.78 70.73
C LEU A 185 33.56 6.52 71.24
N ASN A 186 33.56 6.30 72.56
CA ASN A 186 34.18 5.13 73.17
C ASN A 186 33.50 3.85 72.67
N LYS A 187 32.17 3.90 72.57
CA LYS A 187 31.36 2.83 72.03
C LYS A 187 31.68 2.66 70.54
N ASP A 188 31.76 3.79 69.82
CA ASP A 188 31.98 3.81 68.38
C ASP A 188 33.25 3.05 68.00
N LEU A 189 34.34 3.29 68.74
CA LEU A 189 35.63 2.66 68.50
C LEU A 189 35.50 1.14 68.70
N SER A 190 34.92 0.74 69.83
CA SER A 190 34.85 -0.67 70.21
C SER A 190 33.97 -1.46 69.24
N ASP A 191 32.98 -0.78 68.65
CA ASP A 191 32.15 -1.33 67.57
C ASP A 191 33.00 -1.57 66.33
N MET A 192 33.80 -0.56 65.95
CA MET A 192 34.67 -0.62 64.77
C MET A 192 35.77 -1.67 64.95
N THR A 193 36.25 -1.85 66.19
CA THR A 193 37.29 -2.83 66.49
C THR A 193 36.75 -4.23 66.18
N ASN A 194 35.53 -4.51 66.64
CA ASN A 194 34.94 -5.84 66.55
C ASN A 194 34.66 -6.20 65.08
N ILE A 195 34.20 -5.22 64.29
CA ILE A 195 33.96 -5.38 62.87
C ILE A 195 35.27 -5.74 62.17
N LEU A 196 36.37 -5.11 62.58
CA LEU A 196 37.69 -5.36 62.01
C LEU A 196 38.21 -6.73 62.46
N GLN A 197 37.95 -7.09 63.72
CA GLN A 197 38.38 -8.37 64.29
C GLN A 197 37.75 -9.53 63.52
N GLN A 198 36.44 -9.42 63.24
CA GLN A 198 35.67 -10.48 62.61
C GLN A 198 36.07 -10.66 61.14
N SER A 199 36.43 -9.54 60.48
CA SER A 199 36.85 -9.57 59.09
C SER A 199 38.26 -10.15 58.96
N GLU A 200 39.04 -10.10 60.05
CA GLU A 200 40.40 -10.62 60.07
C GLU A 200 40.34 -12.13 60.28
N LEU A 201 39.44 -12.57 61.17
CA LEU A 201 39.23 -13.98 61.50
C LEU A 201 38.71 -14.74 60.28
N LEU A 202 37.81 -14.11 59.52
CA LEU A 202 37.27 -14.68 58.29
C LEU A 202 38.36 -14.76 57.22
N LEU A 203 39.29 -13.80 57.24
CA LEU A 203 40.46 -13.78 56.36
C LEU A 203 41.41 -14.93 56.71
N THR A 204 41.61 -15.18 58.00
CA THR A 204 42.44 -16.27 58.48
C THR A 204 41.94 -17.61 57.91
N ASN A 205 40.61 -17.77 57.88
CA ASN A 205 39.97 -19.00 57.44
C ASN A 205 39.95 -19.07 55.91
N LEU A 206 39.63 -17.95 55.24
CA LEU A 206 39.59 -17.89 53.79
C LEU A 206 40.97 -18.12 53.19
N ASN A 207 42.02 -17.72 53.90
CA ASN A 207 43.40 -18.07 53.57
C ASN A 207 43.57 -19.59 53.57
N LYS A 208 43.12 -20.22 54.66
CA LYS A 208 43.36 -21.64 54.93
C LYS A 208 42.57 -22.51 53.96
N LYS A 209 41.41 -22.01 53.51
CA LYS A 209 40.58 -22.68 52.52
C LYS A 209 40.96 -22.15 51.13
N MET A 210 40.12 -21.27 50.58
CA MET A 210 40.04 -20.91 49.17
C MET A 210 41.40 -20.55 48.54
N GLY A 211 41.36 -20.44 47.20
CA GLY A 211 42.47 -19.96 46.41
C GLY A 211 42.20 -20.17 44.92
N SER A 212 41.18 -19.49 44.39
CA SER A 212 40.99 -19.41 42.94
C SER A 212 40.22 -18.16 42.54
N TYR A 213 40.59 -17.61 41.36
CA TYR A 213 40.10 -16.34 40.82
C TYR A 213 40.09 -15.27 41.92
N ILE A 214 41.24 -15.18 42.61
CA ILE A 214 41.34 -14.85 44.02
C ILE A 214 40.97 -13.39 44.25
N TYR A 215 39.72 -13.18 44.70
CA TYR A 215 39.32 -11.91 45.29
C TYR A 215 39.43 -11.89 46.80
N ILE A 216 40.25 -12.78 47.37
CA ILE A 216 40.60 -12.70 48.79
C ILE A 216 41.60 -11.55 48.99
N ASP A 217 42.43 -11.31 47.96
CA ASP A 217 43.44 -10.27 47.97
C ASP A 217 42.77 -8.89 48.07
N THR A 218 41.60 -8.76 47.43
CA THR A 218 40.78 -7.56 47.52
C THR A 218 40.34 -7.36 48.97
N ILE A 219 39.92 -8.44 49.63
CA ILE A 219 39.46 -8.39 51.01
C ILE A 219 40.63 -8.03 51.93
N LYS A 220 41.82 -8.60 51.67
CA LYS A 220 43.03 -8.27 52.41
C LYS A 220 43.34 -6.79 52.26
N PHE A 221 43.18 -6.26 51.04
CA PHE A 221 43.49 -4.88 50.70
C PHE A 221 42.52 -3.92 51.39
N ILE A 222 41.22 -4.25 51.33
CA ILE A 222 40.17 -3.43 51.93
C ILE A 222 40.27 -3.52 53.46
N HIS A 223 40.64 -4.70 53.97
CA HIS A 223 40.91 -4.89 55.40
C HIS A 223 42.02 -3.95 55.85
N LYS A 224 43.11 -3.91 55.08
CA LYS A 224 44.28 -3.08 55.37
C LYS A 224 43.89 -1.60 55.37
N GLU A 225 43.11 -1.20 54.35
CA GLU A 225 42.71 0.18 54.15
C GLU A 225 41.85 0.64 55.34
N MET A 226 40.91 -0.22 55.75
CA MET A 226 39.98 0.07 56.84
C MET A 226 40.69 0.02 58.20
N LYS A 227 41.84 -0.67 58.29
CA LYS A 227 42.58 -0.78 59.53
C LYS A 227 43.29 0.53 59.84
N HIS A 228 43.91 1.16 58.83
CA HIS A 228 44.61 2.41 59.03
C HIS A 228 43.62 3.54 59.25
N ILE A 229 42.52 3.53 58.49
CA ILE A 229 41.41 4.47 58.63
C ILE A 229 40.88 4.43 60.06
N PHE A 230 40.82 3.23 60.65
CA PHE A 230 40.42 3.06 62.03
C PHE A 230 41.42 3.74 62.95
N ASN A 231 42.72 3.51 62.70
CA ASN A 231 43.80 4.06 63.52
C ASN A 231 43.76 5.58 63.54
N ARG A 232 43.33 6.19 62.42
CA ARG A 232 43.19 7.63 62.31
C ARG A 232 42.02 8.13 63.17
N ILE A 233 40.86 7.47 63.02
CA ILE A 233 39.66 7.79 63.78
C ILE A 233 39.94 7.56 65.26
N GLU A 234 40.69 6.49 65.58
CA GLU A 234 41.11 6.16 66.93
C GLU A 234 42.03 7.26 67.48
N TYR A 235 42.93 7.76 66.62
CA TYR A 235 43.88 8.82 66.96
C TYR A 235 43.15 10.13 67.25
N HIS A 236 42.22 10.50 66.35
CA HIS A 236 41.46 11.74 66.45
C HIS A 236 40.55 11.72 67.69
N THR A 237 39.97 10.55 67.99
CA THR A 237 39.04 10.38 69.10
C THR A 237 39.75 10.58 70.43
N LYS A 238 41.01 10.12 70.52
CA LYS A 238 41.85 10.27 71.71
C LYS A 238 42.16 11.74 71.96
N ILE A 239 42.36 12.52 70.89
CA ILE A 239 42.58 13.95 70.99
C ILE A 239 41.31 14.61 71.52
N ILE A 240 40.18 14.30 70.88
CA ILE A 240 38.88 14.90 71.18
C ILE A 240 38.50 14.66 72.63
N ASN A 241 38.63 13.40 73.10
CA ASN A 241 38.51 13.03 74.52
C ASN A 241 39.77 12.24 74.91
N ASP A 242 40.60 12.89 75.72
CA ASP A 242 41.94 12.41 76.01
C ASP A 242 41.85 11.23 76.95
N LYS A 243 41.06 11.38 78.03
CA LYS A 243 41.10 10.54 79.22
C LYS A 243 42.43 10.75 79.97
N THR A 244 42.92 11.99 80.04
CA THR A 244 43.62 12.61 81.15
C THR A 244 43.57 14.10 80.85
N LYS A 245 42.97 14.86 81.77
CA LYS A 245 42.28 16.11 81.42
C LYS A 245 42.84 17.26 82.24
N ILE A 246 42.67 18.49 81.76
CA ILE A 246 43.22 19.67 82.43
C ILE A 246 42.53 19.88 83.78
N ILE A 247 41.21 19.85 83.81
CA ILE A 247 40.36 19.16 84.78
C ILE A 247 39.03 19.28 84.01
N GLN A 248 39.22 19.28 82.68
CA GLN A 248 38.17 19.62 81.72
C GLN A 248 37.70 21.06 81.87
N ASP A 249 37.84 21.69 83.04
CA ASP A 249 37.51 23.11 83.15
C ASP A 249 38.70 23.90 82.63
N LYS A 250 38.45 25.15 82.23
CA LYS A 250 39.36 25.95 81.42
C LYS A 250 38.63 27.25 81.06
N ILE A 251 37.49 27.08 80.35
CA ILE A 251 36.62 28.19 79.99
C ILE A 251 36.13 28.90 81.25
N LYS A 252 35.84 28.12 82.32
CA LYS A 252 35.33 28.67 83.56
C LYS A 252 36.39 29.54 84.23
N LEU A 253 37.66 29.13 84.13
CA LEU A 253 38.78 29.87 84.68
C LEU A 253 38.94 31.21 83.97
N ASN A 254 38.60 31.27 82.68
CA ASN A 254 38.80 32.47 81.86
C ASN A 254 37.76 33.53 82.19
N ILE A 255 36.48 33.15 82.16
CA ILE A 255 35.37 34.08 82.11
C ILE A 255 34.99 34.54 83.51
N TRP A 256 33.94 35.39 83.60
CA TRP A 256 33.36 35.96 84.81
C TRP A 256 34.43 36.38 85.82
N ARG A 257 35.28 37.33 85.44
CA ARG A 257 36.37 37.89 86.22
C ARG A 257 36.93 39.13 85.50
N THR A 258 38.00 39.72 86.08
CA THR A 258 38.86 40.69 85.43
C THR A 258 40.33 40.36 85.70
N PHE A 259 41.18 40.61 84.70
CA PHE A 259 42.63 40.47 84.79
C PHE A 259 43.35 41.58 84.02
N GLN A 260 44.67 41.59 84.13
CA GLN A 260 45.53 42.59 83.48
C GLN A 260 45.63 42.26 81.99
N LYS A 261 45.96 43.29 81.18
CA LYS A 261 45.86 43.24 79.73
C LYS A 261 46.69 42.09 79.16
N ASP A 262 47.93 41.96 79.64
CA ASP A 262 48.87 40.95 79.19
C ASP A 262 48.28 39.54 79.29
N GLU A 263 47.75 39.20 80.47
CA GLU A 263 47.25 37.86 80.77
C GLU A 263 46.11 37.49 79.83
N LEU A 264 45.11 38.36 79.72
CA LEU A 264 43.90 38.11 78.95
C LEU A 264 44.25 37.87 77.48
N LEU A 265 45.25 38.61 76.98
CA LEU A 265 45.66 38.53 75.58
C LEU A 265 46.31 37.17 75.30
N LYS A 266 47.10 36.66 76.24
CA LYS A 266 47.69 35.32 76.16
C LYS A 266 46.58 34.27 76.18
N ARG A 267 45.58 34.48 77.03
CA ARG A 267 44.57 33.50 77.37
C ARG A 267 43.43 33.50 76.35
N ILE A 268 43.31 34.58 75.56
CA ILE A 268 42.49 34.57 74.36
C ILE A 268 43.17 33.66 73.33
N LEU A 269 44.48 33.84 73.17
CA LEU A 269 45.28 33.07 72.22
C LEU A 269 45.37 31.61 72.65
N ASP A 270 45.29 31.37 73.97
CA ASP A 270 45.24 30.03 74.54
C ASP A 270 43.99 29.31 74.08
N MET A 271 42.82 29.91 74.33
CA MET A 271 41.55 29.31 73.98
C MET A 271 41.40 29.28 72.46
N SER A 272 42.05 30.22 71.76
CA SER A 272 42.08 30.26 70.30
C SER A 272 42.82 29.05 69.72
N ASN A 273 43.80 28.51 70.48
CA ASN A 273 44.59 27.36 70.05
C ASN A 273 43.77 26.07 70.20
N GLU A 274 43.07 25.94 71.35
CA GLU A 274 42.34 24.73 71.69
C GLU A 274 41.32 24.41 70.61
N TYR A 275 40.54 25.43 70.20
CA TYR A 275 39.43 25.29 69.26
C TYR A 275 39.96 24.98 67.86
N SER A 276 41.22 25.36 67.60
CA SER A 276 41.88 25.09 66.33
C SER A 276 42.02 23.57 66.14
N LEU A 277 42.65 22.90 67.11
CA LEU A 277 42.99 21.49 67.04
C LEU A 277 41.75 20.63 67.30
N PHE A 278 40.83 21.13 68.14
CA PHE A 278 39.63 20.40 68.53
C PHE A 278 38.73 20.20 67.31
N ILE A 279 38.33 21.30 66.69
CA ILE A 279 37.40 21.29 65.57
C ILE A 279 38.08 20.71 64.31
N THR A 280 39.42 20.72 64.29
CA THR A 280 40.18 20.05 63.24
C THR A 280 39.93 18.55 63.32
N SER A 281 40.25 17.95 64.48
CA SER A 281 40.15 16.51 64.67
C SER A 281 38.70 16.06 64.55
N ASP A 282 37.76 16.87 65.05
CA ASP A 282 36.36 16.51 65.16
C ASP A 282 35.66 16.59 63.80
N HIS A 283 36.10 17.51 62.94
CA HIS A 283 35.59 17.58 61.58
C HIS A 283 36.10 16.37 60.78
N LEU A 284 37.36 16.01 61.01
CA LEU A 284 37.99 14.87 60.35
C LEU A 284 37.33 13.57 60.79
N ARG A 285 37.24 13.36 62.11
CA ARG A 285 36.68 12.16 62.72
C ARG A 285 35.32 11.85 62.11
N GLN A 286 34.46 12.86 62.04
CA GLN A 286 33.09 12.73 61.55
C GLN A 286 33.09 12.27 60.08
N MET A 287 33.98 12.84 59.27
CA MET A 287 34.02 12.54 57.84
C MET A 287 34.70 11.19 57.57
N LEU A 288 35.73 10.85 58.36
CA LEU A 288 36.40 9.56 58.27
C LEU A 288 35.43 8.43 58.60
N TYR A 289 34.57 8.67 59.60
CA TYR A 289 33.58 7.71 60.08
C TYR A 289 32.55 7.43 58.98
N ASN A 290 32.25 8.44 58.16
CA ASN A 290 31.32 8.30 57.04
C ASN A 290 31.94 7.48 55.91
N THR A 291 33.27 7.45 55.84
CA THR A 291 34.02 6.77 54.78
C THR A 291 34.27 5.31 55.18
N PHE A 292 34.57 5.08 56.46
CA PHE A 292 34.77 3.76 57.03
C PHE A 292 33.58 2.87 56.68
N TYR A 293 32.37 3.35 57.00
CA TYR A 293 31.15 2.59 56.81
C TYR A 293 30.60 2.73 55.38
N SER A 294 31.27 3.53 54.55
CA SER A 294 30.98 3.52 53.12
C SER A 294 31.59 2.28 52.47
N LYS A 295 32.78 1.87 52.94
CA LYS A 295 33.51 0.74 52.38
C LYS A 295 33.54 -0.43 53.37
N GLU A 296 32.74 -0.35 54.43
CA GLU A 296 32.37 -1.51 55.23
C GLU A 296 31.18 -2.19 54.54
N LYS A 297 30.35 -1.41 53.86
CA LYS A 297 29.23 -1.90 53.07
C LYS A 297 29.75 -2.51 51.76
N HIS A 298 30.93 -2.08 51.31
CA HIS A 298 31.58 -2.61 50.11
C HIS A 298 32.33 -3.91 50.42
N LEU A 299 32.75 -4.07 51.68
CA LEU A 299 33.20 -5.36 52.20
C LEU A 299 32.03 -6.34 52.19
N ASN A 300 30.85 -5.86 52.60
CA ASN A 300 29.64 -6.66 52.70
C ASN A 300 29.05 -6.92 51.32
N ASN A 301 29.47 -6.16 50.30
CA ASN A 301 29.06 -6.39 48.93
C ASN A 301 29.73 -7.67 48.40
N ILE A 302 30.93 -7.98 48.89
CA ILE A 302 31.65 -9.18 48.50
C ILE A 302 31.00 -10.40 49.17
N PHE A 303 30.50 -10.23 50.40
CA PHE A 303 29.72 -11.24 51.08
C PHE A 303 28.43 -11.55 50.31
N HIS A 304 27.90 -10.55 49.59
CA HIS A 304 26.73 -10.73 48.74
C HIS A 304 27.14 -11.40 47.43
N HIS A 305 28.45 -11.58 47.21
CA HIS A 305 28.98 -12.31 46.06
C HIS A 305 29.55 -13.66 46.48
N LEU A 306 28.92 -14.30 47.47
CA LEU A 306 29.30 -15.64 47.91
C LEU A 306 28.16 -16.61 47.59
N ILE A 307 27.80 -16.63 46.29
CA ILE A 307 26.67 -17.39 45.76
C ILE A 307 27.07 -18.86 45.66
N TYR A 308 26.95 -19.57 46.79
CA TYR A 308 27.48 -20.91 46.99
C TYR A 308 26.55 -21.67 47.94
N ALA B 7 44.47 44.81 30.41
CA ALA B 7 43.48 43.78 30.04
C ALA B 7 42.06 44.32 30.20
N LEU B 8 41.76 44.85 31.40
CA LEU B 8 40.44 45.32 31.78
C LEU B 8 40.15 46.68 31.14
N THR B 9 38.86 47.05 31.14
CA THR B 9 38.36 48.24 30.47
C THR B 9 37.52 49.06 31.44
N GLN B 10 37.50 50.38 31.23
CA GLN B 10 36.83 51.32 32.12
C GLN B 10 36.92 52.73 31.52
N PRO B 11 35.80 53.35 31.09
CA PRO B 11 35.79 54.76 30.71
C PRO B 11 35.85 55.76 31.88
N PRO B 12 36.49 56.94 31.72
CA PRO B 12 36.59 57.92 32.79
C PRO B 12 35.33 58.80 32.87
N SER B 13 34.48 58.49 33.85
CA SER B 13 33.29 59.26 34.20
C SER B 13 32.77 58.79 35.56
N VAL B 14 33.09 59.56 36.61
CA VAL B 14 32.51 59.43 37.93
C VAL B 14 32.19 60.83 38.44
N SER B 15 31.62 61.68 37.58
CA SER B 15 31.58 63.12 37.79
C SER B 15 30.32 63.73 37.17
N GLU B 16 29.18 63.32 37.71
CA GLU B 16 27.86 63.84 37.34
C GLU B 16 26.88 63.29 38.38
N ALA B 17 26.25 64.17 39.18
CA ALA B 17 25.67 63.81 40.47
C ALA B 17 24.36 64.53 40.81
N PRO B 18 23.34 64.54 39.91
CA PRO B 18 21.96 64.84 40.30
C PRO B 18 21.13 64.06 41.33
N ARG B 19 21.16 62.72 41.29
CA ARG B 19 20.81 61.87 42.42
C ARG B 19 20.42 60.49 41.91
N ARG B 20 20.95 59.46 42.58
CA ARG B 20 20.74 58.04 42.37
C ARG B 20 22.07 57.32 42.71
N ARG B 21 22.13 56.03 42.37
CA ARG B 21 23.33 55.22 42.39
C ARG B 21 24.08 55.43 41.08
N VAL B 22 25.21 54.71 40.91
CA VAL B 22 26.02 54.74 39.71
C VAL B 22 26.55 53.33 39.41
N THR B 23 26.65 53.00 38.13
CA THR B 23 27.23 51.72 37.70
C THR B 23 28.54 51.96 36.95
N ILE B 24 29.58 51.25 37.40
CA ILE B 24 30.84 51.08 36.70
C ILE B 24 30.91 49.62 36.25
N TYR B 25 30.72 49.41 34.94
CA TYR B 25 30.81 48.08 34.37
C TYR B 25 32.28 47.70 34.20
N CYS B 26 32.53 46.40 34.01
CA CYS B 26 33.85 45.86 33.81
C CYS B 26 33.77 44.58 32.98
N SER B 27 34.24 44.66 31.73
CA SER B 27 34.33 43.53 30.82
C SER B 27 35.61 42.75 31.09
N GLY B 28 35.67 41.51 30.57
CA GLY B 28 36.85 40.68 30.77
C GLY B 28 36.83 39.40 29.93
N SER B 29 37.57 38.40 30.40
CA SER B 29 37.74 37.15 29.68
C SER B 29 37.77 35.98 30.68
N SER B 30 37.75 34.75 30.14
CA SER B 30 37.78 33.52 30.92
C SER B 30 38.98 33.55 31.87
N SER B 31 40.16 33.76 31.28
CA SER B 31 41.45 33.63 31.95
C SER B 31 41.74 34.74 32.95
N ASN B 32 40.80 35.67 33.20
CA ASN B 32 41.05 36.75 34.14
C ASN B 32 39.91 36.84 35.15
N ILE B 33 38.85 37.60 34.85
CA ILE B 33 37.73 37.78 35.77
C ILE B 33 37.12 36.42 36.11
N GLY B 34 37.02 35.54 35.12
CA GLY B 34 36.32 34.27 35.20
C GLY B 34 36.81 33.33 36.30
N ASN B 35 38.08 33.44 36.70
CA ASN B 35 38.67 32.55 37.70
C ASN B 35 39.26 33.29 38.91
N ASN B 36 39.44 34.62 38.81
CA ASN B 36 40.19 35.36 39.81
C ASN B 36 39.29 36.35 40.54
N ALA B 37 39.70 36.71 41.78
CA ALA B 37 38.91 37.55 42.66
C ALA B 37 39.24 39.02 42.42
N VAL B 38 38.19 39.85 42.27
CA VAL B 38 38.32 41.23 41.85
C VAL B 38 38.44 42.14 43.07
N SER B 39 39.22 43.21 42.94
CA SER B 39 39.30 44.28 43.92
C SER B 39 39.07 45.63 43.23
N TRP B 40 38.70 46.64 44.03
CA TRP B 40 38.34 47.96 43.53
C TRP B 40 39.01 49.07 44.33
N TYR B 41 39.34 50.17 43.64
CA TYR B 41 40.13 51.25 44.19
C TYR B 41 39.57 52.60 43.74
N GLN B 42 39.67 53.59 44.63
CA GLN B 42 39.26 54.96 44.35
C GLN B 42 40.51 55.85 44.32
N GLN B 43 40.52 56.79 43.37
CA GLN B 43 41.66 57.68 43.11
C GLN B 43 41.13 59.11 43.14
N LEU B 44 41.48 59.85 44.20
CA LEU B 44 41.23 61.28 44.26
C LEU B 44 42.40 62.00 43.59
N PRO B 45 42.21 62.74 42.47
CA PRO B 45 43.32 63.16 41.62
C PRO B 45 44.46 63.86 42.35
N GLY B 46 45.69 63.34 42.15
CA GLY B 46 46.88 63.90 42.75
C GLY B 46 47.01 63.56 44.23
N LYS B 47 46.46 62.41 44.64
CA LYS B 47 46.49 61.92 46.01
C LYS B 47 46.30 60.41 46.05
N SER B 48 46.90 59.75 47.05
CA SER B 48 47.06 58.31 47.11
C SER B 48 45.73 57.59 46.87
N PRO B 49 45.71 56.50 46.05
CA PRO B 49 44.53 55.66 45.92
C PRO B 49 44.21 54.86 47.18
N LYS B 50 42.95 54.40 47.28
CA LYS B 50 42.45 53.70 48.46
C LYS B 50 41.57 52.53 48.05
N LEU B 51 41.66 51.42 48.81
CA LEU B 51 40.88 50.22 48.58
C LEU B 51 39.48 50.42 49.17
N LEU B 52 38.46 49.94 48.44
CA LEU B 52 37.11 49.86 48.97
C LEU B 52 36.67 48.40 49.05
N ILE B 53 36.79 47.69 47.92
CA ILE B 53 36.25 46.35 47.76
C ILE B 53 37.41 45.39 47.46
N TYR B 54 37.38 44.23 48.14
CA TYR B 54 38.23 43.10 47.85
C TYR B 54 37.42 41.82 48.11
N PHE B 55 37.92 40.69 47.59
CA PHE B 55 37.21 39.42 47.56
C PHE B 55 35.89 39.59 46.79
N ASP B 56 35.91 40.43 45.74
CA ASP B 56 34.78 40.65 44.86
C ASP B 56 33.74 41.56 45.51
N ASP B 57 33.41 41.31 46.79
CA ASP B 57 32.62 42.21 47.61
C ASP B 57 32.91 42.00 49.09
N LEU B 58 33.77 42.85 49.65
CA LEU B 58 33.97 42.95 51.09
C LEU B 58 34.49 44.35 51.44
N VAL B 59 34.01 44.89 52.57
CA VAL B 59 34.29 46.26 52.97
C VAL B 59 35.60 46.32 53.77
N THR B 60 36.43 47.30 53.43
CA THR B 60 37.61 47.64 54.22
C THR B 60 37.16 48.36 55.50
N SER B 61 37.94 48.17 56.56
CA SER B 61 37.60 48.68 57.89
C SER B 61 37.64 50.21 57.91
N GLY B 62 36.44 50.82 57.79
CA GLY B 62 36.30 52.26 57.74
C GLY B 62 35.45 52.71 56.55
N VAL B 63 35.57 52.00 55.43
CA VAL B 63 34.95 52.37 54.17
C VAL B 63 33.45 52.09 54.25
N SER B 64 32.66 52.92 53.54
CA SER B 64 31.21 52.90 53.60
C SER B 64 30.65 51.76 52.74
N ASP B 65 29.45 51.29 53.10
CA ASP B 65 28.77 50.20 52.41
C ASP B 65 28.09 50.69 51.14
N ARG B 66 28.12 52.01 50.91
CA ARG B 66 27.52 52.61 49.73
C ARG B 66 28.17 52.04 48.46
N PHE B 67 29.48 51.79 48.53
CA PHE B 67 30.21 51.12 47.47
C PHE B 67 29.97 49.61 47.59
N SER B 68 29.89 48.91 46.44
CA SER B 68 29.67 47.48 46.40
C SER B 68 30.12 46.90 45.07
N GLY B 69 30.95 45.84 45.14
CA GLY B 69 31.41 45.12 43.96
C GLY B 69 30.49 43.95 43.63
N SER B 70 30.70 43.35 42.45
CA SER B 70 29.86 42.28 41.93
C SER B 70 30.54 41.57 40.76
N LYS B 71 30.00 40.39 40.38
CA LYS B 71 30.55 39.58 39.31
C LYS B 71 29.51 38.60 38.78
N SER B 72 29.51 38.42 37.46
CA SER B 72 28.69 37.41 36.78
C SER B 72 29.44 36.89 35.55
N GLY B 73 30.14 35.76 35.72
CA GLY B 73 30.89 35.12 34.65
C GLY B 73 32.14 35.92 34.29
N THR B 74 32.05 36.68 33.18
CA THR B 74 33.16 37.46 32.64
C THR B 74 32.79 38.94 32.67
N SER B 75 31.88 39.30 33.58
CA SER B 75 31.42 40.66 33.79
C SER B 75 31.42 40.97 35.29
N ALA B 76 32.11 42.05 35.65
CA ALA B 76 32.08 42.56 37.03
C ALA B 76 31.57 44.00 37.01
N SER B 77 31.23 44.50 38.20
CA SER B 77 30.75 45.87 38.33
C SER B 77 30.96 46.39 39.75
N LEU B 78 31.40 47.65 39.83
CA LEU B 78 31.38 48.44 41.04
C LEU B 78 30.12 49.30 41.01
N ALA B 79 29.40 49.26 42.13
CA ALA B 79 28.08 49.84 42.25
C ALA B 79 28.00 50.66 43.52
N ILE B 80 28.13 51.99 43.38
CA ILE B 80 28.01 52.91 44.50
C ILE B 80 26.54 53.27 44.63
N SER B 81 26.14 53.77 45.81
CA SER B 81 24.75 54.09 46.07
C SER B 81 24.63 55.19 47.13
N GLY B 82 24.16 56.36 46.71
CA GLY B 82 24.21 57.56 47.53
C GLY B 82 25.51 58.32 47.30
N LEU B 83 25.58 59.04 46.17
CA LEU B 83 26.74 59.81 45.78
C LEU B 83 26.92 61.02 46.70
N GLN B 84 28.14 61.57 46.69
CA GLN B 84 28.53 62.75 47.44
C GLN B 84 29.54 63.54 46.62
N SER B 85 30.01 64.66 47.20
CA SER B 85 31.10 65.45 46.65
C SER B 85 32.40 64.65 46.65
N GLU B 86 32.57 63.80 47.68
CA GLU B 86 33.78 62.99 47.83
C GLU B 86 33.86 61.93 46.74
N ASP B 87 32.69 61.37 46.37
CA ASP B 87 32.60 60.23 45.47
C ASP B 87 32.93 60.58 44.02
N GLU B 88 32.94 61.88 43.69
CA GLU B 88 33.40 62.35 42.39
C GLU B 88 34.92 62.26 42.34
N ALA B 89 35.43 61.23 41.65
CA ALA B 89 36.84 60.89 41.63
C ALA B 89 37.19 60.12 40.35
N ASP B 90 38.20 59.23 40.45
CA ASP B 90 38.47 58.18 39.49
C ASP B 90 38.53 56.86 40.24
N TYR B 91 37.87 55.81 39.70
CA TYR B 91 37.76 54.53 40.40
C TYR B 91 38.28 53.41 39.48
N TYR B 92 39.34 52.73 39.92
CA TYR B 92 39.96 51.67 39.13
C TYR B 92 39.86 50.34 39.85
N CYS B 93 40.01 49.26 39.08
CA CYS B 93 39.86 47.88 39.51
C CYS B 93 41.20 47.17 39.44
N ALA B 94 41.29 46.01 40.11
CA ALA B 94 42.47 45.18 40.10
C ALA B 94 42.07 43.71 39.96
N ALA B 95 42.74 43.00 39.04
CA ALA B 95 42.45 41.62 38.70
C ALA B 95 43.62 40.99 37.96
N TRP B 96 43.81 39.68 38.15
CA TRP B 96 44.94 38.91 37.63
C TRP B 96 44.53 38.14 36.37
N ASP B 97 45.49 37.93 35.46
CA ASP B 97 45.26 37.25 34.19
C ASP B 97 46.22 36.06 34.05
N ASP B 98 45.67 34.85 34.21
CA ASP B 98 46.42 33.59 34.22
C ASP B 98 47.07 33.30 32.87
N ARG B 99 46.48 33.76 31.76
CA ARG B 99 46.87 33.34 30.43
C ARG B 99 48.19 34.00 30.01
N LEU B 100 48.36 35.30 30.33
CA LEU B 100 49.57 36.03 30.00
C LEU B 100 50.46 36.22 31.24
N ASN B 101 49.97 35.82 32.41
CA ASN B 101 50.72 35.79 33.64
C ASN B 101 51.13 37.20 34.06
N GLY B 102 50.15 37.96 34.59
CA GLY B 102 50.34 39.32 35.03
C GLY B 102 49.01 40.02 35.25
N GLU C 6 52.45 52.73 62.72
CA GLU C 6 52.01 53.91 61.91
C GLU C 6 52.06 53.53 60.43
N VAL C 7 51.04 53.99 59.69
CA VAL C 7 50.92 53.70 58.26
C VAL C 7 51.96 54.51 57.48
N GLN C 8 53.16 53.96 57.34
CA GLN C 8 54.31 54.64 56.72
C GLN C 8 54.75 53.85 55.49
N LEU C 9 54.79 54.54 54.34
CA LEU C 9 55.40 54.03 53.12
C LEU C 9 56.17 55.18 52.46
N VAL C 10 57.46 55.28 52.79
CA VAL C 10 58.29 56.44 52.46
C VAL C 10 59.22 56.07 51.30
N GLU C 11 58.95 56.63 50.12
CA GLU C 11 59.79 56.45 48.95
C GLU C 11 61.10 57.21 49.12
N SER C 12 62.17 56.69 48.48
CA SER C 12 63.46 57.33 48.42
C SER C 12 64.07 57.10 47.05
N GLY C 13 64.85 58.09 46.57
CA GLY C 13 65.42 58.05 45.23
C GLY C 13 64.39 58.39 44.16
N GLY C 14 64.65 57.95 42.92
CA GLY C 14 63.84 58.30 41.76
C GLY C 14 64.21 59.69 41.24
N GLY C 15 64.31 59.82 39.91
CA GLY C 15 64.74 61.07 39.30
C GLY C 15 64.72 61.01 37.78
N LEU C 16 65.86 61.38 37.16
CA LEU C 16 66.02 61.30 35.71
C LEU C 16 67.36 60.64 35.38
N VAL C 17 67.32 59.71 34.41
CA VAL C 17 68.49 59.06 33.86
C VAL C 17 68.26 58.87 32.34
N GLN C 18 69.36 58.85 31.59
CA GLN C 18 69.34 58.73 30.14
C GLN C 18 68.91 57.32 29.74
N PRO C 19 68.33 57.10 28.53
CA PRO C 19 67.92 55.78 28.04
C PRO C 19 68.92 54.65 28.29
N GLY C 20 68.42 53.54 28.86
CA GLY C 20 69.23 52.39 29.20
C GLY C 20 70.07 52.63 30.46
N GLY C 21 69.47 53.29 31.46
CA GLY C 21 70.15 53.60 32.70
C GLY C 21 69.82 52.60 33.81
N SER C 22 70.56 52.71 34.91
CA SER C 22 70.27 52.01 36.16
C SER C 22 69.58 52.97 37.12
N LEU C 23 68.53 52.48 37.81
CA LEU C 23 67.87 53.23 38.86
C LEU C 23 67.25 52.26 39.86
N ARG C 24 67.58 52.45 41.14
CA ARG C 24 67.09 51.59 42.21
C ARG C 24 66.18 52.40 43.14
N LEU C 25 64.90 52.02 43.19
CA LEU C 25 63.91 52.67 44.04
C LEU C 25 63.94 52.00 45.42
N SER C 26 63.20 52.56 46.39
CA SER C 26 63.22 52.09 47.76
C SER C 26 61.89 52.33 48.46
N CYS C 27 61.77 51.79 49.67
CA CYS C 27 60.73 52.12 50.63
C CYS C 27 61.29 52.02 52.05
N ALA C 28 60.50 52.52 53.01
CA ALA C 28 60.67 52.20 54.43
C ALA C 28 59.28 52.14 55.08
N ALA C 29 59.18 51.40 56.19
CA ALA C 29 57.93 51.23 56.91
C ALA C 29 58.20 50.80 58.35
N SER C 30 57.17 50.92 59.19
CA SER C 30 57.25 50.53 60.60
C SER C 30 55.85 50.38 61.18
N GLY C 31 55.76 49.88 62.42
CA GLY C 31 54.49 49.65 63.09
C GLY C 31 53.84 48.35 62.62
N PHE C 32 53.31 48.38 61.40
CA PHE C 32 52.87 47.17 60.69
C PHE C 32 54.12 46.39 60.33
N THR C 33 54.19 45.14 60.83
CA THR C 33 55.39 44.31 60.74
C THR C 33 55.61 43.83 59.30
N PHE C 34 56.53 44.50 58.60
CA PHE C 34 56.74 44.41 57.16
C PHE C 34 56.99 42.98 56.71
N ASN C 35 57.68 42.19 57.55
CA ASN C 35 58.11 40.83 57.23
C ASN C 35 56.92 39.90 57.00
N THR C 36 55.79 40.19 57.65
CA THR C 36 54.66 39.26 57.71
C THR C 36 53.70 39.45 56.54
N TYR C 37 53.87 40.53 55.76
CA TYR C 37 52.89 40.90 54.74
C TYR C 37 53.53 40.97 53.36
N TRP C 38 52.70 40.82 52.33
CA TRP C 38 53.09 40.93 50.92
C TRP C 38 53.28 42.40 50.54
N MET C 39 54.24 42.65 49.63
CA MET C 39 54.49 43.95 49.05
C MET C 39 54.29 43.89 47.53
N SER C 40 54.32 45.07 46.90
CA SER C 40 54.15 45.19 45.46
C SER C 40 54.83 46.45 44.95
N TRP C 41 54.72 46.68 43.64
CA TRP C 41 55.00 47.97 43.02
C TRP C 41 53.90 48.26 41.99
N VAL C 42 53.45 49.52 41.97
CA VAL C 42 52.48 50.01 40.98
C VAL C 42 53.02 51.33 40.44
N ARG C 43 52.77 51.57 39.14
CA ARG C 43 53.28 52.75 38.46
C ARG C 43 52.13 53.47 37.75
N GLN C 44 52.26 54.79 37.64
CA GLN C 44 51.31 55.64 36.93
C GLN C 44 52.07 56.70 36.15
N ALA C 45 51.95 56.67 34.81
CA ALA C 45 52.53 57.68 33.95
C ALA C 45 51.64 58.93 33.95
N PRO C 46 52.22 60.16 33.89
CA PRO C 46 51.43 61.38 33.74
C PRO C 46 50.47 61.35 32.55
N GLY C 47 49.18 61.57 32.83
CA GLY C 47 48.12 61.48 31.84
C GLY C 47 47.82 60.04 31.43
N LYS C 48 48.01 59.11 32.38
CA LYS C 48 47.78 57.69 32.20
C LYS C 48 47.36 57.12 33.56
N GLY C 49 46.66 55.98 33.56
CA GLY C 49 46.18 55.38 34.80
C GLY C 49 47.16 54.35 35.35
N LEU C 50 46.70 53.57 36.33
CA LEU C 50 47.53 52.66 37.10
C LEU C 50 47.96 51.46 36.26
N GLU C 51 49.13 50.90 36.62
CA GLU C 51 49.69 49.72 36.00
C GLU C 51 50.55 48.99 37.02
N TRP C 52 50.25 47.70 37.23
CA TRP C 52 50.99 46.86 38.17
C TRP C 52 52.38 46.57 37.62
N VAL C 53 53.37 46.53 38.53
CA VAL C 53 54.76 46.33 38.19
C VAL C 53 55.19 44.92 38.60
N ALA C 54 55.16 44.64 39.91
CA ALA C 54 55.72 43.40 40.45
C ALA C 54 55.13 43.03 41.81
N ASN C 55 55.40 41.80 42.25
CA ASN C 55 54.98 41.25 43.53
C ASN C 55 56.09 40.37 44.11
N ILE C 56 56.14 40.30 45.45
CA ILE C 56 57.15 39.59 46.21
C ILE C 56 56.46 38.72 47.26
N GLN C 57 57.26 37.93 48.00
CA GLN C 57 56.77 37.04 49.06
C GLN C 57 57.38 37.51 50.39
N GLN C 58 56.87 36.96 51.51
CA GLN C 58 57.35 37.28 52.86
C GLN C 58 58.84 36.96 53.01
N ASP C 59 59.32 35.95 52.27
CA ASP C 59 60.72 35.56 52.31
C ASP C 59 61.35 35.62 50.92
N GLY C 60 60.60 36.18 49.96
CA GLY C 60 61.04 36.30 48.58
C GLY C 60 61.17 34.94 47.89
N SER C 61 60.28 34.00 48.25
CA SER C 61 60.16 32.73 47.57
C SER C 61 59.70 32.95 46.13
N GLU C 62 58.50 33.50 45.99
CA GLU C 62 57.91 33.83 44.70
C GLU C 62 58.29 35.26 44.34
N LYS C 63 58.56 35.48 43.05
CA LYS C 63 58.70 36.80 42.45
C LYS C 63 57.94 36.78 41.12
N ASP C 64 57.24 37.89 40.82
CA ASP C 64 56.50 37.99 39.57
C ASP C 64 56.48 39.42 39.05
N TYR C 65 56.35 39.56 37.72
CA TYR C 65 56.43 40.82 37.01
C TYR C 65 55.36 40.84 35.92
N LEU C 66 55.34 41.93 35.12
CA LEU C 66 54.41 42.10 34.01
C LEU C 66 54.93 41.33 32.79
N ASN C 67 54.86 41.93 31.59
CA ASN C 67 55.24 41.22 30.37
C ASN C 67 55.94 42.14 29.37
N SER C 68 56.73 43.10 29.90
CA SER C 68 57.42 44.10 29.08
C SER C 68 58.77 44.40 29.72
N VAL C 69 58.78 44.57 31.04
CA VAL C 69 59.98 44.79 31.83
C VAL C 69 60.39 43.46 32.50
N ARG C 70 60.11 42.35 31.81
CA ARG C 70 60.40 41.01 32.32
C ARG C 70 61.89 40.72 32.17
N GLY C 71 62.57 40.51 33.31
CA GLY C 71 64.01 40.26 33.33
C GLY C 71 64.82 41.54 33.54
N ARG C 72 64.22 42.69 33.21
CA ARG C 72 64.82 44.00 33.38
C ARG C 72 64.76 44.39 34.86
N PHE C 73 63.55 44.40 35.42
CA PHE C 73 63.31 44.80 36.79
C PHE C 73 63.73 43.67 37.73
N THR C 74 63.98 44.03 39.00
CA THR C 74 64.40 43.09 40.03
C THR C 74 63.84 43.55 41.38
N ILE C 75 62.71 42.94 41.79
CA ILE C 75 62.11 43.19 43.10
C ILE C 75 62.91 42.43 44.16
N SER C 76 63.07 43.05 45.34
CA SER C 76 63.82 42.49 46.45
C SER C 76 63.37 43.16 47.75
N ARG C 77 63.78 42.59 48.89
CA ARG C 77 63.44 43.14 50.19
C ARG C 77 64.38 42.62 51.27
N ASP C 78 64.68 43.50 52.24
CA ASP C 78 65.35 43.14 53.49
C ASP C 78 64.31 43.22 54.60
N ASN C 79 64.03 42.07 55.24
CA ASN C 79 62.93 41.94 56.18
C ASN C 79 63.44 42.00 57.63
N ALA C 80 64.74 42.31 57.80
CA ALA C 80 65.28 42.67 59.10
C ALA C 80 65.13 44.17 59.33
N LYS C 81 65.23 44.94 58.24
CA LYS C 81 65.19 46.40 58.27
C LYS C 81 63.87 46.93 57.71
N LYS C 82 62.98 46.04 57.28
CA LYS C 82 61.63 46.40 56.86
C LYS C 82 61.73 47.36 55.68
N SER C 83 62.14 46.84 54.51
CA SER C 83 62.52 47.68 53.39
C SER C 83 62.35 46.94 52.06
N LEU C 84 61.45 47.46 51.21
CA LEU C 84 61.30 46.99 49.84
C LEU C 84 62.28 47.74 48.93
N TYR C 85 62.61 47.14 47.78
CA TYR C 85 63.45 47.78 46.77
C TYR C 85 62.94 47.41 45.38
N LEU C 86 63.50 48.07 44.35
CA LEU C 86 63.20 47.77 42.96
C LEU C 86 64.32 48.31 42.07
N GLN C 87 65.32 47.46 41.80
CA GLN C 87 66.38 47.71 40.83
C GLN C 87 65.79 47.61 39.42
N MET C 88 65.90 48.70 38.66
CA MET C 88 65.33 48.78 37.33
C MET C 88 66.44 49.11 36.34
N ASN C 89 66.91 48.08 35.63
CA ASN C 89 67.98 48.19 34.65
C ASN C 89 67.39 48.20 33.24
N SER C 90 68.21 48.66 32.28
CA SER C 90 67.83 48.80 30.89
C SER C 90 66.54 49.60 30.78
N LEU C 91 66.54 50.79 31.40
CA LEU C 91 65.36 51.63 31.52
C LEU C 91 64.98 52.22 30.17
N ARG C 92 63.69 52.20 29.85
CA ARG C 92 63.14 52.78 28.63
C ARG C 92 62.34 54.02 29.01
N ALA C 93 61.61 54.61 28.05
CA ALA C 93 60.94 55.90 28.25
C ALA C 93 59.42 55.74 28.44
N GLU C 94 58.91 54.57 28.03
CA GLU C 94 57.58 54.11 28.42
C GLU C 94 57.50 53.95 29.93
N ASP C 95 58.67 53.67 30.55
CA ASP C 95 58.79 53.49 32.00
C ASP C 95 58.63 54.80 32.76
N THR C 96 58.34 55.90 32.06
CA THR C 96 58.01 57.16 32.72
C THR C 96 56.78 56.93 33.59
N ALA C 97 56.94 57.02 34.91
CA ALA C 97 55.83 56.91 35.84
C ALA C 97 56.23 57.35 37.24
N VAL C 98 55.21 57.63 38.06
CA VAL C 98 55.33 57.72 39.51
C VAL C 98 55.21 56.30 40.05
N TYR C 99 56.32 55.78 40.59
CA TYR C 99 56.39 54.42 41.10
C TYR C 99 56.02 54.41 42.58
N TYR C 100 54.83 53.85 42.86
CA TYR C 100 54.34 53.74 44.22
C TYR C 100 54.81 52.42 44.81
N CYS C 101 55.44 52.49 45.99
CA CYS C 101 55.62 51.31 46.81
C CYS C 101 54.26 50.85 47.31
N ALA C 102 53.64 49.94 46.55
CA ALA C 102 52.40 49.31 46.95
C ALA C 102 52.68 48.22 47.99
N ARG C 103 51.78 48.12 48.97
CA ARG C 103 51.72 46.95 49.84
C ARG C 103 50.38 46.27 49.59
N ASP C 104 50.38 44.93 49.60
CA ASP C 104 49.15 44.16 49.45
C ASP C 104 48.51 43.95 50.82
N ASN C 105 47.22 43.57 50.79
CA ASN C 105 46.42 43.39 51.98
C ASN C 105 46.77 42.05 52.60
N PRO C 106 46.63 41.84 53.94
CA PRO C 106 46.59 40.49 54.54
C PRO C 106 46.15 39.35 53.62
N ALA C 107 45.04 39.58 52.92
CA ALA C 107 44.51 38.77 51.86
C ALA C 107 45.38 38.86 50.60
N SER C 108 46.17 37.80 50.39
CA SER C 108 46.93 37.60 49.16
C SER C 108 45.95 37.59 47.99
N ALA C 109 46.14 38.53 47.06
CA ALA C 109 45.53 38.53 45.73
C ALA C 109 46.02 39.77 45.00
N VAL C 110 45.35 40.18 43.91
CA VAL C 110 45.49 41.55 43.40
C VAL C 110 44.80 42.49 44.39
N ALA C 111 45.58 43.29 45.14
CA ALA C 111 45.08 44.00 46.31
C ALA C 111 46.05 44.98 46.96
N PHE C 112 46.20 46.15 46.35
CA PHE C 112 47.05 47.22 46.87
C PHE C 112 46.40 47.84 48.12
N ASP C 113 46.74 47.30 49.30
CA ASP C 113 46.24 47.76 50.58
C ASP C 113 46.45 49.27 50.71
N VAL C 114 47.72 49.67 50.75
CA VAL C 114 48.13 51.04 50.98
C VAL C 114 49.06 51.47 49.85
N TRP C 115 49.21 52.78 49.70
CA TRP C 115 50.01 53.38 48.65
C TRP C 115 50.93 54.41 49.28
N GLY C 116 52.21 54.41 48.87
CA GLY C 116 53.15 55.42 49.30
C GLY C 116 52.97 56.70 48.51
N GLN C 117 53.82 57.71 48.83
CA GLN C 117 53.72 59.03 48.23
C GLN C 117 54.08 58.94 46.75
N GLY C 118 55.19 58.24 46.44
CA GLY C 118 55.54 57.88 45.08
C GLY C 118 56.85 58.53 44.64
N ALA C 119 57.59 57.82 43.79
CA ALA C 119 58.84 58.30 43.23
C ALA C 119 58.68 58.61 41.74
N MET C 120 58.83 59.89 41.40
CA MET C 120 58.83 60.34 40.01
C MET C 120 60.09 59.82 39.33
N VAL C 121 59.89 58.93 38.36
CA VAL C 121 60.94 58.44 37.48
C VAL C 121 60.59 58.87 36.06
N THR C 122 61.23 59.93 35.58
CA THR C 122 61.13 60.39 34.21
C THR C 122 62.37 59.91 33.45
N VAL C 123 62.16 59.45 32.22
CA VAL C 123 63.25 58.96 31.37
C VAL C 123 63.20 59.71 30.03
N SER C 124 64.27 60.48 29.75
CA SER C 124 64.38 61.26 28.53
C SER C 124 65.84 61.61 28.25
N SER C 125 66.15 62.02 27.01
CA SER C 125 67.49 62.42 26.63
C SER C 125 67.90 63.69 27.39
N GLN D 4 -0.29 49.60 54.38
CA GLN D 4 -1.21 48.56 54.92
C GLN D 4 -0.40 47.43 55.54
N TYR D 5 0.36 46.71 54.70
CA TYR D 5 1.30 45.67 55.09
C TYR D 5 0.56 44.52 55.76
N HIS D 6 0.30 43.45 54.99
CA HIS D 6 -0.40 42.27 55.47
C HIS D 6 0.50 41.46 56.40
N PHE D 7 0.46 41.80 57.69
CA PHE D 7 1.28 41.13 58.70
C PHE D 7 0.57 39.88 59.19
N LYS D 8 1.31 39.05 59.93
CA LYS D 8 0.78 37.80 60.46
C LYS D 8 0.12 38.09 61.81
N GLU D 9 -1.21 37.95 61.88
CA GLU D 9 -1.96 38.20 63.10
C GLU D 9 -2.51 36.87 63.63
N LEU D 10 -2.88 36.83 64.92
CA LEU D 10 -3.16 35.59 65.64
C LEU D 10 -4.52 35.03 65.17
N ILE D 15 -4.16 26.53 62.48
CA ILE D 15 -4.68 26.60 63.88
C ILE D 15 -5.90 25.70 64.00
N ALA D 16 -5.96 24.66 63.16
CA ALA D 16 -7.15 23.83 62.95
C ALA D 16 -7.07 22.55 63.78
N ASN D 17 -6.50 22.68 64.99
CA ASN D 17 -6.13 21.59 65.89
C ASN D 17 -5.20 20.55 65.23
N SER D 18 -4.41 21.06 64.28
CA SER D 18 -3.38 20.32 63.58
C SER D 18 -2.12 20.45 64.40
N ILE D 19 -2.02 19.60 65.42
CA ILE D 19 -0.95 19.62 66.43
C ILE D 19 -0.32 18.22 66.51
N ASP D 20 1.02 18.17 66.43
CA ASP D 20 1.71 16.89 66.29
C ASP D 20 2.64 16.66 67.49
N ILE D 21 2.70 15.39 67.93
CA ILE D 21 3.44 14.99 69.10
C ILE D 21 4.61 14.13 68.64
N LEU D 22 5.72 14.14 69.40
CA LEU D 22 6.99 13.61 68.92
C LEU D 22 7.74 12.84 70.01
N GLN D 23 9.04 13.11 70.09
CA GLN D 23 9.99 12.44 70.98
C GLN D 23 11.05 13.46 71.40
N GLU D 24 11.94 13.04 72.32
CA GLU D 24 13.22 13.69 72.56
C GLU D 24 14.33 12.64 72.50
N LYS D 25 14.18 11.59 73.34
CA LYS D 25 15.07 10.45 73.33
C LYS D 25 14.34 9.24 72.74
N GLU D 26 13.22 8.84 73.37
CA GLU D 26 12.52 7.60 73.04
C GLU D 26 11.16 7.58 73.73
N GLY D 27 10.08 7.93 72.99
CA GLY D 27 8.72 7.89 73.50
C GLY D 27 7.88 8.98 72.83
N HIS D 28 7.04 9.68 73.60
CA HIS D 28 6.50 10.97 73.20
C HIS D 28 6.93 12.03 74.24
N LEU D 29 7.60 13.10 73.78
CA LEU D 29 8.55 13.83 74.62
C LEU D 29 8.54 15.33 74.35
N ASP D 30 8.23 15.74 73.12
CA ASP D 30 7.95 17.15 72.80
C ASP D 30 6.77 17.24 71.83
N PHE D 31 6.10 18.41 71.87
CA PHE D 31 5.04 18.74 70.93
C PHE D 31 5.41 20.02 70.18
N VAL D 32 4.86 20.15 68.96
CA VAL D 32 5.16 21.29 68.10
C VAL D 32 3.84 21.92 67.65
N ILE D 33 3.52 23.10 68.20
CA ILE D 33 2.29 23.81 67.89
C ILE D 33 2.51 24.59 66.59
N ILE D 34 1.84 24.15 65.52
CA ILE D 34 2.19 24.53 64.15
C ILE D 34 2.06 26.04 63.95
N PRO D 35 0.98 26.71 64.39
CA PRO D 35 0.92 28.18 64.35
C PRO D 35 2.01 28.88 65.17
N HIS D 36 2.35 28.29 66.32
CA HIS D 36 3.26 28.91 67.29
C HIS D 36 4.73 28.73 66.89
N TYR D 37 4.98 28.05 65.76
CA TYR D 37 6.34 27.84 65.28
C TYR D 37 6.57 28.68 64.02
N THR D 38 5.56 28.72 63.12
CA THR D 38 5.57 29.58 61.95
C THR D 38 5.67 31.04 62.39
N PHE D 39 5.05 31.38 63.53
CA PHE D 39 5.04 32.74 64.05
C PHE D 39 6.44 33.15 64.48
N LEU D 40 7.07 32.32 65.31
CA LEU D 40 8.39 32.58 65.86
C LEU D 40 9.46 32.47 64.77
N ASP D 41 9.10 31.86 63.64
CA ASP D 41 9.95 31.74 62.46
C ASP D 41 9.81 32.98 61.59
N TYR D 42 8.57 33.48 61.43
CA TYR D 42 8.28 34.64 60.60
C TYR D 42 9.09 35.85 61.07
N TYR D 43 9.11 36.07 62.40
CA TYR D 43 9.65 37.27 63.00
C TYR D 43 11.11 37.08 63.44
N LYS D 44 11.62 35.85 63.32
CA LYS D 44 13.06 35.64 63.35
C LYS D 44 13.61 35.74 61.94
N HIS D 45 12.73 35.61 60.94
CA HIS D 45 13.05 35.96 59.55
C HIS D 45 12.36 37.28 59.18
N LEU D 46 12.60 38.32 59.99
CA LEU D 46 12.18 39.68 59.69
C LEU D 46 13.09 40.65 60.44
N SER D 47 13.24 40.43 61.75
CA SER D 47 14.16 41.12 62.63
C SER D 47 15.56 41.18 62.02
N TYR D 48 15.97 40.05 61.41
CA TYR D 48 17.28 39.90 60.79
C TYR D 48 17.36 40.66 59.46
N ASN D 49 16.28 40.60 58.66
CA ASN D 49 16.26 41.20 57.34
C ASN D 49 16.60 42.68 57.42
N SER D 50 15.94 43.37 58.36
CA SER D 50 16.10 44.81 58.58
C SER D 50 17.56 45.17 58.86
N ILE D 51 18.17 44.50 59.83
CA ILE D 51 19.49 44.86 60.34
C ILE D 51 20.58 44.53 59.32
N TYR D 52 20.31 43.54 58.45
CA TYR D 52 21.29 43.09 57.46
C TYR D 52 21.11 43.83 56.13
N HIS D 53 20.27 44.88 56.13
CA HIS D 53 20.27 45.83 55.04
C HIS D 53 21.27 46.95 55.32
N LYS D 54 21.20 47.51 56.53
CA LYS D 54 21.92 48.73 56.88
C LYS D 54 23.22 48.38 57.60
N SER D 55 24.24 49.24 57.41
CA SER D 55 25.61 48.98 57.83
C SER D 55 25.77 49.16 59.34
N SER D 56 25.13 50.20 59.88
CA SER D 56 25.17 50.51 61.30
C SER D 56 24.51 49.42 62.14
N THR D 57 23.52 48.73 61.55
CA THR D 57 22.67 47.76 62.24
C THR D 57 23.30 46.36 62.22
N TYR D 58 24.42 46.20 61.51
CA TYR D 58 25.22 44.99 61.60
C TYR D 58 25.71 44.79 63.03
N GLY D 59 25.79 45.89 63.79
CA GLY D 59 26.17 45.87 65.20
C GLY D 59 25.11 45.18 66.06
N LYS D 60 23.84 45.25 65.65
CA LYS D 60 22.71 44.88 66.47
C LYS D 60 22.48 43.37 66.48
N CYS D 61 23.07 42.64 65.53
CA CYS D 61 22.70 41.25 65.26
C CYS D 61 23.06 40.31 66.42
N ILE D 62 23.93 40.77 67.32
CA ILE D 62 24.23 40.06 68.56
C ILE D 62 23.00 40.15 69.48
N ALA D 63 22.40 41.34 69.55
CA ALA D 63 21.26 41.60 70.42
C ALA D 63 19.99 40.96 69.86
N VAL D 64 19.84 40.99 68.53
CA VAL D 64 18.69 40.45 67.84
C VAL D 64 18.68 38.92 67.98
N ASP D 65 19.86 38.31 67.85
CA ASP D 65 20.06 36.89 68.07
C ASP D 65 19.66 36.53 69.50
N ALA D 66 20.23 37.23 70.49
CA ALA D 66 20.06 36.94 71.90
C ALA D 66 18.63 37.21 72.37
N PHE D 67 17.91 38.09 71.64
CA PHE D 67 16.50 38.37 71.88
C PHE D 67 15.66 37.15 71.47
N ILE D 68 15.86 36.69 70.23
CA ILE D 68 15.14 35.56 69.66
C ILE D 68 15.41 34.31 70.49
N LYS D 69 16.67 34.13 70.89
CA LYS D 69 17.09 33.06 71.79
C LYS D 69 16.26 33.07 73.06
N LYS D 70 16.10 34.25 73.67
CA LYS D 70 15.47 34.37 74.98
C LYS D 70 13.96 34.31 74.89
N ILE D 71 13.40 34.53 73.68
CA ILE D 71 11.99 34.27 73.43
C ILE D 71 11.77 32.76 73.32
N ASN D 72 12.62 32.09 72.53
CA ASN D 72 12.61 30.63 72.38
C ASN D 72 13.34 30.01 73.57
N GLU D 73 12.76 30.19 74.77
CA GLU D 73 13.29 29.76 76.05
C GLU D 73 12.24 30.01 77.13
N ALA D 74 11.65 31.22 77.08
CA ALA D 74 10.44 31.53 77.81
C ALA D 74 9.29 30.69 77.26
N TYR D 75 9.32 30.45 75.94
CA TYR D 75 8.41 29.54 75.25
C TYR D 75 8.56 28.13 75.83
N ASP D 76 9.81 27.70 76.03
CA ASP D 76 10.14 26.37 76.54
C ASP D 76 9.89 26.28 78.05
N LYS D 77 9.64 27.42 78.71
CA LYS D 77 9.27 27.44 80.12
C LYS D 77 7.77 27.22 80.30
N VAL D 78 7.02 27.18 79.19
CA VAL D 78 5.64 26.73 79.20
C VAL D 78 5.64 25.21 79.38
N LYS D 79 6.66 24.55 78.82
CA LYS D 79 6.89 23.13 78.98
C LYS D 79 7.58 22.86 80.32
N SER D 80 7.13 23.54 81.37
CA SER D 80 7.59 23.30 82.74
C SER D 80 6.52 22.54 83.52
N LYS D 81 5.25 22.75 83.14
CA LYS D 81 4.10 22.12 83.78
C LYS D 81 3.24 21.37 82.76
N CYS D 82 3.64 21.42 81.49
CA CYS D 82 3.12 20.50 80.47
C CYS D 82 4.14 19.37 80.30
N ASN D 83 4.70 18.93 81.43
CA ASN D 83 5.91 18.12 81.50
C ASN D 83 5.65 16.89 82.37
N ASP D 84 5.08 17.09 83.57
CA ASP D 84 4.76 15.99 84.48
C ASP D 84 3.63 15.12 83.90
N ILE D 85 2.71 15.74 83.16
CA ILE D 85 1.63 15.04 82.48
C ILE D 85 2.20 14.31 81.26
N LYS D 86 3.18 14.95 80.61
CA LYS D 86 3.93 14.40 79.50
C LYS D 86 4.67 13.15 79.93
N ASN D 87 5.30 13.20 81.12
CA ASN D 87 6.08 12.09 81.66
C ASN D 87 5.18 10.91 82.01
N ASP D 88 3.95 11.21 82.43
CA ASP D 88 2.96 10.19 82.73
C ASP D 88 2.39 9.59 81.45
N LEU D 89 2.39 10.41 80.37
CA LEU D 89 2.02 9.94 79.04
C LEU D 89 3.09 8.99 78.51
N ILE D 90 4.36 9.24 78.88
CA ILE D 90 5.48 8.40 78.47
C ILE D 90 5.39 7.03 79.15
N ALA D 91 4.80 6.97 80.36
CA ALA D 91 4.71 5.73 81.12
C ALA D 91 3.71 4.79 80.46
N THR D 92 2.65 5.38 79.88
CA THR D 92 1.64 4.63 79.13
C THR D 92 2.27 4.10 77.84
N ILE D 93 3.03 4.96 77.17
CA ILE D 93 3.72 4.65 75.93
C ILE D 93 4.79 3.59 76.17
N LYS D 94 5.39 3.59 77.36
CA LYS D 94 6.38 2.58 77.75
C LYS D 94 5.74 1.19 77.70
N LYS D 95 4.54 1.07 78.28
CA LYS D 95 3.86 -0.21 78.42
C LYS D 95 3.13 -0.62 77.12
N LEU D 96 2.89 0.34 76.23
CA LEU D 96 2.36 0.06 74.90
C LEU D 96 3.44 -0.47 73.95
N ARG D 107 -4.67 -7.97 77.64
CA ARG D 107 -4.28 -8.68 78.88
C ARG D 107 -4.41 -7.72 80.07
N ALA D 108 -4.41 -8.28 81.29
CA ALA D 108 -4.29 -7.55 82.55
C ALA D 108 -5.41 -6.54 82.76
N PHE D 109 -5.29 -5.73 83.83
CA PHE D 109 -6.15 -4.59 84.09
C PHE D 109 -6.08 -3.63 82.90
N LYS D 110 -6.97 -3.84 81.92
CA LYS D 110 -7.06 -3.04 80.69
C LYS D 110 -5.86 -3.35 79.79
N LYS D 111 -6.05 -3.15 78.47
CA LYS D 111 -4.98 -3.33 77.51
C LYS D 111 -4.18 -2.05 77.31
N MET D 112 -4.63 -0.91 77.87
CA MET D 112 -3.83 0.29 77.99
C MET D 112 -4.09 1.28 76.83
N MET D 113 -4.74 0.79 75.78
CA MET D 113 -5.15 1.60 74.64
C MET D 113 -6.09 2.72 75.10
N ASP D 114 -6.93 2.43 76.11
CA ASP D 114 -7.85 3.39 76.70
C ASP D 114 -7.07 4.47 77.47
N GLU D 115 -6.09 4.04 78.27
CA GLU D 115 -5.20 4.92 79.02
C GLU D 115 -4.50 5.89 78.07
N TYR D 116 -4.00 5.39 76.93
CA TYR D 116 -3.44 6.22 75.88
C TYR D 116 -4.43 7.30 75.46
N ASN D 117 -5.68 6.91 75.22
CA ASN D 117 -6.71 7.83 74.75
C ASN D 117 -7.03 8.87 75.81
N THR D 118 -7.04 8.46 77.08
CA THR D 118 -7.27 9.39 78.19
C THR D 118 -6.09 10.35 78.28
N LYS D 119 -4.88 9.80 78.35
CA LYS D 119 -3.67 10.55 78.70
C LYS D 119 -3.22 11.45 77.55
N LYS D 120 -3.55 11.08 76.31
CA LYS D 120 -3.23 11.89 75.14
C LYS D 120 -4.05 13.18 75.17
N LYS D 121 -5.34 13.05 75.47
CA LYS D 121 -6.26 14.19 75.52
C LYS D 121 -5.95 15.07 76.74
N LYS D 122 -5.38 14.49 77.80
CA LYS D 122 -4.98 15.23 78.98
C LYS D 122 -3.82 16.18 78.65
N LEU D 123 -2.93 15.76 77.73
CA LEU D 123 -1.83 16.59 77.28
C LEU D 123 -2.37 17.71 76.38
N ILE D 124 -3.16 17.31 75.36
CA ILE D 124 -3.81 18.23 74.44
C ILE D 124 -4.61 19.28 75.21
N LYS D 125 -5.18 18.90 76.36
CA LYS D 125 -5.87 19.82 77.25
C LYS D 125 -4.88 20.82 77.84
N CYS D 126 -3.79 20.30 78.45
CA CYS D 126 -2.83 21.13 79.17
C CYS D 126 -2.10 22.10 78.23
N ILE D 127 -1.99 21.73 76.95
CA ILE D 127 -1.48 22.63 75.92
C ILE D 127 -2.45 23.80 75.75
N LYS D 128 -3.73 23.49 75.53
CA LYS D 128 -4.77 24.50 75.30
C LYS D 128 -5.09 25.26 76.59
N ASN D 129 -4.80 24.64 77.75
CA ASN D 129 -4.96 25.26 79.06
C ASN D 129 -3.94 26.39 79.26
N HIS D 130 -2.75 26.26 78.67
CA HIS D 130 -1.75 27.33 78.72
C HIS D 130 -1.44 27.83 77.30
N GLU D 131 -2.49 28.05 76.50
CA GLU D 131 -2.36 28.59 75.15
C GLU D 131 -2.25 30.12 75.21
N ASN D 132 -2.79 30.69 76.31
CA ASN D 132 -2.71 32.12 76.59
C ASN D 132 -1.26 32.56 76.76
N ASP D 133 -0.49 31.80 77.56
CA ASP D 133 0.86 32.17 77.95
C ASP D 133 1.79 32.08 76.73
N PHE D 134 1.46 31.17 75.81
CA PHE D 134 2.15 31.04 74.53
C PHE D 134 1.88 32.28 73.66
N ASN D 135 0.63 32.71 73.60
CA ASN D 135 0.18 33.82 72.77
C ASN D 135 0.75 35.17 73.22
N LYS D 136 1.10 35.29 74.51
CA LYS D 136 1.85 36.44 74.98
C LYS D 136 3.26 36.42 74.37
N ILE D 137 3.97 35.31 74.57
CA ILE D 137 5.35 35.11 74.11
C ILE D 137 5.37 35.11 72.57
N CYS D 138 4.26 34.73 71.95
CA CYS D 138 4.07 34.80 70.52
C CYS D 138 4.11 36.26 70.03
N MET D 139 3.28 37.13 70.62
CA MET D 139 3.13 38.52 70.19
C MET D 139 4.43 39.31 70.37
N ASP D 140 5.25 38.90 71.33
CA ASP D 140 6.55 39.51 71.61
C ASP D 140 7.39 39.58 70.33
N MET D 141 7.45 38.46 69.61
CA MET D 141 8.27 38.30 68.42
C MET D 141 7.72 39.16 67.29
N LYS D 142 6.39 39.28 67.20
CA LYS D 142 5.73 40.17 66.26
C LYS D 142 6.21 41.60 66.45
N ASN D 143 6.16 42.07 67.71
CA ASN D 143 6.39 43.47 68.06
C ASN D 143 7.82 43.87 67.75
N TYR D 144 8.78 43.03 68.17
CA TYR D 144 10.19 43.31 68.05
C TYR D 144 10.62 43.30 66.58
N GLY D 145 10.17 42.29 65.84
CA GLY D 145 10.45 42.16 64.42
C GLY D 145 9.88 43.34 63.63
N THR D 146 8.69 43.80 64.02
CA THR D 146 8.02 44.94 63.40
C THR D 146 8.77 46.23 63.78
N ASN D 147 9.17 46.33 65.05
CA ASN D 147 9.86 47.50 65.60
C ASN D 147 11.16 47.75 64.82
N LEU D 148 11.93 46.69 64.60
CA LEU D 148 13.20 46.79 63.90
C LEU D 148 12.98 46.98 62.39
N PHE D 149 11.80 46.57 61.90
CA PHE D 149 11.41 46.80 60.52
C PHE D 149 11.01 48.26 60.31
N GLU D 150 10.59 48.93 61.39
CA GLU D 150 10.33 50.37 61.36
C GLU D 150 11.65 51.15 61.29
N GLN D 151 12.67 50.70 62.04
CA GLN D 151 13.94 51.38 62.13
C GLN D 151 14.78 51.08 60.88
N LEU D 152 14.37 51.69 59.75
CA LEU D 152 14.99 51.48 58.45
C LEU D 152 15.45 52.82 57.86
N SER D 153 16.01 52.75 56.64
CA SER D 153 16.66 53.89 56.02
C SER D 153 16.20 54.13 54.58
N CYS D 154 17.05 54.81 53.80
CA CYS D 154 16.65 55.61 52.64
C CYS D 154 15.13 55.70 52.42
N TYR D 155 14.54 56.85 52.76
CA TYR D 155 13.18 57.20 52.38
C TYR D 155 13.05 57.17 50.85
N ASN D 156 11.86 56.78 50.37
CA ASN D 156 11.63 56.33 49.01
C ASN D 156 12.62 56.96 48.08
N ASN D 157 12.55 58.30 47.95
CA ASN D 157 13.36 59.07 47.01
C ASN D 157 13.16 58.56 45.58
N ASN D 158 13.75 57.39 45.30
CA ASN D 158 13.23 56.53 44.23
C ASN D 158 13.94 55.18 44.18
N PHE D 159 15.15 55.07 44.73
CA PHE D 159 16.01 53.89 44.51
C PHE D 159 16.56 53.40 45.85
N CYS D 160 15.93 52.34 46.38
CA CYS D 160 16.42 51.68 47.59
C CYS D 160 17.10 50.37 47.22
N ASN D 161 18.15 50.00 47.96
CA ASN D 161 19.01 48.89 47.57
C ASN D 161 18.36 47.56 47.93
N THR D 162 18.60 46.54 47.08
CA THR D 162 18.25 45.16 47.38
C THR D 162 19.47 44.39 47.90
N ASN D 163 19.95 44.77 49.09
CA ASN D 163 20.74 43.90 49.93
C ASN D 163 19.75 43.17 50.85
N GLY D 164 20.06 43.10 52.15
CA GLY D 164 19.09 42.70 53.18
C GLY D 164 18.57 41.28 52.97
N ILE D 165 17.79 41.10 51.89
CA ILE D 165 17.16 39.85 51.52
C ILE D 165 18.23 38.86 51.08
N ARG D 166 19.18 39.34 50.26
CA ARG D 166 20.25 38.56 49.69
C ARG D 166 21.21 38.06 50.76
N TYR D 167 21.42 38.87 51.81
CA TYR D 167 22.22 38.45 52.96
C TYR D 167 21.61 37.19 53.56
N HIS D 168 20.33 37.28 53.93
CA HIS D 168 19.64 36.25 54.71
C HIS D 168 19.51 34.97 53.88
N TYR D 169 19.19 35.12 52.58
CA TYR D 169 19.08 34.03 51.63
C TYR D 169 20.34 33.16 51.63
N ASP D 170 21.49 33.76 51.30
CA ASP D 170 22.72 33.03 51.03
C ASP D 170 23.43 32.63 52.33
N GLU D 171 22.99 33.16 53.48
CA GLU D 171 23.61 32.84 54.76
C GLU D 171 22.70 31.92 55.58
N TYR D 172 21.41 31.85 55.24
CA TYR D 172 20.47 31.04 56.00
C TYR D 172 19.71 30.06 55.10
N ILE D 173 19.19 30.54 53.96
CA ILE D 173 18.22 29.79 53.17
C ILE D 173 18.94 28.84 52.21
N HIS D 174 19.80 29.41 51.33
CA HIS D 174 20.39 28.71 50.20
C HIS D 174 21.27 27.55 50.65
N LYS D 175 21.78 27.61 51.89
CA LYS D 175 22.54 26.50 52.46
C LYS D 175 21.63 25.30 52.70
N LEU D 176 20.39 25.57 53.17
CA LEU D 176 19.47 24.53 53.59
C LEU D 176 18.70 23.93 52.41
N ILE D 177 18.55 24.68 51.31
CA ILE D 177 17.82 24.18 50.15
C ILE D 177 18.61 23.05 49.48
N LEU D 178 19.95 23.18 49.48
CA LEU D 178 20.84 22.17 48.93
C LEU D 178 20.77 20.91 49.79
N SER D 179 20.71 21.10 51.12
CA SER D 179 20.64 20.00 52.07
C SER D 179 19.41 19.12 51.79
N VAL D 180 18.30 19.77 51.38
CA VAL D 180 17.06 19.03 51.25
C VAL D 180 16.92 18.49 49.81
N LYS D 181 17.53 19.11 48.80
CA LYS D 181 16.91 19.32 47.49
C LYS D 181 16.78 18.06 46.64
N SER D 182 15.98 18.16 45.57
CA SER D 182 15.68 17.11 44.62
C SER D 182 14.85 16.00 45.27
N LYS D 183 14.60 14.93 44.52
CA LYS D 183 14.06 13.66 44.99
C LYS D 183 14.58 13.09 46.34
N ASN D 184 15.39 13.86 47.11
CA ASN D 184 15.89 13.45 48.40
C ASN D 184 14.70 13.09 49.26
N LEU D 185 13.45 13.41 48.83
CA LEU D 185 12.27 13.07 49.60
C LEU D 185 11.28 12.19 48.83
N ASN D 186 11.31 12.27 47.49
CA ASN D 186 10.38 11.51 46.65
C ASN D 186 10.61 10.02 46.84
N LYS D 187 11.89 9.63 46.92
CA LYS D 187 12.32 8.27 47.20
C LYS D 187 11.88 7.89 48.62
N ASP D 188 12.09 8.81 49.57
CA ASP D 188 11.83 8.58 50.99
C ASP D 188 10.37 8.18 51.21
N LEU D 189 9.45 8.88 50.56
CA LEU D 189 8.02 8.62 50.68
C LEU D 189 7.70 7.22 50.16
N SER D 190 8.18 6.91 48.94
CA SER D 190 7.87 5.67 48.26
C SER D 190 8.44 4.46 49.01
N ASP D 191 9.55 4.68 49.72
CA ASP D 191 10.13 3.69 50.62
C ASP D 191 9.20 3.43 51.80
N MET D 192 8.72 4.51 52.41
CA MET D 192 7.82 4.45 53.56
C MET D 192 6.48 3.83 53.18
N THR D 193 6.01 4.09 51.95
CA THR D 193 4.75 3.54 51.47
C THR D 193 4.84 2.01 51.44
N ASN D 194 5.95 1.50 50.90
CA ASN D 194 6.13 0.07 50.66
C ASN D 194 6.23 -0.68 52.00
N ILE D 195 6.93 -0.07 52.98
CA ILE D 195 7.07 -0.60 54.32
C ILE D 195 5.68 -0.73 54.97
N LEU D 196 4.83 0.27 54.74
CA LEU D 196 3.47 0.29 55.28
C LEU D 196 2.60 -0.73 54.56
N GLN D 197 2.78 -0.85 53.23
CA GLN D 197 2.02 -1.79 52.41
C GLN D 197 2.26 -3.23 52.88
N GLN D 198 3.53 -3.57 53.13
CA GLN D 198 3.95 -4.92 53.48
C GLN D 198 3.47 -5.29 54.88
N SER D 199 3.42 -4.31 55.78
CA SER D 199 2.97 -4.53 57.15
C SER D 199 1.45 -4.68 57.21
N GLU D 200 0.75 -4.17 56.19
CA GLU D 200 -0.70 -4.26 56.10
C GLU D 200 -1.04 -5.65 55.56
N LEU D 201 -0.15 -6.17 54.71
CA LEU D 201 -0.25 -7.50 54.09
C LEU D 201 0.54 -8.54 54.89
N LEU D 202 0.28 -8.61 56.21
CA LEU D 202 0.82 -9.63 57.09
C LEU D 202 -0.30 -10.62 57.45
N TYR D 215 -1.34 -9.12 70.96
CA TYR D 215 0.01 -9.08 70.35
C TYR D 215 -0.10 -8.64 68.90
N ILE D 216 -1.14 -9.13 68.20
CA ILE D 216 -1.47 -8.66 66.86
C ILE D 216 -2.12 -7.29 66.96
N ASP D 217 -2.84 -7.06 68.07
CA ASP D 217 -3.53 -5.79 68.31
C ASP D 217 -2.51 -4.66 68.46
N THR D 218 -1.34 -4.99 69.04
CA THR D 218 -0.22 -4.07 69.15
C THR D 218 0.26 -3.69 67.74
N ILE D 219 0.36 -4.68 66.85
CA ILE D 219 0.81 -4.47 65.48
C ILE D 219 -0.21 -3.63 64.73
N LYS D 220 -1.50 -3.89 64.94
CA LYS D 220 -2.59 -3.11 64.35
C LYS D 220 -2.47 -1.66 64.79
N PHE D 221 -2.18 -1.46 66.08
CA PHE D 221 -2.10 -0.15 66.71
C PHE D 221 -0.91 0.63 66.17
N ILE D 222 0.25 -0.03 66.11
CA ILE D 222 1.49 0.56 65.64
C ILE D 222 1.39 0.83 64.13
N HIS D 223 0.71 -0.07 63.40
CA HIS D 223 0.42 0.13 61.98
C HIS D 223 -0.37 1.42 61.79
N LYS D 224 -1.43 1.58 62.59
CA LYS D 224 -2.31 2.74 62.53
C LYS D 224 -1.52 4.03 62.82
N GLU D 225 -0.69 3.97 63.87
CA GLU D 225 0.07 5.12 64.35
C GLU D 225 1.05 5.56 63.26
N MET D 226 1.73 4.59 62.64
CA MET D 226 2.72 4.85 61.59
C MET D 226 2.06 5.29 60.29
N LYS D 227 0.76 4.97 60.10
CA LYS D 227 0.06 5.35 58.88
C LYS D 227 -0.24 6.85 58.88
N HIS D 228 -0.70 7.38 60.03
CA HIS D 228 -1.02 8.81 60.13
C HIS D 228 0.27 9.63 60.13
N ILE D 229 1.30 9.15 60.85
CA ILE D 229 2.62 9.75 60.88
C ILE D 229 3.17 9.88 59.45
N PHE D 230 2.92 8.86 58.61
CA PHE D 230 3.30 8.90 57.21
C PHE D 230 2.56 10.02 56.50
N ASN D 231 1.25 10.12 56.73
CA ASN D 231 0.40 11.10 56.08
C ASN D 231 0.86 12.53 56.40
N ARG D 232 1.40 12.73 57.61
CA ARG D 232 1.95 14.01 58.04
C ARG D 232 3.23 14.34 57.28
N ILE D 233 4.16 13.35 57.25
CA ILE D 233 5.43 13.49 56.55
C ILE D 233 5.16 13.69 55.06
N GLU D 234 4.15 12.96 54.53
CA GLU D 234 3.70 13.07 53.15
C GLU D 234 3.17 14.48 52.88
N TYR D 235 2.40 15.01 53.85
CA TYR D 235 1.81 16.34 53.77
C TYR D 235 2.89 17.42 53.77
N HIS D 236 3.83 17.32 54.71
CA HIS D 236 4.91 18.29 54.87
C HIS D 236 5.84 18.29 53.66
N THR D 237 6.09 17.09 53.10
CA THR D 237 6.99 16.93 51.96
C THR D 237 6.44 17.64 50.71
N LYS D 238 5.11 17.57 50.55
CA LYS D 238 4.41 18.19 49.44
C LYS D 238 4.53 19.72 49.53
N ILE D 239 4.48 20.25 50.76
CA ILE D 239 4.66 21.67 50.99
C ILE D 239 6.08 22.07 50.59
N ILE D 240 7.06 21.33 51.14
CA ILE D 240 8.47 21.62 50.99
C ILE D 240 8.87 21.61 49.50
N ASN D 241 8.42 20.58 48.76
CA ASN D 241 8.82 20.41 47.37
C ASN D 241 8.14 21.46 46.47
N ASP D 242 6.92 21.87 46.84
CA ASP D 242 6.23 22.92 46.10
C ASP D 242 6.90 24.26 46.35
N LYS D 243 7.20 24.54 47.64
CA LYS D 243 7.52 25.87 48.11
C LYS D 243 8.94 26.27 47.72
N THR D 244 9.88 25.34 47.87
CA THR D 244 11.30 25.59 47.66
C THR D 244 11.58 25.83 46.18
N LYS D 245 10.67 25.36 45.32
CA LYS D 245 10.70 25.71 43.91
C LYS D 245 10.26 27.17 43.75
N ILE D 246 9.22 27.56 44.49
CA ILE D 246 8.71 28.93 44.46
C ILE D 246 9.74 29.91 45.04
N ILE D 247 10.32 29.57 46.20
CA ILE D 247 11.34 30.38 46.85
C ILE D 247 12.43 30.73 45.84
N GLN D 248 13.08 29.69 45.29
CA GLN D 248 14.18 29.83 44.34
C GLN D 248 13.75 30.54 43.06
N ASP D 249 12.44 30.61 42.77
CA ASP D 249 11.95 31.50 41.73
C ASP D 249 11.93 32.93 42.26
N LYS D 250 11.33 33.09 43.46
CA LYS D 250 10.99 34.40 44.02
C LYS D 250 12.23 35.23 44.33
N ILE D 251 13.26 34.60 44.90
CA ILE D 251 14.45 35.30 45.37
C ILE D 251 15.15 36.02 44.22
N LYS D 252 15.15 35.40 43.03
CA LYS D 252 15.79 35.95 41.86
C LYS D 252 15.08 37.22 41.41
N LEU D 253 13.74 37.23 41.53
CA LEU D 253 12.92 38.38 41.18
C LEU D 253 13.22 39.56 42.11
N ASN D 254 13.57 39.27 43.37
CA ASN D 254 13.79 40.29 44.38
C ASN D 254 15.10 41.03 44.16
N ILE D 255 16.19 40.28 44.00
CA ILE D 255 17.54 40.79 44.10
C ILE D 255 17.99 41.48 42.80
N TRP D 256 19.25 41.95 42.79
CA TRP D 256 19.84 42.80 41.76
C TRP D 256 18.87 43.83 41.18
N ARG D 257 18.38 44.74 42.02
CA ARG D 257 17.44 45.79 41.63
C ARG D 257 17.46 46.92 42.65
N THR D 258 16.70 47.98 42.32
CA THR D 258 16.23 49.00 43.24
C THR D 258 14.75 49.30 42.96
N PHE D 259 14.01 49.62 44.04
CA PHE D 259 12.60 49.96 43.98
C PHE D 259 12.30 51.12 44.94
N GLN D 260 11.01 51.51 44.92
CA GLN D 260 10.45 52.45 45.89
C GLN D 260 10.31 51.74 47.24
N LYS D 261 10.25 52.55 48.30
CA LYS D 261 10.20 52.10 49.69
C LYS D 261 9.04 51.11 49.89
N ASP D 262 7.85 51.48 49.39
CA ASP D 262 6.63 50.70 49.56
C ASP D 262 6.81 49.26 49.08
N GLU D 263 7.31 49.11 47.85
CA GLU D 263 7.43 47.82 47.19
C GLU D 263 8.33 46.88 47.99
N LEU D 264 9.53 47.37 48.31
CA LEU D 264 10.57 46.58 48.97
C LEU D 264 10.05 46.08 50.33
N LEU D 265 9.29 46.93 51.03
CA LEU D 265 8.79 46.63 52.36
C LEU D 265 7.77 45.50 52.31
N LYS D 266 6.91 45.50 51.26
CA LYS D 266 5.96 44.42 51.04
C LYS D 266 6.70 43.12 50.75
N ARG D 267 7.77 43.23 49.94
CA ARG D 267 8.44 42.08 49.35
C ARG D 267 9.48 41.51 50.31
N ILE D 268 9.88 42.28 51.33
CA ILE D 268 10.62 41.74 52.47
C ILE D 268 9.67 40.86 53.27
N LEU D 269 8.46 41.37 53.52
CA LEU D 269 7.43 40.68 54.28
C LEU D 269 6.94 39.45 53.52
N ASP D 270 6.99 39.52 52.17
CA ASP D 270 6.66 38.39 51.31
C ASP D 270 7.64 37.23 51.57
N MET D 271 8.93 37.52 51.41
CA MET D 271 9.96 36.51 51.58
C MET D 271 10.04 36.07 53.04
N SER D 272 9.66 36.98 53.96
CA SER D 272 9.61 36.68 55.39
C SER D 272 8.53 35.65 55.70
N ASN D 273 7.46 35.60 54.88
CA ASN D 273 6.37 34.67 55.07
C ASN D 273 6.76 33.27 54.59
N GLU D 274 7.43 33.19 53.43
CA GLU D 274 7.76 31.93 52.79
C GLU D 274 8.62 31.08 53.74
N TYR D 275 9.65 31.71 54.32
CA TYR D 275 10.63 31.04 55.17
C TYR D 275 10.00 30.60 56.49
N SER D 276 8.90 31.25 56.88
CA SER D 276 8.15 30.90 58.07
C SER D 276 7.59 29.49 57.92
N LEU D 277 6.81 29.27 56.85
CA LEU D 277 6.10 28.02 56.62
C LEU D 277 7.05 26.93 56.13
N PHE D 278 8.09 27.32 55.39
CA PHE D 278 9.05 26.40 54.81
C PHE D 278 9.83 25.67 55.90
N ILE D 279 10.50 26.45 56.75
CA ILE D 279 11.36 25.92 57.81
C ILE D 279 10.51 25.28 58.92
N THR D 280 9.23 25.66 58.99
CA THR D 280 8.28 25.01 59.88
C THR D 280 8.10 23.56 59.46
N SER D 281 7.66 23.35 58.21
CA SER D 281 7.37 22.03 57.67
C SER D 281 8.63 21.16 57.66
N ASP D 282 9.78 21.78 57.32
CA ASP D 282 11.04 21.08 57.10
C ASP D 282 11.68 20.64 58.40
N HIS D 283 11.47 21.42 59.48
CA HIS D 283 11.92 21.02 60.80
C HIS D 283 11.07 19.87 61.32
N LEU D 284 9.76 19.92 61.04
CA LEU D 284 8.82 18.89 61.43
C LEU D 284 9.12 17.59 60.69
N ARG D 285 9.20 17.67 59.35
CA ARG D 285 9.43 16.54 58.47
C ARG D 285 10.61 15.70 58.96
N GLN D 286 11.72 16.40 59.25
CA GLN D 286 12.97 15.80 59.67
C GLN D 286 12.79 15.02 60.99
N MET D 287 12.06 15.62 61.93
CA MET D 287 11.86 15.04 63.26
C MET D 287 10.85 13.90 63.22
N LEU D 288 9.79 14.04 62.41
CA LEU D 288 8.79 13.00 62.22
C LEU D 288 9.43 11.75 61.62
N TYR D 289 10.36 11.96 60.69
CA TYR D 289 11.07 10.91 59.98
C TYR D 289 11.94 10.10 60.96
N ASN D 290 12.47 10.78 61.99
CA ASN D 290 13.29 10.15 63.02
C ASN D 290 12.43 9.30 63.95
N THR D 291 11.12 9.63 64.05
CA THR D 291 10.20 8.94 64.95
C THR D 291 9.58 7.73 64.25
N PHE D 292 9.27 7.90 62.95
CA PHE D 292 8.75 6.83 62.11
C PHE D 292 9.64 5.60 62.21
N TYR D 293 10.94 5.79 61.95
CA TYR D 293 11.92 4.72 61.92
C TYR D 293 12.44 4.39 63.33
N SER D 294 11.97 5.11 64.35
CA SER D 294 12.22 4.70 65.73
C SER D 294 11.31 3.51 66.08
N LYS D 295 10.06 3.56 65.59
CA LYS D 295 9.06 2.54 65.89
C LYS D 295 8.75 1.68 64.67
N GLU D 296 9.56 1.82 63.61
CA GLU D 296 9.62 0.83 62.54
C GLU D 296 10.58 -0.27 62.96
N LYS D 297 11.58 0.10 63.78
CA LYS D 297 12.52 -0.84 64.38
C LYS D 297 11.86 -1.63 65.50
N HIS D 298 10.82 -1.04 66.11
CA HIS D 298 10.04 -1.69 67.17
C HIS D 298 8.99 -2.63 66.59
N LEU D 299 8.56 -2.36 65.35
CA LEU D 299 7.79 -3.31 64.56
C LEU D 299 8.67 -4.53 64.26
N ASN D 300 9.93 -4.27 63.92
CA ASN D 300 10.90 -5.30 63.56
C ASN D 300 11.40 -6.05 64.80
N ASN D 301 11.17 -5.49 65.99
CA ASN D 301 11.46 -6.16 67.25
C ASN D 301 10.49 -7.32 67.47
N ILE D 302 9.25 -7.17 66.98
CA ILE D 302 8.24 -8.22 67.10
C ILE D 302 8.55 -9.34 66.09
N ALA E 7 10.52 43.05 98.01
CA ALA E 7 11.05 41.67 98.09
C ALA E 7 12.58 41.69 98.08
N LEU E 8 13.15 42.35 97.06
CA LEU E 8 14.58 42.32 96.77
C LEU E 8 15.33 43.25 97.72
N THR E 9 16.65 43.06 97.79
CA THR E 9 17.52 43.83 98.68
C THR E 9 18.68 44.42 97.89
N GLN E 10 19.16 45.59 98.33
CA GLN E 10 20.00 46.48 97.53
C GLN E 10 20.29 47.72 98.36
N PRO E 11 21.56 47.97 98.79
CA PRO E 11 21.93 49.24 99.41
C PRO E 11 22.07 50.42 98.44
N PRO E 12 21.75 51.67 98.85
CA PRO E 12 21.92 52.83 97.99
C PRO E 12 23.37 53.33 98.06
N SER E 13 24.12 53.06 96.98
CA SER E 13 25.52 53.49 96.86
C SER E 13 25.97 53.48 95.39
N VAL E 14 25.97 54.68 94.78
CA VAL E 14 26.29 54.85 93.37
C VAL E 14 27.14 56.11 93.25
N SER E 15 28.27 56.07 93.96
CA SER E 15 29.10 57.25 94.19
C SER E 15 30.57 56.84 94.30
N GLU E 16 31.33 57.03 93.22
CA GLU E 16 32.70 56.51 93.14
C GLU E 16 33.51 57.24 92.07
N ALA E 17 34.85 57.21 92.23
CA ALA E 17 35.80 57.94 91.41
C ALA E 17 35.80 57.49 89.93
N PRO E 18 36.23 58.34 88.98
CA PRO E 18 35.90 58.14 87.55
C PRO E 18 36.69 57.15 86.73
N ARG E 19 35.99 56.50 85.79
CA ARG E 19 36.51 55.47 84.90
C ARG E 19 36.96 54.24 85.67
N ARG E 20 36.03 53.68 86.47
CA ARG E 20 36.25 52.48 87.26
C ARG E 20 35.01 51.59 87.18
N ARG E 21 35.20 50.28 87.35
CA ARG E 21 34.10 49.33 87.39
C ARG E 21 33.55 49.26 88.80
N VAL E 22 32.24 48.98 88.92
CA VAL E 22 31.53 49.02 90.20
C VAL E 22 30.47 47.91 90.20
N THR E 23 30.23 47.33 91.38
CA THR E 23 29.25 46.27 91.54
C THR E 23 28.07 46.75 92.40
N ILE E 24 26.87 46.47 91.87
CA ILE E 24 25.63 46.46 92.62
C ILE E 24 25.18 45.01 92.75
N TYR E 25 25.35 44.45 93.95
CA TYR E 25 24.94 43.09 94.22
C TYR E 25 23.43 43.08 94.49
N CYS E 26 22.83 41.88 94.41
CA CYS E 26 21.39 41.72 94.55
C CYS E 26 21.06 40.31 95.06
N SER E 27 20.61 40.22 96.32
CA SER E 27 20.14 38.97 96.90
C SER E 27 18.68 38.72 96.53
N GLY E 28 18.23 37.48 96.72
CA GLY E 28 16.85 37.11 96.38
C GLY E 28 16.45 35.75 96.96
N SER E 29 15.35 35.19 96.42
CA SER E 29 14.83 33.93 96.89
C SER E 29 14.43 33.03 95.72
N SER E 30 14.05 31.78 96.02
CA SER E 30 13.73 30.78 95.01
C SER E 30 12.63 31.31 94.09
N SER E 31 11.53 31.73 94.72
CA SER E 31 10.29 32.08 94.07
C SER E 31 10.36 33.42 93.34
N ASN E 32 11.53 34.08 93.26
CA ASN E 32 11.63 35.36 92.57
C ASN E 32 12.79 35.33 91.58
N ILE E 33 14.00 35.70 92.01
CA ILE E 33 15.17 35.73 91.13
C ILE E 33 15.39 34.36 90.49
N GLY E 34 15.21 33.29 91.29
CA GLY E 34 15.56 31.92 90.93
C GLY E 34 14.87 31.39 89.68
N ASN E 35 13.69 31.93 89.32
CA ASN E 35 12.94 31.43 88.18
C ASN E 35 12.58 32.53 87.17
N ASN E 36 12.75 33.81 87.54
CA ASN E 36 12.26 34.93 86.73
C ASN E 36 13.43 35.76 86.20
N ALA E 37 13.18 36.46 85.08
CA ALA E 37 14.18 37.26 84.39
C ALA E 37 14.24 38.67 84.97
N VAL E 38 15.46 39.13 85.26
CA VAL E 38 15.69 40.37 85.98
C VAL E 38 15.85 41.52 84.98
N SER E 39 15.37 42.71 85.39
CA SER E 39 15.58 43.95 84.66
C SER E 39 16.18 45.00 85.60
N TRP E 40 16.81 46.02 85.01
CA TRP E 40 17.51 47.05 85.75
C TRP E 40 17.16 48.45 85.23
N TYR E 41 17.14 49.43 86.16
CA TYR E 41 16.66 50.77 85.89
C TYR E 41 17.56 51.80 86.57
N GLN E 42 17.72 52.95 85.90
CA GLN E 42 18.46 54.08 86.44
C GLN E 42 17.48 55.22 86.71
N GLN E 43 17.73 55.93 87.83
CA GLN E 43 16.91 57.05 88.27
C GLN E 43 17.84 58.25 88.49
N LEU E 44 17.74 59.23 87.58
CA LEU E 44 18.42 60.51 87.73
C LEU E 44 17.48 61.41 88.53
N PRO E 45 17.85 61.87 89.76
CA PRO E 45 16.89 62.49 90.68
C PRO E 45 16.08 63.64 90.08
N GLY E 46 14.75 63.54 90.19
CA GLY E 46 13.84 64.55 89.69
C GLY E 46 13.68 64.49 88.17
N LYS E 47 13.83 63.27 87.61
CA LYS E 47 13.66 63.02 86.19
C LYS E 47 13.32 61.54 85.97
N SER E 48 12.53 61.27 84.91
CA SER E 48 11.97 59.96 84.62
C SER E 48 13.03 58.86 84.69
N PRO E 49 12.72 57.70 85.31
CA PRO E 49 13.62 56.54 85.25
C PRO E 49 13.71 55.92 83.86
N LYS E 50 14.79 55.14 83.63
CA LYS E 50 15.09 54.59 82.31
C LYS E 50 15.61 53.16 82.45
N LEU E 51 15.22 52.31 81.50
CA LEU E 51 15.65 50.92 81.43
C LEU E 51 17.05 50.86 80.82
N LEU E 52 17.91 50.00 81.38
CA LEU E 52 19.19 49.69 80.77
C LEU E 52 19.22 48.21 80.35
N ILE E 53 18.93 47.33 81.32
CA ILE E 53 19.07 45.90 81.16
C ILE E 53 17.71 45.23 81.31
N TYR E 54 17.43 44.30 80.40
CA TYR E 54 16.30 43.38 80.49
C TYR E 54 16.75 42.03 79.94
N PHE E 55 15.95 40.98 80.22
CA PHE E 55 16.30 39.60 79.94
C PHE E 55 17.60 39.24 80.68
N ASP E 56 17.81 39.82 81.87
CA ASP E 56 18.96 39.55 82.72
C ASP E 56 20.22 40.26 82.20
N ASP E 57 20.46 40.20 80.88
CA ASP E 57 21.47 41.02 80.23
C ASP E 57 21.13 41.21 78.75
N LEU E 58 20.54 42.36 78.43
CA LEU E 58 20.37 42.83 77.06
C LEU E 58 20.26 44.35 77.05
N VAL E 59 20.87 44.99 76.04
CA VAL E 59 20.96 46.44 75.95
C VAL E 59 19.72 47.00 75.26
N THR E 60 19.15 48.07 75.84
CA THR E 60 18.09 48.84 75.22
C THR E 60 18.71 49.69 74.10
N SER E 61 17.90 49.94 73.05
CA SER E 61 18.34 50.64 71.86
C SER E 61 18.69 52.10 72.17
N GLY E 62 20.00 52.34 72.34
CA GLY E 62 20.53 53.65 72.67
C GLY E 62 21.49 53.60 73.86
N VAL E 63 21.18 52.71 74.82
CA VAL E 63 21.88 52.64 76.10
C VAL E 63 23.26 52.01 75.89
N SER E 64 24.23 52.46 76.71
CA SER E 64 25.63 52.07 76.58
C SER E 64 25.87 50.67 77.13
N ASP E 65 26.90 50.00 76.62
CA ASP E 65 27.26 48.64 76.99
C ASP E 65 28.05 48.65 78.30
N ARG E 66 28.39 49.83 78.80
CA ARG E 66 29.13 49.97 80.05
C ARG E 66 28.37 49.33 81.20
N PHE E 67 27.03 49.44 81.17
CA PHE E 67 26.16 48.76 82.12
C PHE E 67 25.98 47.31 81.65
N SER E 68 25.89 46.38 82.61
CA SER E 68 25.73 44.96 82.33
C SER E 68 25.13 44.23 83.53
N GLY E 69 24.06 43.47 83.28
CA GLY E 69 23.42 42.66 84.30
C GLY E 69 23.99 41.23 84.33
N SER E 70 23.62 40.47 85.37
CA SER E 70 24.13 39.12 85.59
C SER E 70 23.28 38.38 86.63
N LYS E 71 23.49 37.06 86.71
CA LYS E 71 22.74 36.20 87.61
C LYS E 71 23.47 34.88 87.84
N SER E 72 23.42 34.40 89.09
CA SER E 72 23.84 33.06 89.47
C SER E 72 22.96 32.52 90.60
N GLY E 73 21.92 31.75 90.22
CA GLY E 73 21.07 31.08 91.18
C GLY E 73 20.11 32.04 91.87
N THR E 74 20.47 32.47 93.07
CA THR E 74 19.73 33.31 93.99
C THR E 74 20.33 34.72 94.05
N SER E 75 21.32 35.01 93.18
CA SER E 75 22.16 36.18 93.26
C SER E 75 22.29 36.81 91.88
N ALA E 76 21.96 38.10 91.80
CA ALA E 76 22.11 38.88 90.58
C ALA E 76 23.00 40.09 90.86
N SER E 77 23.44 40.75 89.79
CA SER E 77 24.28 41.94 89.91
C SER E 77 24.20 42.80 88.66
N LEU E 78 24.11 44.12 88.88
CA LEU E 78 24.35 45.12 87.86
C LEU E 78 25.79 45.59 87.99
N ALA E 79 26.48 45.61 86.85
CA ALA E 79 27.91 45.84 86.78
C ALA E 79 28.20 46.88 85.70
N ILE E 80 28.43 48.13 86.15
CA ILE E 80 28.77 49.21 85.24
C ILE E 80 30.30 49.20 85.09
N SER E 81 30.81 49.82 84.02
CA SER E 81 32.24 49.80 83.74
C SER E 81 32.64 51.02 82.91
N GLY E 82 33.44 51.90 83.51
CA GLY E 82 33.71 53.23 82.98
C GLY E 82 32.65 54.21 83.48
N LEU E 83 32.80 54.62 84.75
CA LEU E 83 31.88 55.54 85.39
C LEU E 83 32.05 56.93 84.81
N GLN E 84 31.03 57.78 85.05
CA GLN E 84 31.02 59.18 84.65
C GLN E 84 30.28 59.97 85.72
N SER E 85 30.17 61.30 85.48
CA SER E 85 29.35 62.19 86.29
C SER E 85 27.87 61.82 86.17
N GLU E 86 27.47 61.36 84.98
N GLU E 86 27.47 61.36 84.98
CA GLU E 86 26.08 60.98 84.70
CA GLU E 86 26.09 60.98 84.69
C GLU E 86 25.70 59.74 85.48
C GLU E 86 25.70 59.74 85.48
N ASP E 87 26.63 58.80 85.61
CA ASP E 87 26.38 57.49 86.20
C ASP E 87 26.15 57.53 87.71
N GLU E 88 26.51 58.64 88.36
CA GLU E 88 26.19 58.87 89.76
C GLU E 88 24.72 59.24 89.87
N ALA E 89 23.88 58.28 90.29
CA ALA E 89 22.43 58.41 90.27
C ALA E 89 21.80 57.54 91.35
N ASP E 90 20.60 57.02 91.07
CA ASP E 90 20.00 55.91 91.81
C ASP E 90 19.62 54.84 90.80
N TYR E 91 19.98 53.58 91.08
CA TYR E 91 19.77 52.47 90.15
C TYR E 91 18.99 51.35 90.84
N TYR E 92 17.79 51.06 90.32
CA TYR E 92 16.92 50.06 90.91
C TYR E 92 16.71 48.91 89.93
N CYS E 93 16.25 47.77 90.47
CA CYS E 93 16.04 46.53 89.75
C CYS E 93 14.55 46.20 89.76
N ALA E 94 14.16 45.28 88.86
CA ALA E 94 12.78 44.82 88.77
C ALA E 94 12.76 43.30 88.56
N ALA E 95 11.90 42.64 89.34
CA ALA E 95 11.75 41.20 89.31
C ALA E 95 10.35 40.81 89.83
N TRP E 96 9.86 39.67 89.32
CA TRP E 96 8.55 39.12 89.69
C TRP E 96 8.72 38.03 90.75
N ASP E 97 7.71 37.92 91.64
CA ASP E 97 7.71 36.97 92.74
C ASP E 97 6.46 36.10 92.66
N ASP E 98 6.64 34.83 92.25
CA ASP E 98 5.57 33.89 91.98
C ASP E 98 4.80 33.52 93.24
N ARG E 99 5.46 33.54 94.40
CA ARG E 99 4.91 32.96 95.63
C ARG E 99 3.83 33.87 96.22
N LEU E 100 4.07 35.19 96.21
CA LEU E 100 3.15 36.16 96.76
C LEU E 100 2.41 36.91 95.65
N ASN E 101 2.78 36.63 94.38
CA ASN E 101 2.06 37.14 93.22
C ASN E 101 2.15 38.67 93.14
N GLY E 102 3.32 39.18 92.75
CA GLY E 102 3.64 40.60 92.90
C GLY E 102 5.13 40.87 92.70
N VAL E 103 5.59 42.09 93.00
CA VAL E 103 6.99 42.45 92.88
C VAL E 103 7.70 42.03 94.18
N GLU F 6 5.71 58.60 67.74
CA GLU F 6 6.60 59.10 68.82
C GLU F 6 6.26 58.34 70.11
N VAL F 7 7.31 58.02 70.89
CA VAL F 7 7.20 57.41 72.20
C VAL F 7 6.59 58.41 73.19
N GLN F 8 5.25 58.40 73.28
CA GLN F 8 4.48 59.32 74.10
C GLN F 8 3.75 58.59 75.23
N LEU F 9 3.94 59.10 76.46
CA LEU F 9 3.20 58.66 77.63
C LEU F 9 2.81 59.89 78.46
N VAL F 10 1.61 60.42 78.18
CA VAL F 10 1.17 61.71 78.70
C VAL F 10 0.16 61.50 79.82
N GLU F 11 0.57 61.77 81.06
CA GLU F 11 -0.32 61.68 82.22
C GLU F 11 -1.33 62.82 82.19
N SER F 12 -2.52 62.56 82.76
CA SER F 12 -3.57 63.54 82.94
C SER F 12 -4.25 63.32 84.29
N GLY F 13 -4.69 64.40 84.94
CA GLY F 13 -5.28 64.34 86.26
C GLY F 13 -4.21 64.20 87.34
N GLY F 14 -4.61 63.68 88.51
CA GLY F 14 -3.75 63.60 89.69
C GLY F 14 -3.69 64.94 90.41
N GLY F 15 -3.79 64.91 91.74
CA GLY F 15 -3.84 66.13 92.53
C GLY F 15 -3.89 65.84 94.03
N LEU F 16 -4.90 66.41 94.71
CA LEU F 16 -5.11 66.17 96.13
C LEU F 16 -6.59 65.87 96.39
N VAL F 17 -6.84 64.84 97.21
CA VAL F 17 -8.16 64.50 97.72
C VAL F 17 -8.02 64.06 99.19
N GLN F 18 -9.09 64.26 99.95
CA GLN F 18 -9.13 63.94 101.38
C GLN F 18 -9.13 62.41 101.58
N PRO F 19 -8.64 61.89 102.74
CA PRO F 19 -8.62 60.46 103.03
C PRO F 19 -9.90 59.70 102.67
N GLY F 20 -9.74 58.57 101.96
CA GLY F 20 -10.85 57.75 101.49
C GLY F 20 -11.56 58.39 100.31
N GLY F 21 -10.79 58.98 99.39
CA GLY F 21 -11.33 59.64 98.22
C GLY F 21 -11.29 58.76 96.98
N SER F 22 -11.94 59.24 95.91
CA SER F 22 -11.84 58.67 94.58
C SER F 22 -10.87 59.52 93.76
N LEU F 23 -10.01 58.84 92.99
CA LEU F 23 -9.12 59.50 92.04
C LEU F 23 -8.80 58.54 90.90
N ARG F 24 -9.07 58.99 89.66
CA ARG F 24 -8.84 58.18 88.47
C ARG F 24 -7.73 58.83 87.64
N LEU F 25 -6.61 58.11 87.49
CA LEU F 25 -5.47 58.56 86.72
C LEU F 25 -5.66 58.16 85.26
N SER F 26 -4.78 58.65 84.38
CA SER F 26 -4.92 58.41 82.95
C SER F 26 -3.57 58.36 82.24
N CYS F 27 -3.59 57.97 80.96
CA CYS F 27 -2.49 58.13 80.04
C CYS F 27 -3.04 58.40 78.64
N ALA F 28 -2.14 58.77 77.72
CA ALA F 28 -2.38 58.75 76.29
C ALA F 28 -1.08 58.39 75.58
N ALA F 29 -1.20 57.86 74.36
CA ALA F 29 -0.07 57.43 73.56
C ALA F 29 -0.47 57.36 72.08
N SER F 30 0.55 57.30 71.21
CA SER F 30 0.35 57.16 69.78
C SER F 30 1.64 56.67 69.13
N GLY F 31 1.56 56.34 67.83
CA GLY F 31 2.70 55.88 67.06
C GLY F 31 2.96 54.40 67.32
N PHE F 32 3.52 54.10 68.51
CA PHE F 32 3.63 52.74 68.99
C PHE F 32 2.21 52.28 69.35
N THR F 33 1.76 51.19 68.69
CA THR F 33 0.39 50.74 68.74
C THR F 33 0.06 50.13 70.10
N PHE F 34 -0.61 50.93 70.95
CA PHE F 34 -0.86 50.70 72.36
C PHE F 34 -1.55 49.35 72.59
N ASN F 35 -2.41 48.94 71.66
CA ASN F 35 -3.24 47.74 71.78
C ASN F 35 -2.38 46.47 71.84
N THR F 36 -1.21 46.50 71.19
CA THR F 36 -0.42 45.31 70.96
C THR F 36 0.55 45.03 72.12
N TYR F 37 0.70 45.97 73.06
CA TYR F 37 1.74 45.88 74.08
C TYR F 37 1.12 45.92 75.48
N TRP F 38 1.88 45.37 76.45
CA TRP F 38 1.52 45.37 77.86
C TRP F 38 1.76 46.75 78.48
N MET F 39 0.90 47.12 79.44
CA MET F 39 1.04 48.35 80.22
C MET F 39 1.20 48.02 81.70
N SER F 40 1.52 49.04 82.50
CA SER F 40 1.70 48.89 83.93
C SER F 40 1.41 50.22 84.63
N TRP F 41 1.57 50.21 85.96
CA TRP F 41 1.68 51.40 86.78
C TRP F 41 2.80 51.21 87.79
N VAL F 42 3.60 52.27 87.98
CA VAL F 42 4.65 52.32 88.98
C VAL F 42 4.51 53.63 89.74
N ARG F 43 4.80 53.61 91.04
CA ARG F 43 4.64 54.77 91.90
C ARG F 43 5.95 55.01 92.66
N GLN F 44 6.20 56.30 92.98
CA GLN F 44 7.35 56.71 93.78
C GLN F 44 6.91 57.82 94.73
N ALA F 45 6.98 57.53 96.04
CA ALA F 45 6.71 58.51 97.07
C ALA F 45 7.91 59.44 97.24
N PRO F 46 7.72 60.75 97.51
CA PRO F 46 8.83 61.65 97.85
C PRO F 46 9.71 61.16 99.00
N GLY F 47 11.01 61.03 98.72
CA GLY F 47 11.97 60.49 99.67
C GLY F 47 11.83 58.98 99.81
N LYS F 48 11.42 58.31 98.72
CA LYS F 48 11.25 56.87 98.65
C LYS F 48 11.51 56.45 97.21
N GLY F 49 11.88 55.19 96.99
CA GLY F 49 12.16 54.68 95.66
C GLY F 49 10.93 54.06 95.01
N LEU F 50 11.16 53.34 93.90
CA LEU F 50 10.11 52.84 93.03
C LEU F 50 9.35 51.70 93.69
N GLU F 51 8.08 51.55 93.30
CA GLU F 51 7.19 50.50 93.77
C GLU F 51 6.17 50.21 92.68
N TRP F 52 6.09 48.94 92.28
CA TRP F 52 5.14 48.49 91.25
C TRP F 52 3.72 48.53 91.80
N VAL F 53 2.78 48.91 90.94
CA VAL F 53 1.38 49.08 91.30
C VAL F 53 0.57 47.92 90.70
N ALA F 54 0.51 47.84 89.36
CA ALA F 54 -0.37 46.90 88.67
C ALA F 54 0.11 46.59 87.26
N ASN F 55 -0.52 45.56 86.65
CA ASN F 55 -0.27 45.11 85.29
C ASN F 55 -1.58 44.69 84.62
N ILE F 56 -1.62 44.84 83.29
CA ILE F 56 -2.80 44.59 82.48
C ILE F 56 -2.38 43.72 81.27
N GLN F 57 -3.37 43.32 80.45
CA GLN F 57 -3.17 42.50 79.26
C GLN F 57 -3.59 43.32 78.04
N GLN F 58 -3.26 42.83 76.82
CA GLN F 58 -3.62 43.47 75.56
C GLN F 58 -5.14 43.61 75.41
N ASP F 59 -5.89 42.69 76.02
CA ASP F 59 -7.35 42.71 75.98
C ASP F 59 -7.93 42.75 77.38
N GLY F 60 -7.06 42.92 78.39
CA GLY F 60 -7.46 42.93 79.78
C GLY F 60 -7.96 41.58 80.28
N SER F 61 -7.38 40.50 79.74
CA SER F 61 -7.64 39.15 80.22
C SER F 61 -7.14 39.02 81.66
N GLU F 62 -5.82 39.16 81.82
CA GLU F 62 -5.17 39.11 83.13
C GLU F 62 -5.13 40.51 83.72
N LYS F 63 -5.33 40.59 85.04
CA LYS F 63 -5.10 41.78 85.83
C LYS F 63 -4.37 41.36 87.11
N ASP F 64 -3.41 42.17 87.56
CA ASP F 64 -2.66 41.86 88.76
C ASP F 64 -2.26 43.15 89.50
N TYR F 65 -2.11 43.03 90.83
CA TYR F 65 -1.82 44.15 91.71
C TYR F 65 -0.80 43.71 92.77
N LEU F 66 -0.48 44.62 93.71
CA LEU F 66 0.44 44.37 94.81
C LEU F 66 -0.32 43.64 95.92
N ASN F 67 -0.10 44.01 97.20
CA ASN F 67 -0.68 43.28 98.31
C ASN F 67 -1.08 44.22 99.46
N SER F 68 -1.54 45.43 99.11
CA SER F 68 -1.88 46.45 100.09
C SER F 68 -3.09 47.25 99.60
N VAL F 69 -3.08 47.60 98.31
CA VAL F 69 -4.16 48.28 97.62
C VAL F 69 -4.96 47.25 96.82
N ARG F 70 -5.03 46.01 97.33
CA ARG F 70 -5.66 44.89 96.64
C ARG F 70 -7.17 45.00 96.76
N GLY F 71 -7.84 45.15 95.61
CA GLY F 71 -9.29 45.30 95.57
C GLY F 71 -9.72 46.76 95.54
N ARG F 72 -8.84 47.65 96.02
CA ARG F 72 -9.06 49.09 96.04
C ARG F 72 -8.83 49.65 94.64
N PHE F 73 -7.65 49.40 94.08
CA PHE F 73 -7.27 49.90 92.76
C PHE F 73 -7.98 49.08 91.69
N THR F 74 -8.10 49.67 90.49
CA THR F 74 -8.76 49.05 89.34
C THR F 74 -8.08 49.51 88.06
N ILE F 75 -7.18 48.69 87.52
CA ILE F 75 -6.52 48.94 86.25
C ILE F 75 -7.50 48.61 85.11
N SER F 76 -7.46 49.43 84.05
CA SER F 76 -8.32 49.28 82.89
C SER F 76 -7.70 49.99 81.69
N ARG F 77 -8.26 49.76 80.49
CA ARG F 77 -7.74 50.38 79.28
C ARG F 77 -8.78 50.32 78.16
N ASP F 78 -8.81 51.39 77.35
CA ASP F 78 -9.53 51.42 76.08
C ASP F 78 -8.50 51.37 74.95
N ASN F 79 -8.55 50.30 74.14
CA ASN F 79 -7.52 50.00 73.15
C ASN F 79 -7.98 50.41 71.75
N ALA F 80 -9.12 51.10 71.66
CA ALA F 80 -9.53 51.79 70.45
C ALA F 80 -8.95 53.21 70.45
N LYS F 81 -8.83 53.79 71.65
CA LYS F 81 -8.37 55.16 71.84
C LYS F 81 -6.95 55.22 72.41
N LYS F 82 -6.35 54.04 72.66
CA LYS F 82 -4.97 53.92 73.10
C LYS F 82 -4.80 54.68 74.42
N SER F 83 -5.35 54.13 75.50
CA SER F 83 -5.49 54.86 76.75
C SER F 83 -5.55 53.91 77.95
N LEU F 84 -4.55 54.01 78.83
CA LEU F 84 -4.56 53.32 80.11
C LEU F 84 -5.28 54.18 81.15
N TYR F 85 -5.79 53.53 82.20
CA TYR F 85 -6.42 54.22 83.33
C TYR F 85 -6.06 53.52 84.63
N LEU F 86 -6.40 54.16 85.76
CA LEU F 86 -6.23 53.57 87.08
C LEU F 86 -7.16 54.27 88.07
N GLN F 87 -8.37 53.71 88.24
CA GLN F 87 -9.31 54.12 89.27
C GLN F 87 -8.81 53.65 90.63
N MET F 88 -8.60 54.60 91.54
CA MET F 88 -8.05 54.32 92.85
C MET F 88 -9.03 54.82 93.91
N ASN F 89 -9.80 53.88 94.47
CA ASN F 89 -10.80 54.15 95.49
C ASN F 89 -10.25 53.80 96.87
N SER F 90 -10.91 54.32 97.91
CA SER F 90 -10.52 54.12 99.29
C SER F 90 -9.05 54.52 99.48
N LEU F 91 -8.71 55.73 99.04
CA LEU F 91 -7.33 56.21 99.00
C LEU F 91 -6.83 56.48 100.41
N ARG F 92 -5.60 56.04 100.68
CA ARG F 92 -4.91 56.28 101.95
C ARG F 92 -3.80 57.31 101.70
N ALA F 93 -2.93 57.53 102.71
CA ALA F 93 -1.92 58.58 102.66
C ALA F 93 -0.52 58.01 102.42
N GLU F 94 -0.36 56.70 102.66
CA GLU F 94 0.79 55.94 102.18
C GLU F 94 0.83 55.97 100.65
N ASP F 95 -0.36 56.12 100.03
CA ASP F 95 -0.51 56.18 98.58
C ASP F 95 0.03 57.47 97.99
N THR F 96 0.62 58.35 98.83
CA THR F 96 1.31 59.53 98.32
C THR F 96 2.45 59.07 97.42
N ALA F 97 2.33 59.38 96.13
CA ALA F 97 3.38 59.06 95.16
C ALA F 97 3.15 59.80 93.84
N VAL F 98 4.22 59.88 93.05
CA VAL F 98 4.15 60.21 91.63
C VAL F 98 3.86 58.91 90.89
N TYR F 99 2.65 58.82 90.31
CA TYR F 99 2.19 57.64 89.62
C TYR F 99 2.59 57.73 88.14
N TYR F 100 3.55 56.89 87.75
CA TYR F 100 4.01 56.84 86.37
C TYR F 100 3.17 55.81 85.62
N CYS F 101 2.62 56.24 84.48
CA CYS F 101 2.10 55.29 83.51
C CYS F 101 3.28 54.54 82.91
N ALA F 102 3.60 53.39 83.50
CA ALA F 102 4.61 52.49 82.98
C ALA F 102 4.03 51.70 81.81
N ARG F 103 4.87 51.48 80.80
CA ARG F 103 4.60 50.48 79.77
C ARG F 103 5.67 49.39 79.88
N ASP F 104 5.26 48.14 79.70
CA ASP F 104 6.21 47.02 79.71
C ASP F 104 6.77 46.82 78.32
N ASN F 105 7.89 46.09 78.26
CA ASN F 105 8.55 45.75 77.01
C ASN F 105 7.82 44.53 76.46
N PRO F 106 7.78 44.27 75.14
CA PRO F 106 7.29 42.98 74.62
C PRO F 106 7.46 41.71 75.47
N ALA F 107 6.39 41.42 76.24
CA ALA F 107 6.33 40.54 77.41
C ALA F 107 7.65 39.99 77.98
N SER F 108 7.70 38.66 78.12
CA SER F 108 8.90 37.92 78.52
C SER F 108 9.53 38.43 79.81
N ALA F 109 8.67 38.70 80.81
CA ALA F 109 9.07 39.22 82.11
C ALA F 109 9.62 40.65 81.97
N VAL F 110 9.53 41.22 80.78
CA VAL F 110 10.30 42.40 80.42
C VAL F 110 9.58 43.60 81.01
N ALA F 111 10.18 44.20 82.05
CA ALA F 111 9.48 45.18 82.89
C ALA F 111 9.38 46.53 82.18
N PHE F 112 9.60 47.61 82.94
CA PHE F 112 9.12 48.93 82.59
C PHE F 112 9.92 49.51 81.42
N ASP F 113 9.44 49.27 80.20
CA ASP F 113 10.07 49.72 78.98
C ASP F 113 10.33 51.22 79.06
N VAL F 114 9.24 51.98 79.12
CA VAL F 114 9.26 53.44 79.11
C VAL F 114 8.49 53.95 80.32
N TRP F 115 8.73 55.22 80.65
CA TRP F 115 8.12 55.87 81.80
C TRP F 115 7.53 57.20 81.34
N GLY F 116 6.32 57.50 81.79
CA GLY F 116 5.71 58.79 81.54
C GLY F 116 6.25 59.85 82.49
N GLN F 117 5.75 61.09 82.35
CA GLN F 117 6.22 62.22 83.13
C GLN F 117 5.84 62.03 84.59
N GLY F 118 4.57 61.67 84.81
CA GLY F 118 4.10 61.24 86.13
C GLY F 118 3.04 62.17 86.70
N ALA F 119 2.10 61.58 87.46
CA ALA F 119 1.03 62.33 88.11
C ALA F 119 1.26 62.36 89.62
N MET F 120 1.49 63.57 90.15
CA MET F 120 1.60 63.78 91.58
C MET F 120 0.23 63.58 92.22
N VAL F 121 0.13 62.53 93.04
CA VAL F 121 -1.03 62.27 93.86
C VAL F 121 -0.59 62.36 95.33
N THR F 122 -0.92 63.50 95.97
CA THR F 122 -0.71 63.70 97.39
C THR F 122 -2.05 63.51 98.10
N VAL F 123 -2.01 62.82 99.25
CA VAL F 123 -3.20 62.56 100.04
C VAL F 123 -2.97 63.07 101.47
N SER F 124 -3.78 64.06 101.88
CA SER F 124 -3.64 64.73 103.17
C SER F 124 -4.94 65.44 103.55
N SER F 125 -5.06 65.81 104.83
CA SER F 125 -6.23 66.52 105.34
C SER F 125 -6.32 67.91 104.69
N ASN G 1 -29.74 72.20 -61.87
CA ASN G 1 -30.56 72.50 -60.67
C ASN G 1 -29.68 72.75 -59.45
N PHE G 2 -30.20 73.53 -58.49
CA PHE G 2 -29.64 73.67 -57.16
C PHE G 2 -30.09 72.46 -56.34
N LEU G 3 -31.40 72.39 -56.06
CA LEU G 3 -32.11 71.21 -55.58
C LEU G 3 -33.58 71.57 -55.37
N GLN G 4 -34.39 70.59 -54.93
CA GLN G 4 -35.75 70.84 -54.50
C GLN G 4 -36.07 70.01 -53.25
N TYR G 5 -36.14 68.68 -53.43
CA TYR G 5 -36.20 67.69 -52.37
C TYR G 5 -37.40 67.89 -51.44
N HIS G 6 -37.15 67.88 -50.13
CA HIS G 6 -38.06 68.32 -49.10
C HIS G 6 -39.24 67.36 -48.93
N PHE G 7 -39.05 66.30 -48.14
CA PHE G 7 -40.16 65.41 -47.77
C PHE G 7 -39.73 64.51 -46.62
N LYS G 8 -39.56 65.11 -45.44
CA LYS G 8 -39.15 64.41 -44.23
C LYS G 8 -40.40 63.83 -43.55
N GLU G 9 -40.51 62.49 -43.54
CA GLU G 9 -41.67 61.79 -43.01
C GLU G 9 -41.28 61.04 -41.73
N LEU G 10 -42.28 60.68 -40.93
CA LEU G 10 -42.13 59.68 -39.88
C LEU G 10 -42.04 58.29 -40.50
N SER G 11 -41.50 57.34 -39.72
CA SER G 11 -41.46 55.92 -40.04
C SER G 11 -40.74 55.66 -41.36
N ASN G 12 -41.50 55.17 -42.36
CA ASN G 12 -40.98 54.80 -43.68
C ASN G 12 -42.15 54.55 -44.63
N TYR G 13 -42.20 55.29 -45.74
CA TYR G 13 -43.31 55.23 -46.68
C TYR G 13 -42.77 55.20 -48.11
N ASN G 14 -43.61 54.68 -49.03
CA ASN G 14 -43.33 54.54 -50.46
C ASN G 14 -42.13 53.62 -50.69
N ILE G 15 -42.42 52.39 -51.12
CA ILE G 15 -41.43 51.38 -51.45
C ILE G 15 -40.53 51.13 -50.23
N ALA G 16 -41.11 51.31 -49.04
CA ALA G 16 -40.38 51.37 -47.77
C ALA G 16 -41.34 51.21 -46.59
N ASN G 17 -40.86 50.57 -45.51
CA ASN G 17 -41.72 50.10 -44.41
C ASN G 17 -40.91 49.47 -43.27
N SER G 18 -41.56 49.25 -42.13
CA SER G 18 -41.14 48.31 -41.09
C SER G 18 -40.23 48.89 -40.02
N ILE G 19 -39.24 49.72 -40.38
CA ILE G 19 -38.20 50.19 -39.48
C ILE G 19 -37.23 49.05 -39.19
N ASP G 20 -35.93 49.31 -39.38
CA ASP G 20 -34.88 48.34 -39.20
C ASP G 20 -33.93 48.82 -38.09
N ILE G 21 -33.26 47.87 -37.44
CA ILE G 21 -32.04 48.11 -36.69
C ILE G 21 -30.84 47.64 -37.52
N LEU G 22 -29.71 47.49 -36.83
CA LEU G 22 -28.49 46.98 -37.44
C LEU G 22 -27.84 45.92 -36.55
N GLN G 23 -27.57 44.75 -37.13
CA GLN G 23 -26.74 43.71 -36.55
C GLN G 23 -25.80 43.20 -37.64
N GLU G 24 -24.81 44.03 -37.97
CA GLU G 24 -23.75 43.70 -38.91
C GLU G 24 -23.11 42.36 -38.53
N LYS G 25 -22.76 42.22 -37.25
CA LYS G 25 -22.32 40.96 -36.67
C LYS G 25 -23.45 40.35 -35.82
N GLU G 26 -23.33 39.06 -35.54
CA GLU G 26 -24.23 38.33 -34.65
C GLU G 26 -23.70 38.42 -33.21
N GLY G 27 -24.31 39.30 -32.40
CA GLY G 27 -23.86 39.53 -31.04
C GLY G 27 -24.11 40.96 -30.57
N HIS G 28 -24.07 41.92 -31.51
CA HIS G 28 -24.23 43.33 -31.21
C HIS G 28 -25.36 43.93 -32.07
N LEU G 29 -26.06 44.91 -31.50
CA LEU G 29 -27.11 45.65 -32.18
C LEU G 29 -26.97 47.14 -31.92
N ASP G 30 -27.21 47.97 -32.95
CA ASP G 30 -27.36 49.41 -32.84
C ASP G 30 -28.46 49.89 -33.79
N PHE G 31 -28.99 51.08 -33.52
CA PHE G 31 -29.99 51.76 -34.33
C PHE G 31 -29.44 53.12 -34.76
N VAL G 32 -29.94 53.63 -35.89
CA VAL G 32 -29.49 54.89 -36.46
C VAL G 32 -30.70 55.78 -36.76
N ILE G 33 -30.89 56.81 -35.93
CA ILE G 33 -32.03 57.71 -36.05
C ILE G 33 -31.71 58.76 -37.12
N ILE G 34 -32.43 58.67 -38.25
CA ILE G 34 -32.04 59.32 -39.50
C ILE G 34 -31.95 60.83 -39.34
N PRO G 35 -32.93 61.53 -38.70
CA PRO G 35 -32.80 62.95 -38.42
C PRO G 35 -31.62 63.30 -37.50
N HIS G 36 -31.36 62.42 -36.52
CA HIS G 36 -30.39 62.66 -35.46
C HIS G 36 -28.96 62.38 -35.93
N TYR G 37 -28.79 61.96 -37.20
CA TYR G 37 -27.47 61.70 -37.75
C TYR G 37 -27.13 62.77 -38.79
N THR G 38 -28.12 63.15 -39.62
CA THR G 38 -27.98 64.26 -40.56
C THR G 38 -27.66 65.55 -39.81
N PHE G 39 -28.24 65.69 -38.60
CA PHE G 39 -28.08 66.88 -37.80
C PHE G 39 -26.63 66.99 -37.33
N LEU G 40 -26.13 65.90 -36.72
CA LEU G 40 -24.79 65.87 -36.17
C LEU G 40 -23.73 65.84 -37.27
N ASP G 41 -24.18 65.57 -38.49
CA ASP G 41 -23.34 65.61 -39.69
C ASP G 41 -23.29 67.03 -40.25
N TYR G 42 -24.44 67.72 -40.25
CA TYR G 42 -24.55 69.08 -40.79
C TYR G 42 -23.59 70.02 -40.07
N TYR G 43 -23.54 69.90 -38.73
CA TYR G 43 -22.84 70.85 -37.87
C TYR G 43 -21.44 70.36 -37.53
N LYS G 44 -21.10 69.13 -37.95
CA LYS G 44 -19.71 68.71 -37.99
C LYS G 44 -19.12 69.08 -39.36
N HIS G 45 -20.01 69.31 -40.34
CA HIS G 45 -19.63 69.92 -41.61
C HIS G 45 -20.12 71.37 -41.65
N LEU G 46 -19.75 72.16 -40.62
CA LEU G 46 -19.97 73.59 -40.59
C LEU G 46 -18.94 74.23 -39.66
N SER G 47 -18.86 73.68 -38.44
CA SER G 47 -17.85 74.02 -37.44
C SER G 47 -16.44 74.01 -38.06
N TYR G 48 -16.18 73.03 -38.93
CA TYR G 48 -14.89 72.87 -39.58
C TYR G 48 -14.71 73.90 -40.71
N ASN G 49 -15.77 74.16 -41.48
CA ASN G 49 -15.69 75.06 -42.62
C ASN G 49 -15.17 76.44 -42.20
N SER G 50 -15.73 76.95 -41.10
CA SER G 50 -15.39 78.25 -40.54
C SER G 50 -13.91 78.36 -40.21
N ILE G 51 -13.39 77.38 -39.45
CA ILE G 51 -12.05 77.44 -38.90
C ILE G 51 -11.00 77.23 -39.99
N TYR G 52 -11.38 76.54 -41.07
CA TYR G 52 -10.47 76.22 -42.16
C TYR G 52 -10.53 77.29 -43.26
N HIS G 53 -11.24 78.40 -42.99
CA HIS G 53 -11.13 79.59 -43.82
C HIS G 53 -10.01 80.48 -43.28
N LYS G 54 -10.01 80.72 -41.96
CA LYS G 54 -9.14 81.71 -41.34
C LYS G 54 -7.89 81.04 -40.77
N SER G 55 -6.78 81.79 -40.77
CA SER G 55 -5.45 81.26 -40.46
C SER G 55 -5.27 81.03 -38.97
N SER G 56 -5.77 81.97 -38.15
CA SER G 56 -5.68 81.90 -36.70
C SER G 56 -6.47 80.72 -36.16
N THR G 57 -7.55 80.34 -36.86
CA THR G 57 -8.51 79.34 -36.42
C THR G 57 -8.09 77.92 -36.80
N TYR G 58 -6.98 77.80 -37.56
CA TYR G 58 -6.36 76.52 -37.82
C TYR G 58 -5.91 75.90 -36.49
N GLY G 59 -5.68 76.74 -35.48
CA GLY G 59 -5.31 76.31 -34.14
C GLY G 59 -6.45 75.58 -33.43
N LYS G 60 -7.70 75.93 -33.78
CA LYS G 60 -8.88 75.52 -33.03
C LYS G 60 -9.32 74.09 -33.37
N CYS G 61 -8.84 73.55 -34.50
CA CYS G 61 -9.41 72.33 -35.06
C CYS G 61 -9.18 71.11 -34.18
N ILE G 62 -8.25 71.20 -33.22
CA ILE G 62 -8.07 70.18 -32.19
C ILE G 62 -9.27 70.20 -31.25
N ALA G 63 -9.70 71.41 -30.87
CA ALA G 63 -10.80 71.61 -29.94
C ALA G 63 -12.14 71.32 -30.60
N VAL G 64 -12.27 71.69 -31.89
CA VAL G 64 -13.49 71.50 -32.66
C VAL G 64 -13.72 70.00 -32.89
N ASP G 65 -12.64 69.28 -33.18
CA ASP G 65 -12.63 67.82 -33.31
C ASP G 65 -13.10 67.18 -32.01
N ALA G 66 -12.44 67.55 -30.90
CA ALA G 66 -12.66 66.95 -29.59
C ALA G 66 -14.04 67.29 -29.05
N PHE G 67 -14.62 68.42 -29.51
CA PHE G 67 -15.98 68.81 -29.17
C PHE G 67 -16.97 67.85 -29.83
N ILE G 68 -16.84 67.69 -31.16
CA ILE G 68 -17.72 66.84 -31.96
C ILE G 68 -17.62 65.40 -31.46
N LYS G 69 -16.40 64.96 -31.16
CA LYS G 69 -16.13 63.66 -30.57
C LYS G 69 -16.96 63.46 -29.30
N LYS G 70 -16.95 64.47 -28.43
CA LYS G 70 -17.55 64.36 -27.10
C LYS G 70 -19.07 64.54 -27.15
N ILE G 71 -19.58 65.12 -28.25
CA ILE G 71 -21.02 65.13 -28.51
C ILE G 71 -21.45 63.72 -28.97
N ASN G 72 -20.70 63.16 -29.93
CA ASN G 72 -20.93 61.81 -30.42
C ASN G 72 -20.29 60.82 -29.45
N GLU G 73 -20.83 60.77 -28.22
CA GLU G 73 -20.36 59.97 -27.11
C GLU G 73 -21.36 60.11 -25.96
N ALA G 74 -21.77 61.35 -25.70
CA ALA G 74 -22.92 61.65 -24.86
C ALA G 74 -24.18 61.13 -25.55
N TYR G 75 -24.19 61.23 -26.89
CA TYR G 75 -25.23 60.64 -27.74
C TYR G 75 -25.28 59.12 -27.53
N ASP G 76 -24.10 58.49 -27.49
CA ASP G 76 -23.96 57.04 -27.32
C ASP G 76 -24.21 56.63 -25.87
N LYS G 77 -24.28 57.60 -24.94
CA LYS G 77 -24.63 57.34 -23.55
C LYS G 77 -26.15 57.30 -23.36
N VAL G 78 -26.90 57.61 -24.43
CA VAL G 78 -28.34 57.36 -24.45
C VAL G 78 -28.55 55.85 -24.61
N LYS G 79 -27.63 55.21 -25.37
CA LYS G 79 -27.60 53.77 -25.55
C LYS G 79 -26.92 53.10 -24.35
N SER G 80 -27.23 53.57 -23.14
CA SER G 80 -26.76 52.97 -21.91
C SER G 80 -27.88 52.17 -21.25
N LYS G 81 -29.13 52.61 -21.49
CA LYS G 81 -30.32 51.98 -20.95
C LYS G 81 -31.31 51.62 -22.06
N CYS G 82 -30.94 51.90 -23.32
CA CYS G 82 -31.62 51.31 -24.48
C CYS G 82 -30.81 50.10 -24.95
N ASN G 83 -30.29 49.34 -23.97
CA ASN G 83 -29.16 48.43 -24.17
C ASN G 83 -29.49 47.05 -23.60
N ASP G 84 -29.95 47.01 -22.34
CA ASP G 84 -30.30 45.76 -21.68
C ASP G 84 -31.55 45.14 -22.33
N ILE G 85 -32.47 45.99 -22.81
CA ILE G 85 -33.65 45.53 -23.52
C ILE G 85 -33.27 45.12 -24.94
N LYS G 86 -32.28 45.83 -25.52
CA LYS G 86 -31.68 45.50 -26.79
C LYS G 86 -31.04 44.11 -26.74
N ASN G 87 -30.32 43.82 -25.64
CA ASN G 87 -29.61 42.56 -25.46
C ASN G 87 -30.61 41.40 -25.31
N ASP G 88 -31.77 41.69 -24.70
CA ASP G 88 -32.83 40.70 -24.56
C ASP G 88 -33.55 40.49 -25.89
N LEU G 89 -33.56 41.54 -26.73
CA LEU G 89 -34.07 41.44 -28.09
C LEU G 89 -33.14 40.57 -28.93
N ILE G 90 -31.83 40.61 -28.64
CA ILE G 90 -30.83 39.82 -29.34
C ILE G 90 -31.00 38.33 -28.99
N ALA G 91 -31.51 38.03 -27.78
CA ALA G 91 -31.65 36.65 -27.33
C ALA G 91 -32.79 35.98 -28.10
N THR G 92 -33.82 36.77 -28.42
CA THR G 92 -34.95 36.32 -29.22
C THR G 92 -34.48 36.08 -30.65
N ILE G 93 -33.69 37.02 -31.17
CA ILE G 93 -33.12 36.96 -32.52
C ILE G 93 -32.16 35.79 -32.64
N LYS G 94 -31.46 35.45 -31.54
CA LYS G 94 -30.57 34.30 -31.49
C LYS G 94 -31.34 33.02 -31.80
N LYS G 95 -32.51 32.86 -31.18
CA LYS G 95 -33.31 31.65 -31.29
C LYS G 95 -34.15 31.63 -32.56
N LEU G 96 -34.37 32.81 -33.17
CA LEU G 96 -35.00 32.92 -34.48
C LEU G 96 -34.05 32.52 -35.62
N GLU G 97 -32.75 32.81 -35.48
CA GLU G 97 -31.80 32.69 -36.58
C GLU G 97 -31.13 31.32 -36.65
N HIS G 98 -30.83 30.74 -35.49
CA HIS G 98 -30.32 29.38 -35.42
C HIS G 98 -31.19 28.59 -34.46
N PRO G 99 -32.32 28.00 -34.94
CA PRO G 99 -33.37 27.47 -34.07
C PRO G 99 -32.96 26.37 -33.10
N TYR G 100 -31.92 25.60 -33.44
CA TYR G 100 -31.18 24.70 -32.56
C TYR G 100 -31.63 24.78 -31.10
N ASP G 101 -32.82 24.21 -30.82
CA ASP G 101 -33.43 24.19 -29.50
C ASP G 101 -34.62 23.23 -29.51
N ILE G 102 -34.63 22.32 -28.53
CA ILE G 102 -35.59 21.23 -28.38
C ILE G 102 -36.45 20.97 -29.62
N ASN G 103 -37.63 21.62 -29.73
CA ASN G 103 -38.39 21.66 -30.97
C ASN G 103 -38.64 23.13 -31.34
N ASN G 104 -37.57 23.93 -31.30
CA ASN G 104 -37.62 25.39 -31.37
C ASN G 104 -38.48 25.97 -30.23
N LYS G 105 -38.27 25.44 -29.02
CA LYS G 105 -39.00 25.82 -27.82
C LYS G 105 -40.48 25.45 -27.97
N ASN G 106 -40.70 24.24 -28.51
CA ASN G 106 -42.00 23.63 -28.71
C ASN G 106 -42.73 24.26 -29.91
N ARG G 107 -43.14 25.53 -29.79
CA ARG G 107 -44.05 26.13 -30.76
C ARG G 107 -43.21 26.69 -31.90
N ALA G 108 -42.64 25.79 -32.72
CA ALA G 108 -41.70 26.11 -33.79
C ALA G 108 -42.29 27.08 -34.81
N PHE G 109 -43.62 27.00 -34.97
CA PHE G 109 -44.35 27.83 -35.93
C PHE G 109 -44.13 29.30 -35.61
N LYS G 110 -44.23 29.64 -34.32
CA LYS G 110 -43.89 30.96 -33.79
C LYS G 110 -42.95 30.72 -32.62
N LYS G 111 -43.48 30.94 -31.40
CA LYS G 111 -42.84 30.89 -30.10
C LYS G 111 -41.90 32.07 -29.88
N MET G 112 -41.00 32.28 -30.86
CA MET G 112 -40.05 33.38 -30.82
C MET G 112 -40.59 34.57 -31.62
N MET G 113 -41.44 34.30 -32.62
CA MET G 113 -41.92 35.34 -33.51
C MET G 113 -42.74 36.37 -32.73
N ASP G 114 -43.45 35.91 -31.69
CA ASP G 114 -44.26 36.75 -30.82
C ASP G 114 -43.36 37.64 -29.96
N GLU G 115 -42.32 37.01 -29.39
CA GLU G 115 -41.31 37.68 -28.59
C GLU G 115 -40.66 38.80 -29.39
N TYR G 116 -40.31 38.53 -30.65
CA TYR G 116 -39.79 39.52 -31.59
C TYR G 116 -40.75 40.70 -31.66
N ASN G 117 -42.06 40.43 -31.82
CA ASN G 117 -43.05 41.48 -31.99
C ASN G 117 -43.17 42.32 -30.72
N THR G 118 -43.10 41.65 -29.56
CA THR G 118 -43.15 42.33 -28.28
C THR G 118 -41.88 43.20 -28.12
N LYS G 119 -40.73 42.54 -28.28
CA LYS G 119 -39.45 43.10 -27.87
C LYS G 119 -38.97 44.15 -28.85
N LYS G 120 -39.41 44.09 -30.11
CA LYS G 120 -39.04 45.08 -31.11
C LYS G 120 -39.72 46.40 -30.77
N LYS G 121 -41.01 46.33 -30.41
CA LYS G 121 -41.79 47.51 -30.07
C LYS G 121 -41.32 48.12 -28.74
N LYS G 122 -40.77 47.26 -27.86
CA LYS G 122 -40.23 47.70 -26.58
C LYS G 122 -39.00 48.59 -26.79
N LEU G 123 -38.20 48.26 -27.82
CA LEU G 123 -37.01 49.03 -28.16
C LEU G 123 -37.44 50.36 -28.78
N ILE G 124 -38.31 50.28 -29.81
CA ILE G 124 -38.87 51.44 -30.49
C ILE G 124 -39.49 52.41 -29.49
N LYS G 125 -40.08 51.86 -28.42
CA LYS G 125 -40.62 52.65 -27.33
C LYS G 125 -39.49 53.38 -26.60
N CYS G 126 -38.46 52.63 -26.17
CA CYS G 126 -37.39 53.16 -25.34
C CYS G 126 -36.56 54.20 -26.08
N ILE G 127 -36.52 54.10 -27.43
CA ILE G 127 -35.91 55.12 -28.26
C ILE G 127 -36.72 56.42 -28.14
N LYS G 128 -38.05 56.32 -28.36
CA LYS G 128 -38.92 57.48 -28.34
C LYS G 128 -39.14 57.99 -26.90
N ASN G 129 -38.92 57.11 -25.91
CA ASN G 129 -38.99 57.44 -24.50
C ASN G 129 -37.84 58.36 -24.09
N HIS G 130 -36.67 58.21 -24.74
CA HIS G 130 -35.55 59.11 -24.50
C HIS G 130 -35.18 59.85 -25.78
N GLU G 131 -36.21 60.39 -26.48
CA GLU G 131 -36.01 61.19 -27.68
C GLU G 131 -35.71 62.64 -27.27
N ASN G 132 -36.15 63.01 -26.06
CA ASN G 132 -35.88 64.31 -25.47
C ASN G 132 -34.39 64.52 -25.25
N ASP G 133 -33.73 63.50 -24.68
CA ASP G 133 -32.33 63.58 -24.27
C ASP G 133 -31.43 63.66 -25.51
N PHE G 134 -31.88 63.04 -26.61
CA PHE G 134 -31.23 63.13 -27.90
C PHE G 134 -31.33 64.56 -28.45
N ASN G 135 -32.52 65.16 -28.36
CA ASN G 135 -32.81 66.48 -28.90
C ASN G 135 -32.05 67.59 -28.17
N LYS G 136 -31.69 67.36 -26.90
CA LYS G 136 -30.77 68.25 -26.20
C LYS G 136 -29.38 68.19 -26.84
N ILE G 137 -28.83 66.97 -26.93
CA ILE G 137 -27.50 66.70 -27.48
C ILE G 137 -27.46 67.07 -28.96
N CYS G 138 -28.63 66.99 -29.61
CA CYS G 138 -28.81 67.43 -30.99
C CYS G 138 -28.55 68.93 -31.12
N MET G 139 -29.26 69.76 -30.33
CA MET G 139 -29.21 71.21 -30.43
C MET G 139 -27.81 71.76 -30.11
N ASP G 140 -27.06 71.03 -29.28
CA ASP G 140 -25.70 71.37 -28.91
C ASP G 140 -24.84 71.63 -30.15
N MET G 141 -24.93 70.70 -31.12
CA MET G 141 -24.13 70.73 -32.32
C MET G 141 -24.55 71.90 -33.21
N LYS G 142 -25.86 72.21 -33.24
CA LYS G 142 -26.38 73.38 -33.92
C LYS G 142 -25.70 74.65 -33.41
N ASN G 143 -25.69 74.81 -32.08
CA ASN G 143 -25.28 76.04 -31.42
C ASN G 143 -23.78 76.31 -31.67
N TYR G 144 -22.97 75.27 -31.48
CA TYR G 144 -21.52 75.35 -31.56
C TYR G 144 -21.09 75.64 -33.01
N GLY G 145 -21.67 74.90 -33.96
CA GLY G 145 -21.40 75.09 -35.38
C GLY G 145 -21.79 76.48 -35.85
N THR G 146 -22.92 76.99 -35.33
CA THR G 146 -23.41 78.33 -35.65
C THR G 146 -22.50 79.38 -35.01
N ASN G 147 -22.11 79.13 -33.76
CA ASN G 147 -21.26 80.01 -32.96
C ASN G 147 -19.93 80.26 -33.68
N LEU G 148 -19.31 79.19 -34.18
CA LEU G 148 -18.03 79.27 -34.87
C LEU G 148 -18.22 79.84 -36.28
N PHE G 149 -19.43 79.72 -36.83
CA PHE G 149 -19.78 80.33 -38.11
C PHE G 149 -19.94 81.84 -37.95
N GLU G 150 -20.27 82.29 -36.73
CA GLU G 150 -20.32 83.71 -36.42
C GLU G 150 -18.91 84.29 -36.33
N GLN G 151 -17.98 83.54 -35.71
CA GLN G 151 -16.61 83.99 -35.49
C GLN G 151 -15.80 83.88 -36.79
N LEU G 152 -16.10 84.78 -37.73
CA LEU G 152 -15.42 84.87 -39.01
C LEU G 152 -14.82 86.27 -39.18
N SER G 153 -13.85 86.39 -40.10
CA SER G 153 -13.09 87.62 -40.27
C SER G 153 -12.96 87.99 -41.74
N CYS G 154 -14.07 88.44 -42.35
CA CYS G 154 -14.06 89.11 -43.64
C CYS G 154 -14.69 90.49 -43.51
N TYR G 155 -14.54 91.30 -44.56
CA TYR G 155 -14.81 92.72 -44.54
C TYR G 155 -16.26 92.97 -44.99
N ASN G 156 -16.95 91.95 -45.54
CA ASN G 156 -17.94 92.18 -46.58
C ASN G 156 -17.25 93.11 -47.58
N ASN G 157 -16.14 92.63 -48.14
CA ASN G 157 -15.66 93.14 -49.42
C ASN G 157 -16.81 92.88 -50.41
N ASN G 158 -17.03 93.79 -51.36
CA ASN G 158 -17.65 93.41 -52.62
C ASN G 158 -17.06 92.11 -53.17
N PHE G 159 -15.76 91.87 -52.93
CA PHE G 159 -15.06 90.71 -53.44
C PHE G 159 -14.29 90.04 -52.29
N CYS G 160 -14.89 88.97 -51.73
CA CYS G 160 -14.32 88.19 -50.65
C CYS G 160 -13.93 86.80 -51.17
N ASN G 161 -13.28 85.99 -50.35
CA ASN G 161 -12.72 84.71 -50.77
C ASN G 161 -13.81 83.63 -50.85
N THR G 162 -13.73 82.80 -51.89
CA THR G 162 -14.77 81.86 -52.27
C THR G 162 -14.01 80.79 -53.04
N ASN G 163 -12.75 80.57 -52.61
CA ASN G 163 -11.88 79.56 -53.17
C ASN G 163 -11.46 78.74 -51.97
N GLY G 164 -10.80 79.40 -51.01
CA GLY G 164 -10.52 78.84 -49.68
C GLY G 164 -11.58 77.98 -48.96
N ILE G 165 -12.73 77.65 -49.58
CA ILE G 165 -13.60 76.54 -49.23
C ILE G 165 -12.86 75.22 -49.44
N ARG G 166 -12.10 75.12 -50.56
CA ARG G 166 -11.05 74.16 -50.91
C ARG G 166 -10.82 73.05 -49.87
N TYR G 167 -10.64 73.49 -48.62
CA TYR G 167 -9.96 72.69 -47.62
C TYR G 167 -10.78 71.45 -47.33
N HIS G 168 -12.06 71.65 -46.95
CA HIS G 168 -12.89 70.58 -46.41
C HIS G 168 -13.19 69.55 -47.50
N TYR G 169 -13.46 70.04 -48.72
CA TYR G 169 -13.73 69.21 -49.90
C TYR G 169 -12.60 68.19 -50.11
N ASP G 170 -11.37 68.70 -50.33
CA ASP G 170 -10.26 67.89 -50.78
C ASP G 170 -9.62 67.09 -49.64
N GLU G 171 -9.99 67.41 -48.39
CA GLU G 171 -9.43 66.72 -47.23
C GLU G 171 -10.46 65.77 -46.62
N TYR G 172 -11.75 65.96 -46.93
CA TYR G 172 -12.81 65.14 -46.34
C TYR G 172 -13.69 64.51 -47.41
N ILE G 173 -14.13 65.30 -48.40
CA ILE G 173 -15.18 64.89 -49.32
C ILE G 173 -14.61 64.09 -50.48
N HIS G 174 -13.68 64.70 -51.22
CA HIS G 174 -13.12 64.15 -52.46
C HIS G 174 -12.41 62.81 -52.21
N LYS G 175 -11.97 62.58 -50.96
CA LYS G 175 -11.39 61.30 -50.57
C LYS G 175 -12.47 60.21 -50.60
N LEU G 176 -13.68 60.55 -50.15
CA LEU G 176 -14.77 59.61 -49.92
C LEU G 176 -15.55 59.36 -51.21
N ILE G 177 -15.50 60.28 -52.19
CA ILE G 177 -16.20 60.07 -53.45
C ILE G 177 -15.52 58.94 -54.24
N LEU G 178 -14.20 58.83 -54.14
CA LEU G 178 -13.45 57.74 -54.76
C LEU G 178 -13.82 56.41 -54.11
N SER G 179 -13.99 56.41 -52.78
CA SER G 179 -14.37 55.22 -52.02
C SER G 179 -15.71 54.66 -52.52
N VAL G 180 -16.62 55.55 -52.93
CA VAL G 180 -17.97 55.18 -53.34
C VAL G 180 -17.98 54.73 -54.81
N LYS G 181 -17.18 55.39 -55.67
CA LYS G 181 -17.12 55.04 -57.09
C LYS G 181 -16.43 53.70 -57.28
N SER G 182 -15.56 53.32 -56.33
CA SER G 182 -14.84 52.04 -56.34
C SER G 182 -15.79 50.88 -56.06
N LYS G 183 -16.88 51.15 -55.32
CA LYS G 183 -17.92 50.17 -55.05
C LYS G 183 -19.13 50.48 -55.92
N ASN G 184 -19.01 50.24 -57.23
CA ASN G 184 -19.99 50.67 -58.22
C ASN G 184 -21.37 50.14 -57.84
N LEU G 185 -22.22 51.03 -57.30
CA LEU G 185 -23.51 50.66 -56.74
C LEU G 185 -24.53 50.26 -57.81
N ASN G 186 -24.30 50.70 -59.06
CA ASN G 186 -25.17 50.36 -60.18
C ASN G 186 -25.19 48.86 -60.41
N LYS G 187 -24.00 48.24 -60.32
CA LYS G 187 -23.83 46.80 -60.39
C LYS G 187 -24.51 46.13 -59.19
N ASP G 188 -24.30 46.72 -58.00
CA ASP G 188 -24.78 46.18 -56.74
C ASP G 188 -26.29 45.99 -56.75
N LEU G 189 -27.03 46.97 -57.32
CA LEU G 189 -28.46 46.89 -57.49
C LEU G 189 -28.93 45.58 -58.14
N SER G 190 -28.30 45.18 -59.22
CA SER G 190 -28.64 44.03 -60.05
C SER G 190 -27.99 42.74 -59.55
N ASP G 191 -27.66 42.65 -58.25
CA ASP G 191 -27.12 41.45 -57.62
C ASP G 191 -28.03 41.03 -56.47
N MET G 192 -28.37 41.98 -55.58
CA MET G 192 -29.21 41.76 -54.42
C MET G 192 -30.63 41.35 -54.83
N THR G 193 -31.13 41.93 -55.92
CA THR G 193 -32.45 41.64 -56.45
C THR G 193 -32.54 40.17 -56.83
N ASN G 194 -31.51 39.69 -57.55
CA ASN G 194 -31.50 38.35 -58.11
C ASN G 194 -31.41 37.30 -57.01
N ILE G 195 -30.62 37.58 -55.97
CA ILE G 195 -30.50 36.73 -54.79
C ILE G 195 -31.86 36.58 -54.11
N LEU G 196 -32.61 37.69 -54.04
CA LEU G 196 -33.93 37.70 -53.44
C LEU G 196 -34.94 36.97 -54.32
N GLN G 197 -34.83 37.16 -55.64
CA GLN G 197 -35.71 36.53 -56.60
C GLN G 197 -35.60 35.01 -56.53
N GLN G 198 -34.36 34.50 -56.45
CA GLN G 198 -34.09 33.07 -56.49
C GLN G 198 -34.54 32.39 -55.20
N SER G 199 -34.46 33.12 -54.07
CA SER G 199 -34.88 32.58 -52.79
C SER G 199 -36.41 32.53 -52.68
N GLU G 200 -37.08 33.37 -53.49
CA GLU G 200 -38.54 33.45 -53.48
C GLU G 200 -39.07 32.31 -54.36
N LEU G 201 -38.40 32.07 -55.51
CA LEU G 201 -38.77 31.05 -56.48
C LEU G 201 -38.61 29.67 -55.87
N LEU G 202 -37.54 29.47 -55.09
CA LEU G 202 -37.29 28.22 -54.41
C LEU G 202 -38.33 27.97 -53.32
N LEU G 203 -38.79 29.08 -52.70
CA LEU G 203 -39.86 29.06 -51.72
C LEU G 203 -41.19 28.63 -52.36
N THR G 204 -41.47 29.17 -53.55
CA THR G 204 -42.67 28.84 -54.32
C THR G 204 -42.73 27.33 -54.56
N ASN G 205 -41.58 26.74 -54.91
CA ASN G 205 -41.50 25.32 -55.26
C ASN G 205 -41.50 24.45 -54.00
N LEU G 206 -40.77 24.87 -52.96
CA LEU G 206 -40.69 24.13 -51.71
C LEU G 206 -42.06 24.09 -51.02
N ASN G 207 -42.85 25.16 -51.21
CA ASN G 207 -44.24 25.18 -50.79
C ASN G 207 -45.02 24.07 -51.49
N LYS G 208 -44.88 23.98 -52.82
CA LYS G 208 -45.67 23.10 -53.67
C LYS G 208 -45.29 21.63 -53.41
N LYS G 209 -44.00 21.40 -53.10
CA LYS G 209 -43.50 20.06 -52.88
C LYS G 209 -43.46 19.77 -51.38
N MET G 210 -42.48 18.95 -51.00
CA MET G 210 -42.13 18.62 -49.62
C MET G 210 -41.93 19.88 -48.79
N GLY G 211 -43.06 20.43 -48.30
CA GLY G 211 -43.05 21.54 -47.37
C GLY G 211 -42.05 21.29 -46.24
N SER G 212 -42.32 20.23 -45.47
CA SER G 212 -41.36 19.55 -44.62
C SER G 212 -40.95 20.37 -43.41
N TYR G 213 -40.70 19.68 -42.29
CA TYR G 213 -40.68 20.23 -40.95
C TYR G 213 -39.79 21.46 -40.84
N ILE G 214 -38.68 21.49 -41.60
CA ILE G 214 -37.56 22.39 -41.34
C ILE G 214 -37.95 23.84 -41.60
N TYR G 215 -38.31 24.54 -40.52
CA TYR G 215 -38.42 25.99 -40.40
C TYR G 215 -38.52 26.72 -41.74
N ILE G 216 -39.65 26.53 -42.42
CA ILE G 216 -39.96 27.29 -43.63
C ILE G 216 -40.37 28.71 -43.23
N ASP G 217 -41.02 28.81 -42.04
CA ASP G 217 -41.48 30.09 -41.52
C ASP G 217 -40.30 31.01 -41.23
N THR G 218 -39.17 30.41 -40.80
CA THR G 218 -37.93 31.13 -40.59
C THR G 218 -37.45 31.71 -41.93
N ILE G 219 -37.53 30.91 -43.00
CA ILE G 219 -37.10 31.34 -44.33
C ILE G 219 -38.01 32.47 -44.83
N LYS G 220 -39.33 32.33 -44.59
CA LYS G 220 -40.30 33.35 -44.95
C LYS G 220 -39.96 34.66 -44.24
N PHE G 221 -39.60 34.54 -42.94
CA PHE G 221 -39.33 35.68 -42.07
C PHE G 221 -38.04 36.38 -42.51
N ILE G 222 -36.98 35.59 -42.79
CA ILE G 222 -35.69 36.12 -43.19
C ILE G 222 -35.81 36.70 -44.59
N HIS G 223 -36.62 36.07 -45.46
CA HIS G 223 -36.92 36.59 -46.78
C HIS G 223 -37.54 37.99 -46.67
N LYS G 224 -38.54 38.11 -45.79
CA LYS G 224 -39.26 39.36 -45.57
C LYS G 224 -38.30 40.44 -45.07
N GLU G 225 -37.46 40.07 -44.10
CA GLU G 225 -36.54 40.97 -43.44
C GLU G 225 -35.54 41.52 -44.46
N MET G 226 -35.01 40.62 -45.30
CA MET G 226 -34.02 40.96 -46.31
C MET G 226 -34.64 41.74 -47.46
N LYS G 227 -35.96 41.63 -47.65
CA LYS G 227 -36.64 42.35 -48.73
C LYS G 227 -36.73 43.85 -48.42
N HIS G 228 -37.10 44.17 -47.16
CA HIS G 228 -37.23 45.56 -46.75
C HIS G 228 -35.85 46.21 -46.63
N ILE G 229 -34.88 45.46 -46.08
CA ILE G 229 -33.49 45.87 -45.98
C ILE G 229 -32.94 46.23 -47.36
N PHE G 230 -33.35 45.46 -48.38
CA PHE G 230 -33.01 45.75 -49.78
C PHE G 230 -33.59 47.10 -50.19
N ASN G 231 -34.86 47.31 -49.86
CA ASN G 231 -35.59 48.52 -50.24
C ASN G 231 -34.94 49.76 -49.65
N ARG G 232 -34.36 49.61 -48.45
CA ARG G 232 -33.65 50.69 -47.76
C ARG G 232 -32.34 51.00 -48.48
N ILE G 233 -31.56 49.95 -48.78
CA ILE G 233 -30.29 50.08 -49.49
C ILE G 233 -30.55 50.63 -50.88
N GLU G 234 -31.65 50.19 -51.51
CA GLU G 234 -32.10 50.67 -52.81
C GLU G 234 -32.43 52.16 -52.73
N TYR G 235 -33.11 52.56 -51.63
CA TYR G 235 -33.52 53.93 -51.39
C TYR G 235 -32.30 54.83 -51.19
N HIS G 236 -31.37 54.39 -50.33
CA HIS G 236 -30.17 55.14 -50.00
C HIS G 236 -29.25 55.29 -51.22
N THR G 237 -29.18 54.25 -52.04
CA THR G 237 -28.31 54.23 -53.22
C THR G 237 -28.78 55.26 -54.25
N LYS G 238 -30.11 55.41 -54.38
CA LYS G 238 -30.72 56.38 -55.28
C LYS G 238 -30.38 57.81 -54.86
N ILE G 239 -30.33 58.05 -53.53
CA ILE G 239 -29.94 59.34 -52.98
C ILE G 239 -28.48 59.60 -53.34
N ILE G 240 -27.62 58.62 -53.02
CA ILE G 240 -26.17 58.73 -53.16
C ILE G 240 -25.79 59.01 -54.62
N ASN G 241 -26.40 58.27 -55.56
CA ASN G 241 -26.06 58.38 -56.97
C ASN G 241 -26.57 59.70 -57.55
N ASP G 242 -27.71 60.19 -57.05
CA ASP G 242 -28.24 61.48 -57.48
C ASP G 242 -27.35 62.61 -56.94
N LYS G 243 -27.01 62.52 -55.65
CA LYS G 243 -26.47 63.62 -54.87
C LYS G 243 -25.02 63.90 -55.23
N THR G 244 -24.23 62.83 -55.34
CA THR G 244 -22.79 62.91 -55.53
C THR G 244 -22.47 63.43 -56.93
N LYS G 245 -23.45 63.31 -57.84
CA LYS G 245 -23.36 63.97 -59.13
C LYS G 245 -23.56 65.47 -58.95
N ILE G 246 -24.54 65.85 -58.10
CA ILE G 246 -24.82 67.24 -57.81
C ILE G 246 -23.65 67.89 -57.06
N ILE G 247 -23.14 67.21 -56.01
CA ILE G 247 -22.01 67.69 -55.23
C ILE G 247 -20.86 68.08 -56.17
N GLN G 248 -20.38 67.11 -56.95
CA GLN G 248 -19.27 67.29 -57.87
C GLN G 248 -19.57 68.33 -58.96
N ASP G 249 -20.85 68.66 -59.19
CA ASP G 249 -21.19 69.83 -59.98
C ASP G 249 -21.01 71.08 -59.12
N LYS G 250 -21.58 71.06 -57.92
CA LYS G 250 -21.73 72.21 -57.04
C LYS G 250 -20.38 72.76 -56.59
N ILE G 251 -19.45 71.87 -56.21
CA ILE G 251 -18.18 72.28 -55.62
C ILE G 251 -17.38 73.14 -56.59
N LYS G 252 -17.46 72.81 -57.89
CA LYS G 252 -16.73 73.54 -58.93
C LYS G 252 -17.27 74.97 -59.05
N LEU G 253 -18.59 75.12 -58.89
CA LEU G 253 -19.24 76.42 -58.95
C LEU G 253 -18.80 77.31 -57.77
N ASN G 254 -18.51 76.68 -56.63
CA ASN G 254 -18.19 77.40 -55.39
C ASN G 254 -16.78 77.98 -55.44
N ILE G 255 -15.81 77.14 -55.80
CA ILE G 255 -14.40 77.44 -55.62
C ILE G 255 -13.88 78.31 -56.77
N TRP G 256 -12.62 78.75 -56.66
CA TRP G 256 -11.99 79.77 -57.50
C TRP G 256 -12.94 80.91 -57.88
N ARG G 257 -13.36 81.67 -56.85
CA ARG G 257 -14.32 82.76 -57.05
C ARG G 257 -14.12 83.89 -56.04
N THR G 258 -14.84 84.99 -56.25
CA THR G 258 -15.15 85.98 -55.22
C THR G 258 -16.62 86.38 -55.31
N PHE G 259 -17.26 86.58 -54.13
CA PHE G 259 -18.61 87.11 -54.02
C PHE G 259 -18.72 88.07 -52.83
N GLN G 260 -19.95 88.56 -52.60
CA GLN G 260 -20.28 89.32 -51.40
C GLN G 260 -20.35 88.37 -50.21
N LYS G 261 -20.22 88.92 -49.00
CA LYS G 261 -20.25 88.19 -47.74
C LYS G 261 -21.52 87.34 -47.64
N ASP G 262 -22.68 87.94 -47.94
CA ASP G 262 -23.97 87.28 -47.86
C ASP G 262 -24.00 85.96 -48.64
N GLU G 263 -23.59 86.02 -49.92
CA GLU G 263 -23.65 84.88 -50.83
C GLU G 263 -22.83 83.72 -50.31
N LEU G 264 -21.56 83.98 -49.97
CA LEU G 264 -20.62 82.94 -49.54
C LEU G 264 -21.12 82.23 -48.29
N LEU G 265 -21.76 83.00 -47.39
CA LEU G 265 -22.27 82.47 -46.13
C LEU G 265 -23.43 81.51 -46.38
N LYS G 266 -24.30 81.84 -47.35
CA LYS G 266 -25.39 80.97 -47.78
C LYS G 266 -24.81 79.70 -48.40
N ARG G 267 -23.76 79.84 -49.20
CA ARG G 267 -23.22 78.78 -50.04
C ARG G 267 -22.26 77.89 -49.27
N ILE G 268 -21.77 78.36 -48.11
CA ILE G 268 -21.13 77.49 -47.14
C ILE G 268 -22.19 76.56 -46.53
N LEU G 269 -23.32 77.18 -46.14
CA LEU G 269 -24.44 76.47 -45.53
C LEU G 269 -25.09 75.52 -46.53
N ASP G 270 -25.02 75.89 -47.83
CA ASP G 270 -25.50 75.05 -48.92
C ASP G 270 -24.71 73.76 -48.96
N MET G 271 -23.39 73.87 -49.08
CA MET G 271 -22.51 72.71 -49.17
C MET G 271 -22.51 71.96 -47.84
N SER G 272 -22.75 72.67 -46.74
CA SER G 272 -22.87 72.07 -45.41
C SER G 272 -24.09 71.16 -45.32
N ASN G 273 -25.15 71.46 -46.10
CA ASN G 273 -26.38 70.67 -46.12
C ASN G 273 -26.17 69.38 -46.91
N GLU G 274 -25.52 69.48 -48.08
CA GLU G 274 -25.34 68.37 -49.00
C GLU G 274 -24.62 67.22 -48.30
N TYR G 275 -23.53 67.54 -47.60
CA TYR G 275 -22.66 66.57 -46.94
C TYR G 275 -23.38 65.92 -45.77
N SER G 276 -24.38 66.61 -45.21
CA SER G 276 -25.18 66.10 -44.11
C SER G 276 -25.95 64.86 -44.56
N LEU G 277 -26.73 65.02 -45.65
CA LEU G 277 -27.62 63.97 -46.13
C LEU G 277 -26.84 62.90 -46.89
N PHE G 278 -25.75 63.30 -47.55
CA PHE G 278 -24.93 62.42 -48.37
C PHE G 278 -24.27 61.37 -47.48
N ILE G 279 -23.48 61.81 -46.51
CA ILE G 279 -22.72 60.94 -45.63
C ILE G 279 -23.65 60.20 -44.67
N THR G 280 -24.87 60.73 -44.46
CA THR G 280 -25.90 60.02 -43.71
C THR G 280 -26.28 58.74 -44.45
N SER G 281 -26.74 58.89 -45.70
CA SER G 281 -27.21 57.77 -46.51
C SER G 281 -26.07 56.78 -46.77
N ASP G 282 -24.87 57.31 -47.00
CA ASP G 282 -23.72 56.53 -47.42
C ASP G 282 -23.13 55.73 -46.26
N HIS G 283 -23.22 56.26 -45.04
CA HIS G 283 -22.80 55.53 -43.85
C HIS G 283 -23.79 54.40 -43.57
N LEU G 284 -25.08 54.68 -43.77
CA LEU G 284 -26.14 53.70 -43.59
C LEU G 284 -26.02 52.59 -44.62
N ARG G 285 -25.95 52.97 -45.90
CA ARG G 285 -25.92 52.04 -47.02
C ARG G 285 -24.82 51.00 -46.81
N GLN G 286 -23.62 51.47 -46.42
CA GLN G 286 -22.43 50.64 -46.21
C GLN G 286 -22.68 49.63 -45.10
N MET G 287 -23.32 50.08 -44.00
CA MET G 287 -23.55 49.23 -42.84
C MET G 287 -24.70 48.25 -43.08
N LEU G 288 -25.75 48.71 -43.78
CA LEU G 288 -26.88 47.86 -44.14
C LEU G 288 -26.42 46.72 -45.05
N TYR G 289 -25.48 47.02 -45.96
CA TYR G 289 -24.93 46.08 -46.92
C TYR G 289 -24.16 44.98 -46.19
N ASN G 290 -23.52 45.35 -45.07
CA ASN G 290 -22.75 44.41 -44.26
C ASN G 290 -23.69 43.47 -43.49
N THR G 291 -24.93 43.92 -43.25
CA THR G 291 -25.91 43.17 -42.48
C THR G 291 -26.71 42.24 -43.40
N PHE G 292 -27.03 42.73 -44.60
CA PHE G 292 -27.72 41.97 -45.63
C PHE G 292 -26.99 40.65 -45.86
N TYR G 293 -25.68 40.73 -46.15
CA TYR G 293 -24.87 39.57 -46.48
C TYR G 293 -24.36 38.87 -45.22
N SER G 294 -24.67 39.40 -44.02
CA SER G 294 -24.44 38.66 -42.79
C SER G 294 -25.51 37.57 -42.63
N LYS G 295 -26.74 37.91 -43.02
CA LYS G 295 -27.88 37.00 -42.86
C LYS G 295 -28.37 36.50 -44.22
N GLU G 296 -27.59 36.73 -45.28
CA GLU G 296 -27.72 35.98 -46.53
C GLU G 296 -26.92 34.69 -46.38
N LYS G 297 -25.86 34.73 -45.59
CA LYS G 297 -25.07 33.54 -45.27
C LYS G 297 -25.80 32.66 -44.26
N HIS G 298 -26.70 33.27 -43.48
CA HIS G 298 -27.54 32.55 -42.51
C HIS G 298 -28.76 31.92 -43.20
N LEU G 299 -29.18 32.50 -44.33
CA LEU G 299 -30.12 31.87 -45.23
C LEU G 299 -29.47 30.61 -45.82
N ASN G 300 -28.18 30.73 -46.19
CA ASN G 300 -27.43 29.66 -46.81
C ASN G 300 -27.02 28.61 -45.78
N ASN G 301 -27.11 28.95 -44.48
CA ASN G 301 -26.86 27.99 -43.40
C ASN G 301 -28.00 26.98 -43.32
N ILE G 302 -29.22 27.42 -43.68
CA ILE G 302 -30.39 26.54 -43.69
C ILE G 302 -30.30 25.60 -44.89
N PHE G 303 -29.76 26.09 -46.01
CA PHE G 303 -29.49 25.26 -47.17
C PHE G 303 -28.47 24.17 -46.84
N HIS G 304 -27.56 24.46 -45.88
CA HIS G 304 -26.60 23.50 -45.39
C HIS G 304 -27.26 22.55 -44.38
N HIS G 305 -28.54 22.82 -44.04
CA HIS G 305 -29.34 21.93 -43.21
C HIS G 305 -30.41 21.24 -44.06
N LEU G 306 -30.03 20.84 -45.28
CA LEU G 306 -30.78 19.88 -46.07
C LEU G 306 -29.99 18.57 -46.14
N ILE G 307 -29.69 18.03 -44.95
CA ILE G 307 -28.72 16.97 -44.74
C ILE G 307 -29.32 15.60 -45.10
N TYR G 308 -29.07 15.17 -46.33
CA TYR G 308 -29.41 13.83 -46.77
C TYR G 308 -28.19 13.13 -47.40
N GLN H 4 24.49 62.29 -25.97
CA GLN H 4 24.34 61.10 -26.84
C GLN H 4 24.12 61.56 -28.28
N TYR H 5 22.95 62.20 -28.53
CA TYR H 5 22.52 62.71 -29.82
C TYR H 5 22.56 61.66 -30.92
N HIS H 6 22.33 60.40 -30.54
CA HIS H 6 22.30 59.28 -31.47
C HIS H 6 20.96 59.32 -32.22
N PHE H 7 20.92 60.07 -33.34
CA PHE H 7 19.75 60.20 -34.17
C PHE H 7 19.72 59.06 -35.18
N LYS H 8 18.69 59.07 -36.05
CA LYS H 8 18.61 58.23 -37.23
C LYS H 8 19.44 58.84 -38.36
N GLU H 9 20.53 58.13 -38.73
CA GLU H 9 21.48 58.57 -39.72
C GLU H 9 21.36 57.71 -40.98
N LEU H 10 21.93 58.20 -42.08
CA LEU H 10 22.06 57.46 -43.31
C LEU H 10 23.17 56.40 -43.15
N SER H 11 22.80 55.29 -42.49
CA SER H 11 23.70 54.18 -42.21
C SER H 11 23.92 53.37 -43.49
N ASN H 12 25.18 53.35 -43.96
CA ASN H 12 25.56 52.59 -45.15
C ASN H 12 25.39 51.09 -44.88
N TYR H 13 24.65 50.43 -45.78
CA TYR H 13 24.41 49.00 -45.79
C TYR H 13 24.64 48.48 -47.21
N ASN H 14 24.86 47.16 -47.34
CA ASN H 14 24.95 46.53 -48.64
C ASN H 14 23.59 46.50 -49.33
N ILE H 15 22.51 46.59 -48.53
CA ILE H 15 21.13 46.83 -48.92
C ILE H 15 20.50 45.55 -49.50
N ALA H 16 21.31 44.64 -50.02
CA ALA H 16 20.87 43.66 -51.01
C ALA H 16 20.01 42.57 -50.38
N ASN H 17 20.24 42.33 -49.08
CA ASN H 17 19.47 41.37 -48.30
C ASN H 17 18.13 41.95 -47.85
N SER H 18 17.72 43.12 -48.38
CA SER H 18 16.56 43.83 -47.85
C SER H 18 15.89 44.77 -48.86
N ILE H 19 15.47 44.20 -50.00
CA ILE H 19 14.51 44.80 -50.90
C ILE H 19 13.38 43.78 -51.13
N ASP H 20 12.14 44.23 -50.96
CA ASP H 20 10.96 43.44 -51.28
C ASP H 20 10.17 44.10 -52.41
N ILE H 21 9.59 43.27 -53.28
CA ILE H 21 8.85 43.74 -54.45
C ILE H 21 7.38 43.40 -54.25
N LEU H 22 6.46 44.19 -54.84
CA LEU H 22 5.09 44.22 -54.36
C LEU H 22 4.05 44.29 -55.47
N GLN H 23 4.51 44.40 -56.72
CA GLN H 23 3.67 44.33 -57.92
C GLN H 23 2.39 45.13 -57.73
N GLU H 24 1.38 44.90 -58.60
CA GLU H 24 0.10 45.58 -58.48
C GLU H 24 -1.03 44.66 -58.98
N LEU H 29 3.41 48.05 -60.49
CA LEU H 29 4.44 47.42 -59.64
C LEU H 29 5.09 48.50 -58.77
N ASP H 30 5.34 48.13 -57.51
CA ASP H 30 6.12 48.95 -56.60
C ASP H 30 7.11 48.09 -55.82
N PHE H 31 8.19 48.74 -55.38
CA PHE H 31 9.20 48.18 -54.50
C PHE H 31 9.27 49.05 -53.26
N VAL H 32 9.73 48.46 -52.15
CA VAL H 32 9.85 49.14 -50.87
C VAL H 32 11.28 48.96 -50.36
N ILE H 33 12.04 50.06 -50.41
CA ILE H 33 13.43 50.10 -49.93
C ILE H 33 13.37 50.30 -48.41
N ILE H 34 13.76 49.25 -47.66
CA ILE H 34 13.44 49.15 -46.24
C ILE H 34 14.04 50.31 -45.44
N PRO H 35 15.32 50.70 -45.63
CA PRO H 35 15.86 51.90 -44.99
C PRO H 35 15.14 53.19 -45.39
N HIS H 36 14.73 53.29 -46.66
CA HIS H 36 14.16 54.51 -47.24
C HIS H 36 12.69 54.69 -46.87
N TYR H 37 12.12 53.74 -46.11
CA TYR H 37 10.74 53.84 -45.67
C TYR H 37 10.68 54.13 -44.17
N THR H 38 11.55 53.45 -43.40
CA THR H 38 11.72 53.74 -41.98
C THR H 38 12.15 55.19 -41.78
N PHE H 39 12.94 55.71 -42.72
CA PHE H 39 13.47 57.08 -42.66
C PHE H 39 12.32 58.08 -42.79
N LEU H 40 11.52 57.92 -43.85
CA LEU H 40 10.43 58.82 -44.16
C LEU H 40 9.28 58.65 -43.17
N ASP H 41 9.33 57.55 -42.40
CA ASP H 41 8.38 57.28 -41.32
C ASP H 41 8.84 57.95 -40.03
N TYR H 42 10.16 57.89 -39.76
CA TYR H 42 10.75 58.44 -38.55
C TYR H 42 10.45 59.94 -38.45
N TYR H 43 10.61 60.66 -39.57
CA TYR H 43 10.59 62.11 -39.58
C TYR H 43 9.21 62.64 -39.97
N LYS H 44 8.29 61.72 -40.34
CA LYS H 44 6.88 62.06 -40.37
C LYS H 44 6.27 61.80 -38.99
N HIS H 45 6.96 60.97 -38.19
CA HIS H 45 6.65 60.83 -36.77
C HIS H 45 7.71 61.54 -35.94
N LEU H 46 7.93 62.83 -36.23
CA LEU H 46 8.77 63.72 -35.43
C LEU H 46 8.31 65.16 -35.65
N SER H 47 8.22 65.54 -36.93
CA SER H 47 7.69 66.82 -37.40
C SER H 47 6.36 67.12 -36.71
N TYR H 48 5.51 66.09 -36.57
CA TYR H 48 4.18 66.21 -35.99
C TYR H 48 4.27 66.34 -34.46
N ASN H 49 5.17 65.57 -33.82
CA ASN H 49 5.27 65.55 -32.37
C ASN H 49 5.52 66.95 -31.83
N SER H 50 6.45 67.67 -32.47
CA SER H 50 6.85 69.02 -32.09
C SER H 50 5.66 69.98 -32.10
N ILE H 51 4.94 70.01 -33.23
CA ILE H 51 3.90 71.01 -33.47
C ILE H 51 2.67 70.75 -32.59
N TYR H 52 2.47 69.48 -32.21
CA TYR H 52 1.30 69.09 -31.43
C TYR H 52 1.61 69.14 -29.93
N HIS H 53 2.78 69.67 -29.57
CA HIS H 53 3.04 70.03 -28.17
C HIS H 53 2.60 71.47 -27.91
N LYS H 54 2.99 72.38 -28.82
CA LYS H 54 2.85 73.82 -28.59
C LYS H 54 1.59 74.32 -29.29
N SER H 55 0.98 75.36 -28.71
CA SER H 55 -0.34 75.85 -29.09
C SER H 55 -0.28 76.66 -30.39
N SER H 56 0.76 77.49 -30.53
CA SER H 56 0.97 78.32 -31.70
C SER H 56 1.21 77.47 -32.96
N THR H 57 1.80 76.28 -32.76
CA THR H 57 2.26 75.41 -33.84
C THR H 57 1.15 74.47 -34.32
N TYR H 58 -0.01 74.50 -33.65
CA TYR H 58 -1.20 73.84 -34.13
C TYR H 58 -1.60 74.41 -35.49
N GLY H 59 -1.18 75.67 -35.76
CA GLY H 59 -1.42 76.32 -37.02
C GLY H 59 -0.65 75.68 -38.18
N LYS H 60 0.51 75.09 -37.85
CA LYS H 60 1.48 74.67 -38.85
C LYS H 60 1.12 73.33 -39.48
N CYS H 61 0.22 72.56 -38.84
CA CYS H 61 0.03 71.15 -39.16
C CYS H 61 -0.55 70.94 -40.56
N ILE H 62 -1.12 72.01 -41.16
CA ILE H 62 -1.55 71.98 -42.55
C ILE H 62 -0.31 71.94 -43.45
N ALA H 63 0.69 72.76 -43.10
CA ALA H 63 1.92 72.89 -43.87
C ALA H 63 2.82 71.67 -43.67
N VAL H 64 2.85 71.13 -42.46
CA VAL H 64 3.68 69.98 -42.11
C VAL H 64 3.15 68.74 -42.82
N ASP H 65 1.81 68.61 -42.88
CA ASP H 65 1.13 67.57 -43.62
C ASP H 65 1.50 67.64 -45.10
N ALA H 66 1.30 68.84 -45.68
CA ALA H 66 1.48 69.08 -47.11
C ALA H 66 2.95 68.95 -47.53
N PHE H 67 3.86 69.16 -46.57
CA PHE H 67 5.29 68.99 -46.78
C PHE H 67 5.60 67.50 -46.92
N ILE H 68 5.16 66.69 -45.94
CA ILE H 68 5.39 65.26 -45.91
C ILE H 68 4.76 64.61 -47.13
N LYS H 69 3.55 65.07 -47.50
CA LYS H 69 2.86 64.64 -48.70
C LYS H 69 3.75 64.83 -49.92
N LYS H 70 4.36 66.02 -50.03
CA LYS H 70 5.08 66.41 -51.23
C LYS H 70 6.49 65.80 -51.24
N ILE H 71 6.98 65.33 -50.09
CA ILE H 71 8.20 64.54 -50.04
C ILE H 71 7.90 63.13 -50.53
N ASN H 72 6.81 62.53 -50.04
CA ASN H 72 6.32 61.23 -50.49
C ASN H 72 5.54 61.42 -51.80
N GLU H 73 6.25 61.84 -52.84
CA GLU H 73 5.72 62.19 -54.15
C GLU H 73 6.88 62.52 -55.09
N ALA H 74 7.82 63.32 -54.57
CA ALA H 74 9.14 63.50 -55.15
C ALA H 74 9.90 62.18 -55.09
N TYR H 75 9.68 61.43 -54.01
CA TYR H 75 10.18 60.08 -53.83
C TYR H 75 9.64 59.16 -54.95
N ASP H 76 8.33 59.30 -55.24
CA ASP H 76 7.66 58.52 -56.27
C ASP H 76 8.01 59.01 -57.67
N LYS H 77 8.65 60.18 -57.78
CA LYS H 77 9.14 60.70 -59.05
C LYS H 77 10.53 60.14 -59.38
N VAL H 78 11.11 59.36 -58.45
CA VAL H 78 12.27 58.54 -58.74
C VAL H 78 11.82 57.38 -59.62
N LYS H 79 10.59 56.91 -59.39
CA LYS H 79 9.94 55.90 -60.24
C LYS H 79 9.36 56.58 -61.48
N SER H 80 10.14 57.46 -62.11
CA SER H 80 9.83 58.04 -63.41
C SER H 80 10.71 57.41 -64.47
N LYS H 81 11.90 56.94 -64.08
CA LYS H 81 12.83 56.28 -64.98
C LYS H 81 13.20 54.88 -64.45
N CYS H 82 12.72 54.53 -63.25
CA CYS H 82 12.69 53.16 -62.76
C CYS H 82 11.28 52.62 -62.99
N ASN H 83 10.72 52.97 -64.16
CA ASN H 83 9.29 52.86 -64.42
C ASN H 83 9.07 52.14 -65.74
N ASP H 84 9.75 52.59 -66.82
CA ASP H 84 9.62 51.97 -68.13
C ASP H 84 10.24 50.58 -68.14
N ILE H 85 11.29 50.38 -67.35
CA ILE H 85 11.94 49.08 -67.17
C ILE H 85 11.04 48.19 -66.30
N LYS H 86 10.41 48.82 -65.30
CA LYS H 86 9.43 48.19 -64.43
C LYS H 86 8.24 47.68 -65.26
N ASN H 87 7.76 48.49 -66.21
CA ASN H 87 6.62 48.16 -67.05
C ASN H 87 6.95 47.01 -68.00
N ASP H 88 8.22 46.93 -68.42
CA ASP H 88 8.69 45.83 -69.27
C ASP H 88 8.86 44.56 -68.42
N LEU H 89 9.15 44.74 -67.13
CA LEU H 89 9.18 43.63 -66.18
C LEU H 89 7.77 43.08 -65.97
N ILE H 90 6.77 43.97 -66.01
CA ILE H 90 5.37 43.61 -65.85
C ILE H 90 4.90 42.85 -67.09
N ALA H 91 5.29 41.61 -67.11
CA ALA H 91 4.54 40.54 -67.77
C ALA H 91 5.12 39.20 -67.32
N THR H 92 5.83 39.16 -66.18
CA THR H 92 6.66 38.03 -65.82
C THR H 92 5.75 36.88 -65.41
N ILE H 93 4.75 37.19 -64.57
CA ILE H 93 3.80 36.19 -64.07
C ILE H 93 2.91 35.72 -65.24
N LYS H 94 2.63 36.65 -66.16
CA LYS H 94 1.70 36.44 -67.25
C LYS H 94 2.20 35.31 -68.14
N LYS H 95 3.49 35.38 -68.51
CA LYS H 95 4.09 34.52 -69.52
C LYS H 95 5.62 34.46 -69.35
N LEU H 96 6.25 35.55 -68.86
CA LEU H 96 7.65 35.78 -69.24
C LEU H 96 8.55 35.21 -68.11
N LYS H 111 13.61 28.78 -69.21
CA LYS H 111 14.10 29.71 -70.28
C LYS H 111 13.52 31.10 -70.05
N MET H 112 12.31 31.16 -69.49
CA MET H 112 11.69 32.40 -69.04
C MET H 112 11.90 32.63 -67.55
N MET H 113 12.19 31.57 -66.80
CA MET H 113 12.73 31.67 -65.44
C MET H 113 14.08 32.43 -65.48
N ASP H 114 14.84 32.26 -66.56
CA ASP H 114 16.10 32.96 -66.78
C ASP H 114 15.86 34.45 -67.02
N GLU H 115 14.89 34.77 -67.87
CA GLU H 115 14.46 36.13 -68.16
C GLU H 115 14.07 36.85 -66.86
N TYR H 116 13.30 36.17 -65.99
CA TYR H 116 12.97 36.67 -64.68
C TYR H 116 14.24 37.05 -63.91
N ASN H 117 15.24 36.15 -63.92
CA ASN H 117 16.47 36.36 -63.17
C ASN H 117 17.26 37.53 -63.75
N THR H 118 17.25 37.67 -65.08
CA THR H 118 17.91 38.79 -65.74
C THR H 118 17.19 40.09 -65.38
N LYS H 119 15.87 40.10 -65.60
CA LYS H 119 15.07 41.32 -65.56
C LYS H 119 14.86 41.82 -64.13
N LYS H 120 14.90 40.90 -63.16
CA LYS H 120 14.77 41.26 -61.76
C LYS H 120 16.01 42.04 -61.31
N LYS H 121 17.19 41.55 -61.71
CA LYS H 121 18.46 42.18 -61.36
C LYS H 121 18.63 43.52 -62.10
N LYS H 122 17.99 43.65 -63.27
CA LYS H 122 18.01 44.89 -64.04
C LYS H 122 17.26 46.00 -63.29
N LEU H 123 16.19 45.62 -62.58
CA LEU H 123 15.42 46.55 -61.76
C LEU H 123 16.24 46.92 -60.52
N ILE H 124 16.72 45.92 -59.80
CA ILE H 124 17.59 46.06 -58.62
C ILE H 124 18.77 46.98 -58.96
N LYS H 125 19.28 46.89 -60.19
CA LYS H 125 20.34 47.76 -60.69
C LYS H 125 19.83 49.21 -60.76
N CYS H 126 18.70 49.41 -61.44
CA CYS H 126 18.14 50.73 -61.71
C CYS H 126 17.72 51.44 -60.41
N ILE H 127 17.38 50.66 -59.38
CA ILE H 127 17.14 51.18 -58.04
C ILE H 127 18.45 51.73 -57.48
N LYS H 128 19.52 50.93 -57.50
CA LYS H 128 20.82 51.33 -56.95
C LYS H 128 21.49 52.38 -57.85
N ASN H 129 21.10 52.43 -59.13
CA ASN H 129 21.55 53.43 -60.07
C ASN H 129 21.01 54.83 -59.71
N HIS H 130 19.81 54.89 -59.14
CA HIS H 130 19.25 56.14 -58.67
C HIS H 130 19.02 56.10 -57.16
N GLU H 131 20.03 55.62 -56.42
CA GLU H 131 19.99 55.56 -54.96
C GLU H 131 20.41 56.91 -54.39
N ASN H 132 21.18 57.68 -55.20
CA ASN H 132 21.60 59.02 -54.87
C ASN H 132 20.40 59.95 -54.72
N ASP H 133 19.48 59.90 -55.69
CA ASP H 133 18.34 60.81 -55.79
C ASP H 133 17.37 60.55 -54.64
N PHE H 134 17.31 59.28 -54.20
CA PHE H 134 16.55 58.88 -53.02
C PHE H 134 17.14 59.49 -51.76
N ASN H 135 18.48 59.42 -51.63
CA ASN H 135 19.20 59.87 -50.45
C ASN H 135 19.14 61.39 -50.28
N LYS H 136 18.95 62.14 -51.38
CA LYS H 136 18.67 63.56 -51.29
C LYS H 136 17.30 63.77 -50.62
N ILE H 137 16.25 63.14 -51.20
CA ILE H 137 14.88 63.25 -50.76
C ILE H 137 14.73 62.65 -49.37
N CYS H 138 15.60 61.69 -49.05
CA CYS H 138 15.69 61.10 -47.73
C CYS H 138 16.09 62.14 -46.68
N MET H 139 17.21 62.84 -46.92
CA MET H 139 17.79 63.78 -45.96
C MET H 139 16.87 64.97 -45.71
N ASP H 140 16.05 65.31 -46.72
CA ASP H 140 15.08 66.39 -46.65
C ASP H 140 14.19 66.24 -45.41
N MET H 141 13.69 65.01 -45.21
CA MET H 141 12.73 64.70 -44.15
C MET H 141 13.44 64.78 -42.80
N LYS H 142 14.71 64.37 -42.74
CA LYS H 142 15.55 64.51 -41.56
C LYS H 142 15.61 65.97 -41.13
N ASN H 143 15.94 66.85 -42.09
CA ASN H 143 16.24 68.25 -41.83
C ASN H 143 15.00 68.99 -41.32
N TYR H 144 13.87 68.77 -41.98
CA TYR H 144 12.62 69.46 -41.70
C TYR H 144 12.09 69.03 -40.32
N GLY H 145 12.10 67.71 -40.08
CA GLY H 145 11.66 67.15 -38.81
C GLY H 145 12.52 67.64 -37.65
N THR H 146 13.83 67.76 -37.90
CA THR H 146 14.80 68.24 -36.92
C THR H 146 14.59 69.75 -36.70
N ASN H 147 14.36 70.48 -37.80
CA ASN H 147 14.17 71.93 -37.80
C ASN H 147 12.98 72.30 -36.91
N LEU H 148 11.87 71.58 -37.08
CA LEU H 148 10.65 71.83 -36.31
C LEU H 148 10.80 71.32 -34.88
N PHE H 149 11.72 70.37 -34.67
CA PHE H 149 12.04 69.87 -33.33
C PHE H 149 12.91 70.89 -32.59
N GLU H 150 13.61 71.75 -33.33
CA GLU H 150 14.35 72.86 -32.74
C GLU H 150 13.38 73.96 -32.29
N GLN H 151 12.34 74.22 -33.10
CA GLN H 151 11.38 75.28 -32.82
C GLN H 151 10.39 74.82 -31.75
N LEU H 152 10.88 74.71 -30.51
CA LEU H 152 10.10 74.34 -29.34
C LEU H 152 10.16 75.48 -28.30
N ASN H 156 11.79 76.38 -16.36
CA ASN H 156 11.75 75.77 -17.73
C ASN H 156 12.59 74.51 -17.78
N ASN H 157 13.34 74.24 -16.70
CA ASN H 157 14.26 73.12 -16.65
C ASN H 157 13.63 71.95 -15.92
N ASN H 158 12.29 71.89 -15.75
CA ASN H 158 11.75 70.93 -14.80
C ASN H 158 10.29 70.52 -15.00
N PHE H 159 9.33 71.47 -15.15
CA PHE H 159 7.94 71.02 -15.13
C PHE H 159 7.08 71.69 -16.21
N CYS H 160 7.02 71.11 -17.41
CA CYS H 160 6.00 71.42 -18.40
C CYS H 160 5.10 70.19 -18.60
N ASN H 161 4.08 70.36 -19.43
CA ASN H 161 3.09 69.34 -19.74
C ASN H 161 3.67 68.36 -20.76
N THR H 162 3.35 67.08 -20.60
CA THR H 162 3.46 66.07 -21.65
C THR H 162 2.12 65.90 -22.37
N ASN H 163 1.88 66.82 -23.31
CA ASN H 163 1.00 66.55 -24.43
C ASN H 163 1.87 65.95 -25.54
N GLY H 164 1.80 66.51 -26.75
CA GLY H 164 2.71 66.23 -27.84
C GLY H 164 2.69 64.76 -28.25
N ILE H 165 3.23 63.92 -27.36
CA ILE H 165 3.38 62.48 -27.56
C ILE H 165 2.00 61.83 -27.54
N ARG H 166 1.19 62.23 -26.56
CA ARG H 166 -0.12 61.65 -26.32
C ARG H 166 -1.08 62.03 -27.44
N TYR H 167 -0.90 63.22 -28.04
CA TYR H 167 -1.67 63.62 -29.21
C TYR H 167 -1.47 62.59 -30.31
N HIS H 168 -0.20 62.37 -30.68
CA HIS H 168 0.16 61.59 -31.84
C HIS H 168 -0.23 60.12 -31.64
N TYR H 169 0.00 59.61 -30.43
CA TYR H 169 -0.35 58.25 -30.03
C TYR H 169 -1.82 57.95 -30.32
N ASP H 170 -2.71 58.73 -29.69
CA ASP H 170 -4.14 58.43 -29.68
C ASP H 170 -4.84 58.86 -30.97
N GLU H 171 -4.14 59.63 -31.82
CA GLU H 171 -4.72 60.09 -33.06
C GLU H 171 -4.12 59.33 -34.26
N TYR H 172 -2.96 58.70 -34.07
CA TYR H 172 -2.28 58.01 -35.16
C TYR H 172 -1.94 56.56 -34.82
N ILE H 173 -1.40 56.32 -33.61
CA ILE H 173 -0.84 55.02 -33.29
C ILE H 173 -1.92 54.07 -32.77
N HIS H 174 -2.60 54.48 -31.68
CA HIS H 174 -3.52 53.64 -30.92
C HIS H 174 -4.67 53.15 -31.77
N LYS H 175 -5.02 53.89 -32.84
CA LYS H 175 -6.06 53.48 -33.77
C LYS H 175 -5.59 52.25 -34.56
N LEU H 176 -4.30 52.24 -34.94
CA LEU H 176 -3.76 51.22 -35.83
C LEU H 176 -3.38 49.95 -35.07
N ILE H 177 -3.06 50.07 -33.77
CA ILE H 177 -2.65 48.90 -33.00
C ILE H 177 -3.85 47.98 -32.78
N LEU H 178 -5.04 48.57 -32.62
CA LEU H 178 -6.28 47.82 -32.48
C LEU H 178 -6.62 47.12 -33.78
N SER H 179 -6.36 47.78 -34.91
CA SER H 179 -6.61 47.23 -36.23
C SER H 179 -5.83 45.93 -36.43
N VAL H 180 -4.61 45.88 -35.87
CA VAL H 180 -3.71 44.76 -36.04
C VAL H 180 -4.04 43.62 -35.06
N LYS H 181 -4.42 43.98 -33.83
CA LYS H 181 -4.74 42.97 -32.82
C LYS H 181 -6.05 42.27 -33.14
N SER H 182 -6.93 42.97 -33.88
CA SER H 182 -8.22 42.44 -34.31
C SER H 182 -8.04 41.36 -35.37
N LYS H 183 -6.95 41.45 -36.14
CA LYS H 183 -6.59 40.46 -37.15
C LYS H 183 -5.44 39.62 -36.61
N ASN H 184 -5.77 38.75 -35.64
CA ASN H 184 -4.80 37.90 -34.96
C ASN H 184 -3.88 37.22 -35.97
N LEU H 185 -2.65 37.75 -36.05
CA LEU H 185 -1.66 37.34 -37.04
C LEU H 185 -1.12 35.93 -36.79
N ASN H 186 -1.21 35.45 -35.54
CA ASN H 186 -0.74 34.12 -35.17
C ASN H 186 -1.53 33.06 -35.94
N LYS H 187 -2.85 33.27 -36.05
CA LYS H 187 -3.75 32.43 -36.83
C LYS H 187 -3.39 32.54 -38.31
N ASP H 188 -3.14 33.77 -38.78
CA ASP H 188 -2.87 34.06 -40.18
C ASP H 188 -1.67 33.27 -40.68
N LEU H 189 -0.61 33.21 -39.88
CA LEU H 189 0.62 32.49 -40.22
C LEU H 189 0.32 31.00 -40.36
N SER H 190 -0.35 30.43 -39.34
CA SER H 190 -0.60 29.00 -39.25
C SER H 190 -1.53 28.55 -40.38
N ASP H 191 -2.40 29.44 -40.84
CA ASP H 191 -3.25 29.23 -42.01
C ASP H 191 -2.39 29.13 -43.27
N MET H 192 -1.47 30.10 -43.42
CA MET H 192 -0.57 30.16 -44.57
C MET H 192 0.39 28.97 -44.60
N THR H 193 0.82 28.51 -43.41
CA THR H 193 1.71 27.36 -43.30
C THR H 193 1.04 26.13 -43.88
N ASN H 194 -0.23 25.91 -43.51
CA ASN H 194 -0.98 24.72 -43.89
C ASN H 194 -1.23 24.68 -45.39
N ILE H 195 -1.55 25.85 -45.96
CA ILE H 195 -1.76 26.00 -47.40
C ILE H 195 -0.47 25.61 -48.15
N LEU H 196 0.68 26.03 -47.61
CA LEU H 196 1.97 25.74 -48.20
C LEU H 196 2.31 24.26 -48.03
N GLN H 197 1.99 23.69 -46.86
CA GLN H 197 2.25 22.29 -46.54
C GLN H 197 1.51 21.37 -47.51
N GLN H 198 0.23 21.69 -47.77
CA GLN H 198 -0.64 20.85 -48.59
C GLN H 198 -0.22 20.90 -50.06
N SER H 199 0.28 22.06 -50.50
CA SER H 199 0.75 22.22 -51.88
C SER H 199 2.08 21.50 -52.09
N GLU H 200 2.83 21.29 -51.01
CA GLU H 200 4.15 20.67 -51.06
C GLU H 200 3.99 19.14 -51.09
N LEU H 201 3.26 18.64 -52.09
CA LEU H 201 3.21 17.22 -52.40
C LEU H 201 2.94 16.96 -53.88
N LEU H 202 3.60 17.71 -54.77
CA LEU H 202 3.79 17.34 -56.16
C LEU H 202 5.23 16.82 -56.35
N TYR H 215 5.91 23.53 -67.34
CA TYR H 215 4.56 23.89 -66.81
C TYR H 215 4.42 23.45 -65.36
N ILE H 216 5.04 22.33 -65.01
CA ILE H 216 5.20 21.93 -63.62
C ILE H 216 6.28 22.81 -62.98
N ASP H 217 7.26 23.22 -63.79
CA ASP H 217 8.36 24.09 -63.40
C ASP H 217 7.82 25.45 -62.94
N THR H 218 6.75 25.93 -63.59
CA THR H 218 6.05 27.14 -63.20
C THR H 218 5.44 26.95 -61.80
N ILE H 219 4.86 25.78 -61.54
CA ILE H 219 4.26 25.48 -60.24
C ILE H 219 5.35 25.40 -59.16
N LYS H 220 6.48 24.78 -59.51
CA LYS H 220 7.65 24.73 -58.63
C LYS H 220 8.12 26.14 -58.28
N PHE H 221 8.14 27.01 -59.30
CA PHE H 221 8.63 28.37 -59.20
C PHE H 221 7.68 29.21 -58.34
N ILE H 222 6.38 29.09 -58.57
CA ILE H 222 5.35 29.82 -57.83
C ILE H 222 5.31 29.30 -56.39
N HIS H 223 5.50 27.99 -56.20
CA HIS H 223 5.63 27.40 -54.87
C HIS H 223 6.79 28.04 -54.10
N LYS H 224 7.95 28.14 -54.78
CA LYS H 224 9.16 28.71 -54.22
C LYS H 224 8.93 30.18 -53.85
N GLU H 225 8.27 30.92 -54.75
CA GLU H 225 8.01 32.35 -54.63
C GLU H 225 7.14 32.59 -53.41
N MET H 226 6.09 31.78 -53.25
CA MET H 226 5.14 31.89 -52.15
C MET H 226 5.76 31.43 -50.82
N LYS H 227 6.81 30.61 -50.89
CA LYS H 227 7.47 30.11 -49.69
C LYS H 227 8.31 31.23 -49.03
N HIS H 228 9.06 31.98 -49.85
CA HIS H 228 9.90 33.05 -49.35
C HIS H 228 9.03 34.23 -48.90
N ILE H 229 7.98 34.53 -49.67
CA ILE H 229 6.99 35.56 -49.34
C ILE H 229 6.37 35.26 -47.98
N PHE H 230 6.15 33.98 -47.69
CA PHE H 230 5.67 33.56 -46.37
C PHE H 230 6.70 33.91 -45.30
N ASN H 231 7.97 33.58 -45.57
CA ASN H 231 9.07 33.80 -44.63
C ASN H 231 9.22 35.27 -44.30
N ARG H 232 8.92 36.16 -45.26
CA ARG H 232 8.96 37.61 -45.08
C ARG H 232 7.82 38.05 -44.16
N ILE H 233 6.60 37.59 -44.47
CA ILE H 233 5.41 37.90 -43.68
C ILE H 233 5.59 37.34 -42.27
N GLU H 234 6.19 36.15 -42.17
CA GLU H 234 6.51 35.50 -40.91
C GLU H 234 7.53 36.35 -40.13
N TYR H 235 8.52 36.88 -40.84
CA TYR H 235 9.57 37.71 -40.26
C TYR H 235 8.99 39.03 -39.74
N HIS H 236 8.17 39.70 -40.57
CA HIS H 236 7.56 40.98 -40.23
C HIS H 236 6.59 40.85 -39.08
N THR H 237 5.85 39.73 -39.03
CA THR H 237 4.85 39.47 -38.00
C THR H 237 5.51 39.32 -36.63
N LYS H 238 6.70 38.69 -36.60
CA LYS H 238 7.48 38.50 -35.39
C LYS H 238 7.96 39.83 -34.85
N ILE H 239 8.31 40.78 -35.74
CA ILE H 239 8.69 42.12 -35.35
C ILE H 239 7.48 42.83 -34.72
N ILE H 240 6.35 42.80 -35.45
CA ILE H 240 5.14 43.50 -35.10
C ILE H 240 4.62 43.03 -33.72
N ASN H 241 4.59 41.71 -33.50
CA ASN H 241 4.04 41.15 -32.27
C ASN H 241 5.00 41.37 -31.09
N ASP H 242 6.30 41.42 -31.37
CA ASP H 242 7.44 41.05 -30.56
C ASP H 242 7.25 39.66 -29.94
N LYS H 243 7.83 39.42 -28.75
CA LYS H 243 7.97 38.10 -28.16
C LYS H 243 6.63 37.63 -27.60
N THR H 244 6.00 38.52 -26.86
CA THR H 244 4.64 38.47 -26.35
C THR H 244 4.23 39.90 -25.94
N LYS H 245 5.23 40.75 -25.71
CA LYS H 245 5.09 42.11 -25.23
C LYS H 245 4.85 43.01 -26.45
N ILE H 246 4.55 44.30 -26.21
CA ILE H 246 4.35 45.27 -27.27
C ILE H 246 4.98 46.61 -26.88
N ILE H 247 5.23 47.47 -27.90
CA ILE H 247 5.58 48.87 -27.73
C ILE H 247 4.69 49.52 -26.67
N GLN H 248 3.37 49.52 -26.88
CA GLN H 248 2.29 49.82 -25.94
C GLN H 248 2.64 49.68 -24.44
N ASP H 249 3.82 49.09 -24.17
CA ASP H 249 4.44 49.23 -22.86
C ASP H 249 5.03 50.62 -22.70
N LYS H 250 5.82 51.05 -23.70
CA LYS H 250 6.64 52.25 -23.64
C LYS H 250 5.79 53.52 -23.48
N ILE H 251 4.70 53.63 -24.25
CA ILE H 251 3.92 54.86 -24.34
C ILE H 251 3.35 55.20 -22.97
N LYS H 252 2.96 54.17 -22.19
CA LYS H 252 2.36 54.34 -20.89
C LYS H 252 3.38 54.93 -19.91
N LEU H 253 4.65 54.52 -20.04
CA LEU H 253 5.73 55.07 -19.23
C LEU H 253 5.95 56.56 -19.53
N ASN H 254 5.74 56.95 -20.79
CA ASN H 254 6.12 58.28 -21.26
C ASN H 254 5.14 59.34 -20.78
N ILE H 255 3.84 59.12 -21.04
CA ILE H 255 2.96 60.26 -21.32
C ILE H 255 2.41 60.91 -20.05
N TRP H 256 1.84 62.09 -20.22
CA TRP H 256 1.42 63.02 -19.17
C TRP H 256 2.34 63.02 -17.95
N ARG H 257 3.56 63.54 -18.16
CA ARG H 257 4.56 63.74 -17.13
C ARG H 257 5.39 65.02 -17.35
N THR H 258 6.30 65.28 -16.41
CA THR H 258 7.06 66.55 -16.32
C THR H 258 8.45 66.23 -15.74
N PHE H 259 9.52 66.78 -16.33
CA PHE H 259 10.93 66.62 -15.95
C PHE H 259 11.78 67.43 -16.94
N GLN H 260 13.09 67.10 -17.13
CA GLN H 260 14.03 68.03 -17.70
C GLN H 260 13.94 68.02 -19.22
N LYS H 261 14.33 69.15 -19.85
CA LYS H 261 14.21 69.36 -21.29
C LYS H 261 14.94 68.25 -22.05
N ASP H 262 16.17 67.97 -21.61
CA ASP H 262 17.08 67.02 -22.24
C ASP H 262 16.39 65.65 -22.37
N GLU H 263 15.85 65.13 -21.26
CA GLU H 263 15.27 63.80 -21.20
C GLU H 263 14.12 63.64 -22.18
N LEU H 264 13.16 64.57 -22.13
CA LEU H 264 11.94 64.53 -22.93
C LEU H 264 12.28 64.55 -24.43
N LEU H 265 13.32 65.31 -24.78
CA LEU H 265 13.75 65.45 -26.17
C LEU H 265 14.31 64.14 -26.70
N LYS H 266 15.06 63.41 -25.86
CA LYS H 266 15.57 62.08 -26.19
C LYS H 266 14.41 61.11 -26.36
N ARG H 267 13.41 61.23 -25.48
CA ARG H 267 12.33 60.25 -25.35
C ARG H 267 11.20 60.52 -26.34
N ILE H 268 11.17 61.73 -26.92
CA ILE H 268 10.38 61.99 -28.11
C ILE H 268 11.01 61.25 -29.29
N LEU H 269 12.33 61.37 -29.41
CA LEU H 269 13.11 60.73 -30.47
C LEU H 269 13.09 59.21 -30.31
N ASP H 270 12.97 58.75 -29.06
CA ASP H 270 12.81 57.32 -28.74
C ASP H 270 11.53 56.79 -29.36
N MET H 271 10.39 57.42 -29.01
CA MET H 271 9.10 57.00 -29.50
C MET H 271 8.99 57.24 -30.99
N SER H 272 9.72 58.24 -31.50
CA SER H 272 9.79 58.54 -32.92
C SER H 272 10.47 57.42 -33.69
N ASN H 273 11.39 56.68 -33.05
CA ASN H 273 12.10 55.57 -33.66
C ASN H 273 11.20 54.33 -33.76
N GLU H 274 10.46 54.04 -32.68
CA GLU H 274 9.65 52.84 -32.59
C GLU H 274 8.62 52.80 -33.72
N TYR H 275 7.94 53.93 -33.95
CA TYR H 275 6.86 54.05 -34.92
C TYR H 275 7.42 53.95 -36.34
N SER H 276 8.71 54.28 -36.50
CA SER H 276 9.39 54.19 -37.78
C SER H 276 9.43 52.72 -38.25
N LEU H 277 9.98 51.85 -37.41
CA LEU H 277 10.20 50.44 -37.74
C LEU H 277 8.90 49.64 -37.67
N PHE H 278 7.98 50.06 -36.77
CA PHE H 278 6.73 49.38 -36.55
C PHE H 278 5.85 49.47 -37.80
N ILE H 279 5.56 50.71 -38.21
CA ILE H 279 4.68 50.98 -39.35
C ILE H 279 5.36 50.60 -40.66
N THR H 280 6.70 50.48 -40.65
CA THR H 280 7.44 49.95 -41.79
C THR H 280 7.05 48.49 -42.01
N SER H 281 7.26 47.66 -40.99
CA SER H 281 7.00 46.23 -41.06
C SER H 281 5.51 45.96 -41.32
N ASP H 282 4.64 46.76 -40.69
CA ASP H 282 3.21 46.56 -40.68
C ASP H 282 2.58 46.96 -42.02
N HIS H 283 3.16 47.97 -42.68
CA HIS H 283 2.72 48.36 -44.02
C HIS H 283 3.13 47.28 -45.01
N LEU H 284 4.34 46.72 -44.84
CA LEU H 284 4.86 45.65 -45.68
C LEU H 284 4.01 44.39 -45.51
N ARG H 285 3.84 43.95 -44.25
CA ARG H 285 3.12 42.73 -43.90
C ARG H 285 1.76 42.70 -44.58
N GLN H 286 1.03 43.83 -44.49
CA GLN H 286 -0.32 43.98 -45.02
C GLN H 286 -0.32 43.82 -46.54
N MET H 287 0.68 44.40 -47.22
CA MET H 287 0.75 44.39 -48.68
C MET H 287 1.24 43.05 -49.19
N LEU H 288 2.19 42.42 -48.47
CA LEU H 288 2.69 41.09 -48.82
C LEU H 288 1.56 40.07 -48.74
N TYR H 289 0.70 40.23 -47.71
CA TYR H 289 -0.43 39.34 -47.46
C TYR H 289 -1.44 39.41 -48.61
N ASN H 290 -1.57 40.60 -49.22
CA ASN H 290 -2.47 40.84 -50.34
C ASN H 290 -1.93 40.18 -51.61
N THR H 291 -0.60 39.99 -51.67
CA THR H 291 0.07 39.44 -52.85
C THR H 291 0.11 37.91 -52.77
N PHE H 292 0.34 37.40 -51.55
CA PHE H 292 0.34 35.96 -51.27
C PHE H 292 -0.94 35.34 -51.81
N TYR H 293 -2.09 35.89 -51.39
CA TYR H 293 -3.40 35.35 -51.73
C TYR H 293 -3.87 35.85 -53.09
N SER H 294 -3.09 36.72 -53.75
CA SER H 294 -3.35 37.04 -55.15
C SER H 294 -2.91 35.88 -56.03
N LYS H 295 -1.78 35.25 -55.68
CA LYS H 295 -1.21 34.18 -56.47
C LYS H 295 -1.32 32.83 -55.76
N GLU H 296 -2.12 32.78 -54.68
CA GLU H 296 -2.62 31.53 -54.14
C GLU H 296 -3.89 31.15 -54.92
N LYS H 297 -4.61 32.18 -55.40
CA LYS H 297 -5.79 31.99 -56.24
C LYS H 297 -5.36 31.60 -57.67
N HIS H 298 -4.12 31.97 -58.04
CA HIS H 298 -3.57 31.63 -59.35
C HIS H 298 -2.98 30.22 -59.34
N LEU H 299 -2.59 29.74 -58.15
CA LEU H 299 -2.28 28.34 -57.93
C LEU H 299 -3.56 27.52 -58.12
N ASN H 300 -4.67 28.04 -57.57
CA ASN H 300 -5.97 27.38 -57.61
C ASN H 300 -6.61 27.50 -59.00
N ASN H 301 -6.09 28.40 -59.84
CA ASN H 301 -6.53 28.52 -61.23
C ASN H 301 -6.03 27.31 -62.04
N ILE H 302 -4.86 26.78 -61.67
CA ILE H 302 -4.29 25.63 -62.34
C ILE H 302 -5.05 24.37 -61.93
N ALA I 7 13.25 79.25 -69.12
CA ALA I 7 12.59 79.18 -67.80
C ALA I 7 12.66 80.53 -67.10
N LEU I 8 11.87 80.67 -66.03
CA LEU I 8 11.75 81.87 -65.21
C LEU I 8 11.06 83.02 -65.94
N THR I 9 9.72 82.94 -65.97
CA THR I 9 8.90 83.95 -66.64
C THR I 9 7.86 84.52 -65.69
N GLN I 10 7.59 85.81 -65.89
CA GLN I 10 6.87 86.72 -65.01
C GLN I 10 7.20 88.16 -65.45
N PRO I 11 6.25 88.94 -66.03
CA PRO I 11 6.49 90.36 -66.30
C PRO I 11 6.44 91.28 -65.07
N PRO I 12 7.23 92.38 -65.03
CA PRO I 12 7.28 93.26 -63.85
C PRO I 12 6.15 94.28 -63.88
N SER I 13 5.13 94.02 -63.05
CA SER I 13 3.94 94.83 -62.87
C SER I 13 3.17 94.32 -61.64
N VAL I 14 3.41 94.98 -60.50
CA VAL I 14 2.89 94.60 -59.20
C VAL I 14 2.49 95.90 -58.51
N SER I 15 1.51 96.56 -59.15
CA SER I 15 1.16 97.94 -58.84
C SER I 15 -0.35 98.14 -59.04
N GLU I 16 -1.11 98.08 -57.93
CA GLU I 16 -2.55 97.95 -58.01
C GLU I 16 -3.21 98.35 -56.69
N ALA I 17 -4.48 98.77 -56.76
CA ALA I 17 -5.23 99.35 -55.66
C ALA I 17 -5.45 98.35 -54.51
N PRO I 18 -5.69 98.82 -53.26
CA PRO I 18 -5.58 97.96 -52.07
C PRO I 18 -6.72 97.02 -51.71
N ARG I 19 -6.35 95.85 -51.16
CA ARG I 19 -7.25 94.73 -50.90
C ARG I 19 -7.88 94.20 -52.19
N ARG I 20 -6.99 93.81 -53.12
CA ARG I 20 -7.34 93.24 -54.42
C ARG I 20 -6.60 91.91 -54.57
N ARG I 21 -7.30 90.88 -55.07
CA ARG I 21 -6.63 89.67 -55.51
C ARG I 21 -6.04 89.94 -56.89
N VAL I 22 -4.88 89.32 -57.16
CA VAL I 22 -4.05 89.69 -58.29
C VAL I 22 -3.34 88.43 -58.78
N THR I 23 -3.19 88.31 -60.11
CA THR I 23 -2.64 87.12 -60.72
C THR I 23 -1.30 87.45 -61.38
N ILE I 24 -0.31 86.61 -61.06
CA ILE I 24 0.92 86.46 -61.80
C ILE I 24 0.88 85.11 -62.51
N TYR I 25 0.64 85.13 -63.82
CA TYR I 25 0.60 83.93 -64.63
C TYR I 25 2.03 83.50 -64.93
N CYS I 26 2.18 82.24 -65.35
CA CYS I 26 3.47 81.65 -65.66
C CYS I 26 3.31 80.54 -66.69
N SER I 27 3.79 80.80 -67.91
CA SER I 27 3.79 79.83 -68.99
C SER I 27 5.02 78.93 -68.87
N GLY I 28 5.02 77.80 -69.59
CA GLY I 28 6.13 76.87 -69.54
C GLY I 28 6.03 75.76 -70.59
N SER I 29 6.72 74.65 -70.32
CA SER I 29 6.80 73.53 -71.25
C SER I 29 6.75 72.22 -70.48
N SER I 30 6.65 71.10 -71.23
CA SER I 30 6.59 69.76 -70.69
C SER I 30 7.77 69.53 -69.75
N SER I 31 8.99 69.76 -70.29
CA SER I 31 10.24 69.42 -69.65
C SER I 31 10.59 70.31 -68.46
N ASN I 32 9.71 71.25 -68.05
CA ASN I 32 10.02 72.12 -66.94
C ASN I 32 8.86 72.10 -65.93
N ILE I 33 7.87 72.99 -66.10
CA ILE I 33 6.74 73.08 -65.16
C ILE I 33 6.01 71.73 -65.08
N GLY I 34 5.88 71.05 -66.22
CA GLY I 34 5.09 69.84 -66.37
C GLY I 34 5.48 68.69 -65.46
N ASN I 35 6.74 68.63 -65.02
CA ASN I 35 7.23 67.54 -64.20
C ASN I 35 7.86 68.00 -62.88
N ASN I 36 8.14 69.29 -62.73
CA ASN I 36 8.94 69.79 -61.61
C ASN I 36 8.11 70.71 -60.72
N ALA I 37 8.53 70.82 -59.45
CA ALA I 37 7.81 71.59 -58.44
C ALA I 37 8.31 73.04 -58.44
N VAL I 38 7.37 73.98 -58.45
CA VAL I 38 7.65 75.40 -58.60
C VAL I 38 7.80 76.04 -57.23
N SER I 39 8.68 77.05 -57.15
CA SER I 39 8.84 77.92 -55.99
C SER I 39 8.71 79.39 -56.40
N TRP I 40 8.40 80.25 -55.42
CA TRP I 40 8.14 81.66 -55.67
C TRP I 40 8.88 82.54 -54.67
N TYR I 41 9.30 83.73 -55.13
CA TYR I 41 10.17 84.63 -54.39
C TYR I 41 9.71 86.08 -54.56
N GLN I 42 9.88 86.87 -53.49
CA GLN I 42 9.57 88.29 -53.50
C GLN I 42 10.88 89.06 -53.34
N GLN I 43 10.97 90.18 -54.08
CA GLN I 43 12.13 91.06 -54.08
C GLN I 43 11.64 92.48 -53.77
N LEU I 44 11.96 92.96 -52.57
CA LEU I 44 11.79 94.36 -52.23
C LEU I 44 13.04 95.11 -52.66
N PRO I 45 12.96 96.10 -53.60
CA PRO I 45 14.17 96.76 -54.12
C PRO I 45 15.14 97.27 -53.06
N GLY I 46 16.40 96.87 -53.17
CA GLY I 46 17.46 97.26 -52.25
C GLY I 46 17.36 96.53 -50.90
N LYS I 47 16.84 95.30 -50.93
CA LYS I 47 16.68 94.46 -49.74
C LYS I 47 16.62 93.00 -50.14
N SER I 48 17.11 92.12 -49.24
CA SER I 48 17.23 90.69 -49.47
C SER I 48 15.93 90.09 -50.01
N PRO I 49 15.99 89.20 -51.03
CA PRO I 49 14.79 88.47 -51.47
C PRO I 49 14.33 87.44 -50.44
N LYS I 50 13.07 87.01 -50.56
CA LYS I 50 12.47 86.07 -49.61
C LYS I 50 11.62 85.03 -50.34
N LEU I 51 11.65 83.80 -49.82
CA LEU I 51 10.78 82.72 -50.28
C LEU I 51 9.38 82.91 -49.67
N LEU I 52 8.34 82.67 -50.47
CA LEU I 52 6.98 82.58 -49.97
C LEU I 52 6.44 81.16 -50.16
N ILE I 53 6.51 80.68 -51.40
CA ILE I 53 5.89 79.43 -51.81
C ILE I 53 6.97 78.46 -52.29
N TYR I 54 6.86 77.21 -51.83
CA TYR I 54 7.63 76.09 -52.34
C TYR I 54 6.72 74.86 -52.34
N PHE I 55 7.15 73.81 -53.07
CA PHE I 55 6.33 72.63 -53.34
C PHE I 55 5.05 73.03 -54.05
N ASP I 56 5.13 74.05 -54.92
CA ASP I 56 4.02 74.53 -55.73
C ASP I 56 3.04 75.36 -54.90
N ASP I 57 2.69 74.88 -53.70
CA ASP I 57 1.96 75.67 -52.72
C ASP I 57 2.23 75.14 -51.30
N LEU I 58 3.14 75.83 -50.59
CA LEU I 58 3.35 75.64 -49.17
C LEU I 58 3.95 76.90 -48.57
N VAL I 59 3.50 77.26 -47.35
CA VAL I 59 3.85 78.52 -46.71
C VAL I 59 5.14 78.35 -45.90
N THR I 60 6.05 79.32 -46.06
CA THR I 60 7.24 79.41 -45.22
C THR I 60 6.83 79.92 -43.84
N SER I 61 7.57 79.47 -42.81
CA SER I 61 7.23 79.74 -41.42
C SER I 61 7.40 81.22 -41.11
N GLY I 62 6.28 81.96 -41.13
CA GLY I 62 6.27 83.40 -40.89
C GLY I 62 5.50 84.15 -41.98
N VAL I 63 5.57 83.64 -43.22
CA VAL I 63 5.00 84.29 -44.39
C VAL I 63 3.48 84.14 -44.36
N SER I 64 2.77 85.15 -44.90
CA SER I 64 1.32 85.24 -44.86
C SER I 64 0.69 84.31 -45.89
N ASP I 65 -0.55 83.88 -45.62
CA ASP I 65 -1.30 82.96 -46.47
C ASP I 65 -1.92 83.71 -47.64
N ARG I 66 -1.82 85.05 -47.63
CA ARG I 66 -2.37 85.88 -48.69
C ARG I 66 -1.75 85.50 -50.04
N PHE I 67 -0.46 85.16 -50.03
CA PHE I 67 0.22 84.63 -51.20
C PHE I 67 -0.11 83.14 -51.34
N SER I 68 -0.24 82.68 -52.60
CA SER I 68 -0.58 81.30 -52.89
C SER I 68 -0.16 80.93 -54.31
N GLY I 69 0.58 79.81 -54.44
CA GLY I 69 0.99 79.28 -55.73
C GLY I 69 -0.02 78.26 -56.27
N SER I 70 0.15 77.88 -57.55
CA SER I 70 -0.79 76.99 -58.24
C SER I 70 -0.17 76.45 -59.52
N LYS I 71 -0.80 75.42 -60.10
CA LYS I 71 -0.32 74.75 -61.30
C LYS I 71 -1.43 73.97 -61.99
N SER I 72 -1.43 74.03 -63.32
CA SER I 72 -2.30 73.22 -64.17
C SER I 72 -1.60 72.87 -65.47
N GLY I 73 -0.98 71.69 -65.50
CA GLY I 73 -0.28 71.18 -66.68
C GLY I 73 1.04 71.92 -66.91
N THR I 74 1.01 72.86 -67.85
CA THR I 74 2.18 73.64 -68.25
C THR I 74 1.94 75.12 -67.96
N SER I 75 1.05 75.38 -66.99
CA SER I 75 0.69 76.72 -66.54
C SER I 75 0.70 76.76 -65.03
N ALA I 76 1.47 77.71 -64.47
CA ALA I 76 1.49 77.95 -63.03
C ALA I 76 1.11 79.41 -62.78
N SER I 77 0.81 79.72 -61.51
CA SER I 77 0.46 81.08 -61.12
C SER I 77 0.71 81.32 -59.64
N LEU I 78 1.23 82.51 -59.34
CA LEU I 78 1.25 83.07 -58.00
C LEU I 78 0.06 84.01 -57.87
N ALA I 79 -0.68 83.82 -56.77
CA ALA I 79 -1.96 84.48 -56.55
C ALA I 79 -1.98 85.06 -55.14
N ILE I 80 -1.75 86.37 -55.06
CA ILE I 80 -1.81 87.07 -53.78
C ILE I 80 -3.27 87.51 -53.58
N SER I 81 -3.65 87.80 -52.34
CA SER I 81 -5.04 88.13 -52.03
C SER I 81 -5.12 89.00 -50.77
N GLY I 82 -5.53 90.27 -50.97
CA GLY I 82 -5.38 91.29 -49.95
C GLY I 82 -4.03 91.98 -50.10
N LEU I 83 -3.93 92.87 -51.11
CA LEU I 83 -2.72 93.64 -51.36
C LEU I 83 -2.51 94.67 -50.25
N GLN I 84 -1.25 95.15 -50.17
CA GLN I 84 -0.84 96.18 -49.25
C GLN I 84 0.24 97.04 -49.92
N SER I 85 0.74 98.05 -49.17
CA SER I 85 1.87 98.85 -49.59
C SER I 85 3.14 98.00 -49.67
N GLU I 86 3.24 97.00 -48.78
CA GLU I 86 4.40 96.12 -48.73
C GLU I 86 4.47 95.23 -49.97
N ASP I 87 3.29 94.78 -50.45
CA ASP I 87 3.19 93.81 -51.52
C ASP I 87 3.56 94.36 -52.89
N GLU I 88 3.65 95.71 -53.02
CA GLU I 88 4.16 96.33 -54.23
C GLU I 88 5.68 96.17 -54.25
N ALA I 89 6.17 95.23 -55.08
CA ALA I 89 7.57 94.82 -55.10
C ALA I 89 7.93 94.25 -56.48
N ASP I 90 8.87 93.31 -56.50
CA ASP I 90 9.15 92.44 -57.63
C ASP I 90 9.10 90.99 -57.16
N TYR I 91 8.38 90.13 -57.90
CA TYR I 91 8.13 88.77 -57.48
C TYR I 91 8.54 87.79 -58.58
N TYR I 92 9.56 86.95 -58.30
CA TYR I 92 10.07 86.01 -59.28
C TYR I 92 9.85 84.57 -58.83
N CYS I 93 9.95 83.66 -59.79
CA CYS I 93 9.69 82.24 -59.62
C CYS I 93 10.98 81.45 -59.83
N ALA I 94 10.98 80.19 -59.40
CA ALA I 94 12.11 79.29 -59.57
C ALA I 94 11.59 77.90 -59.98
N ALA I 95 12.21 77.34 -61.03
CA ALA I 95 11.77 76.07 -61.62
C ALA I 95 12.90 75.43 -62.42
N TRP I 96 12.92 74.09 -62.43
CA TRP I 96 13.97 73.30 -63.06
C TRP I 96 13.52 72.81 -64.44
N ASP I 97 14.49 72.70 -65.38
CA ASP I 97 14.24 72.29 -66.75
C ASP I 97 15.11 71.08 -67.08
N ASP I 98 14.48 69.89 -67.17
CA ASP I 98 15.15 68.61 -67.36
C ASP I 98 15.84 68.53 -68.73
N ARG I 99 15.30 69.22 -69.74
CA ARG I 99 15.72 69.04 -71.13
C ARG I 99 17.08 69.69 -71.39
N LEU I 100 17.30 70.89 -70.84
CA LEU I 100 18.55 71.61 -71.00
C LEU I 100 19.42 71.53 -69.75
N ASN I 101 18.89 70.93 -68.67
CA ASN I 101 19.62 70.64 -67.45
C ASN I 101 20.07 71.94 -66.78
N GLY I 102 19.11 72.63 -66.14
CA GLY I 102 19.38 73.91 -65.49
C GLY I 102 18.08 74.59 -65.03
N VAL I 103 18.25 75.68 -64.26
CA VAL I 103 17.17 76.58 -63.90
C VAL I 103 16.90 77.48 -65.13
N GLU J 6 22.16 81.79 -35.22
CA GLU J 6 21.79 83.10 -35.81
C GLU J 6 21.85 83.00 -37.33
N VAL J 7 20.87 83.62 -37.99
CA VAL J 7 20.78 83.65 -39.45
C VAL J 7 21.86 84.57 -40.02
N GLN J 8 23.05 83.99 -40.26
CA GLN J 8 24.22 84.72 -40.73
C GLN J 8 24.63 84.20 -42.11
N LEU J 9 24.67 85.10 -43.10
CA LEU J 9 25.25 84.83 -44.41
C LEU J 9 26.03 86.06 -44.86
N VAL J 10 27.33 86.08 -44.52
CA VAL J 10 28.18 87.26 -44.64
C VAL J 10 29.10 87.08 -45.86
N GLU J 11 28.83 87.87 -46.92
CA GLU J 11 29.67 87.88 -48.11
C GLU J 11 31.00 88.57 -47.82
N SER J 12 32.05 88.15 -48.53
CA SER J 12 33.36 88.76 -48.48
C SER J 12 33.97 88.78 -49.89
N GLY J 13 34.75 89.83 -50.18
CA GLY J 13 35.31 90.01 -51.52
C GLY J 13 34.28 90.55 -52.49
N GLY J 14 34.53 90.35 -53.79
CA GLY J 14 33.71 90.90 -54.86
C GLY J 14 34.09 92.35 -55.13
N GLY J 15 34.21 92.71 -56.42
CA GLY J 15 34.66 94.04 -56.79
C GLY J 15 34.66 94.25 -58.30
N LEU J 16 35.80 94.70 -58.85
CA LEU J 16 35.97 94.88 -60.28
C LEU J 16 37.30 94.27 -60.74
N VAL J 17 37.25 93.54 -61.85
CA VAL J 17 38.42 92.97 -62.51
C VAL J 17 38.19 93.05 -64.03
N GLN J 18 39.30 93.14 -64.78
CA GLN J 18 39.28 93.28 -66.22
C GLN J 18 38.83 91.96 -66.87
N PRO J 19 38.25 91.98 -68.10
CA PRO J 19 37.80 90.77 -68.79
C PRO J 19 38.77 89.59 -68.75
N GLY J 20 38.26 88.41 -68.38
CA GLY J 20 39.04 87.19 -68.26
C GLY J 20 39.88 87.20 -66.99
N GLY J 21 39.29 87.68 -65.88
CA GLY J 21 39.97 87.76 -64.60
C GLY J 21 39.62 86.59 -63.68
N SER J 22 40.36 86.49 -62.58
CA SER J 22 40.06 85.58 -61.48
C SER J 22 39.38 86.37 -60.36
N LEU J 23 38.33 85.78 -59.78
CA LEU J 23 37.67 86.35 -58.61
C LEU J 23 37.02 85.23 -57.80
N ARG J 24 37.37 85.17 -56.51
CA ARG J 24 36.86 84.14 -55.60
C ARG J 24 35.96 84.80 -54.55
N LEU J 25 34.67 84.44 -54.56
CA LEU J 25 33.70 84.95 -53.61
C LEU J 25 33.71 84.05 -52.38
N SER J 26 32.99 84.45 -51.32
CA SER J 26 33.01 83.74 -50.06
C SER J 26 31.68 83.87 -49.33
N CYS J 27 31.56 83.11 -48.23
CA CYS J 27 30.53 83.29 -47.21
C CYS J 27 31.11 82.94 -45.85
N ALA J 28 30.33 83.27 -44.81
CA ALA J 28 30.51 82.73 -43.46
C ALA J 28 29.14 82.59 -42.81
N ALA J 29 29.04 81.67 -41.84
CA ALA J 29 27.80 81.42 -41.11
C ALA J 29 28.11 80.76 -39.78
N SER J 30 27.11 80.76 -38.89
CA SER J 30 27.20 80.12 -37.59
C SER J 30 25.79 79.89 -37.03
N GLY J 31 25.72 79.16 -35.91
CA GLY J 31 24.46 78.86 -35.24
C GLY J 31 23.73 77.70 -35.92
N PHE J 32 23.16 77.99 -37.10
CA PHE J 32 22.63 76.96 -37.97
C PHE J 32 23.83 76.21 -38.55
N THR J 33 23.88 74.89 -38.29
CA THR J 33 25.06 74.07 -38.54
C THR J 33 25.27 73.85 -40.04
N PHE J 34 26.19 74.64 -40.62
CA PHE J 34 26.41 74.79 -42.06
C PHE J 34 26.65 73.45 -42.74
N ASN J 35 27.32 72.53 -42.05
CA ASN J 35 27.76 71.24 -42.60
C ASN J 35 26.56 70.36 -42.97
N THR J 36 25.43 70.55 -42.28
CA THR J 36 24.31 69.62 -42.37
C THR J 36 23.33 70.01 -43.48
N TYR J 37 23.50 71.20 -44.08
CA TYR J 37 22.53 71.74 -45.02
C TYR J 37 23.18 72.03 -46.37
N TRP J 38 22.33 72.06 -47.42
CA TRP J 38 22.72 72.40 -48.78
C TRP J 38 22.92 73.91 -48.92
N MET J 39 23.89 74.29 -49.77
CA MET J 39 24.16 75.68 -50.11
C MET J 39 23.96 75.88 -51.61
N SER J 40 23.98 77.15 -52.04
CA SER J 40 23.82 77.51 -53.44
C SER J 40 24.53 78.84 -53.73
N TRP J 41 24.40 79.28 -54.98
CA TRP J 41 24.70 80.64 -55.39
C TRP J 41 23.60 81.13 -56.33
N VAL J 42 23.18 82.38 -56.14
CA VAL J 42 22.23 83.05 -57.01
C VAL J 42 22.80 84.43 -57.34
N ARG J 43 22.55 84.89 -58.58
CA ARG J 43 23.08 86.16 -59.05
C ARG J 43 21.94 87.02 -59.62
N GLN J 44 22.09 88.34 -59.51
CA GLN J 44 21.16 89.31 -60.06
C GLN J 44 21.95 90.47 -60.66
N ALA J 45 21.83 90.65 -61.98
CA ALA J 45 22.42 91.77 -62.69
C ALA J 45 21.56 93.02 -62.48
N PRO J 46 22.17 94.23 -62.35
CA PRO J 46 21.40 95.48 -62.33
C PRO J 46 20.45 95.65 -63.51
N GLY J 47 19.16 95.84 -63.20
CA GLY J 47 18.11 95.93 -64.20
C GLY J 47 17.78 94.58 -64.81
N LYS J 48 17.95 93.51 -64.01
CA LYS J 48 17.66 92.14 -64.39
C LYS J 48 17.24 91.39 -63.13
N GLY J 49 16.49 90.29 -63.29
CA GLY J 49 16.02 89.51 -62.15
C GLY J 49 16.99 88.38 -61.81
N LEU J 50 16.50 87.46 -60.96
CA LEU J 50 17.32 86.41 -60.35
C LEU J 50 17.71 85.36 -61.38
N GLU J 51 18.87 84.73 -61.13
CA GLU J 51 19.40 83.65 -61.95
C GLU J 51 20.26 82.75 -61.08
N TRP J 52 19.93 81.45 -61.08
CA TRP J 52 20.65 80.44 -60.30
C TRP J 52 22.03 80.23 -60.91
N VAL J 53 23.02 80.02 -60.03
CA VAL J 53 24.42 79.85 -60.42
C VAL J 53 24.81 78.39 -60.24
N ALA J 54 24.80 77.88 -59.00
CA ALA J 54 25.33 76.57 -58.69
C ALA J 54 24.74 75.98 -57.40
N ASN J 55 25.00 74.68 -57.19
CA ASN J 55 24.58 73.92 -56.01
C ASN J 55 25.67 72.95 -55.59
N ILE J 56 25.72 72.66 -54.28
CA ILE J 56 26.74 71.82 -53.66
C ILE J 56 26.05 70.78 -52.77
N GLN J 57 26.84 69.88 -52.17
CA GLN J 57 26.37 68.83 -51.27
C GLN J 57 26.98 69.06 -49.89
N GLN J 58 26.49 68.33 -48.87
CA GLN J 58 26.97 68.42 -47.50
C GLN J 58 28.45 68.06 -47.40
N ASP J 59 28.93 67.20 -48.31
CA ASP J 59 30.34 66.80 -48.34
C ASP J 59 30.96 67.12 -49.70
N GLY J 60 30.20 67.83 -50.55
CA GLY J 60 30.64 68.19 -51.88
C GLY J 60 30.77 66.97 -52.81
N SER J 61 29.88 65.99 -52.60
CA SER J 61 29.78 64.84 -53.50
C SER J 61 29.30 65.30 -54.87
N GLU J 62 28.08 65.86 -54.90
CA GLU J 62 27.49 66.40 -56.12
C GLU J 62 27.87 67.87 -56.24
N LYS J 63 28.13 68.29 -57.48
CA LYS J 63 28.26 69.70 -57.85
C LYS J 63 27.48 69.91 -59.15
N ASP J 64 26.79 71.06 -59.27
CA ASP J 64 26.03 71.36 -60.46
C ASP J 64 26.03 72.87 -60.73
N TYR J 65 25.90 73.22 -62.01
CA TYR J 65 25.98 74.59 -62.51
C TYR J 65 24.90 74.81 -63.57
N LEU J 66 24.90 76.01 -64.17
CA LEU J 66 23.97 76.38 -65.24
C LEU J 66 24.51 75.84 -66.56
N ASN J 67 24.45 76.63 -67.64
CA ASN J 67 24.84 76.17 -68.97
C ASN J 67 25.51 77.27 -69.79
N SER J 68 26.30 78.11 -69.10
CA SER J 68 26.97 79.25 -69.73
C SER J 68 28.35 79.45 -69.11
N VAL J 69 28.39 79.35 -67.77
CA VAL J 69 29.61 79.43 -66.99
C VAL J 69 30.05 78.02 -66.60
N ARG J 70 29.75 77.04 -67.48
CA ARG J 70 30.05 75.63 -67.26
C ARG J 70 31.54 75.38 -67.47
N GLY J 71 32.20 74.93 -66.40
CA GLY J 71 33.62 74.67 -66.43
C GLY J 71 34.45 75.85 -65.93
N ARG J 72 33.88 77.05 -66.03
CA ARG J 72 34.50 78.29 -65.61
C ARG J 72 34.42 78.41 -64.09
N PHE J 73 33.20 78.34 -63.54
CA PHE J 73 32.96 78.48 -62.12
C PHE J 73 33.35 77.19 -61.40
N THR J 74 33.62 77.31 -60.10
CA THR J 74 34.01 76.20 -59.25
C THR J 74 33.46 76.42 -57.84
N ILE J 75 32.33 75.76 -57.53
CA ILE J 75 31.74 75.79 -56.20
C ILE J 75 32.53 74.84 -55.29
N SER J 76 32.71 75.25 -54.03
CA SER J 76 33.45 74.49 -53.03
C SER J 76 33.03 74.93 -51.63
N ARG J 77 33.44 74.18 -50.60
CA ARG J 77 33.12 74.52 -49.22
C ARG J 77 34.05 73.79 -48.25
N ASP J 78 34.38 74.49 -47.16
CA ASP J 78 35.05 73.90 -46.00
C ASP J 78 34.04 73.83 -44.87
N ASN J 79 33.73 72.60 -44.44
CA ASN J 79 32.64 72.32 -43.50
C ASN J 79 33.17 72.11 -42.09
N ALA J 80 34.47 72.36 -41.89
CA ALA J 80 35.03 72.49 -40.55
C ALA J 80 34.91 73.93 -40.06
N LYS J 81 35.00 74.88 -41.02
CA LYS J 81 34.99 76.31 -40.74
C LYS J 81 33.66 76.95 -41.16
N LYS J 82 32.75 76.14 -41.73
CA LYS J 82 31.40 76.59 -42.08
C LYS J 82 31.50 77.74 -43.09
N SER J 83 31.89 77.42 -44.33
CA SER J 83 32.30 78.43 -45.29
C SER J 83 32.10 77.94 -46.72
N LEU J 84 31.20 78.60 -47.46
CA LEU J 84 31.03 78.38 -48.89
C LEU J 84 32.02 79.25 -49.66
N TYR J 85 32.34 78.86 -50.90
CA TYR J 85 33.18 79.65 -51.79
C TYR J 85 32.65 79.54 -53.22
N LEU J 86 33.21 80.36 -54.12
CA LEU J 86 32.91 80.32 -55.54
C LEU J 86 34.04 80.99 -56.32
N GLN J 87 35.02 80.17 -56.73
CA GLN J 87 36.09 80.59 -57.63
C GLN J 87 35.50 80.73 -59.04
N MET J 88 35.63 81.94 -59.59
CA MET J 88 35.06 82.27 -60.89
C MET J 88 36.18 82.76 -61.81
N ASN J 89 36.63 81.85 -62.69
CA ASN J 89 37.71 82.12 -63.63
C ASN J 89 37.12 82.39 -65.01
N SER J 90 37.94 82.99 -65.89
CA SER J 90 37.55 83.35 -67.24
C SER J 90 36.28 84.21 -67.20
N LEU J 91 36.31 85.28 -66.40
CA LEU J 91 35.14 86.10 -66.12
C LEU J 91 34.79 86.92 -67.35
N ARG J 92 33.49 86.98 -67.66
CA ARG J 92 32.95 87.78 -68.75
C ARG J 92 32.18 88.96 -68.16
N ALA J 93 31.46 89.72 -68.99
CA ALA J 93 30.82 90.96 -68.57
C ALA J 93 29.30 90.78 -68.42
N GLU J 94 28.76 89.72 -69.02
CA GLU J 94 27.42 89.23 -68.73
C GLU J 94 27.35 88.79 -67.25
N ASP J 95 28.51 88.39 -66.70
CA ASP J 95 28.63 87.95 -65.32
C ASP J 95 28.50 89.11 -64.33
N THR J 96 28.22 90.33 -64.82
CA THR J 96 27.90 91.45 -63.95
C THR J 96 26.65 91.09 -63.14
N ALA J 97 26.82 90.93 -61.82
CA ALA J 97 25.70 90.66 -60.93
C ALA J 97 26.11 90.85 -59.47
N VAL J 98 25.08 91.01 -58.62
CA VAL J 98 25.22 90.85 -57.18
C VAL J 98 25.07 89.36 -56.89
N TYR J 99 26.17 88.73 -56.44
CA TYR J 99 26.22 87.30 -56.17
C TYR J 99 25.84 87.05 -54.71
N TYR J 100 24.65 86.47 -54.53
CA TYR J 100 24.16 86.14 -53.20
C TYR J 100 24.61 84.72 -52.85
N CYS J 101 25.24 84.58 -51.69
CA CYS J 101 25.41 83.27 -51.08
C CYS J 101 24.03 82.76 -50.65
N ALA J 102 23.40 82.02 -51.55
CA ALA J 102 22.14 81.36 -51.25
C ALA J 102 22.40 80.09 -50.42
N ARG J 103 21.51 79.83 -49.46
CA ARG J 103 21.41 78.55 -48.80
C ARG J 103 20.07 77.93 -49.17
N ASP J 104 20.04 76.62 -49.38
CA ASP J 104 18.80 75.91 -49.66
C ASP J 104 18.15 75.47 -48.36
N ASN J 105 16.86 75.11 -48.45
CA ASN J 105 16.02 74.78 -47.31
C ASN J 105 16.39 73.38 -46.82
N PRO J 106 15.61 72.71 -45.93
CA PRO J 106 15.97 71.40 -45.39
C PRO J 106 16.64 70.43 -46.37
N ALA J 107 16.00 70.18 -47.52
CA ALA J 107 16.67 69.84 -48.76
C ALA J 107 15.67 69.84 -49.91
N SER J 108 15.25 68.64 -50.31
CA SER J 108 14.35 68.40 -51.44
C SER J 108 14.72 69.23 -52.68
N ALA J 109 13.68 69.58 -53.46
CA ALA J 109 13.78 70.64 -54.45
C ALA J 109 13.81 72.00 -53.74
N VAL J 110 13.91 72.03 -52.39
CA VAL J 110 13.52 73.20 -51.62
C VAL J 110 14.61 74.27 -51.76
N ALA J 111 14.27 75.33 -52.51
CA ALA J 111 15.29 76.22 -53.05
C ALA J 111 15.75 77.20 -51.98
N PHE J 112 15.89 78.48 -52.35
CA PHE J 112 16.74 79.43 -51.66
C PHE J 112 16.12 79.83 -50.32
N ASP J 113 16.46 79.08 -49.26
CA ASP J 113 15.95 79.31 -47.92
C ASP J 113 16.19 80.77 -47.53
N VAL J 114 17.47 81.14 -47.44
CA VAL J 114 17.90 82.45 -46.98
C VAL J 114 18.83 83.03 -48.04
N TRP J 115 19.01 84.36 -47.96
CA TRP J 115 19.83 85.11 -48.89
C TRP J 115 20.77 85.99 -48.08
N GLY J 116 22.05 86.03 -48.49
CA GLY J 116 23.02 86.93 -47.89
C GLY J 116 22.86 88.35 -48.45
N GLN J 117 23.71 89.25 -47.97
CA GLN J 117 23.64 90.66 -48.33
C GLN J 117 23.99 90.82 -49.82
N GLY J 118 25.09 90.17 -50.24
CA GLY J 118 25.44 90.05 -51.64
C GLY J 118 26.75 90.74 -51.97
N ALA J 119 27.47 90.17 -52.94
CA ALA J 119 28.74 90.71 -53.41
C ALA J 119 28.58 91.29 -54.82
N MET J 120 28.73 92.61 -54.94
CA MET J 120 28.73 93.28 -56.23
C MET J 120 29.99 92.88 -56.99
N VAL J 121 29.79 92.16 -58.09
CA VAL J 121 30.83 91.83 -59.05
C VAL J 121 30.48 92.50 -60.37
N THR J 122 31.16 93.62 -60.65
CA THR J 122 31.06 94.32 -61.93
C THR J 122 32.30 93.97 -62.76
N VAL J 123 32.09 93.72 -64.06
CA VAL J 123 33.17 93.38 -64.97
C VAL J 123 33.15 94.36 -66.16
N SER J 124 34.22 95.14 -66.31
CA SER J 124 34.33 96.14 -67.36
C SER J 124 35.80 96.50 -67.61
N SER J 125 36.08 97.14 -68.75
CA SER J 125 37.43 97.52 -69.13
C SER J 125 37.99 98.57 -68.15
N ALA K 7 -20.06 67.86 -1.53
CA ALA K 7 -19.47 66.63 -2.10
C ALA K 7 -17.94 66.69 -2.01
N LEU K 8 -17.36 67.77 -2.55
CA LEU K 8 -15.92 67.90 -2.74
C LEU K 8 -15.26 68.29 -1.40
N THR K 9 -13.94 68.14 -1.31
CA THR K 9 -13.06 69.03 -0.54
C THR K 9 -11.90 69.47 -1.44
N GLN K 10 -11.39 70.69 -1.19
CA GLN K 10 -10.20 71.21 -1.86
C GLN K 10 -9.54 72.31 -1.02
N PRO K 11 -8.42 72.07 -0.31
CA PRO K 11 -7.79 73.09 0.55
C PRO K 11 -6.87 74.11 -0.09
N PRO K 12 -6.39 75.13 0.69
CA PRO K 12 -5.67 76.32 0.17
C PRO K 12 -4.18 76.71 0.34
N SER K 13 -3.47 77.06 -0.77
CA SER K 13 -2.23 77.80 -0.75
C SER K 13 -1.87 78.35 -2.14
N VAL K 14 -2.07 79.66 -2.36
CA VAL K 14 -1.61 80.37 -3.55
C VAL K 14 -0.90 81.71 -3.26
N SER K 15 0.39 81.82 -3.67
CA SER K 15 0.97 82.99 -4.31
C SER K 15 2.16 82.48 -5.12
N GLU K 16 2.19 82.61 -6.47
CA GLU K 16 3.28 81.98 -7.20
C GLU K 16 3.62 82.72 -8.49
N ALA K 17 4.91 82.65 -8.86
CA ALA K 17 5.51 83.51 -9.87
C ALA K 17 5.20 83.02 -11.28
N PRO K 18 5.85 83.56 -12.35
CA PRO K 18 5.70 83.03 -13.71
C PRO K 18 6.45 81.75 -14.10
N ARG K 19 5.82 80.96 -14.98
CA ARG K 19 6.42 79.90 -15.77
C ARG K 19 6.82 78.71 -14.88
N ARG K 20 5.86 78.15 -14.12
CA ARG K 20 6.00 76.79 -13.61
C ARG K 20 4.62 76.16 -13.37
N ARG K 21 4.60 74.83 -13.41
CA ARG K 21 3.40 74.02 -13.49
C ARG K 21 2.88 73.74 -12.08
N VAL K 22 1.58 73.51 -11.95
CA VAL K 22 0.86 73.52 -10.66
C VAL K 22 -0.31 72.53 -10.73
N THR K 23 -0.63 71.89 -9.58
CA THR K 23 -1.57 70.80 -9.55
C THR K 23 -2.81 71.12 -8.73
N ILE K 24 -3.95 70.73 -9.29
CA ILE K 24 -5.14 70.36 -8.54
C ILE K 24 -5.38 68.88 -8.79
N TYR K 25 -5.01 67.97 -7.85
CA TYR K 25 -5.36 66.56 -7.98
C TYR K 25 -6.82 66.38 -7.55
N CYS K 26 -7.50 65.28 -7.96
CA CYS K 26 -8.96 65.23 -7.84
C CYS K 26 -9.47 63.81 -7.71
N SER K 27 -10.02 63.48 -6.54
CA SER K 27 -10.63 62.18 -6.28
C SER K 27 -12.06 62.14 -6.79
N GLY K 28 -12.61 60.93 -6.92
CA GLY K 28 -13.99 60.69 -7.27
C GLY K 28 -14.42 59.25 -6.97
N SER K 29 -15.66 58.92 -7.39
CA SER K 29 -16.23 57.60 -7.24
C SER K 29 -16.91 57.16 -8.54
N SER K 30 -17.41 55.91 -8.57
CA SER K 30 -17.99 55.31 -9.77
C SER K 30 -19.11 56.20 -10.32
N SER K 31 -20.07 56.50 -9.45
CA SER K 31 -21.33 57.13 -9.84
C SER K 31 -21.18 58.62 -10.14
N ASN K 32 -19.95 59.16 -10.14
CA ASN K 32 -19.76 60.58 -10.38
C ASN K 32 -18.70 60.78 -11.48
N ILE K 33 -17.43 60.88 -11.12
CA ILE K 33 -16.37 61.13 -12.09
C ILE K 33 -16.34 60.02 -13.14
N GLY K 34 -16.57 58.78 -12.70
CA GLY K 34 -16.43 57.57 -13.51
C GLY K 34 -17.30 57.55 -14.77
N ASN K 35 -18.44 58.25 -14.76
CA ASN K 35 -19.37 58.24 -15.88
C ASN K 35 -19.69 59.63 -16.45
N ASN K 36 -19.29 60.70 -15.74
CA ASN K 36 -19.70 62.06 -16.10
C ASN K 36 -18.49 62.89 -16.52
N ALA K 37 -18.75 63.95 -17.30
CA ALA K 37 -17.73 64.86 -17.77
C ALA K 37 -17.52 65.97 -16.75
N VAL K 38 -16.24 66.23 -16.44
CA VAL K 38 -15.84 67.21 -15.44
C VAL K 38 -15.61 68.55 -16.13
N SER K 39 -15.94 69.63 -15.39
CA SER K 39 -15.63 71.00 -15.80
C SER K 39 -14.88 71.71 -14.69
N TRP K 40 -14.17 72.79 -15.06
CA TRP K 40 -13.28 73.52 -14.16
C TRP K 40 -13.52 75.03 -14.29
N TYR K 41 -13.37 75.74 -13.15
CA TYR K 41 -13.73 77.14 -13.02
C TYR K 41 -12.69 77.90 -12.22
N GLN K 42 -12.47 79.17 -12.60
CA GLN K 42 -11.61 80.09 -11.88
C GLN K 42 -12.47 81.18 -11.24
N GLN K 43 -12.10 81.60 -10.03
CA GLN K 43 -12.74 82.68 -9.29
C GLN K 43 -11.68 83.70 -8.91
N LEU K 44 -11.71 84.86 -9.58
CA LEU K 44 -10.90 86.00 -9.21
C LEU K 44 -11.61 86.79 -8.11
N PRO K 45 -11.04 86.93 -6.89
CA PRO K 45 -11.80 87.44 -5.74
C PRO K 45 -12.52 88.75 -5.99
N GLY K 46 -13.83 88.75 -5.71
CA GLY K 46 -14.68 89.92 -5.87
C GLY K 46 -15.01 90.22 -7.34
N LYS K 47 -15.05 89.16 -8.18
CA LYS K 47 -15.34 89.27 -9.60
C LYS K 47 -15.86 87.95 -10.14
N SER K 48 -16.70 88.01 -11.18
CA SER K 48 -17.42 86.88 -11.74
C SER K 48 -16.50 85.69 -12.00
N PRO K 49 -16.93 84.44 -11.65
CA PRO K 49 -16.19 83.23 -12.04
C PRO K 49 -16.24 82.96 -13.55
N LYS K 50 -15.29 82.15 -14.04
CA LYS K 50 -15.12 81.88 -15.46
C LYS K 50 -14.82 80.40 -15.66
N LEU K 51 -15.40 79.84 -16.74
CA LEU K 51 -15.14 78.48 -17.18
C LEU K 51 -13.84 78.45 -17.98
N LEU K 52 -13.02 77.43 -17.73
CA LEU K 52 -11.77 77.23 -18.46
C LEU K 52 -11.84 75.91 -19.22
N ILE K 53 -12.14 74.82 -18.49
CA ILE K 53 -12.16 73.47 -19.03
C ILE K 53 -13.57 72.90 -18.89
N TYR K 54 -14.02 72.27 -19.99
CA TYR K 54 -15.24 71.49 -20.03
C TYR K 54 -15.00 70.28 -20.94
N PHE K 55 -15.89 69.28 -20.85
CA PHE K 55 -15.70 67.98 -21.48
C PHE K 55 -14.40 67.34 -21.00
N ASP K 56 -14.04 67.57 -19.73
CA ASP K 56 -12.87 67.01 -19.09
C ASP K 56 -11.57 67.69 -19.57
N ASP K 57 -11.45 67.92 -20.88
CA ASP K 57 -10.41 68.79 -21.42
C ASP K 57 -10.84 69.38 -22.75
N LEU K 58 -11.32 70.63 -22.71
CA LEU K 58 -11.52 71.47 -23.87
C LEU K 58 -11.43 72.93 -23.47
N VAL K 59 -10.78 73.74 -24.33
CA VAL K 59 -10.51 75.14 -24.05
C VAL K 59 -11.70 76.00 -24.50
N THR K 60 -12.12 76.93 -23.63
CA THR K 60 -13.13 77.92 -23.97
C THR K 60 -12.50 78.98 -24.88
N SER K 61 -13.30 79.55 -25.79
CA SER K 61 -12.80 80.44 -26.83
C SER K 61 -12.31 81.74 -26.21
N GLY K 62 -10.99 81.85 -26.00
CA GLY K 62 -10.38 83.01 -25.36
C GLY K 62 -9.43 82.61 -24.24
N VAL K 63 -9.76 81.52 -23.54
CA VAL K 63 -8.98 81.02 -22.40
C VAL K 63 -7.71 80.36 -22.94
N SER K 64 -6.64 80.44 -22.17
CA SER K 64 -5.30 79.97 -22.56
C SER K 64 -5.19 78.47 -22.41
N ASP K 65 -4.29 77.86 -23.19
CA ASP K 65 -4.06 76.41 -23.17
C ASP K 65 -3.18 76.00 -21.99
N ARG K 66 -2.67 77.00 -21.25
CA ARG K 66 -1.84 76.78 -20.08
C ARG K 66 -2.59 75.94 -19.05
N PHE K 67 -3.91 76.18 -18.92
CA PHE K 67 -4.79 75.36 -18.10
C PHE K 67 -5.16 74.10 -18.88
N SER K 68 -5.27 72.96 -18.17
CA SER K 68 -5.57 71.68 -18.82
C SER K 68 -6.16 70.70 -17.79
N GLY K 69 -7.31 70.12 -18.14
CA GLY K 69 -7.96 69.11 -17.31
C GLY K 69 -7.54 67.70 -17.74
N SER K 70 -7.88 66.69 -16.92
CA SER K 70 -7.48 65.31 -17.16
C SER K 70 -8.30 64.33 -16.31
N LYS K 71 -8.24 63.05 -16.66
CA LYS K 71 -9.02 62.00 -16.02
C LYS K 71 -8.48 60.61 -16.37
N SER K 72 -8.46 59.73 -15.35
CA SER K 72 -8.29 58.29 -15.53
C SER K 72 -9.13 57.53 -14.49
N GLY K 73 -10.31 57.08 -14.92
CA GLY K 73 -11.18 56.26 -14.08
C GLY K 73 -11.87 57.10 -13.00
N THR K 74 -11.33 57.05 -11.78
CA THR K 74 -11.87 57.78 -10.64
C THR K 74 -10.86 58.81 -10.15
N SER K 75 -9.95 59.21 -11.03
CA SER K 75 -8.84 60.11 -10.70
C SER K 75 -8.68 61.17 -11.78
N ALA K 76 -8.76 62.44 -11.41
CA ALA K 76 -8.75 63.57 -12.32
C ALA K 76 -7.70 64.57 -11.86
N SER K 77 -7.50 65.63 -12.65
CA SER K 77 -6.64 66.74 -12.27
C SER K 77 -6.84 67.94 -13.20
N LEU K 78 -6.83 69.16 -12.62
CA LEU K 78 -6.58 70.39 -13.36
C LEU K 78 -5.10 70.74 -13.23
N ALA K 79 -4.48 71.01 -14.37
CA ALA K 79 -3.04 71.20 -14.47
C ALA K 79 -2.75 72.46 -15.27
N ILE K 80 -2.39 73.53 -14.56
CA ILE K 80 -1.98 74.78 -15.20
C ILE K 80 -0.48 74.70 -15.47
N SER K 81 0.03 75.52 -16.40
CA SER K 81 1.43 75.47 -16.79
C SER K 81 1.89 76.82 -17.34
N GLY K 82 2.80 77.47 -16.64
CA GLY K 82 3.16 78.86 -16.90
C GLY K 82 2.27 79.79 -16.08
N LEU K 83 2.55 79.90 -14.77
CA LEU K 83 1.79 80.74 -13.87
C LEU K 83 2.04 82.22 -14.17
N GLN K 84 1.13 83.06 -13.67
CA GLN K 84 1.21 84.51 -13.78
C GLN K 84 0.65 85.13 -12.50
N SER K 85 0.65 86.46 -12.43
CA SER K 85 -0.02 87.22 -11.39
C SER K 85 -1.53 87.02 -11.44
N GLU K 86 -2.07 86.86 -12.67
CA GLU K 86 -3.49 86.66 -12.90
C GLU K 86 -3.95 85.31 -12.35
N ASP K 87 -3.09 84.29 -12.49
CA ASP K 87 -3.44 82.90 -12.16
C ASP K 87 -3.54 82.66 -10.65
N GLU K 88 -3.05 83.58 -9.82
CA GLU K 88 -3.27 83.53 -8.39
C GLU K 88 -4.73 83.93 -8.10
N ALA K 89 -5.58 82.93 -7.80
CA ALA K 89 -7.01 83.13 -7.66
C ALA K 89 -7.60 82.08 -6.73
N ASP K 90 -8.85 81.69 -6.99
CA ASP K 90 -9.49 80.50 -6.43
C ASP K 90 -10.07 79.71 -7.60
N TYR K 91 -9.83 78.38 -7.65
CA TYR K 91 -10.21 77.55 -8.79
C TYR K 91 -11.03 76.36 -8.30
N TYR K 92 -12.25 76.22 -8.81
CA TYR K 92 -13.19 75.18 -8.39
C TYR K 92 -13.52 74.30 -9.61
N CYS K 93 -14.06 73.10 -9.31
CA CYS K 93 -14.49 72.13 -10.30
C CYS K 93 -16.00 71.95 -10.22
N ALA K 94 -16.58 71.33 -11.27
CA ALA K 94 -17.99 70.99 -11.29
C ALA K 94 -18.17 69.59 -11.87
N ALA K 95 -18.96 68.75 -11.17
CA ALA K 95 -19.14 67.36 -11.55
C ALA K 95 -20.45 66.81 -10.99
N TRP K 96 -21.10 65.93 -11.76
CA TRP K 96 -22.43 65.43 -11.47
C TRP K 96 -22.36 64.03 -10.85
N ASP K 97 -23.30 63.73 -9.96
CA ASP K 97 -23.36 62.46 -9.24
C ASP K 97 -24.73 61.81 -9.47
N ASP K 98 -24.74 60.74 -10.29
CA ASP K 98 -25.95 60.07 -10.72
C ASP K 98 -26.68 59.39 -9.56
N ARG K 99 -25.94 58.95 -8.54
CA ARG K 99 -26.48 58.07 -7.50
C ARG K 99 -27.40 58.86 -6.54
N LEU K 100 -26.98 60.06 -6.16
CA LEU K 100 -27.74 60.91 -5.26
C LEU K 100 -28.46 62.04 -6.01
N ASN K 101 -28.20 62.15 -7.32
CA ASN K 101 -28.91 63.09 -8.19
C ASN K 101 -28.63 64.54 -7.79
N GLY K 102 -27.41 65.01 -8.10
CA GLY K 102 -26.99 66.38 -7.81
C GLY K 102 -25.49 66.57 -8.03
N VAL K 103 -25.02 67.80 -7.76
CA VAL K 103 -23.59 68.11 -7.67
C VAL K 103 -23.07 67.58 -6.31
N GLU L 6 -24.37 91.09 -27.14
CA GLU L 6 -23.47 89.90 -27.15
C GLU L 6 -23.77 89.06 -25.91
N VAL L 7 -22.71 88.57 -25.25
CA VAL L 7 -22.82 87.78 -24.04
C VAL L 7 -23.26 88.67 -22.87
N GLN L 8 -24.59 88.77 -22.70
CA GLN L 8 -25.23 89.59 -21.70
C GLN L 8 -26.01 88.71 -20.72
N LEU L 9 -25.74 88.88 -19.41
CA LEU L 9 -26.49 88.21 -18.36
C LEU L 9 -26.72 89.22 -17.22
N VAL L 10 -27.85 89.91 -17.28
CA VAL L 10 -28.15 91.04 -16.40
C VAL L 10 -29.16 90.61 -15.35
N GLU L 11 -28.70 90.49 -14.09
CA GLU L 11 -29.57 90.15 -12.97
C GLU L 11 -30.47 91.34 -12.62
N SER L 12 -31.66 91.03 -12.10
CA SER L 12 -32.62 92.02 -11.62
C SER L 12 -33.28 91.52 -10.34
N GLY L 13 -33.61 92.45 -9.43
CA GLY L 13 -34.14 92.10 -8.13
C GLY L 13 -33.04 91.61 -7.19
N GLY L 14 -33.45 90.86 -6.16
CA GLY L 14 -32.55 90.39 -5.12
C GLY L 14 -32.31 91.48 -4.07
N GLY L 15 -32.37 91.11 -2.79
CA GLY L 15 -32.05 92.03 -1.71
C GLY L 15 -32.41 91.38 -0.37
N LEU L 16 -33.58 91.83 0.11
CA LEU L 16 -34.15 91.80 1.45
C LEU L 16 -35.58 91.31 1.35
N VAL L 17 -36.01 90.54 2.35
CA VAL L 17 -37.41 90.20 2.64
C VAL L 17 -37.45 89.56 4.03
N GLN L 18 -38.50 89.84 4.82
CA GLN L 18 -38.63 89.37 6.19
C GLN L 18 -38.89 87.86 6.20
N PRO L 19 -38.56 87.12 7.30
CA PRO L 19 -38.58 85.62 7.38
C PRO L 19 -39.43 84.33 7.02
N GLY L 20 -39.51 83.85 5.70
CA GLY L 20 -40.26 82.76 5.01
C GLY L 20 -41.09 83.34 3.84
N GLY L 21 -40.38 84.11 3.03
CA GLY L 21 -41.00 85.04 2.10
C GLY L 21 -40.93 84.51 0.69
N SER L 22 -41.54 85.28 -0.23
CA SER L 22 -41.43 85.10 -1.67
C SER L 22 -40.39 86.07 -2.22
N LEU L 23 -39.52 85.57 -3.10
CA LEU L 23 -38.58 86.40 -3.85
C LEU L 23 -38.32 85.73 -5.21
N ARG L 24 -38.50 86.53 -6.26
CA ARG L 24 -38.35 86.06 -7.64
C ARG L 24 -37.17 86.78 -8.26
N LEU L 25 -36.13 86.01 -8.62
CA LEU L 25 -34.94 86.53 -9.28
C LEU L 25 -35.19 86.52 -10.80
N SER L 26 -34.28 87.14 -11.55
CA SER L 26 -34.47 87.31 -12.98
C SER L 26 -33.15 87.30 -13.74
N CYS L 27 -33.25 87.30 -15.07
CA CYS L 27 -32.16 87.60 -15.98
C CYS L 27 -32.71 88.31 -17.20
N ALA L 28 -31.78 88.83 -18.01
CA ALA L 28 -32.03 89.31 -19.35
C ALA L 28 -30.80 89.04 -20.20
N ALA L 29 -31.00 88.95 -21.52
CA ALA L 29 -29.95 88.69 -22.49
C ALA L 29 -30.44 89.11 -23.88
N SER L 30 -29.52 89.17 -24.84
CA SER L 30 -29.85 89.38 -26.24
C SER L 30 -28.69 88.91 -27.13
N GLY L 31 -28.94 88.92 -28.45
CA GLY L 31 -27.91 88.66 -29.45
C GLY L 31 -27.69 87.16 -29.62
N PHE L 32 -27.00 86.57 -28.63
CA PHE L 32 -26.86 85.13 -28.53
C PHE L 32 -28.22 84.56 -28.13
N THR L 33 -28.75 83.68 -28.98
CA THR L 33 -30.18 83.34 -29.00
C THR L 33 -30.53 82.45 -27.82
N PHE L 34 -31.11 83.08 -26.77
CA PHE L 34 -31.39 82.50 -25.46
C PHE L 34 -32.15 81.17 -25.58
N ASN L 35 -33.08 81.11 -26.55
CA ASN L 35 -34.02 80.01 -26.70
C ASN L 35 -33.31 78.69 -27.00
N THR L 36 -32.14 78.78 -27.66
CA THR L 36 -31.49 77.62 -28.23
C THR L 36 -30.55 76.93 -27.23
N TYR L 37 -30.28 77.57 -26.09
CA TYR L 37 -29.26 77.09 -25.16
C TYR L 37 -29.84 76.83 -23.77
N TRP L 38 -29.16 75.96 -23.01
CA TRP L 38 -29.51 75.63 -21.64
C TRP L 38 -29.11 76.75 -20.69
N MET L 39 -29.92 76.91 -19.62
CA MET L 39 -29.63 77.84 -18.54
C MET L 39 -29.50 77.10 -17.22
N SER L 40 -29.08 77.82 -16.18
CA SER L 40 -28.90 77.28 -14.85
C SER L 40 -29.05 78.37 -13.81
N TRP L 41 -28.88 77.98 -12.53
CA TRP L 41 -28.64 78.90 -11.43
C TRP L 41 -27.53 78.33 -10.56
N VAL L 42 -26.62 79.20 -10.12
CA VAL L 42 -25.56 78.86 -9.18
C VAL L 42 -25.54 79.94 -8.11
N ARG L 43 -25.24 79.53 -6.86
CA ARG L 43 -25.24 80.44 -5.73
C ARG L 43 -23.91 80.33 -4.98
N GLN L 44 -23.49 81.44 -4.38
CA GLN L 44 -22.28 81.52 -3.57
C GLN L 44 -22.55 82.38 -2.35
N ALA L 45 -22.46 81.78 -1.16
CA ALA L 45 -22.58 82.49 0.11
C ALA L 45 -21.28 83.23 0.42
N PRO L 46 -21.33 84.46 1.00
CA PRO L 46 -20.11 85.17 1.40
C PRO L 46 -19.21 84.37 2.34
N GLY L 47 -17.94 84.20 1.92
CA GLY L 47 -16.98 83.39 2.64
C GLY L 47 -17.26 81.89 2.49
N LYS L 48 -17.83 81.51 1.34
CA LYS L 48 -18.16 80.13 0.99
C LYS L 48 -18.07 80.00 -0.54
N GLY L 49 -17.89 78.78 -1.05
CA GLY L 49 -17.70 78.58 -2.47
C GLY L 49 -19.02 78.25 -3.18
N LEU L 50 -18.90 77.76 -4.41
CA LEU L 50 -20.01 77.65 -5.35
C LEU L 50 -20.92 76.49 -4.94
N GLU L 51 -22.20 76.62 -5.32
CA GLU L 51 -23.20 75.58 -5.12
C GLU L 51 -24.26 75.70 -6.21
N TRP L 52 -24.47 74.59 -6.95
CA TRP L 52 -25.46 74.54 -8.03
C TRP L 52 -26.86 74.57 -7.44
N VAL L 53 -27.76 75.27 -8.14
CA VAL L 53 -29.14 75.47 -7.71
C VAL L 53 -30.07 74.60 -8.57
N ALA L 54 -30.13 74.90 -9.88
CA ALA L 54 -31.11 74.27 -10.76
C ALA L 54 -30.67 74.31 -12.22
N ASN L 55 -31.39 73.54 -13.06
CA ASN L 55 -31.20 73.46 -14.50
C ASN L 55 -32.56 73.36 -15.21
N ILE L 56 -32.61 73.89 -16.44
CA ILE L 56 -33.83 74.00 -17.24
C ILE L 56 -33.54 73.47 -18.65
N GLN L 57 -34.57 73.43 -19.50
CA GLN L 57 -34.48 72.95 -20.88
C GLN L 57 -34.83 74.11 -21.82
N GLN L 58 -34.57 73.93 -23.12
CA GLN L 58 -34.86 74.93 -24.15
C GLN L 58 -36.36 75.26 -24.19
N ASP L 59 -37.21 74.30 -23.82
CA ASP L 59 -38.65 74.51 -23.79
C ASP L 59 -39.21 74.24 -22.40
N GLY L 60 -38.31 74.01 -21.44
CA GLY L 60 -38.69 73.71 -20.06
C GLY L 60 -39.35 72.34 -19.92
N SER L 61 -38.92 71.39 -20.76
CA SER L 61 -39.33 69.99 -20.64
C SER L 61 -38.83 69.43 -19.32
N GLU L 62 -37.50 69.37 -19.18
CA GLU L 62 -36.85 68.88 -17.97
C GLU L 62 -36.63 70.06 -17.03
N LYS L 63 -36.81 69.79 -15.73
CA LYS L 63 -36.43 70.69 -14.65
C LYS L 63 -35.75 69.85 -13.57
N ASP L 64 -34.68 70.38 -12.97
CA ASP L 64 -33.97 69.67 -11.92
C ASP L 64 -33.39 70.66 -10.90
N TYR L 65 -33.24 70.17 -9.66
CA TYR L 65 -32.83 70.97 -8.52
C TYR L 65 -31.86 70.14 -7.66
N LEU L 66 -31.44 70.72 -6.52
CA LEU L 66 -30.53 70.08 -5.57
C LEU L 66 -31.35 69.14 -4.68
N ASN L 67 -31.10 69.13 -3.36
CA ASN L 67 -31.75 68.21 -2.44
C ASN L 67 -32.04 68.88 -1.09
N SER L 68 -32.35 70.18 -1.11
CA SER L 68 -32.56 70.96 0.11
C SER L 68 -33.66 71.99 -0.11
N VAL L 69 -33.61 72.65 -1.28
CA VAL L 69 -34.61 73.59 -1.72
C VAL L 69 -35.57 72.92 -2.71
N ARG L 70 -35.76 71.61 -2.53
CA ARG L 70 -36.55 70.77 -3.42
C ARG L 70 -38.04 71.02 -3.19
N GLY L 71 -38.71 71.52 -4.24
CA GLY L 71 -40.14 71.84 -4.17
C GLY L 71 -40.39 73.29 -3.82
N ARG L 72 -39.41 73.93 -3.17
CA ARG L 72 -39.47 75.32 -2.77
C ARG L 72 -39.20 76.22 -3.97
N PHE L 73 -38.05 76.01 -4.63
CA PHE L 73 -37.64 76.81 -5.77
C PHE L 73 -38.43 76.37 -7.01
N THR L 74 -38.52 77.27 -7.99
CA THR L 74 -39.25 77.04 -9.23
C THR L 74 -38.54 77.77 -10.37
N ILE L 75 -37.73 77.02 -11.14
CA ILE L 75 -37.08 77.54 -12.32
C ILE L 75 -38.10 77.63 -13.46
N SER L 76 -37.98 78.69 -14.27
CA SER L 76 -38.86 78.94 -15.42
C SER L 76 -38.16 79.88 -16.39
N ARG L 77 -38.73 80.02 -17.60
CA ARG L 77 -38.17 80.93 -18.59
C ARG L 77 -39.16 81.23 -19.70
N ASP L 78 -39.10 82.47 -20.19
CA ASP L 78 -39.82 82.92 -21.37
C ASP L 78 -38.81 83.12 -22.51
N ASN L 79 -38.99 82.33 -23.58
CA ASN L 79 -38.05 82.25 -24.68
C ASN L 79 -38.47 83.12 -25.87
N ALA L 80 -39.55 83.89 -25.70
CA ALA L 80 -39.91 84.95 -26.64
C ALA L 80 -39.19 86.24 -26.27
N LYS L 81 -38.98 86.44 -24.95
CA LYS L 81 -38.40 87.66 -24.40
C LYS L 81 -36.97 87.41 -23.90
N LYS L 82 -36.49 86.17 -24.02
CA LYS L 82 -35.12 85.83 -23.66
C LYS L 82 -34.87 86.16 -22.19
N SER L 83 -35.48 85.38 -21.29
CA SER L 83 -35.53 85.71 -19.88
C SER L 83 -35.66 84.47 -19.01
N LEU L 84 -34.65 84.23 -18.15
CA LEU L 84 -34.73 83.20 -17.12
C LEU L 84 -35.34 83.81 -15.87
N TYR L 85 -35.90 82.95 -15.00
CA TYR L 85 -36.43 83.37 -13.71
C TYR L 85 -36.12 82.30 -12.66
N LEU L 86 -36.38 82.65 -11.40
CA LEU L 86 -36.26 81.73 -10.28
C LEU L 86 -37.10 82.24 -9.12
N GLN L 87 -38.36 81.78 -9.07
CA GLN L 87 -39.26 81.99 -7.95
C GLN L 87 -38.79 81.12 -6.79
N MET L 88 -38.49 81.77 -5.66
CA MET L 88 -37.97 81.10 -4.48
C MET L 88 -38.91 81.38 -3.31
N ASN L 89 -39.76 80.40 -3.00
CA ASN L 89 -40.76 80.49 -1.95
C ASN L 89 -40.27 79.74 -0.72
N SER L 90 -40.89 80.02 0.43
CA SER L 90 -40.53 79.42 1.70
C SER L 90 -39.02 79.61 1.96
N LEU L 91 -38.57 80.87 1.87
CA LEU L 91 -37.16 81.19 1.91
C LEU L 91 -36.58 80.98 3.32
N ARG L 92 -35.39 80.37 3.37
CA ARG L 92 -34.73 80.10 4.64
C ARG L 92 -33.57 81.06 4.86
N ALA L 93 -33.07 80.96 6.14
CA ALA L 93 -31.74 81.23 6.76
C ALA L 93 -30.52 80.21 6.49
N GLU L 94 -30.40 79.42 5.35
CA GLU L 94 -29.16 78.91 4.75
C GLU L 94 -28.91 79.59 3.38
N ASP L 95 -30.00 80.00 2.72
CA ASP L 95 -30.09 80.46 1.34
C ASP L 95 -29.35 81.78 1.09
N THR L 96 -28.56 82.23 2.07
CA THR L 96 -27.62 83.35 1.92
C THR L 96 -26.72 83.07 0.72
N ALA L 97 -26.89 83.89 -0.34
CA ALA L 97 -25.92 83.79 -1.43
C ALA L 97 -26.11 84.89 -2.46
N VAL L 98 -25.05 85.08 -3.25
CA VAL L 98 -25.13 85.79 -4.52
C VAL L 98 -25.58 84.76 -5.55
N TYR L 99 -26.80 84.96 -6.07
CA TYR L 99 -27.41 84.04 -7.04
C TYR L 99 -27.03 84.50 -8.45
N TYR L 100 -26.18 83.71 -9.10
CA TYR L 100 -25.75 83.98 -10.47
C TYR L 100 -26.72 83.29 -11.42
N CYS L 101 -27.25 84.07 -12.37
CA CYS L 101 -27.88 83.49 -13.54
C CYS L 101 -26.80 82.83 -14.36
N ALA L 102 -26.59 81.53 -14.11
CA ALA L 102 -25.67 80.72 -14.88
C ALA L 102 -26.33 80.33 -16.20
N ARG L 103 -25.53 80.34 -17.26
CA ARG L 103 -25.89 79.73 -18.53
C ARG L 103 -24.93 78.58 -18.77
N ASP L 104 -25.45 77.48 -19.31
CA ASP L 104 -24.63 76.34 -19.66
C ASP L 104 -24.10 76.52 -21.08
N ASN L 105 -23.06 75.75 -21.44
CA ASN L 105 -22.35 75.88 -22.69
C ASN L 105 -23.18 75.26 -23.82
N PRO L 106 -23.11 75.74 -25.09
CA PRO L 106 -23.75 75.10 -26.22
C PRO L 106 -23.95 73.58 -26.13
N ALA L 107 -22.88 72.88 -25.75
CA ALA L 107 -22.90 71.49 -25.34
C ALA L 107 -23.45 71.36 -23.92
N SER L 108 -24.74 71.01 -23.81
CA SER L 108 -25.56 71.28 -22.64
C SER L 108 -24.97 70.74 -21.34
N ALA L 109 -24.51 69.48 -21.40
CA ALA L 109 -23.92 68.78 -20.27
C ALA L 109 -22.63 69.49 -19.81
N VAL L 110 -22.08 70.31 -20.71
CA VAL L 110 -21.05 71.29 -20.36
C VAL L 110 -21.70 72.37 -19.51
N ALA L 111 -21.27 72.44 -18.25
CA ALA L 111 -21.80 73.32 -17.24
C ALA L 111 -21.56 74.82 -17.54
N PHE L 112 -21.20 75.58 -16.51
CA PHE L 112 -21.53 77.01 -16.42
C PHE L 112 -20.67 77.82 -17.40
N ASP L 113 -21.19 78.01 -18.62
CA ASP L 113 -20.52 78.77 -19.67
C ASP L 113 -20.11 80.14 -19.14
N VAL L 114 -21.12 80.95 -18.79
CA VAL L 114 -20.97 82.33 -18.40
C VAL L 114 -21.71 82.52 -17.07
N TRP L 115 -21.42 83.62 -16.36
CA TRP L 115 -21.96 83.79 -15.01
C TRP L 115 -23.03 84.84 -14.70
N GLY L 116 -22.90 86.07 -15.17
CA GLY L 116 -23.81 87.10 -14.70
C GLY L 116 -23.20 87.79 -13.48
N GLN L 117 -23.59 89.05 -13.25
CA GLN L 117 -23.00 89.88 -12.19
C GLN L 117 -23.39 89.29 -10.84
N GLY L 118 -24.67 89.00 -10.68
CA GLY L 118 -25.19 88.27 -9.53
C GLY L 118 -26.15 89.11 -8.69
N ALA L 119 -27.12 88.42 -8.07
CA ALA L 119 -28.09 89.06 -7.20
C ALA L 119 -27.83 88.66 -5.75
N MET L 120 -27.42 89.64 -4.93
CA MET L 120 -27.22 89.45 -3.50
C MET L 120 -28.58 89.24 -2.85
N VAL L 121 -28.80 88.04 -2.32
CA VAL L 121 -29.96 87.69 -1.53
C VAL L 121 -29.48 87.36 -0.11
N THR L 122 -29.65 88.32 0.79
CA THR L 122 -29.23 88.15 2.18
C THR L 122 -30.49 88.11 3.02
N VAL L 123 -30.62 87.13 3.93
CA VAL L 123 -31.74 87.11 4.85
C VAL L 123 -31.18 86.93 6.26
N SER L 124 -31.28 87.99 7.07
CA SER L 124 -30.64 88.17 8.37
C SER L 124 -31.11 89.52 8.96
N SER L 125 -30.52 90.04 10.06
CA SER L 125 -30.91 91.34 10.56
C SER L 125 -30.50 92.47 9.59
N GLN M 4 -7.24 -79.07 58.92
CA GLN M 4 -8.35 -79.74 58.18
C GLN M 4 -9.59 -78.84 58.19
N TYR M 5 -10.13 -78.58 59.39
CA TYR M 5 -11.25 -77.64 59.56
C TYR M 5 -10.82 -76.22 59.19
N HIS M 6 -9.50 -75.94 59.20
CA HIS M 6 -8.95 -74.69 58.70
C HIS M 6 -9.09 -74.62 57.17
N PHE M 7 -10.23 -74.08 56.72
CA PHE M 7 -10.33 -73.53 55.38
C PHE M 7 -9.60 -72.19 55.34
N LYS M 8 -10.03 -71.27 56.23
CA LYS M 8 -9.62 -69.88 56.26
C LYS M 8 -10.31 -69.09 55.14
N ASN M 17 -14.11 -50.50 60.25
CA ASN M 17 -13.13 -50.25 61.35
C ASN M 17 -11.71 -50.11 60.81
N SER M 18 -11.49 -50.35 59.50
CA SER M 18 -10.15 -50.68 59.01
C SER M 18 -10.04 -50.58 57.48
N ILE M 19 -10.18 -49.35 56.98
CA ILE M 19 -9.83 -48.96 55.62
C ILE M 19 -8.89 -47.76 55.69
N ASP M 20 -7.78 -47.81 54.94
CA ASP M 20 -6.84 -46.71 54.85
C ASP M 20 -6.78 -46.18 53.42
N ILE M 21 -6.67 -44.85 53.30
CA ILE M 21 -6.73 -44.16 52.02
C ILE M 21 -5.34 -43.57 51.73
N LEU M 22 -5.00 -43.44 50.43
CA LEU M 22 -3.62 -43.18 50.05
C LEU M 22 -3.56 -42.17 48.90
N GLN M 23 -2.75 -41.11 49.08
CA GLN M 23 -2.30 -40.24 48.00
C GLN M 23 -0.79 -40.01 48.13
N GLU M 24 -0.03 -41.05 47.75
CA GLU M 24 1.42 -41.01 47.70
C GLU M 24 1.91 -39.79 46.94
N LYS M 25 1.35 -39.58 45.73
CA LYS M 25 1.55 -38.36 44.97
C LYS M 25 0.28 -37.51 45.05
N GLU M 26 0.42 -36.22 44.73
CA GLU M 26 -0.68 -35.26 44.65
C GLU M 26 -1.27 -35.30 43.24
N GLY M 27 -2.42 -35.95 43.09
CA GLY M 27 -3.03 -36.18 41.78
C GLY M 27 -3.79 -37.50 41.69
N HIS M 28 -3.30 -38.55 42.38
CA HIS M 28 -3.84 -39.90 42.29
C HIS M 28 -4.16 -40.42 43.68
N LEU M 29 -5.23 -41.22 43.78
CA LEU M 29 -5.73 -41.78 45.04
C LEU M 29 -6.09 -43.24 44.84
N ASP M 30 -5.75 -44.07 45.85
CA ASP M 30 -6.25 -45.43 45.97
C ASP M 30 -6.55 -45.74 47.44
N PHE M 31 -7.42 -46.73 47.67
CA PHE M 31 -7.75 -47.25 48.98
C PHE M 31 -7.40 -48.73 49.03
N VAL M 32 -7.09 -49.22 50.24
CA VAL M 32 -6.64 -50.58 50.45
C VAL M 32 -7.49 -51.22 51.55
N ILE M 33 -8.39 -52.12 51.14
CA ILE M 33 -9.33 -52.77 52.05
C ILE M 33 -8.61 -53.93 52.71
N ILE M 34 -8.33 -53.81 54.02
CA ILE M 34 -7.35 -54.64 54.70
C ILE M 34 -7.75 -56.12 54.64
N PRO M 35 -9.02 -56.52 54.92
CA PRO M 35 -9.44 -57.91 54.72
C PRO M 35 -9.33 -58.39 53.27
N HIS M 36 -9.62 -57.50 52.32
CA HIS M 36 -9.70 -57.84 50.91
C HIS M 36 -8.32 -57.93 50.26
N TYR M 37 -7.25 -57.69 51.03
CA TYR M 37 -5.90 -57.77 50.49
C TYR M 37 -5.17 -58.97 51.10
N THR M 38 -5.38 -59.21 52.41
CA THR M 38 -4.90 -60.40 53.10
C THR M 38 -5.48 -61.64 52.44
N PHE M 39 -6.73 -61.55 51.98
CA PHE M 39 -7.44 -62.66 51.36
C PHE M 39 -6.78 -63.03 50.04
N LEU M 40 -6.59 -62.03 49.16
CA LEU M 40 -6.03 -62.23 47.83
C LEU M 40 -4.54 -62.56 47.93
N ASP M 41 -3.95 -62.32 49.11
CA ASP M 41 -2.56 -62.66 49.39
C ASP M 41 -2.48 -64.10 49.90
N TYR M 42 -3.43 -64.51 50.74
CA TYR M 42 -3.47 -65.85 51.34
C TYR M 42 -3.50 -66.91 50.23
N TYR M 43 -4.36 -66.69 49.22
CA TYR M 43 -4.67 -67.68 48.21
C TYR M 43 -3.82 -67.49 46.96
N LYS M 44 -3.02 -66.43 46.92
CA LYS M 44 -1.92 -66.34 45.97
C LYS M 44 -0.67 -66.97 46.59
N HIS M 45 -0.66 -67.08 47.93
CA HIS M 45 0.32 -67.88 48.65
C HIS M 45 -0.33 -69.16 49.16
N LEU M 46 -0.96 -69.91 48.23
CA LEU M 46 -1.47 -71.25 48.50
C LEU M 46 -1.55 -72.02 47.18
N SER M 47 -2.19 -71.40 46.19
CA SER M 47 -2.26 -71.88 44.81
C SER M 47 -0.86 -72.27 44.31
N TYR M 48 0.14 -71.46 44.65
CA TYR M 48 1.52 -71.66 44.23
C TYR M 48 2.17 -72.82 45.02
N ASN M 49 1.90 -72.89 46.33
CA ASN M 49 2.54 -73.87 47.19
C ASN M 49 2.28 -75.28 46.68
N SER M 50 1.01 -75.55 46.34
CA SER M 50 0.56 -76.85 45.85
C SER M 50 1.34 -77.29 44.62
N ILE M 51 1.38 -76.40 43.60
CA ILE M 51 1.91 -76.73 42.30
C ILE M 51 3.43 -76.89 42.34
N TYR M 52 4.09 -76.22 43.28
CA TYR M 52 5.54 -76.22 43.41
C TYR M 52 6.00 -77.33 44.36
N HIS M 53 5.09 -78.21 44.78
CA HIS M 53 5.46 -79.45 45.43
C HIS M 53 5.65 -80.54 44.37
N LYS M 54 4.66 -80.66 43.48
CA LYS M 54 4.57 -81.78 42.54
C LYS M 54 5.16 -81.41 41.19
N SER M 55 5.73 -82.41 40.50
CA SER M 55 6.52 -82.23 39.30
C SER M 55 5.64 -81.94 38.09
N SER M 56 4.51 -82.65 37.99
CA SER M 56 3.56 -82.49 36.90
C SER M 56 2.93 -81.09 36.91
N THR M 57 2.80 -80.51 38.11
CA THR M 57 2.08 -79.25 38.34
C THR M 57 2.98 -78.03 38.13
N TYR M 58 4.28 -78.27 37.89
CA TYR M 58 5.19 -77.22 37.47
C TYR M 58 4.71 -76.63 36.14
N GLY M 59 3.95 -77.42 35.38
CA GLY M 59 3.35 -76.99 34.12
C GLY M 59 2.28 -75.91 34.32
N LYS M 60 1.61 -75.95 35.48
CA LYS M 60 0.41 -75.17 35.73
C LYS M 60 0.72 -73.71 36.08
N CYS M 61 1.97 -73.43 36.49
CA CYS M 61 2.30 -72.16 37.15
C CYS M 61 2.15 -70.95 36.23
N ILE M 62 2.09 -71.19 34.92
CA ILE M 62 1.77 -70.15 33.94
C ILE M 62 0.30 -69.75 34.09
N ALA M 63 -0.56 -70.78 34.24
CA ALA M 63 -2.00 -70.59 34.34
C ALA M 63 -2.38 -70.04 35.71
N VAL M 64 -1.68 -70.48 36.76
CA VAL M 64 -1.95 -70.06 38.13
C VAL M 64 -1.56 -68.59 38.30
N ASP M 65 -0.44 -68.20 37.69
CA ASP M 65 0.01 -66.81 37.64
C ASP M 65 -1.05 -65.95 36.95
N ALA M 66 -1.44 -66.36 35.73
CA ALA M 66 -2.35 -65.60 34.88
C ALA M 66 -3.76 -65.52 35.47
N PHE M 67 -4.11 -66.51 36.31
CA PHE M 67 -5.37 -66.55 37.02
C PHE M 67 -5.38 -65.45 38.10
N ILE M 68 -4.34 -65.45 38.95
CA ILE M 68 -4.20 -64.50 40.05
C ILE M 68 -4.12 -63.09 39.49
N LYS M 69 -3.38 -62.93 38.38
CA LYS M 69 -3.29 -61.66 37.66
C LYS M 69 -4.68 -61.15 37.30
N LYS M 70 -5.52 -62.04 36.74
CA LYS M 70 -6.80 -61.65 36.19
C LYS M 70 -7.86 -61.48 37.27
N ILE M 71 -7.61 -62.03 38.48
CA ILE M 71 -8.43 -61.74 39.65
C ILE M 71 -8.09 -60.34 40.15
N ASN M 72 -6.78 -60.05 40.28
CA ASN M 72 -6.28 -58.74 40.68
C ASN M 72 -6.28 -57.83 39.46
N GLU M 73 -7.48 -57.54 38.94
CA GLU M 73 -7.73 -56.77 37.73
C GLU M 73 -9.24 -56.56 37.60
N ALA M 74 -9.99 -57.65 37.79
CA ALA M 74 -11.43 -57.59 38.01
C ALA M 74 -11.72 -56.86 39.32
N TYR M 75 -10.83 -57.08 40.30
CA TYR M 75 -10.84 -56.36 41.57
C TYR M 75 -10.66 -54.86 41.32
N ASP M 76 -9.72 -54.52 40.43
CA ASP M 76 -9.41 -53.14 40.09
C ASP M 76 -10.46 -52.53 39.17
N LYS M 77 -11.37 -53.36 38.63
CA LYS M 77 -12.51 -52.88 37.84
C LYS M 77 -13.66 -52.47 38.74
N VAL M 78 -13.55 -52.71 40.05
CA VAL M 78 -14.46 -52.14 41.03
C VAL M 78 -14.13 -50.65 41.17
N LYS M 79 -12.83 -50.33 41.03
CA LYS M 79 -12.34 -48.96 41.05
C LYS M 79 -12.50 -48.34 39.67
N SER M 80 -13.65 -48.61 39.02
CA SER M 80 -14.00 -47.99 37.75
C SER M 80 -15.05 -46.90 37.96
N LYS M 81 -15.88 -47.10 39.02
CA LYS M 81 -16.95 -46.19 39.37
C LYS M 81 -16.82 -45.71 40.82
N CYS M 82 -15.78 -46.17 41.51
CA CYS M 82 -15.34 -45.56 42.77
C CYS M 82 -14.17 -44.62 42.45
N ASN M 83 -14.27 -43.91 41.32
CA ASN M 83 -13.13 -43.30 40.65
C ASN M 83 -13.40 -41.83 40.34
N ASP M 84 -14.56 -41.54 39.73
CA ASP M 84 -14.94 -40.18 39.39
C ASP M 84 -15.25 -39.38 40.66
N ILE M 85 -15.78 -40.07 41.68
CA ILE M 85 -16.04 -39.42 42.96
C ILE M 85 -14.72 -39.29 43.74
N LYS M 86 -13.82 -40.25 43.54
CA LYS M 86 -12.45 -40.20 44.05
C LYS M 86 -11.71 -38.99 43.50
N ASN M 87 -11.87 -38.73 42.19
CA ASN M 87 -11.20 -37.63 41.51
C ASN M 87 -11.73 -36.28 41.99
N ASP M 88 -13.02 -36.25 42.34
CA ASP M 88 -13.66 -35.06 42.88
C ASP M 88 -13.24 -34.87 44.34
N LEU M 89 -12.92 -35.97 45.04
CA LEU M 89 -12.37 -35.92 46.38
C LEU M 89 -10.95 -35.34 46.33
N ILE M 90 -10.22 -35.62 45.25
CA ILE M 90 -8.87 -35.10 45.05
C ILE M 90 -8.89 -33.59 44.83
N ALA M 91 -9.98 -33.07 44.25
CA ALA M 91 -10.11 -31.66 43.95
C ALA M 91 -10.28 -30.86 45.24
N THR M 92 -10.98 -31.46 46.21
CA THR M 92 -11.18 -30.88 47.52
C THR M 92 -9.85 -30.88 48.27
N ILE M 93 -9.12 -31.99 48.18
CA ILE M 93 -7.82 -32.17 48.81
C ILE M 93 -6.80 -31.21 48.19
N LYS M 94 -6.96 -30.91 46.89
CA LYS M 94 -6.11 -29.95 46.20
C LYS M 94 -6.22 -28.58 46.86
N LYS M 95 -7.45 -28.15 47.15
CA LYS M 95 -7.74 -26.82 47.69
C LYS M 95 -7.51 -26.75 49.20
N LEU M 96 -7.47 -27.91 49.87
CA LEU M 96 -7.05 -28.00 51.27
C LEU M 96 -5.54 -27.84 51.42
N GLU M 97 -4.76 -28.31 50.44
CA GLU M 97 -3.31 -28.23 50.46
C GLU M 97 -2.77 -26.95 49.82
N HIS M 98 -3.35 -26.57 48.67
CA HIS M 98 -2.94 -25.38 47.94
C HIS M 98 -4.13 -24.81 47.17
N PRO M 99 -4.76 -23.69 47.64
CA PRO M 99 -5.92 -23.11 46.96
C PRO M 99 -5.64 -22.61 45.54
N PHE M 109 -11.85 -21.65 57.19
CA PHE M 109 -11.35 -23.03 57.07
C PHE M 109 -12.46 -23.94 56.57
N LYS M 110 -13.67 -23.77 57.15
CA LYS M 110 -14.76 -24.71 57.02
C LYS M 110 -15.43 -24.58 55.66
N LYS M 111 -14.73 -23.89 54.73
CA LYS M 111 -15.17 -23.72 53.36
C LYS M 111 -14.73 -24.92 52.51
N MET M 112 -13.55 -25.47 52.82
CA MET M 112 -13.13 -26.74 52.23
C MET M 112 -13.43 -27.89 53.19
N MET M 113 -13.38 -27.61 54.50
CA MET M 113 -13.36 -28.64 55.52
C MET M 113 -14.67 -29.43 55.50
N ASP M 114 -15.78 -28.72 55.18
CA ASP M 114 -17.10 -29.33 55.06
C ASP M 114 -17.17 -30.24 53.83
N GLU M 115 -16.64 -29.76 52.70
CA GLU M 115 -16.55 -30.52 51.47
C GLU M 115 -15.79 -31.83 51.69
N TYR M 116 -14.67 -31.74 52.42
CA TYR M 116 -13.89 -32.91 52.83
C TYR M 116 -14.80 -33.90 53.55
N ASN M 117 -15.59 -33.41 54.52
CA ASN M 117 -16.43 -34.27 55.34
C ASN M 117 -17.53 -34.91 54.50
N THR M 118 -18.08 -34.15 53.54
CA THR M 118 -19.11 -34.67 52.64
C THR M 118 -18.47 -35.74 51.75
N LYS M 119 -17.38 -35.36 51.07
CA LYS M 119 -16.84 -36.13 49.96
C LYS M 119 -16.10 -37.37 50.44
N LYS M 120 -15.59 -37.33 51.68
CA LYS M 120 -14.89 -38.48 52.25
C LYS M 120 -15.91 -39.58 52.53
N LYS M 121 -17.07 -39.21 53.09
CA LYS M 121 -18.12 -40.16 53.42
C LYS M 121 -18.78 -40.70 52.16
N LYS M 122 -18.77 -39.90 51.08
CA LYS M 122 -19.31 -40.32 49.80
C LYS M 122 -18.49 -41.46 49.21
N LEU M 123 -17.16 -41.43 49.43
CA LEU M 123 -16.25 -42.47 48.97
C LEU M 123 -16.47 -43.73 49.82
N ILE M 124 -16.40 -43.56 51.16
CA ILE M 124 -16.64 -44.62 52.11
C ILE M 124 -17.97 -45.33 51.83
N LYS M 125 -18.96 -44.55 51.37
CA LYS M 125 -20.25 -45.10 50.96
C LYS M 125 -20.07 -45.99 49.73
N CYS M 126 -19.44 -45.44 48.68
CA CYS M 126 -19.34 -46.11 47.38
C CYS M 126 -18.49 -47.37 47.48
N ILE M 127 -17.56 -47.41 48.45
CA ILE M 127 -16.82 -48.63 48.77
C ILE M 127 -17.78 -49.69 49.31
N LYS M 128 -18.57 -49.33 50.34
CA LYS M 128 -19.48 -50.25 50.98
C LYS M 128 -20.69 -50.55 50.08
N ASN M 129 -20.98 -49.65 49.12
CA ASN M 129 -22.03 -49.82 48.13
C ASN M 129 -21.66 -50.94 47.15
N HIS M 130 -20.37 -51.11 46.86
CA HIS M 130 -19.92 -52.20 46.01
C HIS M 130 -18.99 -53.12 46.78
N GLU M 131 -19.37 -53.49 48.02
CA GLU M 131 -18.63 -54.42 48.85
C GLU M 131 -19.03 -55.85 48.45
N ASN M 132 -20.23 -56.00 47.87
CA ASN M 132 -20.73 -57.26 47.36
C ASN M 132 -19.85 -57.77 46.22
N ASP M 133 -19.54 -56.87 45.27
CA ASP M 133 -18.82 -57.21 44.04
C ASP M 133 -17.39 -57.62 44.37
N PHE M 134 -16.84 -57.03 45.43
CA PHE M 134 -15.53 -57.38 45.98
C PHE M 134 -15.57 -58.80 46.56
N ASN M 135 -16.62 -59.10 47.34
CA ASN M 135 -16.76 -60.37 48.03
C ASN M 135 -16.96 -61.54 47.07
N LYS M 136 -17.50 -61.28 45.86
CA LYS M 136 -17.53 -62.29 44.82
C LYS M 136 -16.10 -62.60 44.36
N ILE M 137 -15.37 -61.55 43.95
CA ILE M 137 -14.01 -61.64 43.43
C ILE M 137 -13.07 -62.14 44.52
N CYS M 138 -13.42 -61.86 45.78
CA CYS M 138 -12.73 -62.37 46.95
C CYS M 138 -12.80 -63.89 47.01
N MET M 139 -14.02 -64.45 46.98
CA MET M 139 -14.25 -65.89 47.14
C MET M 139 -13.62 -66.70 46.02
N ASP M 140 -13.48 -66.09 44.83
CA ASP M 140 -12.85 -66.70 43.67
C ASP M 140 -11.48 -67.26 44.03
N MET M 141 -10.68 -66.44 44.71
CA MET M 141 -9.30 -66.76 45.05
C MET M 141 -9.27 -67.88 46.08
N LYS M 142 -10.24 -67.88 47.02
CA LYS M 142 -10.40 -68.95 47.99
C LYS M 142 -10.59 -70.28 47.27
N ASN M 143 -11.53 -70.31 46.32
CA ASN M 143 -11.97 -71.54 45.67
C ASN M 143 -10.84 -72.17 44.86
N TYR M 144 -10.15 -71.34 44.07
CA TYR M 144 -9.11 -71.79 43.16
C TYR M 144 -7.91 -72.30 43.94
N GLY M 145 -7.49 -71.53 44.96
CA GLY M 145 -6.38 -71.91 45.82
C GLY M 145 -6.65 -73.20 46.57
N THR M 146 -7.90 -73.38 47.00
CA THR M 146 -8.34 -74.59 47.70
C THR M 146 -8.40 -75.76 46.72
N ASN M 147 -8.93 -75.49 45.52
CA ASN M 147 -9.10 -76.48 44.45
C ASN M 147 -7.75 -77.10 44.10
N LEU M 148 -6.73 -76.26 43.92
CA LEU M 148 -5.40 -76.72 43.56
C LEU M 148 -4.69 -77.33 44.75
N PHE M 149 -5.14 -77.00 45.97
CA PHE M 149 -4.65 -77.62 47.19
C PHE M 149 -5.22 -79.03 47.34
N GLU M 150 -6.39 -79.27 46.72
CA GLU M 150 -6.98 -80.61 46.66
C GLU M 150 -6.20 -81.48 45.67
N GLN M 151 -5.82 -80.90 44.53
CA GLN M 151 -5.17 -81.62 43.44
C GLN M 151 -3.68 -81.84 43.78
N LEU M 152 -3.44 -82.73 44.75
CA LEU M 152 -2.11 -83.06 45.22
C LEU M 152 -1.89 -84.56 45.11
N SER M 153 -0.61 -84.97 45.05
CA SER M 153 -0.29 -86.38 44.83
C SER M 153 0.78 -86.86 45.80
N CYS M 154 0.46 -86.89 47.09
CA CYS M 154 1.40 -87.00 48.18
C CYS M 154 2.72 -87.64 47.78
N TYR M 155 2.65 -88.91 47.38
CA TYR M 155 3.78 -89.81 47.27
C TYR M 155 4.41 -90.04 48.65
N ASN M 156 4.38 -91.30 49.11
CA ASN M 156 4.87 -91.70 50.43
C ASN M 156 4.05 -91.15 51.60
N ASN M 157 3.19 -91.99 52.16
CA ASN M 157 2.27 -91.61 53.21
C ASN M 157 2.99 -91.24 54.50
N ASN M 158 3.53 -92.25 55.19
CA ASN M 158 4.12 -92.03 56.50
C ASN M 158 5.19 -90.93 56.47
N PHE M 159 5.97 -90.88 55.38
CA PHE M 159 7.08 -89.93 55.23
C PHE M 159 6.94 -89.24 53.87
N CYS M 160 6.41 -88.01 53.89
CA CYS M 160 6.20 -87.20 52.70
C CYS M 160 7.21 -86.06 52.66
N ASN M 161 7.51 -85.59 51.44
CA ASN M 161 8.60 -84.66 51.19
C ASN M 161 8.19 -83.24 51.57
N THR M 162 9.16 -82.49 52.13
CA THR M 162 9.02 -81.07 52.39
C THR M 162 9.76 -80.27 51.33
N ASN M 163 9.24 -80.32 50.10
CA ASN M 163 9.56 -79.33 49.08
C ASN M 163 8.49 -78.22 49.20
N GLY M 164 7.92 -77.78 48.06
CA GLY M 164 6.73 -76.95 48.03
C GLY M 164 6.91 -75.62 48.76
N ILE M 165 7.06 -75.71 50.10
CA ILE M 165 7.21 -74.57 51.00
C ILE M 165 8.56 -73.91 50.74
N ARG M 166 9.61 -74.74 50.60
CA ARG M 166 10.98 -74.30 50.42
C ARG M 166 11.16 -73.57 49.09
N TYR M 167 10.43 -74.01 48.05
CA TYR M 167 10.40 -73.33 46.77
C TYR M 167 9.95 -71.89 46.96
N HIS M 168 8.77 -71.73 47.56
CA HIS M 168 8.08 -70.45 47.63
C HIS M 168 8.87 -69.49 48.53
N TYR M 169 9.39 -70.01 49.64
CA TYR M 169 10.22 -69.26 50.58
C TYR M 169 11.38 -68.57 49.88
N ASP M 170 12.25 -69.37 49.24
CA ASP M 170 13.53 -68.89 48.73
C ASP M 170 13.36 -68.17 47.38
N GLU M 171 12.18 -68.26 46.77
CA GLU M 171 11.92 -67.62 45.48
C GLU M 171 11.03 -66.39 45.66
N TYR M 172 10.31 -66.30 46.80
CA TYR M 172 9.39 -65.19 47.02
C TYR M 172 9.67 -64.48 48.35
N ILE M 173 9.84 -65.25 49.43
CA ILE M 173 9.81 -64.71 50.78
C ILE M 173 11.19 -64.18 51.19
N HIS M 174 12.21 -65.05 51.14
CA HIS M 174 13.53 -64.80 51.70
C HIS M 174 14.19 -63.58 51.05
N LYS M 175 13.80 -63.27 49.80
CA LYS M 175 14.32 -62.10 49.11
C LYS M 175 13.77 -60.83 49.77
N LEU M 176 12.50 -60.87 50.18
CA LEU M 176 11.80 -59.69 50.69
C LEU M 176 12.08 -59.45 52.17
N ILE M 177 12.46 -60.50 52.92
CA ILE M 177 12.74 -60.32 54.35
C ILE M 177 14.03 -59.53 54.53
N LEU M 178 15.00 -59.73 53.64
CA LEU M 178 16.26 -59.00 53.64
C LEU M 178 16.00 -57.53 53.31
N SER M 179 15.09 -57.29 52.36
CA SER M 179 14.73 -55.95 51.93
C SER M 179 14.20 -55.13 53.11
N VAL M 180 13.48 -55.80 54.02
CA VAL M 180 12.83 -55.15 55.15
C VAL M 180 13.82 -54.94 56.30
N LYS M 181 14.71 -55.92 56.53
CA LYS M 181 15.67 -55.81 57.62
C LYS M 181 16.74 -54.75 57.32
N SER M 182 16.96 -54.50 56.02
CA SER M 182 17.90 -53.49 55.54
C SER M 182 17.39 -52.08 55.83
N LYS M 183 16.06 -51.91 55.89
CA LYS M 183 15.43 -50.64 56.22
C LYS M 183 14.92 -50.71 57.65
N ASN M 184 15.84 -50.69 58.62
CA ASN M 184 15.53 -50.74 60.04
C ASN M 184 14.41 -49.77 60.41
N LEU M 185 13.21 -50.35 60.58
CA LEU M 185 11.98 -49.59 60.79
C LEU M 185 11.93 -48.95 62.17
N ASN M 186 12.69 -49.46 63.13
CA ASN M 186 12.75 -48.93 64.48
C ASN M 186 13.27 -47.50 64.46
N LYS M 187 14.30 -47.27 63.63
CA LYS M 187 14.85 -45.94 63.40
C LYS M 187 13.81 -45.05 62.71
N ASP M 188 13.13 -45.62 61.70
CA ASP M 188 12.16 -44.90 60.89
C ASP M 188 11.07 -44.28 61.75
N LEU M 189 10.55 -45.07 62.72
CA LEU M 189 9.49 -44.63 63.61
C LEU M 189 9.98 -43.45 64.46
N SER M 190 11.15 -43.62 65.08
CA SER M 190 11.69 -42.65 66.03
C SER M 190 12.02 -41.33 65.34
N ASP M 191 12.37 -41.40 64.04
CA ASP M 191 12.55 -40.24 63.18
C ASP M 191 11.24 -39.51 62.99
N MET M 192 10.18 -40.27 62.65
CA MET M 192 8.85 -39.75 62.41
C MET M 192 8.25 -39.16 63.68
N THR M 193 8.55 -39.77 64.84
CA THR M 193 8.06 -39.29 66.13
C THR M 193 8.59 -37.88 66.38
N ASN M 194 9.90 -37.68 66.15
CA ASN M 194 10.56 -36.43 66.47
C ASN M 194 10.07 -35.30 65.57
N ILE M 195 9.83 -35.61 64.29
CA ILE M 195 9.26 -34.67 63.32
C ILE M 195 7.88 -34.21 63.79
N LEU M 196 7.09 -35.15 64.32
CA LEU M 196 5.76 -34.86 64.82
C LEU M 196 5.83 -34.06 66.12
N GLN M 197 6.79 -34.41 66.99
CA GLN M 197 6.98 -33.73 68.26
C GLN M 197 7.30 -32.25 68.05
N GLN M 198 8.19 -31.96 67.09
CA GLN M 198 8.67 -30.61 66.84
C GLN M 198 7.59 -29.75 66.21
N SER M 199 6.74 -30.36 65.38
CA SER M 199 5.64 -29.65 64.75
C SER M 199 4.52 -29.35 65.74
N GLU M 200 4.46 -30.13 66.83
CA GLU M 200 3.44 -29.96 67.86
C GLU M 200 3.88 -28.83 68.78
N LEU M 201 5.19 -28.79 69.11
CA LEU M 201 5.77 -27.78 69.98
C LEU M 201 5.68 -26.39 69.35
N LEU M 202 5.91 -26.33 68.04
CA LEU M 202 5.80 -25.09 67.27
C LEU M 202 4.34 -24.62 67.21
N LEU M 203 3.40 -25.60 67.17
CA LEU M 203 1.97 -25.36 67.23
C LEU M 203 1.57 -24.78 68.58
N THR M 204 2.13 -25.33 69.67
CA THR M 204 1.88 -24.86 71.03
C THR M 204 2.22 -23.37 71.14
N ASN M 205 3.34 -22.97 70.53
CA ASN M 205 3.85 -21.62 70.61
C ASN M 205 3.07 -20.69 69.67
N LEU M 206 2.78 -21.18 68.44
CA LEU M 206 2.05 -20.40 67.46
C LEU M 206 0.61 -20.12 67.94
N ASN M 207 0.04 -21.07 68.68
CA ASN M 207 -1.37 -20.98 69.07
C ASN M 207 -1.60 -19.77 69.99
N LYS M 208 -0.76 -19.66 71.02
CA LYS M 208 -0.96 -18.69 72.09
C LYS M 208 -0.65 -17.28 71.58
N LYS M 209 0.28 -17.18 70.60
CA LYS M 209 0.84 -15.90 70.20
C LYS M 209 0.12 -15.29 68.99
N MET M 210 -0.60 -16.11 68.21
CA MET M 210 -1.36 -15.62 67.06
C MET M 210 -2.70 -16.32 66.92
N GLY M 211 -3.49 -15.86 65.94
CA GLY M 211 -4.67 -16.52 65.43
C GLY M 211 -5.28 -15.68 64.31
N SER M 212 -4.52 -15.52 63.21
CA SER M 212 -4.68 -14.37 62.34
C SER M 212 -4.24 -14.65 60.90
N TYR M 213 -4.87 -13.93 59.97
CA TYR M 213 -4.80 -14.06 58.52
C TYR M 213 -4.57 -15.51 58.06
N ILE M 214 -3.30 -15.89 57.86
CA ILE M 214 -2.97 -17.26 57.49
C ILE M 214 -3.15 -18.18 58.69
N TYR M 215 -4.30 -18.85 58.76
CA TYR M 215 -4.71 -19.57 59.95
C TYR M 215 -3.96 -20.88 60.15
N ILE M 216 -3.80 -21.17 61.44
CA ILE M 216 -3.08 -22.31 61.98
C ILE M 216 -3.92 -23.57 61.84
N ASP M 217 -5.23 -23.44 61.58
CA ASP M 217 -6.18 -24.52 61.49
C ASP M 217 -5.77 -25.54 60.43
N THR M 218 -5.20 -25.07 59.32
CA THR M 218 -4.68 -25.96 58.29
C THR M 218 -3.53 -26.80 58.85
N ILE M 219 -2.65 -26.15 59.63
CA ILE M 219 -1.51 -26.80 60.24
C ILE M 219 -1.98 -27.81 61.29
N LYS M 220 -3.00 -27.44 62.07
CA LYS M 220 -3.61 -28.32 63.05
C LYS M 220 -4.18 -29.56 62.35
N PHE M 221 -4.82 -29.34 61.19
CA PHE M 221 -5.49 -30.38 60.42
C PHE M 221 -4.46 -31.35 59.83
N ILE M 222 -3.39 -30.79 59.25
CA ILE M 222 -2.33 -31.57 58.64
C ILE M 222 -1.54 -32.31 59.71
N HIS M 223 -1.35 -31.65 60.88
CA HIS M 223 -0.74 -32.27 62.04
C HIS M 223 -1.54 -33.51 62.46
N LYS M 224 -2.85 -33.34 62.55
CA LYS M 224 -3.77 -34.40 62.96
C LYS M 224 -3.70 -35.57 61.97
N GLU M 225 -3.71 -35.23 60.67
CA GLU M 225 -3.73 -36.21 59.59
C GLU M 225 -2.45 -37.05 59.65
N MET M 226 -1.31 -36.38 59.84
CA MET M 226 -0.01 -37.02 59.89
C MET M 226 0.19 -37.81 61.19
N LYS M 227 -0.58 -37.48 62.24
CA LYS M 227 -0.48 -38.16 63.53
C LYS M 227 -1.09 -39.55 63.43
N HIS M 228 -2.27 -39.65 62.81
CA HIS M 228 -2.97 -40.93 62.67
C HIS M 228 -2.24 -41.81 61.67
N ILE M 229 -1.77 -41.21 60.57
CA ILE M 229 -0.96 -41.89 59.55
C ILE M 229 0.28 -42.51 60.20
N PHE M 230 0.86 -41.80 61.17
CA PHE M 230 2.00 -42.32 61.93
C PHE M 230 1.57 -43.56 62.72
N ASN M 231 0.42 -43.45 63.40
CA ASN M 231 -0.11 -44.52 64.25
C ASN M 231 -0.37 -45.79 63.44
N ARG M 232 -0.74 -45.63 62.17
CA ARG M 232 -0.97 -46.74 61.26
C ARG M 232 0.36 -47.40 60.90
N ILE M 233 1.34 -46.59 60.49
CA ILE M 233 2.67 -47.05 60.14
C ILE M 233 3.32 -47.70 61.37
N GLU M 234 3.09 -47.11 62.54
CA GLU M 234 3.55 -47.63 63.82
C GLU M 234 2.91 -49.00 64.10
N TYR M 235 1.60 -49.11 63.81
CA TYR M 235 0.83 -50.32 64.00
C TYR M 235 1.33 -51.43 63.07
N HIS M 236 1.50 -51.11 61.78
CA HIS M 236 1.93 -52.05 60.77
C HIS M 236 3.35 -52.53 61.04
N THR M 237 4.22 -51.63 61.52
CA THR M 237 5.62 -51.93 61.78
C THR M 237 5.74 -52.95 62.92
N LYS M 238 4.87 -52.84 63.93
CA LYS M 238 4.83 -53.75 65.07
C LYS M 238 4.43 -55.16 64.61
N ILE M 239 3.51 -55.24 63.63
CA ILE M 239 3.10 -56.50 63.05
C ILE M 239 4.29 -57.11 62.31
N ILE M 240 4.92 -56.32 61.43
CA ILE M 240 6.01 -56.74 60.56
C ILE M 240 7.18 -57.28 61.40
N ASN M 241 7.56 -56.54 62.44
CA ASN M 241 8.64 -56.87 63.37
C ASN M 241 8.03 -57.37 64.68
N ASP M 242 7.15 -58.35 64.56
CA ASP M 242 6.40 -59.01 65.64
C ASP M 242 6.83 -58.80 67.11
N LYS M 243 6.48 -57.64 67.68
CA LYS M 243 7.06 -57.10 68.91
C LYS M 243 8.57 -56.88 68.86
N THR M 244 9.37 -57.98 68.73
CA THR M 244 10.80 -57.85 68.48
C THR M 244 11.27 -58.97 67.55
N LYS M 245 10.56 -60.10 67.58
CA LYS M 245 10.93 -61.27 66.81
C LYS M 245 10.48 -61.08 65.35
N ILE M 246 11.02 -61.91 64.44
CA ILE M 246 10.47 -62.09 63.08
C ILE M 246 10.10 -63.56 62.77
N ILE M 247 9.58 -63.80 61.55
CA ILE M 247 9.43 -65.15 61.01
C ILE M 247 10.82 -65.79 61.06
N GLN M 248 11.26 -66.51 60.03
CA GLN M 248 12.59 -67.11 59.98
C GLN M 248 12.77 -68.19 61.05
N ASP M 249 11.96 -68.19 62.11
CA ASP M 249 11.95 -69.31 63.04
C ASP M 249 11.15 -70.46 62.43
N LYS M 250 9.94 -70.15 61.95
CA LYS M 250 8.95 -71.12 61.51
C LYS M 250 9.44 -71.92 60.30
N ILE M 251 10.04 -71.23 59.32
CA ILE M 251 10.39 -71.84 58.04
C ILE M 251 11.40 -72.97 58.26
N LYS M 252 12.32 -72.79 59.22
CA LYS M 252 13.34 -73.77 59.52
C LYS M 252 12.71 -75.05 60.07
N LEU M 253 11.66 -74.89 60.89
CA LEU M 253 10.95 -76.01 61.47
C LEU M 253 10.23 -76.83 60.38
N ASN M 254 9.80 -76.15 59.31
CA ASN M 254 8.99 -76.77 58.26
C ASN M 254 9.85 -77.64 57.36
N ILE M 255 10.96 -77.08 56.87
CA ILE M 255 11.75 -77.66 55.79
C ILE M 255 12.69 -78.74 56.34
N TRP M 256 13.45 -79.36 55.42
CA TRP M 256 14.42 -80.41 55.74
C TRP M 256 13.86 -81.46 56.71
N ARG M 257 12.77 -82.11 56.33
CA ARG M 257 12.06 -83.09 57.15
C ARG M 257 11.13 -83.92 56.27
N THR M 258 10.50 -84.93 56.90
CA THR M 258 9.33 -85.61 56.39
C THR M 258 8.31 -85.78 57.52
N PHE M 259 7.01 -85.70 57.16
CA PHE M 259 5.89 -85.86 58.07
C PHE M 259 4.77 -86.63 57.38
N GLN M 260 3.68 -86.84 58.14
CA GLN M 260 2.44 -87.41 57.63
C GLN M 260 1.74 -86.35 56.77
N LYS M 261 0.86 -86.81 55.87
CA LYS M 261 0.14 -85.96 54.93
C LYS M 261 -0.63 -84.86 55.67
N ASP M 262 -1.35 -85.26 56.73
CA ASP M 262 -2.17 -84.37 57.54
C ASP M 262 -1.36 -83.16 58.04
N GLU M 263 -0.21 -83.42 58.66
CA GLU M 263 0.62 -82.39 59.30
C GLU M 263 1.05 -81.35 58.28
N LEU M 264 1.64 -81.81 57.16
CA LEU M 264 2.22 -80.95 56.15
C LEU M 264 1.15 -80.04 55.57
N LEU M 265 -0.07 -80.57 55.39
CA LEU M 265 -1.18 -79.84 54.80
C LEU M 265 -1.62 -78.69 55.71
N LYS M 266 -1.63 -78.93 57.04
CA LYS M 266 -1.91 -77.89 58.02
C LYS M 266 -0.84 -76.81 57.98
N ARG M 267 0.42 -77.27 57.85
CA ARG M 267 1.60 -76.42 58.02
C ARG M 267 1.94 -75.68 56.73
N ILE M 268 1.39 -76.13 55.59
CA ILE M 268 1.36 -75.33 54.36
C ILE M 268 0.40 -74.16 54.58
N LEU M 269 -0.79 -74.47 55.13
CA LEU M 269 -1.83 -73.48 55.38
C LEU M 269 -1.39 -72.51 56.48
N ASP M 270 -0.53 -72.99 57.39
CA ASP M 270 0.07 -72.18 58.44
C ASP M 270 0.94 -71.09 57.81
N MET M 271 1.92 -71.52 57.00
CA MET M 271 2.85 -70.60 56.36
C MET M 271 2.12 -69.75 55.33
N SER M 272 1.03 -70.29 54.76
CA SER M 272 0.17 -69.56 53.83
C SER M 272 -0.52 -68.38 54.50
N ASN M 273 -0.79 -68.50 55.82
CA ASN M 273 -1.45 -67.46 56.60
C ASN M 273 -0.47 -66.32 56.91
N GLU M 274 0.76 -66.68 57.32
CA GLU M 274 1.75 -65.72 57.75
C GLU M 274 2.05 -64.71 56.65
N TYR M 275 2.25 -65.20 55.43
CA TYR M 275 2.64 -64.40 54.27
C TYR M 275 1.48 -63.50 53.86
N SER M 276 0.25 -63.90 54.19
CA SER M 276 -0.94 -63.12 53.90
C SER M 276 -0.89 -61.79 54.64
N LEU M 277 -0.74 -61.86 55.98
CA LEU M 277 -0.80 -60.70 56.86
C LEU M 277 0.51 -59.90 56.78
N PHE M 278 1.63 -60.59 56.55
CA PHE M 278 2.95 -59.98 56.50
C PHE M 278 3.04 -59.01 55.32
N ILE M 279 2.81 -59.52 54.11
CA ILE M 279 2.94 -58.76 52.88
C ILE M 279 1.80 -57.75 52.77
N THR M 280 0.69 -57.97 53.50
CA THR M 280 -0.38 -57.00 53.60
C THR M 280 0.13 -55.73 54.29
N SER M 281 0.63 -55.92 55.53
CA SER M 281 1.08 -54.81 56.36
C SER M 281 2.27 -54.11 55.72
N ASP M 282 3.16 -54.89 55.08
CA ASP M 282 4.43 -54.40 54.56
C ASP M 282 4.23 -53.63 53.26
N HIS M 283 3.22 -54.00 52.47
CA HIS M 283 2.85 -53.24 51.28
C HIS M 283 2.23 -51.91 51.69
N LEU M 284 1.40 -51.94 52.74
CA LEU M 284 0.76 -50.76 53.27
C LEU M 284 1.79 -49.80 53.87
N ARG M 285 2.63 -50.32 54.77
CA ARG M 285 3.63 -49.56 55.49
C ARG M 285 4.49 -48.75 54.51
N GLN M 286 4.94 -49.40 53.43
CA GLN M 286 5.81 -48.81 52.42
C GLN M 286 5.11 -47.64 51.73
N MET M 287 3.82 -47.82 51.40
CA MET M 287 3.05 -46.82 50.67
C MET M 287 2.63 -45.67 51.58
N LEU M 288 2.28 -45.97 52.83
CA LEU M 288 1.93 -44.96 53.83
C LEU M 288 3.12 -44.06 54.10
N TYR M 289 4.32 -44.65 54.14
CA TYR M 289 5.57 -43.94 54.40
C TYR M 289 5.86 -42.95 53.28
N ASN M 290 5.47 -43.29 52.05
CA ASN M 290 5.65 -42.44 50.88
C ASN M 290 4.68 -41.25 50.92
N THR M 291 3.56 -41.42 51.63
CA THR M 291 2.50 -40.40 51.71
C THR M 291 2.78 -39.45 52.87
N PHE M 292 3.28 -39.99 53.98
CA PHE M 292 3.68 -39.23 55.16
C PHE M 292 4.62 -38.10 54.74
N TYR M 293 5.71 -38.47 54.04
CA TYR M 293 6.75 -37.53 53.64
C TYR M 293 6.37 -36.78 52.35
N SER M 294 5.22 -37.12 51.75
CA SER M 294 4.69 -36.30 50.67
C SER M 294 4.08 -35.02 51.24
N LYS M 295 3.42 -35.14 52.40
CA LYS M 295 2.72 -34.03 53.03
C LYS M 295 3.43 -33.59 54.32
N GLU M 296 4.65 -34.09 54.54
CA GLU M 296 5.60 -33.48 55.47
C GLU M 296 6.32 -32.34 54.76
N LYS M 297 6.49 -32.49 53.43
CA LYS M 297 7.07 -31.46 52.59
C LYS M 297 6.05 -30.34 52.35
N HIS M 298 4.76 -30.66 52.47
CA HIS M 298 3.67 -29.70 52.32
C HIS M 298 3.44 -28.93 53.62
N LEU M 299 3.83 -29.54 54.75
CA LEU M 299 3.95 -28.83 56.03
C LEU M 299 5.07 -27.81 55.91
N ASN M 300 6.19 -28.22 55.28
CA ASN M 300 7.37 -27.40 55.11
C ASN M 300 7.16 -26.33 54.03
N ASN M 301 6.13 -26.50 53.21
CA ASN M 301 5.74 -25.49 52.22
C ASN M 301 5.13 -24.27 52.91
N ILE M 302 4.46 -24.50 54.06
CA ILE M 302 3.89 -23.42 54.85
C ILE M 302 5.00 -22.65 55.57
N PHE M 303 6.06 -23.35 55.99
CA PHE M 303 7.26 -22.71 56.52
C PHE M 303 7.93 -21.83 55.48
N HIS M 304 7.78 -22.19 54.20
CA HIS M 304 8.28 -21.39 53.09
C HIS M 304 7.33 -20.20 52.82
N HIS M 305 6.18 -20.19 53.51
CA HIS M 305 5.24 -19.07 53.45
C HIS M 305 5.25 -18.27 54.76
N LEU M 306 6.45 -18.11 55.33
CA LEU M 306 6.62 -17.23 56.49
C LEU M 306 7.43 -16.00 56.08
N ILE M 307 6.97 -15.30 55.02
CA ILE M 307 7.46 -13.98 54.65
C ILE M 307 6.88 -12.95 55.62
N TYR M 308 7.51 -12.84 56.78
CA TYR M 308 6.94 -12.25 57.98
C TYR M 308 8.08 -11.72 58.83
N GLN N 4 24.28 -71.25 11.11
CA GLN N 4 23.57 -70.33 10.20
C GLN N 4 23.17 -69.07 10.96
N TYR N 5 22.28 -69.22 11.94
CA TYR N 5 21.66 -68.17 12.74
C TYR N 5 22.74 -67.37 13.49
N HIS N 6 22.65 -66.03 13.38
CA HIS N 6 23.61 -65.12 13.98
C HIS N 6 23.40 -65.08 15.50
N PHE N 7 24.04 -65.99 16.23
CA PHE N 7 23.96 -66.01 17.67
C PHE N 7 25.00 -65.06 18.26
N LYS N 8 24.80 -64.72 19.52
CA LYS N 8 25.69 -63.78 20.22
C LYS N 8 26.80 -64.60 20.86
N GLU N 9 28.04 -64.43 20.38
CA GLU N 9 29.20 -65.18 20.87
C GLU N 9 30.00 -64.32 21.86
N LEU N 10 31.00 -64.94 22.51
CA LEU N 10 31.86 -64.25 23.47
C LEU N 10 33.31 -64.27 22.98
N SER N 11 34.15 -63.38 23.56
CA SER N 11 35.58 -63.30 23.29
C SER N 11 35.87 -63.19 21.78
N ALA N 16 38.79 -53.24 29.53
CA ALA N 16 39.13 -51.90 30.09
C ALA N 16 38.15 -50.85 29.55
N ASN N 17 37.60 -51.11 28.35
CA ASN N 17 37.00 -50.07 27.53
C ASN N 17 35.61 -49.66 28.01
N SER N 18 34.98 -50.48 28.87
CA SER N 18 33.56 -50.35 29.19
C SER N 18 33.15 -51.14 30.43
N ILE N 19 33.76 -50.77 31.57
CA ILE N 19 33.43 -51.35 32.88
C ILE N 19 33.08 -50.22 33.85
N ASP N 20 31.92 -50.33 34.51
CA ASP N 20 31.44 -49.30 35.42
C ASP N 20 31.23 -49.93 36.80
N ILE N 21 31.47 -49.14 37.86
CA ILE N 21 31.48 -49.61 39.24
C ILE N 21 30.31 -48.95 39.97
N LEU N 22 29.87 -49.58 41.07
CA LEU N 22 28.78 -49.06 41.90
C LEU N 22 29.14 -49.16 43.39
N GLN N 23 28.96 -48.06 44.12
CA GLN N 23 29.13 -48.04 45.57
C GLN N 23 28.01 -47.24 46.24
N GLU N 24 27.81 -47.49 47.56
CA GLU N 24 26.87 -46.72 48.36
C GLU N 24 27.53 -46.27 49.67
N LYS N 25 27.98 -47.26 50.47
CA LYS N 25 28.20 -47.03 51.90
C LYS N 25 28.88 -48.18 52.63
N GLU N 26 29.34 -49.21 51.91
CA GLU N 26 29.66 -50.52 52.46
C GLU N 26 28.40 -51.38 52.34
N GLY N 27 27.93 -51.45 51.09
CA GLY N 27 26.63 -52.01 50.73
C GLY N 27 26.67 -52.78 49.41
N HIS N 28 27.58 -53.76 49.37
CA HIS N 28 27.71 -54.81 48.35
C HIS N 28 28.75 -54.53 47.25
N LEU N 29 28.74 -53.28 46.77
CA LEU N 29 29.82 -52.63 46.02
C LEU N 29 30.14 -53.32 44.69
N ASP N 30 29.15 -53.46 43.83
CA ASP N 30 29.22 -54.35 42.68
C ASP N 30 29.83 -53.61 41.49
N PHE N 31 30.35 -54.39 40.54
CA PHE N 31 30.75 -53.92 39.21
C PHE N 31 29.92 -54.68 38.17
N VAL N 32 29.71 -54.04 37.02
CA VAL N 32 28.83 -54.56 35.98
C VAL N 32 29.57 -54.52 34.65
N ILE N 33 30.02 -55.70 34.20
CA ILE N 33 30.79 -55.87 32.99
C ILE N 33 29.78 -55.94 31.84
N ILE N 34 29.78 -54.90 30.98
CA ILE N 34 28.70 -54.64 30.04
C ILE N 34 28.49 -55.80 29.08
N PRO N 35 29.54 -56.40 28.46
CA PRO N 35 29.36 -57.62 27.67
C PRO N 35 28.81 -58.81 28.44
N HIS N 36 29.24 -58.94 29.71
CA HIS N 36 28.92 -60.11 30.54
C HIS N 36 27.52 -60.00 31.15
N TYR N 37 26.78 -58.92 30.86
CA TYR N 37 25.43 -58.75 31.36
C TYR N 37 24.43 -58.86 30.22
N THR N 38 24.77 -58.27 29.05
CA THR N 38 23.98 -58.41 27.83
C THR N 38 23.91 -59.89 27.44
N PHE N 39 24.99 -60.63 27.69
CA PHE N 39 25.09 -62.04 27.36
C PHE N 39 24.10 -62.84 28.21
N LEU N 40 24.15 -62.65 29.54
CA LEU N 40 23.32 -63.38 30.48
C LEU N 40 21.85 -62.93 30.37
N ASP N 41 21.64 -61.79 29.71
CA ASP N 41 20.31 -61.25 29.44
C ASP N 41 19.76 -61.85 28.14
N TYR N 42 20.63 -61.99 27.12
CA TYR N 42 20.24 -62.52 25.82
C TYR N 42 19.65 -63.92 25.97
N TYR N 43 20.31 -64.75 26.78
CA TYR N 43 20.00 -66.17 26.88
C TYR N 43 19.06 -66.46 28.05
N LYS N 44 18.75 -65.44 28.85
CA LYS N 44 17.62 -65.51 29.76
C LYS N 44 16.37 -65.01 29.03
N HIS N 45 16.58 -64.26 27.93
CA HIS N 45 15.52 -63.91 27.00
C HIS N 45 15.69 -64.74 25.72
N LEU N 46 15.78 -66.07 25.88
CA LEU N 46 15.76 -67.01 24.77
C LEU N 46 15.26 -68.36 25.29
N SER N 47 15.90 -68.84 26.36
CA SER N 47 15.50 -70.02 27.12
C SER N 47 14.01 -69.99 27.44
N TYR N 48 13.49 -68.81 27.79
CA TYR N 48 12.10 -68.61 28.14
C TYR N 48 11.20 -68.63 26.89
N ASN N 49 11.66 -68.00 25.80
CA ASN N 49 10.86 -67.88 24.59
C ASN N 49 10.43 -69.25 24.08
N SER N 50 11.39 -70.18 24.04
CA SER N 50 11.20 -71.54 23.58
C SER N 50 10.10 -72.25 24.36
N ILE N 51 10.21 -72.24 25.70
CA ILE N 51 9.36 -73.02 26.57
C ILE N 51 7.94 -72.45 26.62
N TYR N 52 7.80 -71.15 26.35
CA TYR N 52 6.53 -70.46 26.40
C TYR N 52 5.84 -70.45 25.03
N HIS N 53 6.40 -71.19 24.06
CA HIS N 53 5.69 -71.50 22.84
C HIS N 53 4.89 -72.79 23.04
N LYS N 54 5.54 -73.85 23.56
CA LYS N 54 4.98 -75.18 23.61
C LYS N 54 4.33 -75.46 24.96
N SER N 55 3.29 -76.29 24.95
CA SER N 55 2.42 -76.52 26.10
C SER N 55 3.10 -77.41 27.14
N SER N 56 3.80 -78.46 26.67
CA SER N 56 4.50 -79.40 27.54
C SER N 56 5.63 -78.71 28.30
N THR N 57 6.22 -77.67 27.69
CA THR N 57 7.40 -77.00 28.20
C THR N 57 7.06 -75.88 29.19
N TYR N 58 5.76 -75.62 29.37
CA TYR N 58 5.29 -74.75 30.44
C TYR N 58 5.70 -75.33 31.80
N GLY N 59 5.91 -76.66 31.84
CA GLY N 59 6.37 -77.35 33.03
C GLY N 59 7.80 -76.98 33.40
N LYS N 60 8.60 -76.63 32.39
CA LYS N 60 10.05 -76.50 32.54
C LYS N 60 10.44 -75.15 33.15
N CYS N 61 9.52 -74.17 33.16
CA CYS N 61 9.88 -72.78 33.46
C CYS N 61 10.34 -72.59 34.90
N ILE N 62 10.04 -73.56 35.77
CA ILE N 62 10.57 -73.58 37.14
C ILE N 62 12.06 -73.89 37.08
N ALA N 63 12.43 -74.86 36.23
CA ALA N 63 13.80 -75.31 36.09
C ALA N 63 14.65 -74.31 35.33
N VAL N 64 14.05 -73.65 34.32
CA VAL N 64 14.72 -72.67 33.48
C VAL N 64 15.03 -71.43 34.32
N ASP N 65 14.07 -71.03 35.16
CA ASP N 65 14.23 -69.94 36.12
C ASP N 65 15.39 -70.25 37.07
N ALA N 66 15.33 -71.43 37.71
CA ALA N 66 16.28 -71.85 38.74
C ALA N 66 17.67 -72.07 38.15
N PHE N 67 17.75 -72.36 36.85
CA PHE N 67 19.01 -72.50 36.13
C PHE N 67 19.67 -71.13 35.99
N ILE N 68 18.91 -70.15 35.46
CA ILE N 68 19.38 -68.79 35.24
C ILE N 68 19.79 -68.17 36.57
N LYS N 69 18.98 -68.41 37.62
CA LYS N 69 19.28 -67.99 38.98
C LYS N 69 20.65 -68.50 39.42
N LYS N 70 20.93 -69.78 39.15
CA LYS N 70 22.12 -70.45 39.66
C LYS N 70 23.35 -70.10 38.83
N ILE N 71 23.13 -69.61 37.59
CA ILE N 71 24.21 -69.03 36.79
C ILE N 71 24.56 -67.65 37.34
N ASN N 72 23.53 -66.81 37.59
CA ASN N 72 23.68 -65.50 38.17
C ASN N 72 23.78 -65.64 39.69
N GLU N 73 24.88 -66.29 40.13
CA GLU N 73 25.17 -66.62 41.52
C GLU N 73 26.56 -67.23 41.59
N ALA N 74 26.85 -68.15 40.65
CA ALA N 74 28.20 -68.58 40.37
C ALA N 74 29.01 -67.40 39.80
N TYR N 75 28.33 -66.56 39.02
CA TYR N 75 28.85 -65.29 38.53
C TYR N 75 29.24 -64.39 39.70
N ASP N 76 28.37 -64.33 40.71
CA ASP N 76 28.56 -63.50 41.90
C ASP N 76 29.57 -64.14 42.87
N LYS N 77 29.95 -65.40 42.62
CA LYS N 77 30.99 -66.09 43.38
C LYS N 77 32.38 -65.76 42.83
N VAL N 78 32.42 -64.97 41.74
CA VAL N 78 33.65 -64.31 41.29
C VAL N 78 34.02 -63.22 42.30
N LYS N 79 33.01 -62.61 42.92
CA LYS N 79 33.18 -61.68 44.03
C LYS N 79 33.42 -62.42 45.35
N SER N 80 34.25 -63.47 45.30
CA SER N 80 34.76 -64.18 46.46
C SER N 80 36.21 -63.81 46.75
N LYS N 81 36.90 -63.31 45.72
CA LYS N 81 38.26 -62.77 45.84
C LYS N 81 38.30 -61.28 45.42
N CYS N 82 37.18 -60.76 44.90
CA CYS N 82 37.13 -59.38 44.45
C CYS N 82 36.44 -58.53 45.52
N ASN N 83 36.74 -58.87 46.79
CA ASN N 83 35.96 -58.46 47.94
C ASN N 83 36.85 -57.79 48.99
N ASP N 84 38.00 -58.40 49.30
CA ASP N 84 38.97 -57.85 50.23
C ASP N 84 39.61 -56.58 49.67
N ILE N 85 39.78 -56.53 48.34
CA ILE N 85 40.29 -55.35 47.65
C ILE N 85 39.20 -54.28 47.60
N LYS N 86 37.95 -54.73 47.45
CA LYS N 86 36.76 -53.90 47.48
C LYS N 86 36.64 -53.22 48.85
N ASN N 87 36.89 -53.99 49.92
CA ASN N 87 36.79 -53.50 51.29
C ASN N 87 37.87 -52.45 51.58
N ASP N 88 39.05 -52.63 50.95
CA ASP N 88 40.15 -51.69 51.08
C ASP N 88 39.86 -50.44 50.25
N LEU N 89 39.08 -50.60 49.17
CA LEU N 89 38.60 -49.47 48.38
C LEU N 89 37.60 -48.64 49.18
N ILE N 90 36.82 -49.32 50.05
CA ILE N 90 35.86 -48.66 50.90
C ILE N 90 36.56 -47.82 51.98
N ALA N 91 37.77 -48.25 52.39
CA ALA N 91 38.52 -47.59 53.45
C ALA N 91 39.05 -46.25 52.93
N THR N 92 39.40 -46.22 51.64
CA THR N 92 39.86 -45.00 50.98
C THR N 92 38.69 -44.03 50.85
N ILE N 93 37.53 -44.57 50.46
CA ILE N 93 36.30 -43.81 50.29
C ILE N 93 35.82 -43.26 51.63
N LYS N 94 36.07 -44.03 52.72
CA LYS N 94 35.74 -43.60 54.07
C LYS N 94 36.46 -42.30 54.40
N LYS N 95 37.76 -42.24 54.10
CA LYS N 95 38.63 -41.13 54.46
C LYS N 95 38.51 -39.97 53.49
N LEU N 96 37.96 -40.20 52.29
CA LEU N 96 37.86 -39.23 51.22
C LEU N 96 37.44 -37.81 51.67
N GLU N 97 36.72 -37.71 52.79
CA GLU N 97 36.69 -36.46 53.55
C GLU N 97 36.68 -36.80 55.05
N HIS N 98 36.22 -35.86 55.89
CA HIS N 98 36.49 -35.82 57.32
C HIS N 98 37.98 -36.08 57.66
N PRO N 99 38.95 -35.50 56.93
CA PRO N 99 40.37 -35.73 57.23
C PRO N 99 40.84 -35.10 58.55
N TYR N 100 40.12 -34.04 58.98
CA TYR N 100 40.64 -33.02 59.88
C TYR N 100 41.90 -32.38 59.26
N ASP N 101 42.75 -31.77 60.09
CA ASP N 101 43.72 -30.76 59.67
C ASP N 101 44.89 -31.47 58.98
N ILE N 102 45.68 -32.21 59.77
CA ILE N 102 46.62 -33.23 59.33
C ILE N 102 47.90 -32.64 58.72
N ASN N 103 48.29 -31.46 59.21
CA ASN N 103 49.52 -30.73 58.87
C ASN N 103 49.88 -30.83 57.40
N ASN N 104 51.18 -30.61 57.09
CA ASN N 104 51.81 -31.02 55.84
C ASN N 104 51.09 -30.52 54.59
N LYS N 105 50.66 -29.26 54.63
CA LYS N 105 49.86 -28.61 53.59
C LYS N 105 48.50 -29.31 53.53
N ASN N 106 48.28 -30.12 52.48
CA ASN N 106 47.08 -30.95 52.39
C ASN N 106 47.29 -32.21 53.22
N ARG N 107 48.35 -32.96 52.87
CA ARG N 107 48.65 -34.29 53.37
C ARG N 107 47.55 -35.30 53.01
N ALA N 108 47.01 -35.18 51.79
CA ALA N 108 45.94 -36.03 51.29
C ALA N 108 45.84 -35.94 49.75
N PHE N 109 46.09 -34.73 49.21
CA PHE N 109 46.26 -34.59 47.77
C PHE N 109 47.49 -35.38 47.34
N LYS N 110 47.22 -36.63 46.92
CA LYS N 110 48.18 -37.57 46.38
C LYS N 110 48.74 -38.42 47.51
N LYS N 111 48.32 -38.17 48.76
CA LYS N 111 48.71 -39.01 49.88
C LYS N 111 47.67 -40.13 50.04
N MET N 112 46.39 -39.77 49.95
CA MET N 112 45.31 -40.74 49.85
C MET N 112 44.88 -40.91 48.39
N MET N 113 45.08 -39.86 47.58
CA MET N 113 44.71 -39.89 46.17
C MET N 113 45.55 -40.96 45.45
N ASP N 114 46.79 -41.18 45.91
CA ASP N 114 47.65 -42.22 45.37
C ASP N 114 47.14 -43.60 45.73
N GLU N 115 46.74 -43.78 47.00
CA GLU N 115 46.13 -45.01 47.50
C GLU N 115 44.92 -45.39 46.65
N TYR N 116 44.05 -44.40 46.35
CA TYR N 116 42.93 -44.57 45.45
C TYR N 116 43.41 -45.14 44.11
N ASN N 117 44.46 -44.55 43.54
CA ASN N 117 44.97 -44.94 42.23
C ASN N 117 45.55 -46.35 42.28
N THR N 118 46.21 -46.71 43.37
CA THR N 118 46.75 -48.06 43.57
C THR N 118 45.59 -49.04 43.69
N LYS N 119 44.65 -48.75 44.60
CA LYS N 119 43.62 -49.71 45.01
C LYS N 119 42.55 -49.87 43.92
N LYS N 120 42.35 -48.85 43.09
CA LYS N 120 41.40 -48.91 42.00
C LYS N 120 41.90 -49.89 40.94
N LYS N 121 43.20 -49.80 40.62
CA LYS N 121 43.81 -50.65 39.61
C LYS N 121 43.95 -52.09 40.13
N LYS N 122 44.03 -52.26 41.46
CA LYS N 122 44.08 -53.57 42.09
C LYS N 122 42.76 -54.31 41.88
N LEU N 123 41.64 -53.58 41.88
CA LEU N 123 40.33 -54.16 41.64
C LEU N 123 40.20 -54.52 40.15
N ILE N 124 40.49 -53.54 39.28
CA ILE N 124 40.50 -53.69 37.83
C ILE N 124 41.35 -54.90 37.44
N LYS N 125 42.45 -55.12 38.17
CA LYS N 125 43.31 -56.28 37.97
C LYS N 125 42.56 -57.55 38.32
N CYS N 126 41.97 -57.61 39.52
CA CYS N 126 41.34 -58.82 40.04
C CYS N 126 40.12 -59.21 39.21
N ILE N 127 39.48 -58.22 38.57
CA ILE N 127 38.42 -58.48 37.61
C ILE N 127 38.99 -59.24 36.40
N LYS N 128 40.05 -58.67 35.80
CA LYS N 128 40.67 -59.25 34.61
C LYS N 128 41.46 -60.51 34.95
N ASN N 129 41.85 -60.66 36.22
CA ASN N 129 42.53 -61.85 36.73
C ASN N 129 41.58 -63.05 36.76
N HIS N 130 40.29 -62.81 37.00
CA HIS N 130 39.31 -63.87 36.93
C HIS N 130 38.28 -63.56 35.85
N GLU N 131 38.76 -63.19 34.66
CA GLU N 131 37.93 -62.95 33.48
C GLU N 131 37.65 -64.28 32.78
N ASN N 132 38.55 -65.25 33.00
CA ASN N 132 38.42 -66.61 32.49
C ASN N 132 37.18 -67.28 33.10
N ASP N 133 37.03 -67.16 34.43
CA ASP N 133 36.01 -67.84 35.20
C ASP N 133 34.64 -67.27 34.84
N PHE N 134 34.58 -65.97 34.48
CA PHE N 134 33.39 -65.31 33.98
C PHE N 134 33.00 -65.90 32.62
N ASN N 135 33.98 -66.06 31.73
CA ASN N 135 33.76 -66.51 30.36
C ASN N 135 33.28 -67.96 30.30
N LYS N 136 33.63 -68.78 31.31
CA LYS N 136 33.06 -70.10 31.44
C LYS N 136 31.57 -69.99 31.76
N ILE N 137 31.24 -69.26 32.82
CA ILE N 137 29.89 -69.05 33.32
C ILE N 137 29.06 -68.30 32.27
N CYS N 138 29.74 -67.49 31.45
CA CYS N 138 29.14 -66.80 30.32
C CYS N 138 28.61 -67.80 29.29
N MET N 139 29.48 -68.71 28.82
CA MET N 139 29.17 -69.66 27.75
C MET N 139 28.05 -70.62 28.16
N ASP N 140 27.94 -70.89 29.46
CA ASP N 140 26.90 -71.75 30.03
C ASP N 140 25.52 -71.32 29.57
N MET N 141 25.26 -70.00 29.66
CA MET N 141 23.96 -69.42 29.36
C MET N 141 23.68 -69.52 27.86
N LYS N 142 24.72 -69.36 27.03
CA LYS N 142 24.63 -69.55 25.59
C LYS N 142 24.13 -70.96 25.29
N ASN N 143 24.78 -71.96 25.88
CA ASN N 143 24.57 -73.37 25.56
C ASN N 143 23.14 -73.80 25.92
N TYR N 144 22.71 -73.43 27.12
CA TYR N 144 21.42 -73.85 27.67
C TYR N 144 20.29 -73.19 26.89
N GLY N 145 20.41 -71.89 26.63
CA GLY N 145 19.43 -71.13 25.87
C GLY N 145 19.30 -71.66 24.44
N THR N 146 20.43 -72.04 23.86
CA THR N 146 20.48 -72.61 22.51
C THR N 146 19.88 -74.01 22.52
N ASN N 147 20.23 -74.80 23.56
CA ASN N 147 19.79 -76.17 23.73
C ASN N 147 18.26 -76.23 23.77
N LEU N 148 17.64 -75.34 24.56
CA LEU N 148 16.20 -75.30 24.71
C LEU N 148 15.54 -74.69 23.47
N PHE N 149 16.30 -73.90 22.70
CA PHE N 149 15.85 -73.35 21.42
C PHE N 149 15.84 -74.45 20.36
N GLU N 150 16.68 -75.48 20.53
CA GLU N 150 16.66 -76.64 19.66
C GLU N 150 15.43 -77.51 19.95
N GLN N 151 15.09 -77.67 21.24
CA GLN N 151 13.98 -78.53 21.66
C GLN N 151 12.64 -77.81 21.45
N LEU N 152 12.30 -77.53 20.20
CA LEU N 152 11.03 -76.99 19.81
C LEU N 152 10.68 -77.58 18.47
N SER N 153 10.12 -76.81 17.51
CA SER N 153 9.89 -77.24 16.15
C SER N 153 8.59 -78.04 16.11
N CYS N 154 7.59 -77.46 15.42
CA CYS N 154 6.29 -78.07 15.22
C CYS N 154 5.97 -78.18 13.73
N TYR N 155 6.87 -78.86 13.00
CA TYR N 155 6.84 -78.99 11.56
C TYR N 155 7.07 -77.65 10.85
N ASN N 156 7.77 -77.69 9.72
CA ASN N 156 8.08 -76.49 8.94
C ASN N 156 6.81 -75.66 8.86
N ASN N 157 5.76 -76.27 8.29
CA ASN N 157 4.49 -75.60 8.01
C ASN N 157 4.64 -74.35 7.15
N ASN N 158 3.85 -74.24 6.08
CA ASN N 158 3.55 -72.93 5.48
C ASN N 158 3.16 -71.91 6.57
N PHE N 159 2.45 -72.39 7.62
CA PHE N 159 1.98 -71.54 8.69
C PHE N 159 2.38 -72.11 10.05
N CYS N 160 3.45 -71.55 10.63
CA CYS N 160 3.92 -71.89 11.96
C CYS N 160 3.61 -70.74 12.93
N ASN N 161 3.51 -71.14 14.21
CA ASN N 161 2.64 -70.52 15.19
C ASN N 161 3.27 -69.26 15.75
N THR N 162 2.40 -68.28 16.00
CA THR N 162 2.73 -66.91 16.38
C THR N 162 2.67 -66.58 17.88
N ASN N 163 2.93 -67.56 18.77
CA ASN N 163 2.82 -67.33 20.20
C ASN N 163 4.21 -67.06 20.76
N GLY N 164 4.63 -67.78 21.82
CA GLY N 164 5.99 -67.71 22.38
C GLY N 164 6.49 -66.29 22.67
N ILE N 165 6.62 -65.45 21.62
CA ILE N 165 7.11 -64.09 21.69
C ILE N 165 6.10 -63.23 22.44
N ARG N 166 4.81 -63.42 22.12
CA ARG N 166 3.74 -62.61 22.72
C ARG N 166 3.57 -62.89 24.21
N TYR N 167 3.85 -64.13 24.64
CA TYR N 167 3.87 -64.47 26.05
C TYR N 167 4.89 -63.58 26.76
N HIS N 168 6.15 -63.62 26.28
CA HIS N 168 7.28 -63.00 26.96
C HIS N 168 7.12 -61.48 26.98
N TYR N 169 6.67 -60.93 25.85
CA TYR N 169 6.42 -59.49 25.69
C TYR N 169 5.50 -58.97 26.79
N ASP N 170 4.28 -59.51 26.86
CA ASP N 170 3.21 -58.96 27.69
C ASP N 170 3.35 -59.37 29.15
N GLU N 171 4.26 -60.34 29.44
CA GLU N 171 4.45 -60.82 30.81
C GLU N 171 5.76 -60.29 31.37
N TYR N 172 6.69 -59.86 30.49
CA TYR N 172 8.00 -59.40 30.95
C TYR N 172 8.32 -58.00 30.43
N ILE N 173 8.08 -57.73 29.14
CA ILE N 173 8.58 -56.53 28.49
C ILE N 173 7.61 -55.37 28.70
N HIS N 174 6.36 -55.53 28.26
CA HIS N 174 5.36 -54.47 28.17
C HIS N 174 5.06 -53.86 29.53
N LYS N 175 5.27 -54.63 30.60
CA LYS N 175 5.10 -54.14 31.96
C LYS N 175 6.19 -53.11 32.28
N LEU N 176 7.42 -53.38 31.82
CA LEU N 176 8.59 -52.60 32.17
C LEU N 176 8.73 -51.35 31.31
N ILE N 177 8.15 -51.35 30.09
CA ILE N 177 8.26 -50.19 29.22
C ILE N 177 7.42 -49.04 29.78
N LEU N 178 6.28 -49.37 30.40
CA LEU N 178 5.41 -48.39 31.05
C LEU N 178 6.11 -47.81 32.27
N SER N 179 6.83 -48.66 33.00
CA SER N 179 7.58 -48.26 34.19
C SER N 179 8.60 -47.17 33.84
N VAL N 180 9.20 -47.27 32.64
CA VAL N 180 10.25 -46.37 32.21
C VAL N 180 9.66 -45.07 31.65
N LYS N 181 8.53 -45.17 30.92
CA LYS N 181 7.90 -43.98 30.34
C LYS N 181 7.28 -43.10 31.43
N SER N 182 6.92 -43.72 32.56
CA SER N 182 6.35 -43.04 33.71
C SER N 182 7.39 -42.18 34.42
N LYS N 183 8.67 -42.57 34.31
CA LYS N 183 9.78 -41.82 34.88
C LYS N 183 10.52 -41.11 33.74
N ASN N 184 9.88 -40.07 33.19
CA ASN N 184 10.38 -39.30 32.07
C ASN N 184 11.85 -38.93 32.26
N LEU N 185 12.71 -39.69 31.55
CA LEU N 185 14.17 -39.61 31.69
C LEU N 185 14.73 -38.30 31.11
N ASN N 186 13.98 -37.68 30.18
CA ASN N 186 14.40 -36.43 29.56
C ASN N 186 14.52 -35.32 30.62
N LYS N 187 13.56 -35.29 31.53
CA LYS N 187 13.55 -34.39 32.68
C LYS N 187 14.74 -34.72 33.59
N ASP N 188 14.93 -36.02 33.84
CA ASP N 188 15.94 -36.51 34.77
C ASP N 188 17.34 -36.03 34.38
N LEU N 189 17.65 -36.11 33.07
CA LEU N 189 18.93 -35.69 32.55
C LEU N 189 19.13 -34.19 32.78
N SER N 190 18.13 -33.39 32.38
CA SER N 190 18.20 -31.94 32.41
C SER N 190 18.32 -31.42 33.85
N ASP N 191 17.75 -32.17 34.80
CA ASP N 191 17.88 -31.91 36.22
C ASP N 191 19.34 -32.13 36.66
N MET N 192 19.91 -33.27 36.24
CA MET N 192 21.28 -33.64 36.57
C MET N 192 22.28 -32.68 35.93
N THR N 193 21.97 -32.19 34.73
CA THR N 193 22.84 -31.26 34.02
C THR N 193 22.98 -29.97 34.84
N ASN N 194 21.84 -29.47 35.34
CA ASN N 194 21.80 -28.18 36.03
C ASN N 194 22.54 -28.26 37.37
N ILE N 195 22.41 -29.39 38.07
CA ILE N 195 23.12 -29.65 39.32
C ILE N 195 24.62 -29.63 39.07
N LEU N 196 25.05 -30.19 37.93
CA LEU N 196 26.46 -30.23 37.57
C LEU N 196 26.94 -28.85 37.14
N GLN N 197 26.09 -28.11 36.41
CA GLN N 197 26.42 -26.77 35.94
C GLN N 197 26.69 -25.84 37.12
N GLN N 198 25.84 -25.92 38.15
CA GLN N 198 25.92 -25.03 39.30
C GLN N 198 27.14 -25.36 40.17
N SER N 199 28.14 -26.06 39.63
CA SER N 199 29.40 -26.32 40.33
C SER N 199 30.58 -26.20 39.37
N GLU N 200 30.46 -25.25 38.44
CA GLU N 200 31.44 -24.94 37.41
C GLU N 200 31.72 -23.43 37.35
N LEU N 201 32.88 -23.07 36.78
CA LEU N 201 33.34 -21.70 36.56
C LEU N 201 33.61 -20.99 37.88
N LEU N 202 34.38 -21.66 38.75
CA LEU N 202 34.81 -21.09 40.03
C LEU N 202 36.32 -20.78 39.94
N TYR N 215 40.40 -29.76 50.42
CA TYR N 215 38.96 -29.70 50.78
C TYR N 215 38.18 -29.31 49.53
N ILE N 216 38.70 -28.31 48.78
CA ILE N 216 38.13 -27.93 47.50
C ILE N 216 38.53 -28.98 46.46
N ASP N 217 39.71 -29.59 46.65
CA ASP N 217 40.22 -30.63 45.76
C ASP N 217 39.31 -31.86 45.80
N THR N 218 38.73 -32.13 46.97
CA THR N 218 37.74 -33.19 47.15
C THR N 218 36.51 -32.87 46.30
N ILE N 219 36.07 -31.60 46.31
CA ILE N 219 34.92 -31.15 45.55
C ILE N 219 35.21 -31.25 44.06
N LYS N 220 36.43 -30.88 43.64
CA LYS N 220 36.86 -31.01 42.25
C LYS N 220 36.80 -32.47 41.83
N PHE N 221 37.24 -33.36 42.73
CA PHE N 221 37.33 -34.79 42.47
C PHE N 221 35.94 -35.41 42.36
N ILE N 222 35.06 -35.06 43.29
CA ILE N 222 33.69 -35.54 43.33
C ILE N 222 32.90 -34.96 42.15
N HIS N 223 33.19 -33.70 41.79
CA HIS N 223 32.63 -33.07 40.59
C HIS N 223 32.97 -33.89 39.36
N LYS N 224 34.26 -34.24 39.23
CA LYS N 224 34.78 -35.00 38.10
C LYS N 224 34.09 -36.37 38.03
N GLU N 225 33.99 -37.04 39.19
CA GLU N 225 33.44 -38.38 39.31
C GLU N 225 31.97 -38.36 38.87
N MET N 226 31.22 -37.37 39.34
CA MET N 226 29.79 -37.21 39.04
C MET N 226 29.57 -36.78 37.60
N LYS N 227 30.58 -36.17 36.96
CA LYS N 227 30.45 -35.71 35.58
C LYS N 227 30.47 -36.90 34.63
N HIS N 228 31.39 -37.85 34.84
CA HIS N 228 31.50 -39.03 34.00
C HIS N 228 30.30 -39.96 34.23
N ILE N 229 29.91 -40.12 35.50
CA ILE N 229 28.74 -40.89 35.89
C ILE N 229 27.50 -40.35 35.18
N PHE N 230 27.41 -39.02 35.03
CA PHE N 230 26.33 -38.40 34.29
C PHE N 230 26.39 -38.82 32.82
N ASN N 231 27.61 -38.78 32.23
CA ASN N 231 27.81 -39.12 30.83
C ASN N 231 27.39 -40.55 30.53
N ARG N 232 27.55 -41.44 31.52
CA ARG N 232 27.15 -42.84 31.41
C ARG N 232 25.62 -42.95 31.42
N ILE N 233 24.98 -42.29 32.39
CA ILE N 233 23.53 -42.27 32.53
C ILE N 233 22.93 -41.61 31.28
N GLU N 234 23.59 -40.56 30.79
CA GLU N 234 23.20 -39.86 29.56
C GLU N 234 23.31 -40.79 28.37
N TYR N 235 24.38 -41.59 28.32
CA TYR N 235 24.64 -42.56 27.26
C TYR N 235 23.58 -43.66 27.26
N HIS N 236 23.32 -44.23 28.45
CA HIS N 236 22.37 -45.32 28.61
C HIS N 236 20.94 -44.86 28.29
N THR N 237 20.60 -43.62 28.66
CA THR N 237 19.27 -43.07 28.46
C THR N 237 18.96 -42.91 26.97
N LYS N 238 19.99 -42.52 26.20
CA LYS N 238 19.89 -42.36 24.75
C LYS N 238 19.61 -43.70 24.07
N ILE N 239 20.22 -44.77 24.60
CA ILE N 239 19.99 -46.12 24.11
C ILE N 239 18.54 -46.50 24.40
N ILE N 240 18.12 -46.34 25.66
CA ILE N 240 16.81 -46.74 26.16
C ILE N 240 15.70 -46.05 25.37
N ASN N 241 15.83 -44.72 25.15
CA ASN N 241 14.78 -43.96 24.48
C ASN N 241 14.71 -44.28 23.00
N ASP N 242 15.86 -44.59 22.39
CA ASP N 242 15.91 -45.00 20.99
C ASP N 242 15.29 -46.39 20.83
N LYS N 243 15.67 -47.31 21.73
CA LYS N 243 15.46 -48.74 21.56
C LYS N 243 14.01 -49.11 21.80
N THR N 244 13.43 -48.55 22.87
CA THR N 244 12.09 -48.90 23.34
C THR N 244 11.05 -48.40 22.36
N LYS N 245 11.43 -47.42 21.52
CA LYS N 245 10.62 -47.00 20.40
C LYS N 245 10.69 -48.07 19.31
N ILE N 246 11.89 -48.61 19.07
CA ILE N 246 12.09 -49.67 18.09
C ILE N 246 11.38 -50.95 18.51
N ILE N 247 11.56 -51.36 19.79
CA ILE N 247 10.91 -52.55 20.34
C ILE N 247 9.41 -52.51 20.04
N GLN N 248 8.74 -51.46 20.54
CA GLN N 248 7.30 -51.28 20.39
C GLN N 248 6.88 -51.15 18.92
N ASP N 249 7.82 -50.83 18.01
CA ASP N 249 7.56 -50.97 16.59
C ASP N 249 7.65 -52.44 16.20
N LYS N 250 8.75 -53.09 16.62
CA LYS N 250 9.16 -54.41 16.17
C LYS N 250 8.15 -55.49 16.58
N ILE N 251 7.68 -55.43 17.83
CA ILE N 251 6.83 -56.47 18.40
C ILE N 251 5.54 -56.61 17.59
N LYS N 252 5.01 -55.48 17.11
CA LYS N 252 3.77 -55.45 16.35
C LYS N 252 3.97 -56.16 15.00
N LEU N 253 5.14 -56.00 14.40
CA LEU N 253 5.49 -56.64 13.14
C LEU N 253 5.56 -58.16 13.30
N ASN N 254 5.97 -58.61 14.49
CA ASN N 254 6.19 -60.03 14.76
C ASN N 254 4.87 -60.78 14.92
N ILE N 255 3.98 -60.25 15.76
CA ILE N 255 2.80 -60.94 16.22
C ILE N 255 1.66 -60.83 15.20
N TRP N 256 0.51 -61.44 15.54
CA TRP N 256 -0.62 -61.71 14.66
C TRP N 256 -0.20 -62.07 13.24
N ARG N 257 0.53 -63.18 13.09
CA ARG N 257 1.06 -63.65 11.83
C ARG N 257 1.61 -65.06 12.00
N THR N 258 1.78 -65.74 10.86
CA THR N 258 2.40 -67.06 10.75
C THR N 258 3.29 -67.08 9.51
N PHE N 259 4.42 -67.82 9.60
CA PHE N 259 5.49 -67.84 8.61
C PHE N 259 6.08 -69.25 8.52
N GLN N 260 7.19 -69.37 7.77
CA GLN N 260 8.01 -70.57 7.75
C GLN N 260 8.78 -70.66 9.09
N LYS N 261 9.19 -71.89 9.43
CA LYS N 261 9.96 -72.19 10.63
C LYS N 261 11.23 -71.32 10.70
N ASP N 262 11.95 -71.23 9.58
CA ASP N 262 13.18 -70.48 9.45
C ASP N 262 13.01 -69.04 9.92
N GLU N 263 12.00 -68.33 9.38
CA GLU N 263 11.77 -66.92 9.64
C GLU N 263 11.55 -66.66 11.13
N LEU N 264 10.61 -67.41 11.73
CA LEU N 264 10.21 -67.22 13.11
C LEU N 264 11.41 -67.42 14.04
N LEU N 265 12.27 -68.38 13.71
CA LEU N 265 13.42 -68.71 14.53
C LEU N 265 14.44 -67.57 14.51
N LYS N 266 14.62 -66.93 13.35
CA LYS N 266 15.48 -65.74 13.23
C LYS N 266 14.89 -64.60 14.06
N ARG N 267 13.56 -64.46 14.02
CA ARG N 267 12.86 -63.29 14.54
C ARG N 267 12.59 -63.45 16.04
N ILE N 268 12.68 -64.68 16.56
CA ILE N 268 12.77 -64.92 17.99
C ILE N 268 14.13 -64.41 18.48
N LEU N 269 15.19 -64.76 17.74
CA LEU N 269 16.56 -64.39 18.06
C LEU N 269 16.75 -62.88 17.90
N ASP N 270 15.98 -62.28 16.98
CA ASP N 270 15.96 -60.84 16.77
C ASP N 270 15.46 -60.14 18.04
N MET N 271 14.26 -60.52 18.49
CA MET N 271 13.65 -59.90 19.66
C MET N 271 14.44 -60.29 20.91
N SER N 272 15.11 -61.44 20.89
CA SER N 272 15.97 -61.90 21.97
C SER N 272 17.19 -60.99 22.13
N ASN N 273 17.63 -60.37 21.02
CA ASN N 273 18.78 -59.48 21.04
C ASN N 273 18.41 -58.11 21.63
N GLU N 274 17.24 -57.59 21.24
CA GLU N 274 16.80 -56.25 21.62
C GLU N 274 16.71 -56.15 23.15
N TYR N 275 16.10 -57.16 23.77
CA TYR N 275 15.84 -57.18 25.21
C TYR N 275 17.14 -57.35 25.98
N SER N 276 18.17 -57.90 25.33
CA SER N 276 19.49 -58.07 25.91
C SER N 276 20.09 -56.70 26.23
N LEU N 277 20.17 -55.84 25.20
CA LEU N 277 20.82 -54.53 25.32
C LEU N 277 19.92 -53.54 26.06
N PHE N 278 18.60 -53.68 25.91
CA PHE N 278 17.62 -52.79 26.51
C PHE N 278 17.69 -52.88 28.03
N ILE N 279 17.48 -54.08 28.56
CA ILE N 279 17.41 -54.32 30.01
C ILE N 279 18.81 -54.22 30.61
N THR N 280 19.86 -54.33 29.78
CA THR N 280 21.23 -54.07 30.23
C THR N 280 21.36 -52.60 30.61
N SER N 281 21.07 -51.71 29.66
CA SER N 281 21.22 -50.27 29.84
C SER N 281 20.29 -49.78 30.95
N ASP N 282 19.08 -50.33 31.00
CA ASP N 282 18.01 -49.86 31.88
C ASP N 282 18.25 -50.29 33.33
N HIS N 283 18.88 -51.46 33.52
CA HIS N 283 19.27 -51.91 34.85
C HIS N 283 20.43 -51.04 35.36
N LEU N 284 21.36 -50.72 34.46
CA LEU N 284 22.51 -49.87 34.77
C LEU N 284 22.06 -48.46 35.12
N ARG N 285 21.25 -47.85 34.22
CA ARG N 285 20.78 -46.48 34.34
C ARG N 285 20.16 -46.28 35.72
N GLN N 286 19.28 -47.21 36.14
CA GLN N 286 18.55 -47.15 37.40
C GLN N 286 19.51 -47.16 38.58
N MET N 287 20.55 -48.01 38.52
CA MET N 287 21.50 -48.18 39.61
C MET N 287 22.50 -47.02 39.67
N LEU N 288 22.92 -46.53 38.50
CA LEU N 288 23.82 -45.38 38.41
C LEU N 288 23.15 -44.14 38.98
N TYR N 289 21.84 -44.00 38.73
CA TYR N 289 21.03 -42.88 39.18
C TYR N 289 20.95 -42.87 40.71
N ASN N 290 20.94 -44.06 41.32
CA ASN N 290 20.89 -44.21 42.76
C ASN N 290 22.23 -43.84 43.40
N THR N 291 23.32 -43.93 42.63
CA THR N 291 24.67 -43.67 43.10
C THR N 291 25.01 -42.19 42.94
N PHE N 292 24.57 -41.60 41.83
CA PHE N 292 24.72 -40.17 41.54
C PHE N 292 24.22 -39.36 42.72
N TYR N 293 22.97 -39.61 43.14
CA TYR N 293 22.32 -38.85 44.19
C TYR N 293 22.67 -39.39 45.58
N SER N 294 23.47 -40.46 45.64
CA SER N 294 24.06 -40.88 46.91
C SER N 294 25.21 -39.94 47.29
N LYS N 295 25.98 -39.53 46.28
CA LYS N 295 27.16 -38.69 46.48
C LYS N 295 26.93 -37.29 45.93
N GLU N 296 25.69 -36.95 45.59
CA GLU N 296 25.27 -35.57 45.43
C GLU N 296 24.90 -35.02 46.80
N LYS N 297 24.41 -35.92 47.68
CA LYS N 297 24.10 -35.57 49.06
C LYS N 297 25.39 -35.45 49.87
N HIS N 298 26.47 -36.12 49.42
CA HIS N 298 27.77 -36.05 50.06
C HIS N 298 28.54 -34.81 49.60
N LEU N 299 28.21 -34.30 48.41
CA LEU N 299 28.65 -32.98 47.98
C LEU N 299 28.01 -31.93 48.90
N ASN N 300 26.72 -32.13 49.20
CA ASN N 300 25.93 -31.21 50.01
C ASN N 300 26.30 -31.34 51.49
N ASN N 301 26.98 -32.42 51.86
CA ASN N 301 27.48 -32.59 53.22
C ASN N 301 28.65 -31.65 53.47
N ILE N 302 29.44 -31.35 52.42
CA ILE N 302 30.59 -30.48 52.52
C ILE N 302 30.09 -29.02 52.61
N ALA O 7 31.09 -95.56 54.14
CA ALA O 7 32.30 -94.76 54.49
C ALA O 7 32.55 -93.71 53.41
N LEU O 8 32.62 -94.16 52.14
CA LEU O 8 33.00 -93.34 51.01
C LEU O 8 31.79 -92.50 50.58
N THR O 9 32.01 -91.53 49.68
CA THR O 9 31.03 -91.04 48.72
C THR O 9 29.59 -91.41 49.08
N GLN O 10 29.36 -92.69 49.39
CA GLN O 10 28.05 -93.30 49.51
C GLN O 10 28.24 -94.77 49.90
N PRO O 11 27.85 -95.19 51.12
CA PRO O 11 27.86 -96.62 51.48
C PRO O 11 26.72 -97.45 50.87
N PRO O 12 26.95 -98.74 50.50
CA PRO O 12 26.04 -99.46 49.63
C PRO O 12 24.89 -100.10 50.42
N SER O 13 23.71 -99.49 50.26
CA SER O 13 22.45 -99.99 50.80
C SER O 13 21.28 -99.29 50.10
N VAL O 14 20.73 -99.98 49.10
CA VAL O 14 19.63 -99.51 48.26
C VAL O 14 18.73 -100.72 48.03
N SER O 15 18.23 -101.23 49.17
CA SER O 15 17.55 -102.51 49.23
C SER O 15 16.45 -102.48 50.29
N GLU O 16 15.22 -102.17 49.86
CA GLU O 16 14.12 -101.86 50.76
C GLU O 16 12.78 -101.91 50.01
N ALA O 17 11.69 -102.13 50.76
CA ALA O 17 10.36 -102.40 50.23
C ALA O 17 9.79 -101.21 49.44
N PRO O 18 8.82 -101.45 48.51
CA PRO O 18 8.46 -100.45 47.50
C PRO O 18 7.54 -99.28 47.88
N ARG O 20 8.58 -96.23 49.32
CA ARG O 20 9.12 -95.70 50.61
C ARG O 20 10.31 -94.79 50.30
N ARG O 21 10.58 -93.82 51.18
CA ARG O 21 11.69 -92.88 51.01
C ARG O 21 12.95 -93.53 51.59
N VAL O 22 14.11 -93.16 51.02
CA VAL O 22 15.39 -93.72 51.45
C VAL O 22 16.45 -92.63 51.38
N THR O 23 17.37 -92.65 52.36
CA THR O 23 18.39 -91.62 52.51
C THR O 23 19.78 -92.20 52.24
N ILE O 24 20.52 -91.49 51.38
CA ILE O 24 21.94 -91.68 51.17
C ILE O 24 22.65 -90.46 51.74
N TYR O 25 23.28 -90.64 52.92
CA TYR O 25 24.01 -89.56 53.54
C TYR O 25 25.39 -89.47 52.87
N CYS O 26 26.07 -88.34 53.07
CA CYS O 26 27.38 -88.09 52.50
C CYS O 26 28.15 -87.14 53.41
N SER O 27 29.17 -87.67 54.08
CA SER O 27 30.14 -86.88 54.85
C SER O 27 31.22 -86.35 53.90
N GLY O 28 31.97 -85.35 54.38
CA GLY O 28 33.05 -84.78 53.59
C GLY O 28 33.92 -83.80 54.36
N SER O 29 34.61 -82.91 53.63
CA SER O 29 35.56 -82.00 54.23
C SER O 29 35.44 -80.61 53.61
N SER O 30 36.12 -79.63 54.25
CA SER O 30 36.07 -78.23 53.88
C SER O 30 36.38 -78.06 52.41
N SER O 31 37.54 -78.58 52.00
CA SER O 31 38.14 -78.34 50.69
C SER O 31 37.40 -79.01 49.53
N ASN O 32 36.27 -79.71 49.80
CA ASN O 32 35.54 -80.39 48.73
C ASN O 32 34.07 -79.97 48.79
N ILE O 33 33.24 -80.74 49.49
CA ILE O 33 31.80 -80.45 49.54
C ILE O 33 31.53 -79.05 50.08
N GLY O 34 32.32 -78.64 51.07
CA GLY O 34 32.20 -77.34 51.72
C GLY O 34 32.48 -76.18 50.77
N ASN O 35 31.57 -75.91 49.83
CA ASN O 35 31.74 -74.91 48.79
C ASN O 35 31.28 -75.62 47.51
N ASN O 36 32.09 -76.54 46.97
CA ASN O 36 31.84 -77.01 45.60
C ASN O 36 30.45 -77.64 45.48
N ALA O 37 29.90 -77.58 44.26
CA ALA O 37 28.53 -77.99 43.98
C ALA O 37 28.49 -79.48 43.64
N VAL O 38 27.55 -80.19 44.28
CA VAL O 38 27.49 -81.64 44.25
C VAL O 38 26.59 -82.10 43.10
N SER O 39 26.94 -83.23 42.49
CA SER O 39 26.12 -83.92 41.50
C SER O 39 25.95 -85.38 41.92
N TRP O 40 24.90 -86.02 41.38
CA TRP O 40 24.53 -87.39 41.74
C TRP O 40 24.25 -88.23 40.49
N TYR O 41 24.59 -89.52 40.59
CA TYR O 41 24.55 -90.44 39.46
C TYR O 41 23.98 -91.79 39.91
N GLN O 42 23.25 -92.43 39.00
CA GLN O 42 22.72 -93.78 39.20
C GLN O 42 23.44 -94.74 38.27
N GLN O 43 23.74 -95.93 38.79
CA GLN O 43 24.45 -96.99 38.09
C GLN O 43 23.58 -98.25 38.15
N LEU O 44 23.04 -98.63 36.99
CA LEU O 44 22.40 -99.92 36.79
C LEU O 44 23.50 -100.94 36.45
N PRO O 45 23.73 -101.99 37.27
CA PRO O 45 24.94 -102.82 37.14
C PRO O 45 25.21 -103.35 35.74
N GLY O 46 26.42 -103.08 35.24
CA GLY O 46 26.86 -103.53 33.93
C GLY O 46 26.23 -102.71 32.79
N LYS O 47 25.92 -101.44 33.06
CA LYS O 47 25.30 -100.54 32.09
C LYS O 47 25.58 -99.09 32.46
N SER O 48 25.62 -98.22 31.43
CA SER O 48 26.06 -96.83 31.53
C SER O 48 25.40 -96.11 32.70
N PRO O 49 26.17 -95.31 33.49
CA PRO O 49 25.58 -94.44 34.51
C PRO O 49 24.78 -93.28 33.92
N LYS O 50 23.90 -92.69 34.75
CA LYS O 50 23.06 -91.57 34.35
C LYS O 50 22.99 -90.51 35.44
N LEU O 51 22.95 -89.24 35.02
CA LEU O 51 22.85 -88.10 35.92
C LEU O 51 21.39 -87.94 36.35
N LEU O 52 21.18 -87.63 37.63
CA LEU O 52 19.87 -87.23 38.14
C LEU O 52 19.92 -85.78 38.62
N ILE O 53 20.87 -85.51 39.52
CA ILE O 53 20.97 -84.24 40.24
C ILE O 53 22.29 -83.56 39.89
N TYR O 54 22.21 -82.26 39.61
CA TYR O 54 23.36 -81.38 39.49
C TYR O 54 23.00 -80.02 40.07
N PHE O 55 24.02 -79.19 40.33
CA PHE O 55 23.88 -77.94 41.06
C PHE O 55 23.26 -78.19 42.45
N ASP O 56 23.64 -79.33 43.04
CA ASP O 56 23.22 -79.71 44.38
C ASP O 56 21.78 -80.23 44.41
N ASP O 57 20.87 -79.52 43.73
CA ASP O 57 19.53 -80.02 43.45
C ASP O 57 18.95 -79.35 42.21
N LEU O 58 19.02 -80.05 41.08
CA LEU O 58 18.31 -79.68 39.86
C LEU O 58 18.09 -80.92 39.00
N VAL O 59 16.91 -80.99 38.37
CA VAL O 59 16.48 -82.19 37.64
C VAL O 59 16.98 -82.14 36.20
N THR O 60 17.52 -83.27 35.74
CA THR O 60 17.84 -83.46 34.32
C THR O 60 16.55 -83.65 33.54
N SER O 61 16.54 -83.21 32.29
CA SER O 61 15.33 -83.16 31.48
C SER O 61 14.87 -84.57 31.12
N GLY O 62 13.90 -85.08 31.88
CA GLY O 62 13.39 -86.43 31.71
C GLY O 62 13.35 -87.20 33.03
N VAL O 63 14.32 -86.93 33.91
CA VAL O 63 14.49 -87.64 35.18
C VAL O 63 13.39 -87.21 36.16
N SER O 64 12.97 -88.15 37.02
CA SER O 64 11.84 -87.98 37.92
C SER O 64 12.25 -87.14 39.14
N ASP O 65 11.26 -86.47 39.74
CA ASP O 65 11.46 -85.60 40.88
C ASP O 65 11.57 -86.41 42.18
N ARG O 66 11.35 -87.72 42.08
CA ARG O 66 11.41 -88.62 43.23
C ARG O 66 12.80 -88.56 43.86
N PHE O 67 13.83 -88.42 43.00
CA PHE O 67 15.21 -88.22 43.45
C PHE O 67 15.38 -86.73 43.81
N SER O 68 16.18 -86.46 44.84
CA SER O 68 16.45 -85.09 45.28
C SER O 68 17.74 -85.00 46.10
N GLY O 69 18.62 -84.07 45.70
CA GLY O 69 19.88 -83.83 46.41
C GLY O 69 19.74 -82.73 47.46
N SER O 70 20.77 -82.58 48.30
CA SER O 70 20.77 -81.63 49.42
C SER O 70 22.18 -81.41 49.97
N LYS O 71 22.36 -80.38 50.81
CA LYS O 71 23.65 -80.01 51.38
C LYS O 71 23.47 -79.11 52.59
N SER O 72 24.30 -79.36 53.62
CA SER O 72 24.41 -78.50 54.79
C SER O 72 25.85 -78.50 55.31
N GLY O 73 26.60 -77.48 54.88
CA GLY O 73 28.00 -77.32 55.26
C GLY O 73 28.90 -78.34 54.57
N THR O 74 29.28 -79.38 55.35
CA THR O 74 30.16 -80.45 54.88
C THR O 74 29.43 -81.78 54.91
N SER O 75 28.09 -81.70 54.81
CA SER O 75 27.21 -82.85 54.75
C SER O 75 26.22 -82.68 53.59
N ALA O 76 26.17 -83.70 52.72
CA ALA O 76 25.20 -83.74 51.63
C ALA O 76 24.38 -85.02 51.73
N SER O 77 23.30 -85.09 50.93
CA SER O 77 22.45 -86.27 50.89
C SER O 77 21.63 -86.33 49.60
N LEU O 78 21.56 -87.54 49.04
CA LEU O 78 20.60 -87.89 48.01
C LEU O 78 19.41 -88.56 48.69
N ALA O 79 18.22 -88.08 48.34
CA ALA O 79 16.98 -88.50 48.98
C ALA O 79 15.95 -88.85 47.91
N ILE O 80 15.79 -90.14 47.64
CA ILE O 80 14.80 -90.64 46.70
C ILE O 80 13.49 -90.85 47.48
N SER O 81 12.36 -90.89 46.77
CA SER O 81 11.06 -90.97 47.42
C SER O 81 10.02 -91.61 46.50
N GLY O 82 9.54 -92.79 46.90
CA GLY O 82 8.72 -93.62 46.03
C GLY O 82 9.61 -94.58 45.24
N LEU O 83 10.09 -95.63 45.91
CA LEU O 83 11.00 -96.60 45.33
C LEU O 83 10.26 -97.46 44.31
N GLN O 84 11.05 -98.12 43.46
CA GLN O 84 10.57 -99.07 42.46
C GLN O 84 11.61 -100.19 42.32
N SER O 85 11.31 -101.14 41.43
CA SER O 85 12.26 -102.18 41.04
C SER O 85 13.47 -101.57 40.33
N GLU O 86 13.25 -100.49 39.57
CA GLU O 86 14.29 -99.82 38.81
C GLU O 86 15.28 -99.13 39.75
N ASP O 87 14.75 -98.56 40.85
CA ASP O 87 15.53 -97.72 41.75
C ASP O 87 16.53 -98.51 42.60
N GLU O 88 16.38 -99.84 42.66
CA GLU O 88 17.36 -100.70 43.30
C GLU O 88 18.56 -100.84 42.37
N ALA O 89 19.64 -100.12 42.68
CA ALA O 89 20.80 -100.00 41.79
C ALA O 89 22.05 -99.71 42.61
N ASP O 90 22.99 -98.95 42.02
CA ASP O 90 24.08 -98.30 42.72
C ASP O 90 24.04 -96.80 42.38
N TYR O 91 24.13 -95.95 43.40
CA TYR O 91 24.00 -94.51 43.21
C TYR O 91 25.21 -93.78 43.79
N TYR O 92 25.98 -93.13 42.90
CA TYR O 92 27.22 -92.48 43.29
C TYR O 92 27.12 -90.99 43.05
N CYS O 93 28.02 -90.26 43.72
CA CYS O 93 28.05 -88.81 43.76
C CYS O 93 29.32 -88.30 43.09
N ALA O 94 29.34 -87.01 42.74
CA ALA O 94 30.48 -86.37 42.11
C ALA O 94 30.69 -84.98 42.73
N ALA O 95 31.96 -84.68 43.06
CA ALA O 95 32.35 -83.44 43.69
C ALA O 95 33.84 -83.17 43.45
N TRP O 96 34.21 -81.88 43.43
CA TRP O 96 35.57 -81.42 43.21
C TRP O 96 36.28 -81.12 44.54
N ASP O 97 37.59 -81.35 44.56
CA ASP O 97 38.42 -81.19 45.76
C ASP O 97 39.57 -80.25 45.43
N ASP O 98 39.50 -79.01 45.96
CA ASP O 98 40.32 -77.85 45.60
C ASP O 98 41.65 -78.06 44.82
N ARG O 99 41.57 -77.76 43.53
CA ARG O 99 42.60 -78.02 42.53
C ARG O 99 42.79 -79.53 42.30
N LEU O 100 41.67 -80.24 42.18
CA LEU O 100 41.65 -81.70 42.19
C LEU O 100 42.42 -82.22 43.41
N ASN O 101 42.36 -83.53 43.61
CA ASN O 101 43.03 -84.24 44.69
C ASN O 101 42.48 -83.79 46.05
N GLY O 102 42.81 -82.57 46.48
CA GLY O 102 42.75 -82.23 47.91
C GLY O 102 43.05 -80.76 48.16
N VAL O 103 43.22 -80.41 49.43
CA VAL O 103 43.57 -79.11 49.99
C VAL O 103 43.58 -77.96 48.95
N GLU P 6 21.05 -86.09 16.89
CA GLU P 6 20.75 -87.27 17.76
C GLU P 6 21.90 -87.47 18.75
N VAL P 7 21.56 -87.81 19.99
CA VAL P 7 22.51 -87.90 21.08
C VAL P 7 23.41 -89.13 20.90
N GLN P 8 24.56 -88.89 20.23
CA GLN P 8 25.54 -89.92 19.94
C GLN P 8 26.84 -89.72 20.72
N LEU P 9 27.28 -90.80 21.37
CA LEU P 9 28.64 -90.92 21.91
C LEU P 9 29.15 -92.33 21.59
N VAL P 10 29.86 -92.45 20.46
CA VAL P 10 30.26 -93.73 19.90
C VAL P 10 31.75 -93.98 20.20
N GLU P 11 32.03 -94.90 21.13
CA GLU P 11 33.38 -95.27 21.50
C GLU P 11 34.00 -96.10 20.37
N SER P 12 35.33 -96.04 20.30
CA SER P 12 36.13 -96.89 19.41
C SER P 12 37.41 -97.29 20.14
N GLY P 13 37.91 -98.50 19.85
CA GLY P 13 39.17 -98.96 20.41
C GLY P 13 39.01 -99.47 21.84
N GLY P 14 40.12 -99.51 22.58
CA GLY P 14 40.17 -100.07 23.92
C GLY P 14 40.29 -101.60 23.89
N GLY P 15 41.17 -102.16 24.72
CA GLY P 15 41.43 -103.60 24.70
C GLY P 15 42.41 -104.02 25.79
N LEU P 16 43.44 -104.79 25.38
CA LEU P 16 44.50 -105.23 26.30
C LEU P 16 45.86 -104.99 25.65
N VAL P 17 46.77 -104.40 26.45
CA VAL P 17 48.16 -104.18 26.07
C VAL P 17 49.03 -104.43 27.31
N GLN P 18 50.28 -104.86 27.06
CA GLN P 18 51.22 -105.21 28.12
C GLN P 18 51.71 -103.93 28.81
N PRO P 19 52.14 -103.99 30.11
CA PRO P 19 52.59 -102.82 30.87
C PRO P 19 53.51 -101.87 30.11
N GLY P 20 53.19 -100.57 30.15
CA GLY P 20 53.93 -99.53 29.47
C GLY P 20 53.62 -99.53 27.97
N GLY P 21 52.35 -99.71 27.63
CA GLY P 21 51.91 -99.74 26.24
C GLY P 21 51.33 -98.39 25.79
N SER P 22 51.09 -98.28 24.49
CA SER P 22 50.34 -97.18 23.90
C SER P 22 48.91 -97.63 23.61
N LEU P 23 47.93 -96.76 23.91
CA LEU P 23 46.54 -97.01 23.56
C LEU P 23 45.82 -95.67 23.40
N ARG P 24 45.18 -95.48 22.24
CA ARG P 24 44.47 -94.25 21.92
C ARG P 24 42.98 -94.54 21.81
N LEU P 25 42.20 -93.94 22.72
CA LEU P 25 40.75 -94.07 22.71
C LEU P 25 40.15 -93.00 21.79
N SER P 26 38.82 -93.09 21.58
CA SER P 26 38.15 -92.19 20.64
C SER P 26 36.71 -91.95 21.06
N CYS P 27 36.07 -91.00 20.35
CA CYS P 27 34.63 -90.80 20.36
C CYS P 27 34.21 -90.29 18.99
N ALA P 28 32.89 -90.26 18.79
CA ALA P 28 32.23 -89.54 17.71
C ALA P 28 30.89 -89.00 18.21
N ALA P 29 30.39 -87.96 17.54
CA ALA P 29 29.05 -87.45 17.78
C ALA P 29 28.58 -86.70 16.54
N SER P 30 27.28 -86.39 16.51
CA SER P 30 26.65 -85.56 15.50
C SER P 30 25.31 -85.04 16.04
N GLY P 31 24.69 -84.13 15.29
CA GLY P 31 23.43 -83.51 15.68
C GLY P 31 23.65 -82.41 16.71
N PHE P 32 23.99 -82.80 17.97
CA PHE P 32 24.47 -81.85 18.95
C PHE P 32 25.88 -81.44 18.52
N THR P 33 26.08 -80.13 18.26
CA THR P 33 27.29 -79.63 17.63
C THR P 33 28.48 -79.70 18.61
N PHE P 34 29.31 -80.72 18.41
CA PHE P 34 30.38 -81.16 19.31
C PHE P 34 31.33 -80.02 19.67
N ASN P 35 31.59 -79.14 18.69
CA ASN P 35 32.58 -78.07 18.79
C ASN P 35 32.19 -77.06 19.88
N THR P 36 30.89 -76.91 20.15
CA THR P 36 30.37 -75.82 20.98
C THR P 36 30.35 -76.19 22.46
N TYR P 37 30.57 -77.47 22.79
CA TYR P 37 30.42 -77.95 24.16
C TYR P 37 31.71 -78.55 24.70
N TRP P 38 31.84 -78.56 26.03
CA TRP P 38 32.96 -79.14 26.74
C TRP P 38 32.85 -80.67 26.77
N MET P 39 34.01 -81.34 26.70
CA MET P 39 34.11 -82.79 26.81
C MET P 39 34.97 -83.17 28.00
N SER P 40 34.96 -84.47 28.32
CA SER P 40 35.72 -85.00 29.43
C SER P 40 36.08 -86.46 29.17
N TRP P 41 36.77 -87.06 30.15
CA TRP P 41 36.91 -88.50 30.25
C TRP P 41 36.71 -88.90 31.71
N VAL P 42 35.98 -90.01 31.92
CA VAL P 42 35.76 -90.60 33.23
C VAL P 42 36.03 -92.10 33.11
N ARG P 43 36.60 -92.68 34.18
CA ARG P 43 36.97 -94.08 34.19
C ARG P 43 36.37 -94.76 35.42
N GLN P 44 36.07 -96.06 35.28
CA GLN P 44 35.58 -96.90 36.37
C GLN P 44 36.26 -98.27 36.28
N ALA P 45 37.03 -98.62 37.31
CA ALA P 45 37.61 -99.95 37.42
C ALA P 45 36.55 -100.89 38.00
N PRO P 46 36.48 -102.18 37.56
CA PRO P 46 35.64 -103.18 38.24
C PRO P 46 35.93 -103.31 39.73
N GLY P 47 34.88 -103.15 40.54
CA GLY P 47 35.00 -103.16 41.99
C GLY P 47 35.64 -101.86 42.51
N LYS P 48 35.39 -100.77 41.78
CA LYS P 48 35.77 -99.41 42.13
C LYS P 48 34.68 -98.49 41.57
N GLY P 49 34.58 -97.27 42.12
CA GLY P 49 33.62 -96.29 41.64
C GLY P 49 34.22 -95.38 40.58
N LEU P 50 33.50 -94.30 40.25
CA LEU P 50 33.88 -93.37 39.19
C LEU P 50 35.12 -92.56 39.59
N GLU P 51 35.89 -92.16 38.57
CA GLU P 51 37.09 -91.37 38.74
C GLU P 51 37.30 -90.52 37.49
N TRP P 52 37.39 -89.20 37.68
CA TRP P 52 37.61 -88.27 36.59
C TRP P 52 39.03 -88.41 36.03
N VAL P 53 39.14 -88.27 34.71
CA VAL P 53 40.39 -88.43 33.99
C VAL P 53 40.90 -87.05 33.55
N ALA P 54 40.14 -86.37 32.67
CA ALA P 54 40.62 -85.14 32.04
C ALA P 54 39.46 -84.28 31.54
N ASN P 55 39.80 -83.03 31.16
CA ASN P 55 38.88 -82.03 30.62
C ASN P 55 39.57 -81.22 29.52
N ILE P 56 38.76 -80.74 28.55
CA ILE P 56 39.23 -80.02 27.38
C ILE P 56 38.39 -78.76 27.21
N GLN P 57 38.74 -77.92 26.21
CA GLN P 57 38.05 -76.68 25.90
C GLN P 57 37.47 -76.80 24.48
N GLN P 58 36.59 -75.86 24.10
CA GLN P 58 35.98 -75.81 22.78
C GLN P 58 37.02 -75.69 21.67
N ASP P 59 38.16 -75.06 21.98
CA ASP P 59 39.24 -74.89 21.03
C ASP P 59 40.53 -75.53 21.55
N GLY P 60 40.43 -76.23 22.69
CA GLY P 60 41.57 -76.85 23.35
C GLY P 60 42.55 -75.82 23.89
N SER P 61 42.03 -74.68 24.36
CA SER P 61 42.82 -73.68 25.06
C SER P 61 43.32 -74.27 26.38
N GLU P 62 42.38 -74.62 27.26
CA GLU P 62 42.67 -75.23 28.54
C GLU P 62 42.68 -76.75 28.37
N LYS P 63 43.61 -77.41 29.07
CA LYS P 63 43.64 -78.85 29.24
C LYS P 63 43.97 -79.13 30.71
N ASP P 64 43.30 -80.14 31.30
CA ASP P 64 43.55 -80.49 32.69
C ASP P 64 43.39 -81.99 32.90
N TYR P 65 44.09 -82.51 33.92
CA TYR P 65 44.17 -83.93 34.24
C TYR P 65 44.13 -84.10 35.75
N LEU P 66 44.26 -85.35 36.24
CA LEU P 66 44.39 -85.60 37.67
C LEU P 66 45.85 -85.38 38.10
N ASN P 67 46.41 -86.27 38.95
CA ASN P 67 47.77 -86.06 39.46
C ASN P 67 48.53 -87.38 39.60
N SER P 68 48.28 -88.31 38.67
CA SER P 68 48.92 -89.61 38.68
C SER P 68 49.30 -90.04 37.26
N VAL P 69 48.38 -89.78 36.32
CA VAL P 69 48.62 -89.96 34.89
C VAL P 69 48.95 -88.60 34.26
N ARG P 70 49.60 -87.72 35.03
CA ARG P 70 49.93 -86.37 34.61
C ARG P 70 51.15 -86.40 33.69
N GLY P 71 50.94 -85.97 32.44
CA GLY P 71 52.01 -85.99 31.44
C GLY P 71 51.98 -87.26 30.59
N ARG P 72 51.38 -88.33 31.12
CA ARG P 72 51.22 -89.59 30.45
C ARG P 72 50.09 -89.49 29.43
N PHE P 73 48.89 -89.10 29.91
CA PHE P 73 47.70 -88.99 29.08
C PHE P 73 47.78 -87.71 28.26
N THR P 74 47.02 -87.68 27.16
CA THR P 74 46.97 -86.54 26.25
C THR P 74 45.57 -86.43 25.67
N ILE P 75 44.75 -85.55 26.24
CA ILE P 75 43.42 -85.25 25.74
C ILE P 75 43.57 -84.32 24.53
N SER P 76 42.72 -84.55 23.51
CA SER P 76 42.76 -83.80 22.27
C SER P 76 41.40 -83.92 21.57
N ARG P 77 41.20 -83.09 20.55
CA ARG P 77 39.96 -83.11 19.78
C ARG P 77 40.15 -82.44 18.43
N ASP P 78 39.46 -83.00 17.42
CA ASP P 78 39.30 -82.38 16.12
C ASP P 78 37.86 -81.91 16.00
N ASN P 79 37.68 -80.59 15.88
CA ASN P 79 36.36 -79.95 15.97
C ASN P 79 35.82 -79.62 14.57
N ALA P 80 36.52 -80.09 13.52
CA ALA P 80 35.99 -80.09 12.17
C ALA P 80 35.22 -81.40 11.93
N LYS P 81 35.68 -82.48 12.57
CA LYS P 81 35.13 -83.82 12.40
C LYS P 81 34.33 -84.26 13.63
N LYS P 82 34.27 -83.40 14.66
CA LYS P 82 33.46 -83.62 15.86
C LYS P 82 33.92 -84.92 16.52
N SER P 83 35.09 -84.89 17.15
CA SER P 83 35.78 -86.10 17.60
C SER P 83 36.71 -85.82 18.77
N LEU P 84 36.42 -86.42 19.94
CA LEU P 84 37.31 -86.42 21.09
C LEU P 84 38.30 -87.58 20.96
N TYR P 85 39.46 -87.48 21.62
CA TYR P 85 40.44 -88.54 21.69
C TYR P 85 41.07 -88.58 23.07
N LEU P 86 41.87 -89.63 23.33
CA LEU P 86 42.66 -89.76 24.54
C LEU P 86 43.80 -90.75 24.32
N GLN P 87 44.96 -90.21 23.89
CA GLN P 87 46.21 -90.96 23.79
C GLN P 87 46.74 -91.21 25.21
N MET P 88 46.91 -92.48 25.56
CA MET P 88 47.35 -92.88 26.88
C MET P 88 48.62 -93.71 26.75
N ASN P 89 49.76 -93.05 27.02
CA ASN P 89 51.08 -93.67 26.95
C ASN P 89 51.56 -94.02 28.35
N SER P 90 52.58 -94.89 28.40
CA SER P 90 53.16 -95.37 29.65
C SER P 90 52.07 -95.94 30.55
N LEU P 91 51.28 -96.86 29.99
CA LEU P 91 50.09 -97.38 30.66
C LEU P 91 50.50 -98.29 31.81
N ARG P 92 49.81 -98.14 32.95
CA ARG P 92 50.01 -98.95 34.15
C ARG P 92 48.79 -99.86 34.32
N ALA P 93 48.70 -100.57 35.44
CA ALA P 93 47.67 -101.59 35.66
C ALA P 93 46.58 -101.11 36.61
N GLU P 94 46.88 -100.06 37.39
CA GLU P 94 45.89 -99.28 38.10
C GLU P 94 44.92 -98.63 37.10
N ASP P 95 45.42 -98.38 35.88
CA ASP P 95 44.65 -97.78 34.80
C ASP P 95 43.59 -98.73 34.24
N THR P 96 43.45 -99.94 34.83
CA THR P 96 42.37 -100.84 34.47
C THR P 96 41.04 -100.13 34.77
N ALA P 97 40.28 -99.83 33.71
CA ALA P 97 38.97 -99.23 33.85
C ALA P 97 38.20 -99.27 32.53
N VAL P 98 36.87 -99.09 32.65
CA VAL P 98 36.02 -98.75 31.52
C VAL P 98 36.08 -97.23 31.37
N TYR P 99 36.68 -96.78 30.26
CA TYR P 99 36.86 -95.37 29.97
C TYR P 99 35.67 -94.83 29.19
N TYR P 100 34.87 -94.00 29.87
CA TYR P 100 33.70 -93.38 29.26
C TYR P 100 34.11 -92.05 28.65
N CYS P 101 33.77 -91.87 27.37
CA CYS P 101 33.77 -90.54 26.77
C CYS P 101 32.67 -89.70 27.45
N ALA P 102 33.05 -88.99 28.50
CA ALA P 102 32.15 -88.08 29.18
C ALA P 102 32.04 -86.78 28.38
N ARG P 103 30.83 -86.23 28.36
CA ARG P 103 30.61 -84.85 27.95
C ARG P 103 30.14 -84.07 29.18
N ASP P 104 30.69 -82.84 29.32
CA ASP P 104 30.26 -81.99 30.43
C ASP P 104 29.07 -81.13 29.95
N ASN P 105 28.44 -80.44 30.90
CA ASN P 105 28.19 -79.03 30.65
C ASN P 105 26.75 -78.95 30.14
N PRO P 106 25.73 -78.81 31.02
CA PRO P 106 24.44 -78.29 30.56
C PRO P 106 24.59 -76.77 30.35
N ALA P 107 24.88 -76.05 31.44
CA ALA P 107 25.60 -74.78 31.40
C ALA P 107 27.08 -75.08 31.12
N SER P 108 27.88 -75.11 32.19
CA SER P 108 29.13 -75.86 32.25
C SER P 108 29.34 -76.29 33.70
N ALA P 109 30.31 -75.68 34.40
CA ALA P 109 30.69 -76.07 35.75
C ALA P 109 31.21 -77.51 35.78
N VAL P 110 31.61 -77.99 34.59
CA VAL P 110 31.83 -79.39 34.29
C VAL P 110 30.51 -80.14 34.41
N ALA P 111 30.45 -81.03 35.39
CA ALA P 111 29.41 -82.05 35.51
C ALA P 111 29.23 -82.93 34.26
N PHE P 112 29.32 -84.24 34.43
CA PHE P 112 29.20 -85.19 33.35
C PHE P 112 27.76 -85.26 32.85
N ASP P 113 27.46 -84.44 31.82
CA ASP P 113 26.22 -84.41 31.07
C ASP P 113 26.33 -85.26 29.80
N VAL P 114 26.41 -86.55 29.99
CA VAL P 114 26.12 -87.65 29.08
C VAL P 114 27.26 -88.66 29.23
N TRP P 115 26.93 -89.95 29.14
CA TRP P 115 27.86 -91.04 29.28
C TRP P 115 27.54 -92.00 28.16
N GLY P 116 27.03 -93.20 28.51
CA GLY P 116 26.86 -94.27 27.53
C GLY P 116 28.19 -94.93 27.19
N GLN P 117 28.17 -95.80 26.19
CA GLN P 117 29.37 -96.29 25.51
C GLN P 117 30.26 -97.09 26.47
N GLY P 118 31.57 -96.87 26.35
CA GLY P 118 32.56 -97.26 27.33
C GLY P 118 33.57 -98.21 26.68
N ALA P 119 34.87 -97.93 26.89
CA ALA P 119 35.95 -98.75 26.36
C ALA P 119 36.61 -99.49 27.51
N MET P 120 36.47 -100.83 27.53
CA MET P 120 37.19 -101.67 28.47
C MET P 120 38.68 -101.63 28.11
N VAL P 121 39.47 -101.07 29.02
CA VAL P 121 40.91 -101.07 28.94
C VAL P 121 41.43 -101.85 30.15
N THR P 122 41.82 -103.11 29.91
CA THR P 122 42.45 -103.95 30.90
C THR P 122 43.96 -103.97 30.61
N VAL P 123 44.76 -103.89 31.68
CA VAL P 123 46.22 -103.90 31.55
C VAL P 123 46.78 -105.00 32.44
N SER P 124 47.42 -106.00 31.82
CA SER P 124 47.97 -107.17 32.51
C SER P 124 49.02 -107.84 31.64
N SER P 125 49.84 -108.73 32.25
CA SER P 125 50.84 -109.50 31.53
C SER P 125 50.16 -110.47 30.55
N ALA Q 7 -25.97 -58.63 18.77
CA ALA Q 7 -24.85 -57.66 18.65
C ALA Q 7 -23.87 -58.10 17.56
N LEU Q 8 -23.40 -59.35 17.65
CA LEU Q 8 -22.29 -59.86 16.85
C LEU Q 8 -22.82 -60.25 15.46
N THR Q 9 -21.89 -60.37 14.50
CA THR Q 9 -22.19 -60.93 13.18
C THR Q 9 -21.19 -62.03 12.86
N GLN Q 10 -21.63 -63.03 12.08
CA GLN Q 10 -20.79 -64.15 11.67
C GLN Q 10 -21.57 -65.07 10.72
N PRO Q 11 -21.03 -65.37 9.51
CA PRO Q 11 -21.73 -66.26 8.57
C PRO Q 11 -21.58 -67.73 8.96
N GLU Q 16 -12.78 -77.69 7.36
CA GLU Q 16 -11.67 -77.51 6.41
C GLU Q 16 -10.66 -78.67 6.55
N ALA Q 17 -9.85 -78.85 5.51
CA ALA Q 17 -8.80 -79.84 5.40
C ALA Q 17 -7.72 -79.69 6.48
N PRO Q 18 -6.97 -80.78 6.81
CA PRO Q 18 -6.28 -80.87 8.12
C PRO Q 18 -4.95 -80.14 8.34
N ARG Q 19 -4.75 -79.73 9.59
CA ARG Q 19 -3.54 -79.11 10.10
C ARG Q 19 -3.33 -77.74 9.47
N ARG Q 20 -4.34 -76.87 9.60
CA ARG Q 20 -4.37 -75.55 9.00
C ARG Q 20 -5.01 -74.56 9.98
N ARG Q 21 -4.59 -73.29 9.92
CA ARG Q 21 -5.12 -72.26 10.82
C ARG Q 21 -6.37 -71.66 10.15
N VAL Q 22 -7.32 -71.20 10.97
CA VAL Q 22 -8.62 -70.73 10.49
C VAL Q 22 -9.08 -69.55 11.36
N THR Q 23 -9.72 -68.57 10.74
CA THR Q 23 -10.14 -67.35 11.43
C THR Q 23 -11.66 -67.24 11.44
N ILE Q 24 -12.19 -67.01 12.65
CA ILE Q 24 -13.56 -66.59 12.89
C ILE Q 24 -13.52 -65.15 13.37
N TYR Q 25 -13.91 -64.22 12.49
CA TYR Q 25 -13.95 -62.80 12.82
C TYR Q 25 -15.23 -62.53 13.62
N CYS Q 26 -15.26 -61.36 14.28
CA CYS Q 26 -16.37 -60.95 15.12
C CYS Q 26 -16.43 -59.43 15.20
N SER Q 27 -17.45 -58.84 14.55
CA SER Q 27 -17.72 -57.41 14.63
C SER Q 27 -18.53 -57.09 15.88
N GLY Q 28 -18.61 -55.80 16.24
CA GLY Q 28 -19.35 -55.38 17.42
C GLY Q 28 -19.48 -53.86 17.53
N SER Q 29 -19.75 -53.38 18.75
CA SER Q 29 -19.97 -51.97 19.00
C SER Q 29 -19.30 -51.56 20.31
N SER Q 30 -19.30 -50.24 20.59
CA SER Q 30 -18.70 -49.66 21.78
C SER Q 30 -19.26 -50.36 23.03
N SER Q 31 -20.59 -50.35 23.14
CA SER Q 31 -21.31 -50.76 24.33
C SER Q 31 -21.29 -52.27 24.58
N ASN Q 32 -20.57 -53.06 23.76
CA ASN Q 32 -20.54 -54.50 23.93
C ASN Q 32 -19.09 -54.99 23.97
N ILE Q 33 -18.51 -55.32 22.81
CA ILE Q 33 -17.14 -55.83 22.76
C ILE Q 33 -16.17 -54.84 23.40
N GLY Q 34 -16.41 -53.55 23.14
CA GLY Q 34 -15.50 -52.46 23.51
C GLY Q 34 -15.19 -52.35 25.01
N ASN Q 35 -16.11 -52.82 25.87
CA ASN Q 35 -15.92 -52.70 27.31
C ASN Q 35 -15.99 -54.05 28.04
N ASN Q 36 -16.44 -55.12 27.38
CA ASN Q 36 -16.75 -56.38 28.04
C ASN Q 36 -15.82 -57.49 27.54
N ALA Q 37 -15.64 -58.51 28.39
CA ALA Q 37 -14.76 -59.64 28.12
C ALA Q 37 -15.51 -60.72 27.36
N VAL Q 38 -14.90 -61.21 26.27
CA VAL Q 38 -15.52 -62.14 25.34
C VAL Q 38 -15.20 -63.58 25.77
N SER Q 39 -16.16 -64.48 25.54
CA SER Q 39 -15.96 -65.92 25.69
C SER Q 39 -16.37 -66.64 24.40
N TRP Q 40 -15.86 -67.87 24.23
CA TRP Q 40 -16.05 -68.64 23.02
C TRP Q 40 -16.45 -70.08 23.35
N TYR Q 41 -17.29 -70.66 22.47
CA TYR Q 41 -17.92 -71.96 22.69
C TYR Q 41 -17.92 -72.78 21.40
N GLN Q 42 -17.76 -74.10 21.56
CA GLN Q 42 -17.86 -75.05 20.46
C GLN Q 42 -19.12 -75.89 20.63
N GLN Q 43 -19.78 -76.17 19.50
CA GLN Q 43 -21.02 -76.92 19.44
C GLN Q 43 -20.84 -78.07 18.44
N LEU Q 44 -20.74 -79.29 18.96
CA LEU Q 44 -20.81 -80.49 18.12
C LEU Q 44 -22.27 -80.86 17.95
N PRO Q 45 -22.84 -80.86 16.72
CA PRO Q 45 -24.28 -81.08 16.53
C PRO Q 45 -24.86 -82.30 17.26
N GLY Q 46 -25.91 -82.06 18.06
CA GLY Q 46 -26.57 -83.11 18.82
C GLY Q 46 -25.76 -83.54 20.05
N LYS Q 47 -24.99 -82.61 20.61
CA LYS Q 47 -24.18 -82.83 21.79
C LYS Q 47 -23.91 -81.50 22.49
N SER Q 48 -23.78 -81.56 23.83
CA SER Q 48 -23.61 -80.41 24.70
C SER Q 48 -22.50 -79.48 24.19
N PRO Q 49 -22.71 -78.13 24.20
CA PRO Q 49 -21.63 -77.19 23.92
C PRO Q 49 -20.55 -77.17 25.01
N LYS Q 50 -19.37 -76.66 24.64
CA LYS Q 50 -18.23 -76.61 25.55
C LYS Q 50 -17.50 -75.27 25.43
N LEU Q 51 -17.02 -74.77 26.57
CA LEU Q 51 -16.24 -73.54 26.65
C LEU Q 51 -14.80 -73.85 26.27
N LEU Q 52 -14.18 -72.96 25.47
CA LEU Q 52 -12.76 -73.03 25.17
C LEU Q 52 -12.05 -71.81 25.75
N ILE Q 53 -12.55 -70.62 25.39
CA ILE Q 53 -11.91 -69.35 25.70
C ILE Q 53 -12.84 -68.53 26.59
N TYR Q 54 -12.26 -67.94 27.64
CA TYR Q 54 -12.90 -66.94 28.46
C TYR Q 54 -11.83 -65.91 28.88
N PHE Q 55 -12.29 -64.74 29.36
CA PHE Q 55 -11.44 -63.59 29.63
C PHE Q 55 -10.72 -63.17 28.34
N ASP Q 56 -11.41 -63.31 27.20
CA ASP Q 56 -10.92 -62.88 25.89
C ASP Q 56 -9.89 -63.88 25.33
N ASP Q 57 -8.94 -64.31 26.19
CA ASP Q 57 -8.05 -65.41 25.87
C ASP Q 57 -7.53 -66.06 27.16
N LEU Q 58 -8.17 -67.18 27.55
CA LEU Q 58 -7.66 -68.06 28.58
C LEU Q 58 -8.21 -69.48 28.35
N VAL Q 59 -7.36 -70.49 28.59
CA VAL Q 59 -7.68 -71.88 28.30
C VAL Q 59 -8.41 -72.49 29.50
N THR Q 60 -9.50 -73.22 29.21
CA THR Q 60 -10.19 -74.04 30.19
C THR Q 60 -9.34 -75.28 30.47
N SER Q 61 -9.43 -75.78 31.71
CA SER Q 61 -8.58 -76.87 32.18
C SER Q 61 -8.92 -78.17 31.46
N GLY Q 62 -8.12 -78.49 30.43
CA GLY Q 62 -8.32 -79.67 29.60
C GLY Q 62 -8.29 -79.34 28.11
N VAL Q 63 -8.81 -78.14 27.76
CA VAL Q 63 -8.97 -77.70 26.39
C VAL Q 63 -7.60 -77.35 25.80
N SER Q 64 -7.45 -77.58 24.49
CA SER Q 64 -6.18 -77.43 23.78
C SER Q 64 -5.89 -75.96 23.49
N ASP Q 65 -4.59 -75.64 23.36
CA ASP Q 65 -4.12 -74.29 23.10
C ASP Q 65 -4.26 -73.93 21.62
N ARG Q 66 -4.66 -74.91 20.81
CA ARG Q 66 -4.85 -74.71 19.37
C ARG Q 66 -5.88 -73.62 19.12
N PHE Q 67 -6.91 -73.58 19.98
CA PHE Q 67 -7.92 -72.52 19.97
C PHE Q 67 -7.35 -71.30 20.70
N SER Q 68 -7.68 -70.09 20.22
CA SER Q 68 -7.20 -68.86 20.80
C SER Q 68 -8.10 -67.68 20.43
N GLY Q 69 -8.53 -66.93 21.45
CA GLY Q 69 -9.35 -65.73 21.25
C GLY Q 69 -8.48 -64.48 21.17
N SER Q 70 -9.11 -63.36 20.77
CA SER Q 70 -8.41 -62.10 20.55
C SER Q 70 -9.39 -60.93 20.48
N LYS Q 71 -8.86 -59.70 20.55
CA LYS Q 71 -9.66 -58.48 20.52
C LYS Q 71 -8.81 -57.27 20.15
N SER Q 72 -9.40 -56.37 19.35
CA SER Q 72 -8.83 -55.06 19.05
C SER Q 72 -9.96 -54.05 18.88
N GLY Q 73 -10.25 -53.31 19.96
CA GLY Q 73 -11.26 -52.26 19.95
C GLY Q 73 -12.67 -52.83 19.92
N THR Q 74 -13.28 -52.83 18.72
CA THR Q 74 -14.64 -53.32 18.50
C THR Q 74 -14.62 -54.52 17.56
N SER Q 75 -13.47 -55.20 17.51
CA SER Q 75 -13.25 -56.37 16.68
C SER Q 75 -12.59 -57.47 17.49
N ALA Q 76 -13.21 -58.66 17.50
CA ALA Q 76 -12.66 -59.83 18.16
C ALA Q 76 -12.53 -60.96 17.14
N SER Q 77 -11.80 -62.02 17.53
CA SER Q 77 -11.63 -63.18 16.68
C SER Q 77 -11.25 -64.42 17.49
N LEU Q 78 -11.86 -65.55 17.11
CA LEU Q 78 -11.42 -66.88 17.51
C LEU Q 78 -10.54 -67.44 16.40
N ALA Q 79 -9.38 -67.95 16.82
CA ALA Q 79 -8.34 -68.40 15.91
C ALA Q 79 -7.84 -69.78 16.34
N ILE Q 80 -8.32 -70.81 15.64
CA ILE Q 80 -7.86 -72.18 15.88
C ILE Q 80 -6.61 -72.40 15.01
N SER Q 81 -5.80 -73.41 15.37
CA SER Q 81 -4.55 -73.67 14.67
C SER Q 81 -4.15 -75.13 14.81
N GLY Q 82 -4.15 -75.86 13.68
CA GLY Q 82 -4.03 -77.30 13.67
C GLY Q 82 -5.41 -77.95 13.77
N LEU Q 83 -6.15 -77.94 12.66
CA LEU Q 83 -7.48 -78.49 12.56
C LEU Q 83 -7.43 -80.02 12.66
N GLN Q 84 -8.60 -80.60 12.97
CA GLN Q 84 -8.81 -82.04 13.06
C GLN Q 84 -10.22 -82.36 12.59
N SER Q 85 -10.58 -83.65 12.62
CA SER Q 85 -11.93 -84.12 12.37
C SER Q 85 -12.89 -83.61 13.46
N GLU Q 86 -12.37 -83.48 14.70
CA GLU Q 86 -13.15 -83.03 15.84
C GLU Q 86 -13.53 -81.56 15.69
N ASP Q 87 -12.59 -80.76 15.15
CA ASP Q 87 -12.72 -79.31 15.08
C ASP Q 87 -13.76 -78.85 14.05
N GLU Q 88 -14.20 -79.74 13.15
CA GLU Q 88 -15.30 -79.45 12.26
C GLU Q 88 -16.62 -79.52 13.05
N ALA Q 89 -17.16 -78.35 13.39
CA ALA Q 89 -18.30 -78.23 14.28
C ALA Q 89 -19.07 -76.93 13.98
N ASP Q 90 -19.70 -76.37 15.04
CA ASP Q 90 -20.19 -75.00 15.06
C ASP Q 90 -19.62 -74.32 16.29
N TYR Q 91 -19.11 -73.08 16.12
CA TYR Q 91 -18.42 -72.38 17.19
C TYR Q 91 -19.05 -71.00 17.40
N TYR Q 92 -19.61 -70.79 18.60
CA TYR Q 92 -20.32 -69.56 18.92
C TYR Q 92 -19.59 -68.82 20.04
N CYS Q 93 -19.90 -67.51 20.16
CA CYS Q 93 -19.29 -66.58 21.08
C CYS Q 93 -20.34 -66.14 22.10
N ALA Q 94 -19.85 -65.54 23.20
CA ALA Q 94 -20.71 -64.97 24.24
C ALA Q 94 -20.13 -63.63 24.69
N ALA Q 95 -21.00 -62.61 24.74
CA ALA Q 95 -20.60 -61.25 25.06
C ALA Q 95 -21.79 -60.44 25.58
N TRP Q 96 -21.51 -59.51 26.48
CA TRP Q 96 -22.53 -58.70 27.15
C TRP Q 96 -22.65 -57.33 26.49
N ASP Q 97 -23.89 -56.78 26.46
CA ASP Q 97 -24.18 -55.48 25.89
C ASP Q 97 -24.79 -54.56 26.96
N ASP Q 98 -24.75 -55.03 28.21
CA ASP Q 98 -24.79 -54.27 29.45
C ASP Q 98 -25.93 -53.27 29.59
N ARG Q 99 -26.21 -52.50 28.53
CA ARG Q 99 -27.20 -51.43 28.58
C ARG Q 99 -28.62 -52.01 28.58
N LEU Q 100 -28.83 -53.03 27.73
CA LEU Q 100 -30.12 -53.68 27.56
C LEU Q 100 -30.13 -55.07 28.21
N ASN Q 101 -29.11 -55.37 29.01
CA ASN Q 101 -29.05 -56.56 29.85
C ASN Q 101 -28.91 -57.80 28.97
N GLY Q 102 -27.72 -58.01 28.40
CA GLY Q 102 -27.25 -59.34 28.06
C GLY Q 102 -26.85 -60.08 29.33
N VAL Q 103 -26.46 -59.31 30.35
CA VAL Q 103 -26.05 -59.83 31.66
C VAL Q 103 -27.18 -60.75 32.19
N GLU R 6 -16.82 -83.91 41.84
CA GLU R 6 -16.98 -84.97 40.82
C GLU R 6 -18.09 -84.58 39.84
N VAL R 7 -17.76 -84.65 38.54
CA VAL R 7 -18.32 -83.73 37.56
C VAL R 7 -19.72 -84.20 37.17
N GLN R 8 -20.73 -83.80 37.96
CA GLN R 8 -22.13 -84.11 37.72
C GLN R 8 -22.89 -82.80 37.48
N LEU R 9 -23.63 -82.75 36.36
CA LEU R 9 -24.76 -81.84 36.17
C LEU R 9 -25.89 -82.62 35.50
N VAL R 10 -26.77 -83.20 36.33
CA VAL R 10 -27.75 -84.18 35.90
C VAL R 10 -29.13 -83.52 35.85
N GLU R 11 -29.64 -83.31 34.63
CA GLU R 11 -30.98 -82.77 34.43
C GLU R 11 -32.04 -83.81 34.81
N SER R 12 -33.20 -83.32 35.27
CA SER R 12 -34.35 -84.15 35.59
C SER R 12 -35.62 -83.42 35.15
N GLY R 13 -36.62 -84.20 34.69
CA GLY R 13 -37.83 -83.64 34.12
C GLY R 13 -37.61 -83.12 32.70
N GLY R 14 -38.49 -82.22 32.27
CA GLY R 14 -38.50 -81.71 30.90
C GLY R 14 -39.23 -82.69 29.98
N GLY R 15 -40.10 -82.16 29.12
CA GLY R 15 -40.93 -83.01 28.26
C GLY R 15 -41.81 -82.20 27.33
N LEU R 16 -43.12 -82.46 27.36
CA LEU R 16 -44.10 -81.69 26.60
C LEU R 16 -45.28 -81.33 27.50
N VAL R 17 -45.71 -80.07 27.40
CA VAL R 17 -46.93 -79.56 28.03
C VAL R 17 -47.61 -78.59 27.05
N GLN R 18 -48.94 -78.50 27.18
CA GLN R 18 -49.78 -77.67 26.31
C GLN R 18 -49.51 -76.18 26.61
N PRO R 19 -49.75 -75.26 25.64
CA PRO R 19 -49.55 -73.82 25.84
C PRO R 19 -50.10 -73.26 27.15
N GLY R 20 -49.26 -72.49 27.87
CA GLY R 20 -49.61 -71.91 29.16
C GLY R 20 -49.58 -72.96 30.26
N GLY R 21 -48.57 -73.83 30.23
CA GLY R 21 -48.41 -74.90 31.21
C GLY R 21 -47.42 -74.53 32.30
N SER R 22 -47.38 -75.35 33.35
CA SER R 22 -46.34 -75.33 34.36
C SER R 22 -45.32 -76.43 34.05
N LEU R 23 -44.03 -76.10 34.20
CA LEU R 23 -42.96 -77.07 34.07
C LEU R 23 -41.77 -76.61 34.91
N ARG R 24 -41.32 -77.49 35.81
CA ARG R 24 -40.21 -77.21 36.71
C ARG R 24 -39.04 -78.12 36.36
N LEU R 25 -37.94 -77.49 35.93
CA LEU R 25 -36.71 -78.20 35.58
C LEU R 25 -35.87 -78.36 36.84
N SER R 26 -34.78 -79.13 36.76
CA SER R 26 -33.96 -79.43 37.93
C SER R 26 -32.50 -79.65 37.54
N CYS R 27 -31.66 -79.77 38.57
CA CYS R 27 -30.30 -80.30 38.45
C CYS R 27 -29.94 -81.10 39.70
N ALA R 28 -28.82 -81.81 39.61
CA ALA R 28 -28.12 -82.34 40.77
C ALA R 28 -26.62 -82.29 40.51
N ALA R 29 -25.84 -82.20 41.58
CA ALA R 29 -24.39 -82.16 41.55
C ALA R 29 -23.84 -82.53 42.92
N SER R 30 -22.54 -82.86 42.97
CA SER R 30 -21.87 -83.23 44.22
C SER R 30 -20.36 -83.14 44.03
N GLY R 31 -19.63 -83.28 45.15
CA GLY R 31 -18.19 -83.19 45.18
C GLY R 31 -17.71 -81.73 45.15
N PHE R 32 -17.85 -81.07 44.00
CA PHE R 32 -17.70 -79.63 43.90
C PHE R 32 -18.87 -78.98 44.63
N THR R 33 -18.55 -78.18 45.64
CA THR R 33 -19.50 -77.73 46.65
C THR R 33 -20.41 -76.66 46.05
N PHE R 34 -21.63 -77.08 45.66
CA PHE R 34 -22.61 -76.32 44.90
C PHE R 34 -22.92 -74.97 45.54
N ASN R 35 -22.91 -74.92 46.89
CA ASN R 35 -23.30 -73.75 47.66
C ASN R 35 -22.37 -72.57 47.41
N THR R 36 -21.11 -72.86 47.08
CA THR R 36 -20.05 -71.85 47.05
C THR R 36 -19.96 -71.17 45.68
N TYR R 37 -20.65 -71.69 44.67
CA TYR R 37 -20.45 -71.25 43.29
C TYR R 37 -21.75 -70.77 42.67
N TRP R 38 -21.63 -69.89 41.66
CA TRP R 38 -22.75 -69.35 40.90
C TRP R 38 -23.28 -70.39 39.91
N MET R 39 -24.61 -70.37 39.69
CA MET R 39 -25.27 -71.21 38.72
C MET R 39 -25.98 -70.34 37.68
N SER R 40 -26.49 -71.00 36.62
CA SER R 40 -27.19 -70.32 35.54
C SER R 40 -28.17 -71.27 34.86
N TRP R 41 -28.85 -70.76 33.84
CA TRP R 41 -29.57 -71.55 32.86
C TRP R 41 -29.30 -71.00 31.47
N VAL R 42 -29.09 -71.91 30.50
CA VAL R 42 -28.93 -71.57 29.10
C VAL R 42 -29.83 -72.51 28.30
N ARG R 43 -30.39 -71.98 27.21
CA ARG R 43 -31.33 -72.73 26.37
C ARG R 43 -30.88 -72.67 24.92
N GLN R 44 -31.19 -73.72 24.17
CA GLN R 44 -30.93 -73.81 22.74
C GLN R 44 -32.13 -74.45 22.04
N ALA R 45 -32.80 -73.66 21.18
CA ALA R 45 -33.87 -74.17 20.33
C ALA R 45 -33.23 -74.85 19.12
N PRO R 46 -33.79 -75.96 18.61
CA PRO R 46 -33.29 -76.58 17.37
C PRO R 46 -33.24 -75.62 16.17
N GLY R 47 -32.05 -75.50 15.59
CA GLY R 47 -31.79 -74.57 14.49
C GLY R 47 -31.73 -73.11 14.99
N LYS R 48 -31.26 -72.94 16.24
CA LYS R 48 -31.16 -71.60 16.82
C LYS R 48 -29.82 -71.14 17.37
N GLY R 49 -29.21 -71.96 18.21
CA GLY R 49 -27.99 -71.55 18.92
C GLY R 49 -28.32 -70.96 20.29
N LEU R 50 -27.28 -70.70 21.09
CA LEU R 50 -27.39 -70.55 22.53
C LEU R 50 -28.08 -69.23 22.90
N GLU R 51 -28.76 -69.24 24.05
CA GLU R 51 -29.44 -68.09 24.60
C GLU R 51 -29.49 -68.22 26.13
N TRP R 52 -28.97 -67.21 26.82
CA TRP R 52 -28.96 -67.18 28.28
C TRP R 52 -30.38 -67.00 28.82
N VAL R 53 -30.65 -67.67 29.93
CA VAL R 53 -31.97 -67.68 30.56
C VAL R 53 -31.92 -66.83 31.83
N ALA R 54 -31.12 -67.28 32.82
CA ALA R 54 -31.13 -66.66 34.14
C ALA R 54 -29.83 -66.92 34.91
N ASN R 55 -29.67 -66.19 36.03
CA ASN R 55 -28.54 -66.29 36.95
C ASN R 55 -29.02 -66.14 38.39
N ILE R 56 -28.28 -66.78 39.31
CA ILE R 56 -28.61 -66.85 40.72
C ILE R 56 -27.36 -66.49 41.53
N GLN R 57 -27.50 -66.42 42.86
CA GLN R 57 -26.43 -66.12 43.79
C GLN R 57 -26.22 -67.33 44.71
N GLN R 58 -25.12 -67.32 45.49
CA GLN R 58 -24.78 -68.39 46.42
C GLN R 58 -25.88 -68.58 47.48
N ASP R 59 -26.60 -67.49 47.81
CA ASP R 59 -27.68 -67.56 48.78
C ASP R 59 -28.99 -67.07 48.15
N GLY R 60 -28.97 -66.84 46.83
CA GLY R 60 -30.12 -66.34 46.10
C GLY R 60 -30.48 -64.91 46.48
N SER R 61 -29.46 -64.10 46.80
CA SER R 61 -29.62 -62.67 47.02
C SER R 61 -30.08 -62.01 45.72
N GLU R 62 -29.22 -62.08 44.70
CA GLU R 62 -29.51 -61.54 43.38
C GLU R 62 -30.17 -62.62 42.54
N LYS R 63 -31.14 -62.21 41.73
CA LYS R 63 -31.73 -63.01 40.67
C LYS R 63 -31.87 -62.14 39.43
N ASP R 64 -31.59 -62.72 38.25
CA ASP R 64 -31.68 -61.97 37.01
C ASP R 64 -32.12 -62.88 35.87
N TYR R 65 -32.78 -62.27 34.87
CA TYR R 65 -33.39 -62.96 33.75
C TYR R 65 -33.15 -62.15 32.47
N LEU R 66 -33.70 -62.63 31.34
CA LEU R 66 -33.60 -61.97 30.05
C LEU R 66 -34.68 -60.87 29.98
N ASN R 67 -35.40 -60.75 28.86
CA ASN R 67 -36.34 -59.65 28.67
C ASN R 67 -37.59 -60.09 27.89
N SER R 68 -38.02 -61.35 28.11
CA SER R 68 -39.13 -61.94 27.37
C SER R 68 -39.93 -62.84 28.29
N VAL R 69 -39.21 -63.65 29.08
CA VAL R 69 -39.76 -64.53 30.09
C VAL R 69 -39.62 -63.89 31.47
N ARG R 70 -39.68 -62.55 31.49
CA ARG R 70 -39.51 -61.75 32.70
C ARG R 70 -40.79 -61.85 33.56
N GLY R 71 -40.64 -62.39 34.77
CA GLY R 71 -41.76 -62.57 35.68
C GLY R 71 -42.38 -63.96 35.57
N ARG R 72 -42.21 -64.59 34.41
CA ARG R 72 -42.73 -65.92 34.11
C ARG R 72 -41.85 -66.97 34.80
N PHE R 73 -40.55 -66.94 34.49
CA PHE R 73 -39.59 -67.90 35.02
C PHE R 73 -39.26 -67.55 36.47
N THR R 74 -38.78 -68.54 37.21
CA THR R 74 -38.41 -68.38 38.62
C THR R 74 -37.23 -69.30 38.93
N ILE R 75 -36.01 -68.73 38.93
CA ILE R 75 -34.81 -69.45 39.30
C ILE R 75 -34.76 -69.55 40.83
N SER R 76 -34.29 -70.70 41.32
CA SER R 76 -34.22 -71.00 42.74
C SER R 76 -33.20 -72.10 42.97
N ARG R 77 -32.84 -72.32 44.24
CA ARG R 77 -31.87 -73.36 44.60
C ARG R 77 -31.99 -73.70 46.08
N ASP R 78 -31.78 -74.99 46.39
CA ASP R 78 -31.59 -75.45 47.77
C ASP R 78 -30.12 -75.84 47.93
N ASN R 79 -29.42 -75.13 48.81
CA ASN R 79 -27.97 -75.24 48.95
C ASN R 79 -27.60 -76.12 50.15
N ALA R 80 -28.61 -76.72 50.79
CA ALA R 80 -28.40 -77.70 51.84
C ALA R 80 -28.30 -79.09 51.24
N LYS R 81 -29.06 -79.32 50.15
CA LYS R 81 -29.22 -80.66 49.59
C LYS R 81 -29.89 -80.47 48.23
N LYS R 82 -29.70 -81.39 47.28
CA LYS R 82 -30.15 -81.18 45.91
C LYS R 82 -29.43 -79.97 45.35
N SER R 83 -29.98 -79.29 44.32
CA SER R 83 -29.28 -78.18 43.71
C SER R 83 -30.23 -77.11 43.16
N LEU R 84 -30.09 -76.90 41.85
CA LEU R 84 -30.70 -75.79 41.14
C LEU R 84 -32.08 -76.22 40.65
N TYR R 85 -32.95 -75.22 40.40
CA TYR R 85 -34.27 -75.46 39.83
C TYR R 85 -34.60 -74.31 38.87
N LEU R 86 -35.71 -74.47 38.12
CA LEU R 86 -36.25 -73.44 37.25
C LEU R 86 -37.72 -73.71 36.98
N GLN R 87 -38.59 -73.13 37.82
CA GLN R 87 -40.03 -73.13 37.62
C GLN R 87 -40.37 -72.18 36.48
N MET R 88 -41.01 -72.72 35.44
CA MET R 88 -41.34 -71.97 34.23
C MET R 88 -42.86 -72.03 34.02
N ASN R 89 -43.53 -70.94 34.39
CA ASN R 89 -44.97 -70.82 34.30
C ASN R 89 -45.33 -69.97 33.08
N SER R 90 -46.61 -70.07 32.67
CA SER R 90 -47.12 -69.37 31.50
C SER R 90 -46.24 -69.66 30.29
N LEU R 91 -46.02 -70.96 30.02
CA LEU R 91 -45.07 -71.40 29.01
C LEU R 91 -45.62 -71.11 27.61
N ARG R 92 -44.73 -70.60 26.74
CA ARG R 92 -45.05 -70.34 25.35
C ARG R 92 -44.32 -71.37 24.49
N ALA R 93 -44.37 -71.20 23.17
CA ALA R 93 -43.86 -72.19 22.23
C ALA R 93 -42.52 -71.76 21.62
N GLU R 94 -42.23 -70.46 21.71
CA GLU R 94 -40.89 -69.92 21.47
C GLU R 94 -39.92 -70.51 22.48
N ASP R 95 -40.44 -70.90 23.66
CA ASP R 95 -39.66 -71.48 24.75
C ASP R 95 -39.22 -72.91 24.42
N THR R 96 -39.51 -73.40 23.21
CA THR R 96 -38.97 -74.68 22.75
C THR R 96 -37.44 -74.59 22.76
N ALA R 97 -36.81 -75.37 23.64
CA ALA R 97 -35.36 -75.44 23.71
C ALA R 97 -34.92 -76.62 24.56
N VAL R 98 -33.64 -77.00 24.38
CA VAL R 98 -32.92 -77.84 25.32
C VAL R 98 -32.35 -76.93 26.41
N TYR R 99 -32.89 -77.07 27.63
CA TYR R 99 -32.50 -76.24 28.76
C TYR R 99 -31.35 -76.89 29.51
N TYR R 100 -30.16 -76.28 29.38
CA TYR R 100 -28.97 -76.76 30.06
C TYR R 100 -28.87 -76.08 31.43
N CYS R 101 -28.71 -76.91 32.47
CA CYS R 101 -28.26 -76.41 33.76
C CYS R 101 -26.81 -75.94 33.62
N ALA R 102 -26.66 -74.65 33.32
CA ALA R 102 -25.35 -74.03 33.28
C ALA R 102 -24.87 -73.74 34.70
N ARG R 103 -23.56 -73.92 34.93
CA ARG R 103 -22.89 -73.39 36.09
C ARG R 103 -21.87 -72.35 35.60
N ASP R 104 -21.72 -71.26 36.36
CA ASP R 104 -20.72 -70.24 36.05
C ASP R 104 -19.40 -70.61 36.71
N ASN R 105 -18.31 -69.96 36.26
CA ASN R 105 -16.95 -70.29 36.65
C ASN R 105 -16.64 -69.89 38.08
N PRO R 106 -15.78 -70.63 38.82
CA PRO R 106 -15.52 -70.38 40.24
C PRO R 106 -15.90 -69.06 40.89
N ALA R 107 -17.16 -69.03 41.36
CA ALA R 107 -17.69 -68.03 42.29
C ALA R 107 -18.33 -66.91 41.49
N SER R 108 -17.52 -65.90 41.09
CA SER R 108 -18.02 -64.91 40.14
C SER R 108 -16.99 -64.49 39.09
N ALA R 109 -17.47 -63.62 38.20
CA ALA R 109 -16.94 -63.42 36.85
C ALA R 109 -17.10 -64.73 36.06
N VAL R 110 -17.03 -64.65 34.74
CA VAL R 110 -16.82 -65.81 33.90
C VAL R 110 -18.09 -66.65 33.83
N ALA R 111 -18.63 -66.69 32.60
CA ALA R 111 -19.88 -67.34 32.28
C ALA R 111 -19.77 -68.87 32.39
N PHE R 112 -20.32 -69.57 31.39
CA PHE R 112 -20.81 -70.93 31.56
C PHE R 112 -19.64 -71.91 31.68
N ASP R 113 -19.19 -72.15 32.93
CA ASP R 113 -18.10 -73.06 33.22
C ASP R 113 -18.37 -74.42 32.57
N VAL R 114 -19.43 -75.07 33.03
CA VAL R 114 -19.76 -76.43 32.65
C VAL R 114 -21.22 -76.44 32.18
N TRP R 115 -21.56 -77.49 31.42
CA TRP R 115 -22.88 -77.64 30.83
C TRP R 115 -23.37 -79.05 31.16
N GLY R 116 -24.63 -79.15 31.57
CA GLY R 116 -25.27 -80.43 31.77
C GLY R 116 -25.70 -81.04 30.44
N GLN R 117 -26.31 -82.24 30.52
CA GLN R 117 -26.72 -82.99 29.34
C GLN R 117 -27.84 -82.25 28.63
N GLY R 118 -28.84 -81.81 29.41
CA GLY R 118 -29.87 -80.91 28.92
C GLY R 118 -31.26 -81.54 28.95
N ALA R 119 -32.28 -80.71 29.19
CA ALA R 119 -33.67 -81.14 29.23
C ALA R 119 -34.40 -80.60 28.01
N MET R 120 -34.84 -81.51 27.13
CA MET R 120 -35.69 -81.16 26.00
C MET R 120 -37.06 -80.74 26.53
N VAL R 121 -37.38 -79.46 26.33
CA VAL R 121 -38.69 -78.90 26.60
C VAL R 121 -39.27 -78.43 25.27
N THR R 122 -40.18 -79.23 24.71
CA THR R 122 -40.95 -78.88 23.52
C THR R 122 -42.35 -78.45 23.99
N VAL R 123 -42.87 -77.38 23.37
CA VAL R 123 -44.18 -76.86 23.69
C VAL R 123 -45.02 -76.80 22.40
N SER R 124 -46.12 -77.56 22.37
CA SER R 124 -46.98 -77.70 21.20
C SER R 124 -48.35 -78.22 21.62
N SER R 125 -49.34 -78.10 20.71
CA SER R 125 -50.69 -78.58 20.96
C SER R 125 -50.69 -80.11 21.06
N ASN S 17 -0.54 -17.30 -76.17
CA ASN S 17 -0.85 -18.31 -77.20
C ASN S 17 -1.14 -19.68 -76.61
N SER S 18 -1.29 -19.78 -75.27
CA SER S 18 -1.35 -21.08 -74.62
C SER S 18 -1.99 -21.06 -73.24
N ILE S 19 -1.51 -20.17 -72.35
CA ILE S 19 -1.85 -20.19 -70.93
C ILE S 19 -2.35 -18.80 -70.53
N ASP S 20 -3.52 -18.78 -69.87
CA ASP S 20 -4.02 -17.57 -69.24
C ASP S 20 -4.10 -17.77 -67.73
N ILE S 21 -3.74 -16.71 -66.99
CA ILE S 21 -3.66 -16.74 -65.54
C ILE S 21 -4.76 -15.84 -64.99
N LEU S 22 -5.25 -16.15 -63.77
CA LEU S 22 -6.45 -15.52 -63.26
C LEU S 22 -6.30 -15.19 -61.77
N GLN S 23 -6.61 -13.92 -61.42
CA GLN S 23 -6.83 -13.50 -60.05
C GLN S 23 -8.11 -12.66 -59.99
N GLU S 24 -9.25 -13.35 -60.09
CA GLU S 24 -10.58 -12.76 -59.96
C GLU S 24 -10.66 -11.90 -58.70
N LYS S 25 -10.24 -12.49 -57.57
CA LYS S 25 -10.07 -11.77 -56.32
C LYS S 25 -8.58 -11.55 -56.05
N GLU S 26 -8.28 -10.61 -55.14
CA GLU S 26 -6.94 -10.25 -54.72
C GLU S 26 -6.52 -11.14 -53.55
N GLY S 27 -5.68 -12.15 -53.83
CA GLY S 27 -5.20 -13.08 -52.83
C GLY S 27 -5.07 -14.51 -53.34
N HIS S 28 -5.86 -14.89 -54.35
CA HIS S 28 -5.93 -16.25 -54.86
C HIS S 28 -5.70 -16.24 -56.37
N LEU S 29 -5.02 -17.28 -56.87
CA LEU S 29 -4.66 -17.39 -58.28
C LEU S 29 -4.92 -18.81 -58.77
N ASP S 30 -5.45 -18.93 -60.00
CA ASP S 30 -5.51 -20.18 -60.74
C ASP S 30 -5.19 -19.93 -62.22
N PHE S 31 -4.74 -20.98 -62.91
CA PHE S 31 -4.41 -20.95 -64.32
C PHE S 31 -5.26 -21.97 -65.06
N VAL S 32 -5.51 -21.71 -66.35
CA VAL S 32 -6.36 -22.54 -67.18
C VAL S 32 -5.60 -22.91 -68.46
N ILE S 33 -5.17 -24.18 -68.54
CA ILE S 33 -4.41 -24.69 -69.66
C ILE S 33 -5.41 -25.06 -70.76
N ILE S 34 -5.40 -24.28 -71.85
CA ILE S 34 -6.49 -24.26 -72.83
C ILE S 34 -6.72 -25.63 -73.45
N PRO S 35 -5.67 -26.36 -73.92
CA PRO S 35 -5.85 -27.74 -74.39
C PRO S 35 -6.39 -28.70 -73.32
N HIS S 36 -5.94 -28.51 -72.08
CA HIS S 36 -6.22 -29.42 -70.97
C HIS S 36 -7.63 -29.19 -70.39
N TYR S 37 -8.37 -28.21 -70.92
CA TYR S 37 -9.72 -27.94 -70.45
C TYR S 37 -10.73 -28.36 -71.51
N THR S 38 -10.41 -28.08 -72.79
CA THR S 38 -11.21 -28.55 -73.92
C THR S 38 -11.25 -30.09 -73.92
N PHE S 39 -10.15 -30.72 -73.49
CA PHE S 39 -10.03 -32.17 -73.47
C PHE S 39 -11.01 -32.75 -72.43
N LEU S 40 -10.94 -32.23 -71.21
CA LEU S 40 -11.74 -32.71 -70.09
C LEU S 40 -13.21 -32.31 -70.28
N ASP S 41 -13.46 -31.38 -71.20
CA ASP S 41 -14.80 -30.94 -71.58
C ASP S 41 -15.35 -31.86 -72.67
N TYR S 42 -14.50 -32.25 -73.64
CA TYR S 42 -14.89 -33.09 -74.76
C TYR S 42 -15.45 -34.42 -74.25
N TYR S 43 -14.76 -35.01 -73.27
CA TYR S 43 -15.03 -36.37 -72.82
C TYR S 43 -15.95 -36.38 -71.60
N LYS S 44 -16.25 -35.19 -71.06
CA LYS S 44 -17.39 -35.07 -70.14
C LYS S 44 -18.65 -34.77 -70.96
N HIS S 45 -18.47 -34.31 -72.20
CA HIS S 45 -19.55 -34.23 -73.17
C HIS S 45 -19.38 -35.34 -74.22
N LEU S 46 -19.26 -36.59 -73.74
CA LEU S 46 -19.27 -37.78 -74.58
C LEU S 46 -19.73 -38.97 -73.75
N SER S 47 -19.08 -39.17 -72.59
CA SER S 47 -19.45 -40.14 -71.58
C SER S 47 -20.94 -40.06 -71.26
N TYR S 48 -21.47 -38.84 -71.19
CA TYR S 48 -22.87 -38.58 -70.87
C TYR S 48 -23.77 -38.91 -72.05
N ASN S 49 -23.34 -38.54 -73.27
CA ASN S 49 -24.14 -38.71 -74.46
C ASN S 49 -24.56 -40.16 -74.63
N SER S 50 -23.59 -41.08 -74.47
CA SER S 50 -23.77 -42.51 -74.62
C SER S 50 -24.86 -43.02 -73.67
N ILE S 51 -24.73 -42.71 -72.38
CA ILE S 51 -25.55 -43.29 -71.34
C ILE S 51 -26.98 -42.75 -71.40
N TYR S 52 -27.13 -41.53 -71.94
CA TYR S 52 -28.43 -40.86 -72.00
C TYR S 52 -29.13 -41.17 -73.33
N HIS S 53 -28.56 -42.08 -74.13
CA HIS S 53 -29.30 -42.66 -75.24
C HIS S 53 -30.08 -43.89 -74.79
N LYS S 54 -29.40 -44.78 -74.06
CA LYS S 54 -29.93 -46.10 -73.73
C LYS S 54 -30.55 -46.09 -72.34
N SER S 55 -31.58 -46.93 -72.16
CA SER S 55 -32.42 -46.93 -70.97
C SER S 55 -31.72 -47.57 -69.78
N SER S 56 -31.01 -48.67 -70.04
CA SER S 56 -30.27 -49.40 -69.02
C SER S 56 -29.14 -48.55 -68.43
N THR S 57 -28.59 -47.64 -69.24
CA THR S 57 -27.40 -46.87 -68.90
C THR S 57 -27.76 -45.59 -68.16
N TYR S 58 -29.06 -45.30 -68.01
CA TYR S 58 -29.54 -44.25 -67.13
C TYR S 58 -29.10 -44.54 -65.70
N GLY S 59 -28.85 -45.81 -65.39
CA GLY S 59 -28.34 -46.24 -64.09
C GLY S 59 -26.92 -45.75 -63.82
N LYS S 60 -26.14 -45.59 -64.89
CA LYS S 60 -24.70 -45.38 -64.80
C LYS S 60 -24.35 -43.93 -64.47
N CYS S 61 -25.29 -42.99 -64.66
CA CYS S 61 -24.98 -41.57 -64.69
C CYS S 61 -24.51 -41.04 -63.34
N ILE S 62 -24.77 -41.80 -62.26
CA ILE S 62 -24.23 -41.49 -60.95
C ILE S 62 -22.73 -41.74 -60.95
N ALA S 63 -22.34 -42.87 -61.56
CA ALA S 63 -20.95 -43.30 -61.61
C ALA S 63 -20.14 -42.45 -62.61
N VAL S 64 -20.78 -42.08 -63.72
CA VAL S 64 -20.15 -41.29 -64.77
C VAL S 64 -19.87 -39.88 -64.25
N ASP S 65 -20.84 -39.33 -63.51
CA ASP S 65 -20.71 -38.05 -62.82
C ASP S 65 -19.53 -38.09 -61.87
N ALA S 66 -19.53 -39.08 -60.97
CA ALA S 66 -18.56 -39.21 -59.89
C ALA S 66 -17.16 -39.52 -60.43
N PHE S 67 -17.09 -40.11 -61.63
CA PHE S 67 -15.84 -40.37 -62.33
C PHE S 67 -15.23 -39.06 -62.80
N ILE S 68 -16.03 -38.26 -63.53
CA ILE S 68 -15.61 -36.98 -64.09
C ILE S 68 -15.21 -36.04 -62.96
N LYS S 69 -15.99 -36.06 -61.87
CA LYS S 69 -15.71 -35.30 -60.66
C LYS S 69 -14.30 -35.63 -60.16
N LYS S 70 -13.99 -36.93 -60.07
CA LYS S 70 -12.78 -37.39 -59.44
C LYS S 70 -11.56 -37.25 -60.36
N ILE S 71 -11.80 -37.09 -61.68
CA ILE S 71 -10.75 -36.71 -62.62
C ILE S 71 -10.43 -35.23 -62.43
N ASN S 72 -11.48 -34.39 -62.39
CA ASN S 72 -11.35 -32.96 -62.15
C ASN S 72 -11.21 -32.73 -60.64
N GLU S 73 -10.09 -33.22 -60.09
CA GLU S 73 -9.77 -33.19 -58.67
C GLU S 73 -8.34 -33.71 -58.48
N ALA S 74 -8.05 -34.83 -59.16
CA ALA S 74 -6.69 -35.30 -59.35
C ALA S 74 -5.94 -34.30 -60.22
N TYR S 75 -6.66 -33.70 -61.19
CA TYR S 75 -6.16 -32.60 -62.00
C TYR S 75 -5.77 -31.41 -61.12
N ASP S 76 -6.63 -31.10 -60.14
CA ASP S 76 -6.43 -29.98 -59.21
C ASP S 76 -5.38 -30.32 -58.16
N LYS S 77 -4.98 -31.60 -58.06
CA LYS S 77 -3.90 -32.03 -57.18
C LYS S 77 -2.53 -31.84 -57.83
N VAL S 78 -2.52 -31.45 -59.12
CA VAL S 78 -1.30 -30.99 -59.77
C VAL S 78 -0.98 -29.58 -59.24
N LYS S 79 -2.03 -28.83 -58.93
CA LYS S 79 -1.93 -27.52 -58.31
C LYS S 79 -1.73 -27.68 -56.79
N SER S 80 -0.87 -28.64 -56.41
CA SER S 80 -0.46 -28.82 -55.02
C SER S 80 0.96 -28.30 -54.81
N LYS S 81 1.76 -28.34 -55.89
CA LYS S 81 3.14 -27.90 -55.89
C LYS S 81 3.40 -26.85 -56.98
N CYS S 82 2.35 -26.51 -57.75
CA CYS S 82 2.35 -25.32 -58.58
C CYS S 82 1.61 -24.21 -57.83
N ASN S 83 1.86 -24.15 -56.51
CA ASN S 83 0.98 -23.46 -55.56
C ASN S 83 1.80 -22.52 -54.69
N ASP S 84 2.89 -23.02 -54.10
CA ASP S 84 3.76 -22.23 -53.24
C ASP S 84 4.50 -21.17 -54.07
N ILE S 85 4.83 -21.51 -55.34
CA ILE S 85 5.46 -20.54 -56.22
C ILE S 85 4.41 -19.58 -56.77
N LYS S 86 3.18 -20.06 -56.94
CA LYS S 86 2.02 -19.25 -57.27
C LYS S 86 1.77 -18.20 -56.18
N ASN S 87 1.87 -18.60 -54.91
CA ASN S 87 1.63 -17.73 -53.77
C ASN S 87 2.72 -16.66 -53.67
N ASP S 88 3.95 -17.01 -54.08
CA ASP S 88 5.06 -16.07 -54.12
C ASP S 88 4.91 -15.13 -55.30
N LEU S 89 4.25 -15.60 -56.37
CA LEU S 89 3.89 -14.76 -57.52
C LEU S 89 2.84 -13.74 -57.11
N ILE S 90 1.94 -14.14 -56.18
CA ILE S 90 0.90 -13.27 -55.67
C ILE S 90 1.51 -12.15 -54.82
N ALA S 91 2.66 -12.41 -54.17
CA ALA S 91 3.30 -11.46 -53.29
C ALA S 91 3.90 -10.31 -54.11
N THR S 92 4.39 -10.67 -55.31
CA THR S 92 4.92 -9.70 -56.25
C THR S 92 3.77 -8.84 -56.78
N ILE S 93 2.66 -9.50 -57.14
CA ILE S 93 1.46 -8.86 -57.65
C ILE S 93 0.83 -7.98 -56.58
N LYS S 94 0.96 -8.36 -55.30
CA LYS S 94 0.48 -7.56 -54.18
C LYS S 94 1.15 -6.19 -54.19
N LYS S 95 2.48 -6.18 -54.37
CA LYS S 95 3.26 -4.94 -54.31
C LYS S 95 3.20 -4.15 -55.62
N LEU S 96 2.81 -4.81 -56.71
CA LEU S 96 2.63 -4.14 -58.00
C LEU S 96 1.28 -3.45 -58.15
N GLU S 97 0.17 -4.18 -57.99
CA GLU S 97 -1.13 -3.76 -58.50
C GLU S 97 -1.94 -2.99 -57.45
N HIS S 98 -1.88 -3.44 -56.19
CA HIS S 98 -2.23 -2.55 -55.09
C HIS S 98 -1.16 -1.47 -55.09
N PRO S 99 -1.47 -0.21 -54.73
CA PRO S 99 -0.45 0.83 -54.55
C PRO S 99 0.58 0.49 -53.47
N TYR S 100 1.56 1.38 -53.28
CA TYR S 100 2.72 1.21 -52.42
C TYR S 100 2.50 0.19 -51.31
N ASP S 101 1.43 0.35 -50.51
CA ASP S 101 1.15 -0.47 -49.33
C ASP S 101 2.23 -0.29 -48.26
N ILE S 102 3.01 -1.36 -47.99
CA ILE S 102 3.92 -1.41 -46.85
C ILE S 102 5.39 -1.27 -47.29
N ASN S 103 5.62 -0.50 -48.37
CA ASN S 103 6.93 -0.34 -48.97
C ASN S 103 7.49 1.04 -48.59
N ASN S 104 8.60 1.06 -47.83
CA ASN S 104 9.04 2.27 -47.14
C ASN S 104 10.18 2.91 -47.92
N LYS S 105 11.31 2.20 -47.99
CA LYS S 105 12.53 2.66 -48.64
C LYS S 105 13.53 1.52 -48.80
N ASN S 106 13.32 0.42 -48.07
CA ASN S 106 13.80 -0.91 -48.45
C ASN S 106 13.23 -1.27 -49.82
N ARG S 107 11.92 -1.05 -49.98
CA ARG S 107 11.19 -1.29 -51.22
C ARG S 107 10.66 0.00 -51.82
N ALA S 108 9.94 0.79 -51.01
CA ALA S 108 9.51 2.15 -51.32
C ALA S 108 8.59 2.22 -52.54
N PHE S 109 8.21 1.09 -53.13
CA PHE S 109 7.56 1.04 -54.45
C PHE S 109 8.48 1.71 -55.47
N LYS S 110 9.78 1.38 -55.39
CA LYS S 110 10.79 1.69 -56.38
C LYS S 110 11.36 0.37 -56.90
N LYS S 111 10.51 -0.67 -56.86
CA LYS S 111 10.84 -1.99 -57.39
C LYS S 111 10.52 -2.03 -58.88
N MET S 112 11.31 -2.81 -59.62
CA MET S 112 11.14 -2.99 -61.06
C MET S 112 10.30 -4.24 -61.34
N MET S 113 9.39 -4.15 -62.34
CA MET S 113 8.62 -5.27 -62.83
C MET S 113 9.52 -6.42 -63.25
N ASP S 114 10.78 -6.43 -62.80
CA ASP S 114 11.72 -7.51 -63.04
C ASP S 114 11.31 -8.77 -62.29
N GLU S 115 10.94 -8.61 -61.02
CA GLU S 115 10.43 -9.69 -60.18
C GLU S 115 9.23 -10.38 -60.86
N TYR S 116 8.30 -9.57 -61.37
CA TYR S 116 7.18 -10.04 -62.16
C TYR S 116 7.65 -10.93 -63.30
N ASN S 117 8.66 -10.45 -64.05
CA ASN S 117 9.16 -11.15 -65.22
C ASN S 117 9.82 -12.47 -64.82
N THR S 118 10.54 -12.46 -63.69
CA THR S 118 11.18 -13.66 -63.17
C THR S 118 10.09 -14.65 -62.74
N LYS S 119 9.16 -14.18 -61.89
CA LYS S 119 8.24 -15.04 -61.17
C LYS S 119 7.14 -15.57 -62.10
N LYS S 120 6.83 -14.82 -63.17
CA LYS S 120 5.84 -15.25 -64.15
C LYS S 120 6.37 -16.45 -64.93
N LYS S 121 7.64 -16.38 -65.34
CA LYS S 121 8.27 -17.44 -66.11
C LYS S 121 8.52 -18.67 -65.24
N LYS S 122 8.68 -18.45 -63.92
CA LYS S 122 8.87 -19.54 -62.97
C LYS S 122 7.60 -20.38 -62.88
N LEU S 123 6.42 -19.73 -62.99
CA LEU S 123 5.15 -20.43 -62.97
C LEU S 123 4.97 -21.20 -64.27
N ILE S 124 5.13 -20.49 -65.41
CA ILE S 124 5.06 -21.06 -66.74
C ILE S 124 5.98 -22.28 -66.85
N LYS S 125 7.14 -22.24 -66.16
CA LYS S 125 8.05 -23.36 -66.09
C LYS S 125 7.40 -24.52 -65.34
N CYS S 126 6.89 -24.25 -64.12
CA CYS S 126 6.38 -25.28 -63.23
C CYS S 126 5.14 -25.95 -63.80
N ILE S 127 4.39 -25.22 -64.65
CA ILE S 127 3.29 -25.80 -65.42
C ILE S 127 3.84 -26.85 -66.39
N LYS S 128 4.84 -26.45 -67.20
CA LYS S 128 5.42 -27.32 -68.21
C LYS S 128 6.30 -28.40 -67.57
N ASN S 129 6.76 -28.15 -66.34
CA ASN S 129 7.53 -29.12 -65.56
C ASN S 129 6.65 -30.29 -65.13
N HIS S 130 5.37 -30.03 -64.88
CA HIS S 130 4.43 -31.10 -64.54
C HIS S 130 3.33 -31.18 -65.60
N GLU S 131 3.71 -31.14 -66.88
CA GLU S 131 2.78 -31.26 -68.00
C GLU S 131 2.54 -32.75 -68.28
N ASN S 132 3.50 -33.60 -67.87
CA ASN S 132 3.39 -35.03 -67.98
C ASN S 132 2.23 -35.56 -67.13
N ASP S 133 2.15 -35.09 -65.88
CA ASP S 133 1.20 -35.59 -64.90
C ASP S 133 -0.22 -35.19 -65.29
N PHE S 134 -0.34 -34.05 -65.97
CA PHE S 134 -1.58 -33.57 -66.56
C PHE S 134 -2.02 -34.49 -67.69
N ASN S 135 -1.07 -34.84 -68.58
CA ASN S 135 -1.34 -35.65 -69.77
C ASN S 135 -1.74 -37.08 -69.43
N LYS S 136 -1.34 -37.59 -68.25
CA LYS S 136 -1.85 -38.85 -67.76
C LYS S 136 -3.34 -38.71 -67.43
N ILE S 137 -3.67 -37.73 -66.58
CA ILE S 137 -5.02 -37.45 -66.12
C ILE S 137 -5.89 -37.01 -67.29
N CYS S 138 -5.26 -36.41 -68.31
CA CYS S 138 -5.90 -36.05 -69.55
C CYS S 138 -6.42 -37.28 -70.29
N MET S 139 -5.54 -38.26 -70.54
CA MET S 139 -5.85 -39.45 -71.33
C MET S 139 -6.93 -40.30 -70.68
N ASP S 140 -7.01 -40.24 -69.34
CA ASP S 140 -8.01 -40.96 -68.55
C ASP S 140 -9.41 -40.68 -69.08
N MET S 141 -9.70 -39.39 -69.30
CA MET S 141 -11.02 -38.92 -69.71
C MET S 141 -11.31 -39.38 -71.13
N LYS S 142 -10.28 -39.40 -71.99
CA LYS S 142 -10.39 -39.93 -73.34
C LYS S 142 -10.88 -41.38 -73.31
N ASN S 143 -10.20 -42.20 -72.49
CA ASN S 143 -10.38 -43.64 -72.47
C ASN S 143 -11.79 -44.01 -72.01
N TYR S 144 -12.22 -43.37 -70.90
CA TYR S 144 -13.48 -43.66 -70.26
C TYR S 144 -14.65 -43.23 -71.15
N GLY S 145 -14.55 -42.02 -71.70
CA GLY S 145 -15.56 -41.49 -72.62
C GLY S 145 -15.70 -42.35 -73.87
N THR S 146 -14.56 -42.84 -74.37
CA THR S 146 -14.53 -43.72 -75.54
C THR S 146 -15.10 -45.09 -75.20
N ASN S 147 -14.72 -45.59 -74.00
CA ASN S 147 -15.14 -46.89 -73.50
C ASN S 147 -16.66 -46.97 -73.42
N LEU S 148 -17.29 -45.93 -72.86
CA LEU S 148 -18.73 -45.88 -72.71
C LEU S 148 -19.41 -45.59 -74.05
N PHE S 149 -18.66 -44.99 -75.00
CA PHE S 149 -19.15 -44.78 -76.35
C PHE S 149 -19.15 -46.08 -77.14
N GLU S 150 -18.29 -47.04 -76.72
CA GLU S 150 -18.30 -48.38 -77.30
C GLU S 150 -19.52 -49.16 -76.81
N GLN S 151 -19.85 -49.01 -75.52
CA GLN S 151 -20.93 -49.76 -74.90
C GLN S 151 -22.28 -49.15 -75.28
N LEU S 152 -22.67 -49.36 -76.55
CA LEU S 152 -23.92 -48.87 -77.09
C LEU S 152 -24.75 -50.02 -77.64
N SER S 153 -26.07 -49.80 -77.79
CA SER S 153 -27.00 -50.89 -78.05
C SER S 153 -28.02 -50.51 -79.11
N CYS S 154 -27.59 -50.52 -80.38
CA CYS S 154 -28.51 -50.21 -81.48
C CYS S 154 -28.13 -51.00 -82.72
N TYR S 155 -28.89 -50.78 -83.81
CA TYR S 155 -28.91 -51.66 -84.97
C TYR S 155 -29.44 -50.93 -86.20
N ASN S 156 -29.93 -51.70 -87.17
CA ASN S 156 -30.38 -51.24 -88.48
C ASN S 156 -29.22 -50.74 -89.37
N ASN S 157 -29.46 -50.74 -90.68
CA ASN S 157 -28.63 -49.95 -91.58
C ASN S 157 -29.05 -48.49 -91.57
N ASN S 158 -30.31 -48.15 -91.19
CA ASN S 158 -30.73 -46.77 -91.31
C ASN S 158 -31.83 -46.31 -90.36
N PHE S 159 -32.15 -47.08 -89.31
CA PHE S 159 -32.94 -46.55 -88.20
C PHE S 159 -32.27 -46.74 -86.84
N CYS S 160 -31.53 -45.72 -86.40
CA CYS S 160 -31.12 -45.57 -85.01
C CYS S 160 -31.83 -44.34 -84.47
N ASN S 161 -32.17 -44.33 -83.18
CA ASN S 161 -32.90 -43.21 -82.58
C ASN S 161 -31.96 -42.05 -82.30
N THR S 162 -32.47 -40.82 -82.48
CA THR S 162 -31.80 -39.61 -82.06
C THR S 162 -32.42 -39.10 -80.76
N ASN S 163 -32.20 -39.85 -79.68
CA ASN S 163 -32.29 -39.32 -78.32
C ASN S 163 -30.89 -38.83 -77.97
N GLY S 164 -30.38 -39.17 -76.77
CA GLY S 164 -28.99 -39.01 -76.41
C GLY S 164 -28.49 -37.58 -76.49
N ILE S 165 -28.44 -37.04 -77.72
CA ILE S 165 -27.97 -35.69 -78.02
C ILE S 165 -28.98 -34.68 -77.47
N ARG S 166 -30.27 -34.96 -77.68
CA ARG S 166 -31.34 -34.06 -77.28
C ARG S 166 -31.46 -33.97 -75.76
N TYR S 167 -31.14 -35.06 -75.06
CA TYR S 167 -31.07 -35.05 -73.61
C TYR S 167 -30.06 -34.00 -73.15
N HIS S 168 -28.83 -34.13 -73.65
CA HIS S 168 -27.69 -33.37 -73.17
C HIS S 168 -27.86 -31.89 -73.52
N TYR S 169 -28.36 -31.63 -74.74
CA TYR S 169 -28.65 -30.28 -75.24
C TYR S 169 -29.55 -29.52 -74.27
N ASP S 170 -30.75 -30.05 -74.02
CA ASP S 170 -31.80 -29.33 -73.31
C ASP S 170 -31.59 -29.37 -71.79
N GLU S 171 -30.66 -30.20 -71.31
CA GLU S 171 -30.40 -30.32 -69.89
C GLU S 171 -29.06 -29.64 -69.53
N TYR S 172 -28.19 -29.42 -70.52
CA TYR S 172 -26.89 -28.84 -70.27
C TYR S 172 -26.62 -27.60 -71.13
N ILE S 173 -26.92 -27.68 -72.43
CA ILE S 173 -26.47 -26.68 -73.39
C ILE S 173 -27.47 -25.52 -73.45
N HIS S 174 -28.73 -25.82 -73.79
CA HIS S 174 -29.76 -24.83 -74.11
C HIS S 174 -30.03 -23.90 -72.93
N LYS S 175 -29.77 -24.38 -71.71
CA LYS S 175 -29.91 -23.55 -70.52
C LYS S 175 -28.85 -22.45 -70.51
N LEU S 176 -27.62 -22.80 -70.93
CA LEU S 176 -26.46 -21.92 -70.84
C LEU S 176 -26.41 -20.93 -72.01
N ILE S 177 -27.01 -21.28 -73.16
CA ILE S 177 -26.98 -20.39 -74.31
C ILE S 177 -27.85 -19.15 -74.04
N LEU S 178 -28.95 -19.34 -73.30
CA LEU S 178 -29.84 -18.26 -72.91
C LEU S 178 -29.13 -17.34 -71.91
N SER S 179 -28.35 -17.94 -71.00
CA SER S 179 -27.58 -17.22 -70.00
C SER S 179 -26.61 -16.23 -70.67
N VAL S 180 -26.07 -16.63 -71.83
CA VAL S 180 -25.06 -15.85 -72.54
C VAL S 180 -25.72 -14.79 -73.41
N LYS S 181 -26.86 -15.10 -74.03
CA LYS S 181 -27.56 -14.16 -74.90
C LYS S 181 -28.18 -13.04 -74.07
N SER S 182 -28.48 -13.32 -72.80
CA SER S 182 -29.05 -12.36 -71.86
C SER S 182 -28.03 -11.30 -71.47
N LYS S 183 -26.74 -11.67 -71.51
CA LYS S 183 -25.64 -10.76 -71.24
C LYS S 183 -24.98 -10.42 -72.58
N ASN S 184 -25.67 -9.59 -73.38
CA ASN S 184 -25.24 -9.24 -74.74
C ASN S 184 -23.78 -8.79 -74.73
N LEU S 185 -22.90 -9.69 -75.18
CA LEU S 185 -21.45 -9.53 -75.13
C LEU S 185 -20.94 -8.43 -76.06
N ASN S 186 -21.71 -8.11 -77.10
CA ASN S 186 -21.33 -7.07 -78.06
C ASN S 186 -21.24 -5.72 -77.36
N LYS S 187 -22.20 -5.45 -76.48
CA LYS S 187 -22.24 -4.26 -75.64
C LYS S 187 -21.07 -4.30 -74.66
N ASP S 188 -20.81 -5.47 -74.06
CA ASP S 188 -19.80 -5.66 -73.04
C ASP S 188 -18.42 -5.26 -73.56
N LEU S 189 -18.10 -5.67 -74.79
CA LEU S 189 -16.82 -5.38 -75.42
C LEU S 189 -16.67 -3.86 -75.61
N SER S 190 -17.70 -3.24 -76.21
CA SER S 190 -17.67 -1.83 -76.57
C SER S 190 -17.59 -0.94 -75.34
N ASP S 191 -18.15 -1.42 -74.21
CA ASP S 191 -18.03 -0.79 -72.90
C ASP S 191 -16.58 -0.83 -72.44
N MET S 192 -15.96 -2.02 -72.53
CA MET S 192 -14.58 -2.25 -72.10
C MET S 192 -13.61 -1.47 -72.98
N THR S 193 -13.92 -1.33 -74.28
CA THR S 193 -13.08 -0.58 -75.20
C THR S 193 -12.99 0.88 -74.76
N ASN S 194 -14.15 1.46 -74.43
CA ASN S 194 -14.24 2.87 -74.12
C ASN S 194 -13.53 3.19 -72.80
N ILE S 195 -13.64 2.29 -71.82
CA ILE S 195 -12.95 2.40 -70.54
C ILE S 195 -11.45 2.41 -70.77
N LEU S 196 -10.97 1.56 -71.71
CA LEU S 196 -9.56 1.47 -72.04
C LEU S 196 -9.10 2.70 -72.80
N GLN S 197 -9.96 3.20 -73.71
CA GLN S 197 -9.66 4.37 -74.52
C GLN S 197 -9.45 5.60 -73.63
N GLN S 198 -10.32 5.78 -72.64
CA GLN S 198 -10.33 6.95 -71.77
C GLN S 198 -9.13 6.92 -70.83
N SER S 199 -8.72 5.72 -70.41
CA SER S 199 -7.57 5.54 -69.52
C SER S 199 -6.27 5.76 -70.28
N GLU S 200 -6.30 5.60 -71.61
CA GLU S 200 -5.13 5.77 -72.45
C GLU S 200 -4.93 7.26 -72.71
N LEU S 201 -6.04 7.97 -72.96
CA LEU S 201 -6.05 9.41 -73.23
C LEU S 201 -5.58 10.19 -72.00
N LEU S 202 -6.02 9.74 -70.82
CA LEU S 202 -5.62 10.34 -69.56
C LEU S 202 -4.15 10.06 -69.29
N LEU S 203 -3.65 8.90 -69.74
CA LEU S 203 -2.24 8.52 -69.67
C LEU S 203 -1.39 9.41 -70.59
N THR S 204 -1.91 9.72 -71.78
CA THR S 204 -1.23 10.60 -72.72
C THR S 204 -0.97 11.96 -72.06
N ASN S 205 -1.97 12.46 -71.31
CA ASN S 205 -1.92 13.76 -70.69
C ASN S 205 -1.08 13.71 -69.40
N LEU S 206 -1.24 12.64 -68.61
CA LEU S 206 -0.52 12.48 -67.35
C LEU S 206 0.97 12.29 -67.62
N ASN S 207 1.31 11.72 -68.78
CA ASN S 207 2.68 11.65 -69.27
C ASN S 207 3.23 13.07 -69.46
N LYS S 208 2.45 13.92 -70.16
CA LYS S 208 2.87 15.27 -70.53
C LYS S 208 2.97 16.17 -69.30
N LYS S 209 2.12 15.92 -68.30
CA LYS S 209 2.14 16.60 -67.02
C LYS S 209 2.91 15.72 -66.04
N MET S 210 2.26 15.27 -64.95
CA MET S 210 2.94 14.58 -63.86
C MET S 210 3.27 13.16 -64.34
N TYR S 215 5.17 5.63 -60.32
CA TYR S 215 3.75 5.71 -59.94
C TYR S 215 2.88 5.80 -61.19
N ILE S 216 3.36 6.53 -62.22
CA ILE S 216 2.74 6.51 -63.53
C ILE S 216 3.08 5.18 -64.22
N ASP S 217 4.26 4.63 -63.90
CA ASP S 217 4.71 3.36 -64.46
C ASP S 217 3.78 2.23 -64.04
N THR S 218 3.25 2.32 -62.82
CA THR S 218 2.25 1.39 -62.31
C THR S 218 0.99 1.47 -63.17
N ILE S 219 0.58 2.71 -63.50
CA ILE S 219 -0.62 2.93 -64.32
C ILE S 219 -0.40 2.40 -65.74
N LYS S 220 0.81 2.63 -66.28
CA LYS S 220 1.20 2.10 -67.58
C LYS S 220 1.13 0.58 -67.59
N PHE S 221 1.60 -0.03 -66.48
CA PHE S 221 1.68 -1.48 -66.33
C PHE S 221 0.28 -2.08 -66.23
N ILE S 222 -0.58 -1.47 -65.42
CA ILE S 222 -1.95 -1.92 -65.21
C ILE S 222 -2.76 -1.70 -66.50
N HIS S 223 -2.49 -0.59 -67.18
CA HIS S 223 -3.09 -0.31 -68.49
C HIS S 223 -2.75 -1.43 -69.47
N LYS S 224 -1.47 -1.80 -69.53
CA LYS S 224 -0.96 -2.84 -70.41
C LYS S 224 -1.62 -4.18 -70.09
N GLU S 225 -1.72 -4.50 -68.80
CA GLU S 225 -2.24 -5.76 -68.30
C GLU S 225 -3.71 -5.88 -68.71
N MET S 226 -4.48 -4.79 -68.52
CA MET S 226 -5.90 -4.74 -68.83
C MET S 226 -6.15 -4.73 -70.35
N LYS S 227 -5.15 -4.31 -71.13
CA LYS S 227 -5.29 -4.25 -72.58
C LYS S 227 -5.24 -5.65 -73.18
N HIS S 228 -4.30 -6.49 -72.71
CA HIS S 228 -4.16 -7.84 -73.22
C HIS S 228 -5.34 -8.71 -72.74
N ILE S 229 -5.71 -8.53 -71.47
CA ILE S 229 -6.85 -9.20 -70.87
C ILE S 229 -8.11 -8.90 -71.68
N PHE S 230 -8.24 -7.66 -72.19
CA PHE S 230 -9.34 -7.29 -73.07
C PHE S 230 -9.27 -8.11 -74.37
N ASN S 231 -8.06 -8.19 -74.95
CA ASN S 231 -7.84 -8.87 -76.22
C ASN S 231 -8.23 -10.35 -76.12
N ARG S 232 -8.02 -10.94 -74.93
CA ARG S 232 -8.39 -12.33 -74.66
C ARG S 232 -9.91 -12.48 -74.61
N ILE S 233 -10.57 -11.61 -73.83
CA ILE S 233 -12.02 -11.59 -73.70
C ILE S 233 -12.64 -11.30 -75.06
N GLU S 234 -12.02 -10.40 -75.83
CA GLU S 234 -12.43 -10.06 -77.19
C GLU S 234 -12.31 -11.28 -78.10
N TYR S 235 -11.21 -12.04 -77.93
CA TYR S 235 -10.93 -13.24 -78.70
C TYR S 235 -11.95 -14.33 -78.39
N HIS S 236 -12.19 -14.57 -77.10
CA HIS S 236 -13.11 -15.61 -76.63
C HIS S 236 -14.55 -15.29 -77.05
N THR S 237 -14.92 -14.01 -77.01
CA THR S 237 -16.27 -13.56 -77.33
C THR S 237 -16.58 -13.81 -78.80
N LYS S 238 -15.58 -13.62 -79.68
CA LYS S 238 -15.70 -13.85 -81.11
C LYS S 238 -15.94 -15.33 -81.39
N ILE S 239 -15.30 -16.20 -80.62
CA ILE S 239 -15.50 -17.65 -80.72
C ILE S 239 -16.95 -17.96 -80.32
N ILE S 240 -17.35 -17.48 -79.14
CA ILE S 240 -18.64 -17.76 -78.53
C ILE S 240 -19.78 -17.32 -79.44
N ASN S 241 -19.68 -16.10 -80.01
CA ASN S 241 -20.75 -15.53 -80.82
C ASN S 241 -20.83 -16.24 -82.18
N ASP S 242 -19.68 -16.70 -82.70
CA ASP S 242 -19.65 -17.45 -83.94
C ASP S 242 -20.25 -18.84 -83.72
N LYS S 243 -19.82 -19.49 -82.62
CA LYS S 243 -20.01 -20.91 -82.39
C LYS S 243 -21.45 -21.23 -82.04
N THR S 244 -22.02 -20.42 -81.14
CA THR S 244 -23.33 -20.66 -80.55
C THR S 244 -24.41 -20.44 -81.60
N LYS S 245 -24.07 -19.70 -82.67
CA LYS S 245 -24.91 -19.59 -83.85
C LYS S 245 -24.86 -20.92 -84.61
N ILE S 246 -23.66 -21.48 -84.74
CA ILE S 246 -23.46 -22.75 -85.42
C ILE S 246 -24.12 -23.89 -84.65
N ILE S 247 -23.90 -23.95 -83.32
CA ILE S 247 -24.49 -24.95 -82.45
C ILE S 247 -26.00 -25.01 -82.69
N GLN S 248 -26.68 -23.88 -82.45
CA GLN S 248 -28.13 -23.77 -82.60
C GLN S 248 -28.60 -24.04 -84.02
N ASP S 249 -27.71 -23.97 -85.02
CA ASP S 249 -28.02 -24.50 -86.34
C ASP S 249 -27.90 -26.02 -86.31
N LYS S 250 -26.77 -26.50 -85.79
CA LYS S 250 -26.35 -27.90 -85.90
C LYS S 250 -27.30 -28.83 -85.15
N ILE S 251 -27.72 -28.43 -83.94
CA ILE S 251 -28.51 -29.29 -83.06
C ILE S 251 -29.82 -29.66 -83.73
N LYS S 252 -30.42 -28.72 -84.48
CA LYS S 252 -31.70 -28.93 -85.13
C LYS S 252 -31.56 -30.00 -86.22
N LEU S 253 -30.41 -29.99 -86.92
CA LEU S 253 -30.13 -30.94 -87.98
C LEU S 253 -29.99 -32.35 -87.41
N ASN S 254 -29.49 -32.46 -86.16
CA ASN S 254 -29.20 -33.75 -85.54
C ASN S 254 -30.49 -34.43 -85.09
N ILE S 255 -31.28 -33.70 -84.29
CA ILE S 255 -32.21 -34.36 -83.36
C ILE S 255 -33.55 -34.54 -84.07
N TRP S 256 -34.52 -35.17 -83.38
CA TRP S 256 -35.77 -35.69 -83.92
C TRP S 256 -35.63 -36.27 -85.32
N ARG S 257 -34.84 -37.36 -85.43
CA ARG S 257 -34.55 -38.02 -86.70
C ARG S 257 -34.16 -39.49 -86.46
N THR S 258 -33.81 -40.20 -87.54
CA THR S 258 -33.10 -41.47 -87.50
C THR S 258 -32.02 -41.47 -88.60
N PHE S 259 -30.88 -42.13 -88.32
CA PHE S 259 -29.81 -42.35 -89.29
C PHE S 259 -29.23 -43.75 -89.15
N GLN S 260 -28.25 -44.07 -90.01
CA GLN S 260 -27.44 -45.28 -89.90
C GLN S 260 -26.48 -45.13 -88.73
N LYS S 261 -25.99 -46.26 -88.19
CA LYS S 261 -25.14 -46.30 -87.00
C LYS S 261 -23.91 -45.42 -87.18
N ASP S 262 -23.25 -45.56 -88.34
CA ASP S 262 -22.01 -44.85 -88.66
C ASP S 262 -22.20 -43.33 -88.51
N GLU S 263 -23.25 -42.79 -89.16
CA GLU S 263 -23.50 -41.36 -89.22
C GLU S 263 -23.69 -40.78 -87.82
N LEU S 264 -24.57 -41.39 -87.03
CA LEU S 264 -24.94 -40.90 -85.71
C LEU S 264 -23.72 -40.86 -84.80
N LEU S 265 -22.83 -41.86 -84.94
CA LEU S 265 -21.65 -41.98 -84.11
C LEU S 265 -20.67 -40.85 -84.41
N LYS S 266 -20.53 -40.48 -85.70
CA LYS S 266 -19.72 -39.35 -86.11
C LYS S 266 -20.31 -38.05 -85.55
N ARG S 267 -21.64 -37.94 -85.59
CA ARG S 267 -22.36 -36.70 -85.35
C ARG S 267 -22.60 -36.51 -83.85
N ILE S 268 -22.47 -37.58 -83.05
CA ILE S 268 -22.34 -37.46 -81.60
C ILE S 268 -21.00 -36.82 -81.28
N LEU S 269 -19.94 -37.34 -81.94
CA LEU S 269 -18.58 -36.87 -81.74
C LEU S 269 -18.43 -35.44 -82.28
N ASP S 270 -19.23 -35.10 -83.30
CA ASP S 270 -19.28 -33.75 -83.85
C ASP S 270 -19.77 -32.77 -82.79
N MET S 271 -20.96 -33.04 -82.23
CA MET S 271 -21.56 -32.18 -81.23
C MET S 271 -20.75 -32.22 -79.94
N SER S 272 -20.06 -33.34 -79.70
CA SER S 272 -19.17 -33.50 -78.56
C SER S 272 -17.96 -32.56 -78.65
N ASN S 273 -17.55 -32.23 -79.89
CA ASN S 273 -16.41 -31.35 -80.13
C ASN S 273 -16.80 -29.89 -79.89
N GLU S 274 -17.99 -29.49 -80.38
CA GLU S 274 -18.45 -28.12 -80.33
C GLU S 274 -18.51 -27.64 -78.89
N TYR S 275 -19.10 -28.46 -78.01
CA TYR S 275 -19.35 -28.12 -76.61
C TYR S 275 -18.03 -28.06 -75.85
N SER S 276 -17.00 -28.75 -76.36
CA SER S 276 -15.67 -28.75 -75.77
C SER S 276 -15.09 -27.33 -75.83
N LEU S 277 -15.03 -26.77 -77.04
CA LEU S 277 -14.39 -25.48 -77.30
C LEU S 277 -15.29 -24.32 -76.84
N PHE S 278 -16.62 -24.52 -76.92
CA PHE S 278 -17.60 -23.51 -76.58
C PHE S 278 -17.52 -23.20 -75.09
N ILE S 279 -17.72 -24.22 -74.25
CA ILE S 279 -17.75 -24.07 -72.80
C ILE S 279 -16.35 -23.78 -72.26
N THR S 280 -15.31 -24.10 -73.04
CA THR S 280 -13.94 -23.70 -72.71
C THR S 280 -13.83 -22.18 -72.74
N SER S 281 -14.15 -21.58 -73.90
CA SER S 281 -14.04 -20.14 -74.11
C SER S 281 -14.98 -19.38 -73.16
N ASP S 282 -16.18 -19.93 -72.95
CA ASP S 282 -17.25 -19.27 -72.21
C ASP S 282 -17.00 -19.29 -70.71
N HIS S 283 -16.33 -20.35 -70.22
CA HIS S 283 -15.91 -20.41 -68.82
C HIS S 283 -14.78 -19.41 -68.57
N LEU S 284 -13.86 -19.30 -69.54
CA LEU S 284 -12.75 -18.37 -69.48
C LEU S 284 -13.25 -16.94 -69.52
N ARG S 285 -14.07 -16.62 -70.55
CA ARG S 285 -14.60 -15.29 -70.78
C ARG S 285 -15.23 -14.72 -69.51
N GLN S 286 -16.06 -15.53 -68.85
CA GLN S 286 -16.79 -15.17 -67.65
C GLN S 286 -15.83 -14.81 -66.52
N MET S 287 -14.77 -15.61 -66.36
CA MET S 287 -13.82 -15.44 -65.26
C MET S 287 -12.86 -14.29 -65.54
N LEU S 288 -12.45 -14.12 -66.80
CA LEU S 288 -11.59 -13.02 -67.22
C LEU S 288 -12.30 -11.68 -66.99
N TYR S 289 -13.62 -11.66 -67.25
CA TYR S 289 -14.45 -10.48 -67.11
C TYR S 289 -14.54 -10.06 -65.64
N ASN S 290 -14.49 -11.04 -64.73
CA ASN S 290 -14.52 -10.80 -63.30
C ASN S 290 -13.20 -10.22 -62.81
N THR S 291 -12.12 -10.48 -63.55
CA THR S 291 -10.77 -10.06 -63.18
C THR S 291 -10.49 -8.66 -63.74
N PHE S 292 -10.97 -8.40 -64.96
CA PHE S 292 -10.86 -7.12 -65.63
C PHE S 292 -11.39 -6.02 -64.71
N TYR S 293 -12.64 -6.21 -64.23
CA TYR S 293 -13.31 -5.21 -63.40
C TYR S 293 -12.92 -5.34 -61.93
N SER S 294 -12.07 -6.32 -61.59
CA SER S 294 -11.46 -6.36 -60.27
C SER S 294 -10.35 -5.30 -60.18
N LYS S 295 -9.60 -5.14 -61.28
CA LYS S 295 -8.47 -4.22 -61.33
C LYS S 295 -8.77 -3.01 -62.23
N GLU S 296 -10.03 -2.85 -62.63
CA GLU S 296 -10.53 -1.58 -63.14
C GLU S 296 -10.94 -0.71 -61.95
N LYS S 297 -11.36 -1.37 -60.86
CA LYS S 297 -11.68 -0.70 -59.61
C LYS S 297 -10.40 -0.29 -58.88
N HIS S 298 -9.29 -0.99 -59.16
CA HIS S 298 -7.98 -0.69 -58.60
C HIS S 298 -7.30 0.44 -59.37
N LEU S 299 -7.66 0.61 -60.64
CA LEU S 299 -7.33 1.80 -61.42
C LEU S 299 -8.04 3.00 -60.80
N ASN S 300 -9.32 2.80 -60.42
CA ASN S 300 -10.16 3.84 -59.85
C ASN S 300 -9.79 4.13 -58.40
N ASN S 301 -9.02 3.22 -57.77
CA ASN S 301 -8.51 3.44 -56.43
C ASN S 301 -7.41 4.49 -56.45
N ILE S 302 -6.67 4.59 -57.57
CA ILE S 302 -5.63 5.59 -57.75
C ILE S 302 -6.28 6.96 -57.98
N PHE S 303 -7.43 6.98 -58.68
CA PHE S 303 -8.22 8.19 -58.83
C PHE S 303 -8.71 8.70 -57.48
N HIS S 304 -8.93 7.78 -56.53
CA HIS S 304 -9.30 8.12 -55.16
C HIS S 304 -8.08 8.60 -54.38
N HIS S 305 -6.89 8.48 -54.99
CA HIS S 305 -5.66 8.99 -54.40
C HIS S 305 -5.15 10.21 -55.16
N LEU S 306 -6.09 11.06 -55.63
CA LEU S 306 -5.73 12.30 -56.30
C LEU S 306 -6.13 13.50 -55.43
N ILE S 307 -5.67 13.48 -54.17
CA ILE S 307 -5.69 14.65 -53.30
C ILE S 307 -4.55 15.58 -53.73
N TYR S 308 -4.86 16.39 -54.75
CA TYR S 308 -3.88 17.14 -55.54
C TYR S 308 -4.48 18.49 -55.95
N GLN T 4 -42.82 -41.26 -36.64
CA GLN T 4 -44.07 -42.02 -36.92
C GLN T 4 -44.81 -41.35 -38.08
N TYR T 5 -44.22 -41.38 -39.28
CA TYR T 5 -44.83 -40.98 -40.53
C TYR T 5 -45.24 -39.50 -40.52
N HIS T 6 -44.53 -38.69 -39.74
CA HIS T 6 -44.84 -37.28 -39.57
C HIS T 6 -44.42 -36.51 -40.83
N PHE T 7 -45.32 -36.44 -41.81
CA PHE T 7 -45.03 -35.79 -43.09
C PHE T 7 -45.35 -34.30 -42.98
N LYS T 8 -45.17 -33.57 -44.09
CA LYS T 8 -45.87 -32.33 -44.39
C LYS T 8 -47.29 -32.65 -44.86
N GLU T 9 -48.28 -32.22 -44.05
CA GLU T 9 -49.65 -32.18 -44.50
C GLU T 9 -49.81 -31.05 -45.53
N LEU T 10 -50.75 -31.23 -46.47
CA LEU T 10 -51.04 -30.20 -47.45
C LEU T 10 -51.96 -29.17 -46.77
N ILE T 15 -46.57 -14.23 -40.20
CA ILE T 15 -46.87 -15.67 -40.49
C ILE T 15 -48.28 -15.78 -41.08
N ALA T 16 -49.18 -14.84 -40.73
CA ALA T 16 -50.38 -14.55 -41.51
C ALA T 16 -50.01 -13.73 -42.74
N ASN T 17 -48.91 -12.99 -42.64
CA ASN T 17 -48.28 -12.24 -43.73
C ASN T 17 -47.47 -13.14 -44.66
N SER T 18 -47.62 -14.47 -44.52
CA SER T 18 -46.80 -15.45 -45.23
C SER T 18 -47.22 -15.69 -46.70
N ILE T 19 -47.56 -14.63 -47.43
CA ILE T 19 -47.43 -14.54 -48.88
C ILE T 19 -46.56 -13.33 -49.22
N ASP T 20 -45.48 -13.57 -49.98
CA ASP T 20 -44.52 -12.52 -50.29
C ASP T 20 -44.46 -12.32 -51.80
N ILE T 21 -44.31 -11.05 -52.21
CA ILE T 21 -44.25 -10.68 -53.62
C ILE T 21 -42.82 -10.20 -53.91
N LEU T 22 -42.41 -10.30 -55.19
CA LEU T 22 -41.11 -9.84 -55.64
C LEU T 22 -41.23 -9.04 -56.94
N GLN T 23 -40.74 -7.79 -56.93
CA GLN T 23 -40.98 -6.85 -58.03
C GLN T 23 -39.74 -5.99 -58.26
N GLU T 24 -39.76 -5.26 -59.40
CA GLU T 24 -38.79 -4.22 -59.70
C GLU T 24 -39.54 -2.90 -59.86
N LYS T 25 -40.05 -2.58 -61.05
CA LYS T 25 -40.74 -1.33 -61.31
C LYS T 25 -41.40 -1.36 -62.69
N GLU T 26 -40.61 -1.76 -63.70
CA GLU T 26 -41.07 -1.78 -65.08
C GLU T 26 -40.42 -2.96 -65.78
N GLY T 27 -40.50 -4.10 -65.09
CA GLY T 27 -39.88 -5.34 -65.55
C GLY T 27 -40.69 -6.60 -65.22
N HIS T 28 -40.42 -7.18 -64.05
CA HIS T 28 -40.87 -8.53 -63.69
C HIS T 28 -41.55 -8.49 -62.33
N LEU T 29 -42.58 -9.33 -62.17
CA LEU T 29 -43.13 -9.70 -60.87
C LEU T 29 -43.31 -11.21 -60.80
N ASP T 30 -43.03 -11.79 -59.63
CA ASP T 30 -43.39 -13.15 -59.25
C ASP T 30 -43.71 -13.18 -57.75
N PHE T 31 -44.51 -14.19 -57.35
CA PHE T 31 -44.92 -14.40 -55.98
C PHE T 31 -44.48 -15.80 -55.55
N VAL T 32 -44.28 -15.97 -54.24
CA VAL T 32 -43.77 -17.22 -53.66
C VAL T 32 -44.70 -17.66 -52.53
N ILE T 33 -45.49 -18.70 -52.80
CA ILE T 33 -46.44 -19.24 -51.84
C ILE T 33 -45.67 -20.19 -50.91
N ILE T 34 -45.51 -19.78 -49.64
CA ILE T 34 -44.52 -20.38 -48.74
C ILE T 34 -44.80 -21.86 -48.51
N PRO T 35 -46.06 -22.29 -48.24
CA PRO T 35 -46.38 -23.72 -48.17
C PRO T 35 -46.13 -24.48 -49.46
N HIS T 36 -46.40 -23.83 -50.61
CA HIS T 36 -46.36 -24.46 -51.92
C HIS T 36 -44.93 -24.56 -52.46
N TYR T 37 -43.94 -24.10 -51.69
CA TYR T 37 -42.54 -24.19 -52.09
C TYR T 37 -41.80 -25.22 -51.23
N THR T 38 -42.10 -25.19 -49.92
CA THR T 38 -41.58 -26.17 -48.98
C THR T 38 -42.06 -27.57 -49.37
N PHE T 39 -43.29 -27.65 -49.92
CA PHE T 39 -43.91 -28.90 -50.31
C PHE T 39 -43.14 -29.51 -51.49
N LEU T 40 -42.94 -28.70 -52.55
CA LEU T 40 -42.29 -29.14 -53.77
C LEU T 40 -40.80 -29.37 -53.54
N ASP T 41 -40.29 -28.83 -52.41
CA ASP T 41 -38.91 -29.04 -51.99
C ASP T 41 -38.79 -30.35 -51.20
N TYR T 42 -39.77 -30.61 -50.32
CA TYR T 42 -39.78 -31.78 -49.47
C TYR T 42 -39.73 -33.07 -50.29
N TYR T 43 -40.53 -33.12 -51.36
CA TYR T 43 -40.76 -34.33 -52.13
C TYR T 43 -39.84 -34.39 -53.36
N LYS T 44 -39.08 -33.30 -53.60
CA LYS T 44 -37.94 -33.38 -54.50
C LYS T 44 -36.71 -33.78 -53.69
N HIS T 45 -36.77 -33.60 -52.36
CA HIS T 45 -35.79 -34.17 -51.44
C HIS T 45 -36.42 -35.35 -50.70
N LEU T 46 -36.94 -36.33 -51.47
CA LEU T 46 -37.41 -37.59 -50.93
C LEU T 46 -37.37 -38.66 -52.03
N SER T 47 -37.98 -38.30 -53.17
CA SER T 47 -37.97 -39.08 -54.40
C SER T 47 -36.54 -39.52 -54.75
N TYR T 48 -35.58 -38.60 -54.54
CA TYR T 48 -34.17 -38.81 -54.85
C TYR T 48 -33.52 -39.74 -53.82
N ASN T 49 -33.85 -39.54 -52.52
CA ASN T 49 -33.23 -40.30 -51.45
C ASN T 49 -33.40 -41.80 -51.67
N SER T 50 -34.63 -42.21 -52.01
CA SER T 50 -35.00 -43.60 -52.23
C SER T 50 -34.13 -44.24 -53.31
N ILE T 51 -34.07 -43.58 -54.48
CA ILE T 51 -33.46 -44.16 -55.67
C ILE T 51 -31.94 -44.21 -55.55
N TYR T 52 -31.37 -43.31 -54.72
CA TYR T 52 -29.93 -43.20 -54.56
C TYR T 52 -29.46 -44.05 -53.39
N HIS T 53 -30.35 -44.88 -52.82
CA HIS T 53 -29.92 -45.94 -51.92
C HIS T 53 -29.61 -47.20 -52.74
N LYS T 54 -30.55 -47.58 -53.62
CA LYS T 54 -30.53 -48.88 -54.28
C LYS T 54 -29.89 -48.76 -55.67
N SER T 55 -29.22 -49.83 -56.10
CA SER T 55 -28.38 -49.85 -57.28
C SER T 55 -29.21 -49.86 -58.57
N SER T 56 -30.30 -50.66 -58.57
CA SER T 56 -31.20 -50.79 -59.70
C SER T 56 -31.92 -49.47 -59.99
N THR T 57 -32.13 -48.66 -58.95
CA THR T 57 -32.93 -47.44 -59.01
C THR T 57 -32.09 -46.23 -59.44
N TYR T 58 -30.78 -46.42 -59.57
CA TYR T 58 -29.90 -45.42 -60.17
C TYR T 58 -30.34 -45.17 -61.62
N GLY T 59 -31.01 -46.16 -62.22
CA GLY T 59 -31.56 -46.04 -63.56
C GLY T 59 -32.70 -45.02 -63.64
N LYS T 60 -33.42 -44.87 -62.53
CA LYS T 60 -34.69 -44.14 -62.50
C LYS T 60 -34.46 -42.63 -62.43
N CYS T 61 -33.26 -42.18 -62.06
CA CYS T 61 -33.02 -40.80 -61.66
C CYS T 61 -33.18 -39.82 -62.83
N ILE T 62 -33.16 -40.34 -64.06
CA ILE T 62 -33.48 -39.54 -65.25
C ILE T 62 -34.98 -39.24 -65.24
N ALA T 63 -35.79 -40.25 -64.90
CA ALA T 63 -37.24 -40.14 -64.89
C ALA T 63 -37.72 -39.32 -63.69
N VAL T 64 -37.05 -39.48 -62.55
CA VAL T 64 -37.42 -38.80 -61.31
C VAL T 64 -37.11 -37.31 -61.45
N ASP T 65 -35.97 -36.99 -62.08
CA ASP T 65 -35.59 -35.63 -62.42
C ASP T 65 -36.65 -35.00 -63.32
N ALA T 66 -36.96 -35.68 -64.43
CA ALA T 66 -37.85 -35.18 -65.47
C ALA T 66 -39.29 -35.06 -64.96
N PHE T 67 -39.64 -35.86 -63.94
CA PHE T 67 -40.93 -35.80 -63.28
C PHE T 67 -41.03 -34.51 -62.48
N ILE T 68 -40.04 -34.27 -61.60
CA ILE T 68 -39.98 -33.09 -60.75
C ILE T 68 -39.94 -31.84 -61.60
N LYS T 69 -39.16 -31.88 -62.69
CA LYS T 69 -39.08 -30.81 -63.67
C LYS T 69 -40.49 -30.45 -64.18
N LYS T 70 -41.25 -31.50 -64.56
CA LYS T 70 -42.53 -31.32 -65.23
C LYS T 70 -43.63 -30.95 -64.24
N ILE T 71 -43.41 -31.21 -62.94
CA ILE T 71 -44.29 -30.70 -61.90
C ILE T 71 -44.03 -29.20 -61.70
N ASN T 72 -42.75 -28.83 -61.58
CA ASN T 72 -42.31 -27.45 -61.45
C ASN T 72 -42.25 -26.82 -62.83
N GLU T 73 -43.43 -26.72 -63.46
CA GLU T 73 -43.61 -26.22 -64.82
C GLU T 73 -45.11 -26.14 -65.10
N ALA T 74 -45.84 -27.19 -64.71
CA ALA T 74 -47.29 -27.17 -64.60
C ALA T 74 -47.69 -26.20 -63.48
N TYR T 75 -46.87 -26.14 -62.42
CA TYR T 75 -46.98 -25.16 -61.35
C TYR T 75 -46.85 -23.75 -61.92
N ASP T 76 -45.88 -23.55 -62.81
CA ASP T 76 -45.60 -22.26 -63.42
C ASP T 76 -46.62 -21.93 -64.52
N LYS T 77 -47.45 -22.92 -64.91
CA LYS T 77 -48.53 -22.70 -65.85
C LYS T 77 -49.79 -22.20 -65.14
N VAL T 78 -49.76 -22.14 -63.80
CA VAL T 78 -50.77 -21.44 -63.03
C VAL T 78 -50.54 -19.93 -63.21
N LYS T 79 -49.26 -19.55 -63.33
CA LYS T 79 -48.85 -18.19 -63.61
C LYS T 79 -48.98 -17.91 -65.12
N SER T 80 -50.07 -18.37 -65.73
CA SER T 80 -50.39 -18.08 -67.11
C SER T 80 -51.53 -17.06 -67.18
N LYS T 81 -52.39 -17.08 -66.14
CA LYS T 81 -53.54 -16.19 -66.03
C LYS T 81 -53.51 -15.40 -64.72
N CYS T 82 -52.50 -15.67 -63.88
CA CYS T 82 -52.15 -14.80 -62.77
C CYS T 82 -50.96 -13.94 -63.21
N ASN T 83 -51.02 -13.51 -64.47
CA ASN T 83 -49.94 -12.92 -65.22
C ASN T 83 -50.40 -11.60 -65.83
N ASP T 84 -51.56 -11.59 -66.50
CA ASP T 84 -52.12 -10.39 -67.09
C ASP T 84 -52.56 -9.40 -66.01
N ILE T 85 -53.02 -9.91 -64.87
CA ILE T 85 -53.40 -9.08 -63.73
C ILE T 85 -52.12 -8.57 -63.05
N LYS T 86 -51.09 -9.43 -63.04
CA LYS T 86 -49.76 -9.11 -62.54
C LYS T 86 -49.16 -7.96 -63.35
N ASN T 87 -49.30 -8.03 -64.68
CA ASN T 87 -48.76 -7.03 -65.59
C ASN T 87 -49.48 -5.70 -65.43
N ASP T 88 -50.77 -5.74 -65.09
CA ASP T 88 -51.55 -4.54 -64.82
C ASP T 88 -51.18 -3.97 -63.46
N LEU T 89 -50.74 -4.83 -62.54
CA LEU T 89 -50.22 -4.40 -61.24
C LEU T 89 -48.88 -3.68 -61.46
N ILE T 90 -48.11 -4.13 -62.46
CA ILE T 90 -46.82 -3.53 -62.79
C ILE T 90 -47.02 -2.13 -63.38
N ALA T 91 -48.16 -1.90 -64.06
CA ALA T 91 -48.45 -0.65 -64.73
C ALA T 91 -48.73 0.42 -63.69
N THR T 92 -49.36 0.01 -62.58
CA THR T 92 -49.64 0.89 -61.45
C THR T 92 -48.32 1.26 -60.77
N ILE T 93 -47.46 0.26 -60.59
CA ILE T 93 -46.16 0.41 -59.96
C ILE T 93 -45.26 1.27 -60.84
N LYS T 94 -45.43 1.19 -62.17
CA LYS T 94 -44.69 2.02 -63.10
C LYS T 94 -44.96 3.50 -62.83
N LYS T 95 -46.24 3.86 -62.64
CA LYS T 95 -46.66 5.24 -62.50
C LYS T 95 -46.46 5.74 -61.06
N LEU T 96 -46.32 4.82 -60.10
CA LEU T 96 -45.97 5.16 -58.73
C LEU T 96 -44.46 5.49 -58.59
N LYS T 111 -53.80 8.87 -55.04
CA LYS T 111 -54.69 8.47 -56.17
C LYS T 111 -54.17 7.17 -56.77
N MET T 112 -52.83 7.03 -56.79
CA MET T 112 -52.17 5.84 -57.33
C MET T 112 -51.80 4.89 -56.20
N MET T 113 -51.65 5.41 -54.97
CA MET T 113 -51.56 4.58 -53.78
C MET T 113 -52.84 3.75 -53.62
N ASP T 114 -53.98 4.31 -54.04
CA ASP T 114 -55.27 3.62 -54.00
C ASP T 114 -55.30 2.48 -55.02
N GLU T 115 -54.83 2.77 -56.24
CA GLU T 115 -54.71 1.80 -57.31
C GLU T 115 -53.87 0.61 -56.86
N TYR T 116 -52.74 0.89 -56.20
CA TYR T 116 -51.88 -0.12 -55.60
C TYR T 116 -52.71 -1.01 -54.67
N ASN T 117 -53.51 -0.40 -53.80
CA ASN T 117 -54.29 -1.13 -52.81
C ASN T 117 -55.36 -1.99 -53.50
N THR T 118 -55.97 -1.46 -54.56
CA THR T 118 -56.96 -2.21 -55.34
C THR T 118 -56.27 -3.38 -56.03
N LYS T 119 -55.20 -3.08 -56.78
CA LYS T 119 -54.59 -4.01 -57.71
C LYS T 119 -53.78 -5.09 -56.99
N LYS T 120 -53.29 -4.78 -55.79
CA LYS T 120 -52.56 -5.75 -54.97
C LYS T 120 -53.51 -6.84 -54.50
N LYS T 121 -54.70 -6.43 -54.05
CA LYS T 121 -55.71 -7.36 -53.55
C LYS T 121 -56.31 -8.18 -54.70
N LYS T 122 -56.30 -7.61 -55.91
CA LYS T 122 -56.79 -8.30 -57.10
C LYS T 122 -55.86 -9.47 -57.44
N LEU T 123 -54.55 -9.31 -57.20
CA LEU T 123 -53.58 -10.38 -57.41
C LEU T 123 -53.77 -11.45 -56.34
N ILE T 124 -53.76 -11.03 -55.07
CA ILE T 124 -53.99 -11.90 -53.92
C ILE T 124 -55.27 -12.72 -54.11
N LYS T 125 -56.28 -12.11 -54.75
CA LYS T 125 -57.52 -12.79 -55.09
C LYS T 125 -57.25 -13.89 -56.12
N CYS T 126 -56.59 -13.52 -57.23
CA CYS T 126 -56.37 -14.42 -58.36
C CYS T 126 -55.47 -15.60 -57.97
N ILE T 127 -54.61 -15.40 -56.97
CA ILE T 127 -53.82 -16.47 -56.38
C ILE T 127 -54.76 -17.46 -55.68
N LYS T 128 -55.61 -16.95 -54.79
CA LYS T 128 -56.53 -17.77 -54.01
C LYS T 128 -57.65 -18.32 -54.90
N ASN T 129 -57.93 -17.64 -56.03
CA ASN T 129 -58.91 -18.09 -57.02
C ASN T 129 -58.43 -19.35 -57.74
N HIS T 130 -57.11 -19.50 -57.92
CA HIS T 130 -56.56 -20.71 -58.49
C HIS T 130 -55.64 -21.40 -57.49
N GLU T 131 -56.09 -21.52 -56.23
CA GLU T 131 -55.36 -22.21 -55.18
C GLU T 131 -55.67 -23.71 -55.26
N ASN T 132 -56.82 -24.04 -55.87
CA ASN T 132 -57.24 -25.41 -56.11
C ASN T 132 -56.25 -26.10 -57.06
N ASP T 133 -55.90 -25.42 -58.16
CA ASP T 133 -55.09 -25.99 -59.23
C ASP T 133 -53.67 -26.21 -58.75
N PHE T 134 -53.21 -25.36 -57.81
CA PHE T 134 -51.94 -25.52 -57.12
C PHE T 134 -51.95 -26.77 -56.26
N ASN T 135 -53.04 -26.96 -55.49
CA ASN T 135 -53.17 -28.05 -54.53
C ASN T 135 -53.26 -29.42 -55.21
N LYS T 136 -53.73 -29.46 -56.47
CA LYS T 136 -53.65 -30.68 -57.28
C LYS T 136 -52.19 -31.00 -57.56
N ILE T 137 -51.47 -30.03 -58.16
CA ILE T 137 -50.08 -30.14 -58.56
C ILE T 137 -49.20 -30.34 -57.33
N CYS T 138 -49.66 -29.80 -56.19
CA CYS T 138 -49.03 -30.00 -54.90
C CYS T 138 -49.03 -31.48 -54.51
N MET T 139 -50.22 -32.10 -54.48
CA MET T 139 -50.40 -33.47 -54.00
C MET T 139 -49.63 -34.47 -54.86
N ASP T 140 -49.45 -34.14 -56.15
CA ASP T 140 -48.72 -34.95 -57.10
C ASP T 140 -47.35 -35.33 -56.56
N MET T 141 -46.63 -34.32 -56.04
CA MET T 141 -45.26 -34.46 -55.58
C MET T 141 -45.23 -35.32 -54.32
N LYS T 142 -46.24 -35.16 -53.46
CA LYS T 142 -46.41 -35.98 -52.27
C LYS T 142 -46.48 -37.46 -52.67
N ASN T 143 -47.37 -37.77 -53.62
CA ASN T 143 -47.72 -39.14 -53.99
C ASN T 143 -46.52 -39.85 -54.59
N TYR T 144 -45.83 -39.18 -55.52
CA TYR T 144 -44.72 -39.76 -56.28
C TYR T 144 -43.54 -40.01 -55.36
N GLY T 145 -43.20 -39.01 -54.52
CA GLY T 145 -42.13 -39.12 -53.56
C GLY T 145 -42.38 -40.24 -52.55
N THR T 146 -43.64 -40.38 -52.12
CA THR T 146 -44.06 -41.41 -51.20
C THR T 146 -44.02 -42.78 -51.88
N ASN T 147 -44.49 -42.82 -53.15
CA ASN T 147 -44.56 -44.04 -53.96
C ASN T 147 -43.17 -44.64 -54.11
N LEU T 148 -42.17 -43.81 -54.44
CA LEU T 148 -40.80 -44.26 -54.62
C LEU T 148 -40.15 -44.58 -53.28
N PHE T 149 -40.66 -43.98 -52.20
CA PHE T 149 -40.22 -44.28 -50.84
C PHE T 149 -40.76 -45.64 -50.39
N GLU T 150 -41.87 -46.08 -50.98
CA GLU T 150 -42.43 -47.40 -50.74
C GLU T 150 -41.57 -48.46 -51.46
N GLN T 151 -41.12 -48.14 -52.69
CA GLN T 151 -40.33 -49.08 -53.48
C GLN T 151 -38.88 -49.08 -52.99
N LEU T 152 -38.67 -49.53 -51.76
CA LEU T 152 -37.40 -49.90 -51.17
C LEU T 152 -37.55 -51.39 -50.81
N SER T 153 -36.61 -52.24 -51.25
CA SER T 153 -36.91 -53.62 -51.61
C SER T 153 -35.80 -54.53 -51.14
N CYS T 154 -35.84 -54.85 -49.84
CA CYS T 154 -34.84 -55.70 -49.21
C CYS T 154 -35.49 -56.52 -48.09
N TYR T 155 -34.68 -57.37 -47.45
CA TYR T 155 -35.08 -58.04 -46.22
C TYR T 155 -34.52 -57.13 -45.13
N ASN T 156 -35.38 -56.26 -44.58
CA ASN T 156 -34.98 -55.19 -43.69
C ASN T 156 -34.89 -55.78 -42.28
N ASN T 157 -33.95 -56.71 -42.12
CA ASN T 157 -33.67 -57.32 -40.83
C ASN T 157 -33.05 -56.22 -39.97
N ASN T 158 -32.02 -55.50 -40.46
CA ASN T 158 -31.02 -55.03 -39.50
C ASN T 158 -30.13 -53.88 -40.00
N PHE T 159 -29.72 -53.91 -41.26
CA PHE T 159 -28.79 -52.91 -41.75
C PHE T 159 -28.97 -52.82 -43.25
N CYS T 160 -28.44 -51.80 -43.92
CA CYS T 160 -27.72 -52.01 -45.18
C CYS T 160 -26.41 -51.22 -45.09
N ASN T 161 -25.94 -50.74 -46.24
CA ASN T 161 -25.10 -49.56 -46.39
C ASN T 161 -25.94 -48.30 -46.10
N THR T 162 -25.30 -47.32 -45.45
CA THR T 162 -25.89 -46.03 -45.13
C THR T 162 -25.40 -44.96 -46.11
N ASN T 163 -25.70 -45.17 -47.39
CA ASN T 163 -25.67 -44.17 -48.43
C ASN T 163 -27.08 -43.63 -48.46
N GLY T 164 -27.71 -43.53 -49.65
CA GLY T 164 -28.97 -42.85 -49.87
C GLY T 164 -28.90 -41.37 -49.45
N ILE T 165 -28.82 -41.18 -48.12
CA ILE T 165 -28.80 -39.87 -47.47
C ILE T 165 -27.47 -39.18 -47.78
N ARG T 166 -26.39 -39.93 -47.69
CA ARG T 166 -25.02 -39.49 -47.90
C ARG T 166 -24.81 -39.03 -49.34
N TYR T 167 -25.46 -39.72 -50.29
CA TYR T 167 -25.44 -39.33 -51.68
C TYR T 167 -25.96 -37.90 -51.83
N HIS T 168 -27.18 -37.68 -51.33
CA HIS T 168 -27.93 -36.46 -51.56
C HIS T 168 -27.24 -35.29 -50.84
N TYR T 169 -26.76 -35.54 -49.61
CA TYR T 169 -26.04 -34.57 -48.80
C TYR T 169 -24.87 -33.98 -49.57
N ASP T 170 -23.92 -34.83 -49.99
CA ASP T 170 -22.64 -34.40 -50.51
C ASP T 170 -22.74 -33.99 -51.99
N GLU T 171 -23.88 -34.27 -52.63
CA GLU T 171 -24.07 -33.92 -54.04
C GLU T 171 -25.04 -32.75 -54.17
N TYR T 172 -25.84 -32.47 -53.13
CA TYR T 172 -26.81 -31.39 -53.19
C TYR T 172 -26.65 -30.40 -52.04
N ILE T 173 -26.50 -30.91 -50.81
CA ILE T 173 -26.61 -30.08 -49.62
C ILE T 173 -25.28 -29.42 -49.28
N HIS T 174 -24.23 -30.24 -49.07
CA HIS T 174 -22.95 -29.80 -48.56
C HIS T 174 -22.28 -28.77 -49.46
N LYS T 175 -22.62 -28.78 -50.75
CA LYS T 175 -22.10 -27.77 -51.67
C LYS T 175 -22.71 -26.40 -51.35
N LEU T 176 -24.01 -26.39 -50.99
CA LEU T 176 -24.75 -25.15 -50.78
C LEU T 176 -24.53 -24.56 -49.38
N ILE T 177 -24.15 -25.39 -48.40
CA ILE T 177 -23.94 -24.88 -47.05
C ILE T 177 -22.68 -24.00 -47.00
N LEU T 178 -21.66 -24.37 -47.81
CA LEU T 178 -20.43 -23.61 -47.94
C LEU T 178 -20.73 -22.27 -48.61
N SER T 179 -21.61 -22.30 -49.62
CA SER T 179 -22.02 -21.11 -50.36
C SER T 179 -22.63 -20.07 -49.42
N VAL T 180 -23.35 -20.53 -48.39
CA VAL T 180 -24.07 -19.67 -47.47
C VAL T 180 -23.14 -19.15 -46.37
N LYS T 181 -22.21 -20.00 -45.90
CA LYS T 181 -21.29 -19.60 -44.85
C LYS T 181 -20.28 -18.57 -45.37
N SER T 182 -20.01 -18.61 -46.69
CA SER T 182 -19.11 -17.70 -47.37
C SER T 182 -19.69 -16.29 -47.44
N LYS T 183 -21.03 -16.20 -47.45
CA LYS T 183 -21.74 -14.93 -47.46
C LYS T 183 -22.32 -14.68 -46.07
N ASN T 184 -21.41 -14.36 -45.13
CA ASN T 184 -21.75 -14.10 -43.73
C ASN T 184 -22.94 -13.16 -43.60
N LEU T 185 -24.11 -13.73 -43.33
CA LEU T 185 -25.38 -13.02 -43.29
C LEU T 185 -25.49 -12.08 -42.09
N ASN T 186 -24.70 -12.34 -41.02
CA ASN T 186 -24.70 -11.51 -39.83
C ASN T 186 -24.25 -10.09 -40.17
N LYS T 187 -23.23 -9.98 -41.03
CA LYS T 187 -22.73 -8.72 -41.55
C LYS T 187 -23.81 -8.07 -42.42
N ASP T 188 -24.45 -8.89 -43.27
CA ASP T 188 -25.45 -8.42 -44.23
C ASP T 188 -26.59 -7.69 -43.53
N LEU T 189 -27.08 -8.27 -42.43
CA LEU T 189 -28.17 -7.69 -41.65
C LEU T 189 -27.75 -6.35 -41.07
N SER T 190 -26.58 -6.32 -40.41
CA SER T 190 -26.09 -5.14 -39.70
C SER T 190 -25.83 -3.98 -40.67
N ASP T 191 -25.46 -4.31 -41.91
CA ASP T 191 -25.32 -3.34 -42.98
C ASP T 191 -26.67 -2.74 -43.34
N MET T 192 -27.68 -3.61 -43.50
CA MET T 192 -29.03 -3.21 -43.85
C MET T 192 -29.68 -2.38 -42.72
N THR T 193 -29.35 -2.73 -41.46
CA THR T 193 -29.88 -2.04 -40.29
C THR T 193 -29.41 -0.59 -40.32
N ASN T 194 -28.11 -0.38 -40.60
CA ASN T 194 -27.50 0.94 -40.51
C ASN T 194 -28.05 1.86 -41.60
N ILE T 195 -28.27 1.30 -42.81
CA ILE T 195 -28.85 2.05 -43.91
C ILE T 195 -30.28 2.50 -43.56
N LEU T 196 -31.01 1.64 -42.85
CA LEU T 196 -32.37 1.94 -42.41
C LEU T 196 -32.34 2.97 -41.27
N GLN T 197 -31.37 2.84 -40.36
CA GLN T 197 -31.20 3.75 -39.23
C GLN T 197 -30.96 5.17 -39.72
N GLN T 198 -30.08 5.32 -40.71
CA GLN T 198 -29.65 6.62 -41.21
C GLN T 198 -30.79 7.32 -41.98
N SER T 199 -31.64 6.52 -42.63
CA SER T 199 -32.81 7.05 -43.33
C SER T 199 -33.91 7.45 -42.33
N GLU T 200 -33.53 7.74 -41.06
CA GLU T 200 -34.48 8.19 -40.03
C GLU T 200 -34.19 9.59 -39.46
N LEU T 201 -35.25 10.22 -38.92
CA LEU T 201 -35.20 11.40 -38.04
C LEU T 201 -34.99 12.69 -38.84
N LEU T 202 -35.76 12.82 -39.93
CA LEU T 202 -35.90 14.07 -40.69
C LEU T 202 -36.69 15.10 -39.88
N LEU T 203 -36.15 15.49 -38.72
CA LEU T 203 -36.86 16.25 -37.71
C LEU T 203 -36.35 17.71 -37.70
N TYR T 215 -43.63 14.47 -51.82
CA TYR T 215 -42.38 13.83 -52.35
C TYR T 215 -41.53 13.31 -51.20
N ILE T 216 -41.68 13.88 -49.98
CA ILE T 216 -41.15 13.25 -48.78
C ILE T 216 -42.07 12.08 -48.40
N ASP T 217 -43.35 12.14 -48.77
CA ASP T 217 -44.31 11.07 -48.53
C ASP T 217 -43.88 9.80 -49.27
N THR T 218 -43.31 9.98 -50.47
CA THR T 218 -42.74 8.89 -51.25
C THR T 218 -41.57 8.27 -50.48
N ILE T 219 -40.72 9.10 -49.87
CA ILE T 219 -39.58 8.63 -49.09
C ILE T 219 -40.07 7.88 -47.85
N LYS T 220 -41.11 8.40 -47.19
CA LYS T 220 -41.73 7.76 -46.05
C LYS T 220 -42.26 6.38 -46.46
N PHE T 221 -42.87 6.30 -47.65
CA PHE T 221 -43.50 5.10 -48.18
C PHE T 221 -42.44 4.05 -48.52
N ILE T 222 -41.36 4.48 -49.19
CA ILE T 222 -40.27 3.61 -49.59
C ILE T 222 -39.49 3.17 -48.35
N HIS T 223 -39.36 4.07 -47.36
CA HIS T 223 -38.76 3.73 -46.07
C HIS T 223 -39.54 2.60 -45.41
N LYS T 224 -40.88 2.74 -45.39
CA LYS T 224 -41.78 1.77 -44.79
C LYS T 224 -41.64 0.42 -45.50
N GLU T 225 -41.63 0.46 -46.83
CA GLU T 225 -41.58 -0.72 -47.68
C GLU T 225 -40.28 -1.49 -47.41
N MET T 226 -39.16 -0.75 -47.35
CA MET T 226 -37.84 -1.32 -47.12
C MET T 226 -37.67 -1.81 -45.68
N LYS T 227 -38.49 -1.29 -44.75
CA LYS T 227 -38.38 -1.68 -43.36
C LYS T 227 -38.97 -3.07 -43.14
N HIS T 228 -40.14 -3.34 -43.76
CA HIS T 228 -40.80 -4.63 -43.64
C HIS T 228 -40.00 -5.70 -44.41
N ILE T 229 -39.53 -5.33 -45.60
CA ILE T 229 -38.68 -6.19 -46.43
C ILE T 229 -37.44 -6.61 -45.63
N PHE T 230 -36.90 -5.69 -44.82
CA PHE T 230 -35.78 -5.99 -43.94
C PHE T 230 -36.20 -7.05 -42.91
N ASN T 231 -37.37 -6.85 -42.31
CA ASN T 231 -37.89 -7.72 -41.26
C ASN T 231 -38.08 -9.14 -41.79
N ARG T 232 -38.42 -9.29 -43.08
CA ARG T 232 -38.58 -10.57 -43.74
C ARG T 232 -37.21 -11.25 -43.90
N ILE T 233 -36.25 -10.50 -44.45
CA ILE T 233 -34.89 -10.98 -44.66
C ILE T 233 -34.26 -11.31 -43.31
N GLU T 234 -34.54 -10.49 -42.29
CA GLU T 234 -34.12 -10.70 -40.91
C GLU T 234 -34.73 -11.99 -40.36
N TYR T 235 -36.01 -12.22 -40.67
CA TYR T 235 -36.76 -13.40 -40.24
C TYR T 235 -36.17 -14.67 -40.88
N HIS T 236 -35.97 -14.62 -42.20
CA HIS T 236 -35.45 -15.75 -42.96
C HIS T 236 -34.02 -16.09 -42.56
N THR T 237 -33.22 -15.07 -42.27
CA THR T 237 -31.81 -15.22 -41.91
C THR T 237 -31.68 -15.93 -40.57
N LYS T 238 -32.59 -15.64 -39.64
CA LYS T 238 -32.64 -16.28 -38.33
C LYS T 238 -32.96 -17.76 -38.46
N ILE T 239 -33.83 -18.12 -39.41
CA ILE T 239 -34.15 -19.51 -39.71
C ILE T 239 -32.89 -20.19 -40.25
N ILE T 240 -32.28 -19.59 -41.26
CA ILE T 240 -31.15 -20.13 -41.99
C ILE T 240 -29.97 -20.37 -41.05
N ASN T 241 -29.66 -19.40 -40.18
CA ASN T 241 -28.51 -19.49 -39.29
C ASN T 241 -28.76 -20.50 -38.17
N ASP T 242 -30.02 -20.64 -37.74
CA ASP T 242 -30.38 -21.66 -36.76
C ASP T 242 -30.31 -23.04 -37.40
N LYS T 243 -30.86 -23.18 -38.60
CA LYS T 243 -31.17 -24.46 -39.23
C LYS T 243 -29.92 -25.13 -39.75
N THR T 244 -29.06 -24.35 -40.43
CA THR T 244 -27.86 -24.85 -41.10
C THR T 244 -26.82 -25.29 -40.06
N LYS T 245 -26.98 -24.80 -38.83
CA LYS T 245 -26.22 -25.29 -37.69
C LYS T 245 -26.79 -26.66 -37.28
N ILE T 246 -28.11 -26.80 -37.30
CA ILE T 246 -28.77 -28.06 -37.00
C ILE T 246 -28.46 -29.10 -38.07
N ILE T 247 -28.57 -28.75 -39.35
CA ILE T 247 -28.25 -29.62 -40.47
C ILE T 247 -26.87 -30.23 -40.28
N GLN T 248 -25.86 -29.38 -40.19
CA GLN T 248 -24.46 -29.78 -40.01
C GLN T 248 -24.24 -30.55 -38.71
N ASP T 249 -25.15 -30.45 -37.74
CA ASP T 249 -25.17 -31.39 -36.62
C ASP T 249 -25.75 -32.73 -37.10
N LYS T 250 -26.92 -32.65 -37.75
CA LYS T 250 -27.83 -33.75 -37.96
C LYS T 250 -27.24 -34.89 -38.76
N ILE T 251 -26.51 -34.61 -39.86
CA ILE T 251 -26.08 -35.68 -40.77
C ILE T 251 -25.19 -36.69 -40.01
N LYS T 252 -24.33 -36.18 -39.14
CA LYS T 252 -23.39 -36.99 -38.37
C LYS T 252 -24.15 -37.90 -37.38
N LEU T 253 -25.22 -37.36 -36.81
CA LEU T 253 -25.87 -37.62 -35.51
C LEU T 253 -25.15 -38.58 -34.56
N ASN T 254 -23.91 -38.25 -34.18
CA ASN T 254 -23.08 -39.03 -33.28
C ASN T 254 -22.66 -40.37 -33.89
N ILE T 255 -23.60 -41.07 -34.53
CA ILE T 255 -23.29 -41.94 -35.66
C ILE T 255 -24.45 -41.92 -36.68
N TRP T 256 -24.18 -42.10 -37.99
CA TRP T 256 -25.28 -42.02 -38.96
C TRP T 256 -26.09 -43.32 -38.87
N ARG T 257 -25.51 -44.50 -39.27
CA ARG T 257 -25.67 -45.77 -38.53
C ARG T 257 -26.40 -46.87 -39.29
N THR T 258 -26.96 -47.83 -38.54
CA THR T 258 -27.94 -48.81 -38.99
C THR T 258 -29.01 -49.00 -37.91
N PHE T 259 -30.26 -49.24 -38.35
CA PHE T 259 -31.38 -49.64 -37.50
C PHE T 259 -32.31 -50.60 -38.27
N GLN T 260 -33.52 -50.79 -37.74
CA GLN T 260 -34.65 -51.44 -38.36
C GLN T 260 -35.22 -50.51 -39.44
N LYS T 261 -36.05 -51.09 -40.30
CA LYS T 261 -36.77 -50.43 -41.38
C LYS T 261 -37.49 -49.18 -40.89
N ASP T 262 -38.24 -49.30 -39.81
CA ASP T 262 -39.05 -48.23 -39.24
C ASP T 262 -38.21 -46.97 -38.98
N GLU T 263 -37.08 -47.13 -38.27
CA GLU T 263 -36.24 -46.02 -37.85
C GLU T 263 -35.73 -45.22 -39.06
N LEU T 264 -35.14 -45.95 -40.03
CA LEU T 264 -34.50 -45.34 -41.18
C LEU T 264 -35.51 -44.54 -41.99
N LEU T 265 -36.74 -45.07 -42.08
CA LEU T 265 -37.81 -44.46 -42.88
C LEU T 265 -38.23 -43.14 -42.25
N LYS T 266 -38.29 -43.08 -40.91
CA LYS T 266 -38.60 -41.84 -40.21
C LYS T 266 -37.48 -40.83 -40.43
N ARG T 267 -36.22 -41.31 -40.41
CA ARG T 267 -35.05 -40.45 -40.36
C ARG T 267 -34.62 -40.00 -41.75
N ILE T 268 -35.12 -40.71 -42.79
CA ILE T 268 -35.06 -40.19 -44.16
C ILE T 268 -36.01 -39.00 -44.26
N LEU T 269 -37.22 -39.19 -43.75
CA LEU T 269 -38.28 -38.17 -43.77
C LEU T 269 -37.89 -36.99 -42.89
N ASP T 270 -37.09 -37.24 -41.84
CA ASP T 270 -36.54 -36.20 -40.97
C ASP T 270 -35.65 -35.27 -41.78
N MET T 271 -34.63 -35.84 -42.43
CA MET T 271 -33.68 -35.07 -43.21
C MET T 271 -34.36 -34.46 -44.43
N SER T 272 -35.42 -35.14 -44.91
CA SER T 272 -36.22 -34.66 -46.03
C SER T 272 -36.98 -33.38 -45.66
N ASN T 273 -37.32 -33.23 -44.37
CA ASN T 273 -38.04 -32.06 -43.87
C ASN T 273 -37.12 -30.85 -43.78
N GLU T 274 -35.91 -31.05 -43.25
CA GLU T 274 -34.96 -29.98 -42.98
C GLU T 274 -34.65 -29.21 -44.26
N TYR T 275 -34.37 -29.95 -45.34
CA TYR T 275 -33.94 -29.41 -46.62
C TYR T 275 -35.10 -28.64 -47.28
N SER T 276 -36.33 -29.02 -46.93
CA SER T 276 -37.54 -28.40 -47.43
C SER T 276 -37.59 -26.92 -46.99
N LEU T 277 -37.52 -26.71 -45.66
CA LEU T 277 -37.68 -25.40 -45.05
C LEU T 277 -36.42 -24.56 -45.23
N PHE T 278 -35.25 -25.22 -45.27
CA PHE T 278 -33.96 -24.55 -45.40
C PHE T 278 -33.87 -23.83 -46.74
N ILE T 279 -34.02 -24.60 -47.83
CA ILE T 279 -33.88 -24.10 -49.18
C ILE T 279 -35.05 -23.19 -49.55
N THR T 280 -36.17 -23.33 -48.83
CA THR T 280 -37.30 -22.42 -48.96
C THR T 280 -36.89 -21.01 -48.52
N SER T 281 -36.44 -20.89 -47.26
CA SER T 281 -36.07 -19.62 -46.66
C SER T 281 -34.88 -18.99 -47.41
N ASP T 282 -33.94 -19.84 -47.83
CA ASP T 282 -32.68 -19.40 -48.41
C ASP T 282 -32.86 -18.92 -49.85
N HIS T 283 -33.83 -19.51 -50.58
CA HIS T 283 -34.18 -19.04 -51.90
C HIS T 283 -34.88 -17.68 -51.80
N LEU T 284 -35.74 -17.53 -50.79
CA LEU T 284 -36.46 -16.29 -50.53
C LEU T 284 -35.48 -15.18 -50.14
N ARG T 285 -34.65 -15.46 -49.12
CA ARG T 285 -33.70 -14.51 -48.57
C ARG T 285 -32.86 -13.88 -49.68
N GLN T 286 -32.34 -14.72 -50.58
CA GLN T 286 -31.48 -14.32 -51.68
C GLN T 286 -32.21 -13.38 -52.63
N MET T 287 -33.49 -13.67 -52.93
CA MET T 287 -34.28 -12.90 -53.88
C MET T 287 -34.76 -11.58 -53.25
N LEU T 288 -35.13 -11.64 -51.96
CA LEU T 288 -35.55 -10.45 -51.23
C LEU T 288 -34.39 -9.45 -51.14
N TYR T 289 -33.17 -9.96 -50.95
CA TYR T 289 -31.94 -9.18 -50.84
C TYR T 289 -31.66 -8.44 -52.14
N ASN T 290 -32.02 -9.06 -53.27
CA ASN T 290 -31.83 -8.47 -54.59
C ASN T 290 -32.83 -7.33 -54.82
N THR T 291 -33.97 -7.38 -54.12
CA THR T 291 -35.05 -6.41 -54.28
C THR T 291 -34.82 -5.22 -53.34
N PHE T 292 -34.35 -5.50 -52.12
CA PHE T 292 -33.99 -4.51 -51.13
C PHE T 292 -33.06 -3.47 -51.76
N TYR T 293 -31.96 -3.95 -52.34
CA TYR T 293 -30.92 -3.10 -52.90
C TYR T 293 -31.26 -2.66 -54.33
N SER T 294 -32.40 -3.12 -54.87
CA SER T 294 -32.92 -2.55 -56.11
C SER T 294 -33.53 -1.18 -55.82
N LYS T 295 -34.23 -1.06 -54.68
CA LYS T 295 -34.94 0.16 -54.33
C LYS T 295 -34.27 0.86 -53.13
N GLU T 296 -33.06 0.41 -52.77
CA GLU T 296 -32.18 1.19 -51.93
C GLU T 296 -31.38 2.14 -52.83
N LYS T 297 -31.15 1.71 -54.07
CA LYS T 297 -30.51 2.54 -55.09
C LYS T 297 -31.48 3.59 -55.61
N HIS T 298 -32.79 3.31 -55.49
CA HIS T 298 -33.83 4.25 -55.90
C HIS T 298 -34.09 5.30 -54.81
N LEU T 299 -33.80 4.92 -53.55
CA LEU T 299 -33.72 5.88 -52.46
C LEU T 299 -32.56 6.84 -52.73
N ASN T 300 -31.44 6.29 -53.18
CA ASN T 300 -30.21 7.03 -53.43
C ASN T 300 -30.32 7.85 -54.71
N ASN T 301 -31.31 7.51 -55.57
CA ASN T 301 -31.55 8.32 -56.77
C ASN T 301 -32.19 9.65 -56.41
N ILE T 302 -32.94 9.69 -55.30
CA ILE T 302 -33.54 10.92 -54.81
C ILE T 302 -32.45 11.79 -54.16
N ALA U 7 -60.64 -33.69 -80.71
CA ALA U 7 -59.75 -32.52 -80.60
C ALA U 7 -58.55 -32.66 -81.55
N LEU U 8 -57.85 -33.80 -81.47
CA LEU U 8 -56.52 -33.95 -82.04
C LEU U 8 -56.57 -34.20 -83.55
N THR U 9 -57.05 -35.39 -83.96
CA THR U 9 -56.81 -36.02 -85.25
C THR U 9 -55.90 -37.24 -85.09
N GLN U 10 -56.12 -38.27 -85.92
CA GLN U 10 -55.31 -39.48 -85.93
C GLN U 10 -55.77 -40.37 -87.08
N PRO U 11 -54.96 -40.56 -88.15
CA PRO U 11 -55.27 -41.56 -89.19
C PRO U 11 -55.05 -43.03 -88.79
N PRO U 12 -55.87 -43.97 -89.29
CA PRO U 12 -55.85 -45.36 -88.81
C PRO U 12 -54.77 -46.18 -89.51
N SER U 13 -53.70 -46.46 -88.75
CA SER U 13 -52.56 -47.25 -89.22
C SER U 13 -51.74 -47.76 -88.03
N VAL U 14 -51.93 -49.05 -87.71
CA VAL U 14 -51.19 -49.71 -86.64
C VAL U 14 -50.77 -51.10 -87.12
N SER U 15 -50.22 -51.14 -88.35
CA SER U 15 -49.99 -52.34 -89.11
C SER U 15 -48.82 -52.13 -90.07
N GLU U 16 -47.63 -52.66 -89.71
CA GLU U 16 -46.42 -52.44 -90.48
C GLU U 16 -45.36 -53.50 -90.17
N ALA U 17 -44.45 -53.73 -91.12
CA ALA U 17 -43.46 -54.81 -91.09
C ALA U 17 -42.47 -54.69 -89.93
N PRO U 18 -41.85 -55.81 -89.46
CA PRO U 18 -41.24 -55.85 -88.13
C PRO U 18 -39.84 -55.27 -87.92
N ARG U 19 -39.63 -54.70 -86.72
CA ARG U 19 -38.40 -54.03 -86.32
C ARG U 19 -38.15 -52.77 -87.16
N ARG U 20 -39.16 -51.89 -87.19
CA ARG U 20 -39.15 -50.64 -87.93
C ARG U 20 -39.72 -49.53 -87.06
N ARG U 21 -39.29 -48.29 -87.32
CA ARG U 21 -39.82 -47.13 -86.64
C ARG U 21 -41.07 -46.66 -87.39
N VAL U 22 -42.02 -46.07 -86.66
CA VAL U 22 -43.32 -45.68 -87.20
C VAL U 22 -43.77 -44.40 -86.52
N THR U 23 -44.45 -43.53 -87.28
CA THR U 23 -44.89 -42.23 -86.78
C THR U 23 -46.41 -42.18 -86.76
N ILE U 24 -46.93 -41.75 -85.59
CA ILE U 24 -48.29 -41.29 -85.41
C ILE U 24 -48.24 -39.78 -85.19
N TYR U 25 -48.63 -39.03 -86.23
CA TYR U 25 -48.67 -37.58 -86.14
C TYR U 25 -49.94 -37.16 -85.40
N CYS U 26 -49.94 -35.90 -84.95
CA CYS U 26 -51.05 -35.33 -84.20
C CYS U 26 -51.10 -33.81 -84.41
N SER U 27 -52.13 -33.36 -85.14
CA SER U 27 -52.37 -31.95 -85.40
C SER U 27 -53.14 -31.33 -84.23
N GLY U 28 -53.16 -29.99 -84.20
CA GLY U 28 -53.90 -29.25 -83.19
C GLY U 28 -53.98 -27.75 -83.52
N SER U 29 -54.28 -26.95 -82.49
CA SER U 29 -54.48 -25.52 -82.64
C SER U 29 -53.87 -24.77 -81.47
N SER U 30 -53.89 -23.42 -81.52
CA SER U 30 -53.52 -22.56 -80.39
C SER U 30 -54.66 -21.57 -80.13
N SER U 31 -54.36 -20.33 -79.75
CA SER U 31 -55.24 -19.17 -79.80
C SER U 31 -56.40 -19.19 -78.79
N ASN U 32 -57.10 -20.30 -78.76
CA ASN U 32 -58.33 -20.46 -77.99
C ASN U 32 -58.25 -21.72 -77.13
N ILE U 33 -58.53 -22.90 -77.72
CA ILE U 33 -58.34 -24.17 -77.03
C ILE U 33 -56.91 -24.30 -76.50
N GLY U 34 -55.92 -23.86 -77.30
CA GLY U 34 -54.53 -23.85 -76.87
C GLY U 34 -53.96 -25.26 -76.63
N ASN U 35 -52.85 -25.35 -75.89
CA ASN U 35 -52.03 -26.56 -75.84
C ASN U 35 -51.75 -26.93 -74.38
N ASN U 36 -52.11 -28.17 -73.99
CA ASN U 36 -51.82 -28.75 -72.68
C ASN U 36 -50.72 -29.81 -72.82
N ALA U 37 -50.47 -30.58 -71.74
CA ALA U 37 -49.52 -31.67 -71.73
C ALA U 37 -50.16 -32.96 -72.21
N VAL U 38 -49.49 -33.65 -73.15
CA VAL U 38 -50.08 -34.74 -73.90
C VAL U 38 -49.75 -36.07 -73.22
N SER U 39 -50.69 -37.02 -73.29
CA SER U 39 -50.49 -38.40 -72.88
C SER U 39 -50.90 -39.34 -74.02
N TRP U 40 -50.40 -40.57 -73.98
CA TRP U 40 -50.61 -41.56 -75.03
C TRP U 40 -50.99 -42.92 -74.45
N TYR U 41 -51.86 -43.64 -75.20
CA TYR U 41 -52.47 -44.87 -74.74
C TYR U 41 -52.50 -45.90 -75.88
N GLN U 42 -52.37 -47.18 -75.50
CA GLN U 42 -52.52 -48.29 -76.43
C GLN U 42 -53.79 -49.07 -76.06
N GLN U 43 -54.50 -49.53 -77.10
CA GLN U 43 -55.72 -50.33 -76.96
C GLN U 43 -55.52 -51.63 -77.75
N LEU U 44 -55.34 -52.74 -77.02
CA LEU U 44 -55.33 -54.06 -77.63
C LEU U 44 -56.78 -54.55 -77.67
N PRO U 45 -57.38 -54.83 -78.85
CA PRO U 45 -58.81 -55.14 -78.94
C PRO U 45 -59.30 -56.23 -77.98
N GLY U 46 -60.34 -55.91 -77.21
CA GLY U 46 -60.92 -56.82 -76.25
C GLY U 46 -60.08 -56.97 -74.99
N LYS U 47 -59.34 -55.90 -74.64
CA LYS U 47 -58.52 -55.85 -73.45
C LYS U 47 -58.32 -54.39 -73.02
N SER U 48 -58.18 -54.19 -71.70
CA SER U 48 -58.03 -52.89 -71.07
C SER U 48 -56.97 -52.05 -71.78
N PRO U 49 -57.21 -50.73 -72.01
CA PRO U 49 -56.16 -49.83 -72.50
C PRO U 49 -55.05 -49.58 -71.48
N LYS U 50 -53.88 -49.14 -71.96
CA LYS U 50 -52.71 -48.96 -71.14
C LYS U 50 -51.97 -47.68 -71.51
N LEU U 51 -51.47 -47.00 -70.48
CA LEU U 51 -50.69 -45.78 -70.63
C LEU U 51 -49.26 -46.15 -71.00
N LEU U 52 -48.67 -45.39 -71.93
CA LEU U 52 -47.25 -45.50 -72.23
C LEU U 52 -46.55 -44.20 -71.86
N ILE U 53 -47.06 -43.09 -72.41
CA ILE U 53 -46.42 -41.79 -72.32
C ILE U 53 -47.35 -40.82 -71.59
N TYR U 54 -46.77 -40.06 -70.66
CA TYR U 54 -47.40 -38.93 -70.02
C TYR U 54 -46.34 -37.85 -69.80
N PHE U 55 -46.80 -36.62 -69.51
CA PHE U 55 -45.96 -35.43 -69.47
C PHE U 55 -45.24 -35.23 -70.81
N ASP U 56 -45.95 -35.58 -71.90
CA ASP U 56 -45.48 -35.39 -73.27
C ASP U 56 -44.45 -36.46 -73.65
N ASP U 57 -43.48 -36.73 -72.75
CA ASP U 57 -42.59 -37.87 -72.87
C ASP U 57 -42.07 -38.29 -71.50
N LEU U 58 -42.69 -39.32 -70.91
CA LEU U 58 -42.17 -40.00 -69.74
C LEU U 58 -42.72 -41.43 -69.71
N VAL U 59 -41.86 -42.37 -69.29
CA VAL U 59 -42.16 -43.80 -69.35
C VAL U 59 -42.88 -44.23 -68.08
N THR U 60 -43.95 -45.01 -68.25
CA THR U 60 -44.63 -45.68 -67.14
C THR U 60 -43.76 -46.86 -66.68
N SER U 61 -43.83 -47.16 -65.37
CA SER U 61 -42.95 -48.14 -64.74
C SER U 61 -43.26 -49.54 -65.25
N GLY U 62 -42.46 -50.00 -66.21
CA GLY U 62 -42.65 -51.31 -66.84
C GLY U 62 -42.66 -51.21 -68.37
N VAL U 63 -43.21 -50.11 -68.89
CA VAL U 63 -43.40 -49.91 -70.33
C VAL U 63 -42.05 -49.66 -70.99
N SER U 64 -41.92 -50.11 -72.24
CA SER U 64 -40.67 -50.08 -72.99
C SER U 64 -40.39 -48.67 -73.53
N ASP U 65 -39.09 -48.37 -73.73
CA ASP U 65 -38.64 -47.08 -74.22
C ASP U 65 -38.79 -46.98 -75.73
N ARG U 66 -39.19 -48.08 -76.37
CA ARG U 66 -39.40 -48.13 -77.82
C ARG U 66 -40.45 -47.10 -78.23
N PHE U 67 -41.48 -46.93 -77.38
CA PHE U 67 -42.49 -45.89 -77.55
C PHE U 67 -41.91 -44.57 -77.04
N SER U 68 -42.27 -43.45 -77.71
CA SER U 68 -41.79 -42.14 -77.34
C SER U 68 -42.70 -41.05 -77.88
N GLY U 69 -43.14 -40.14 -77.00
CA GLY U 69 -43.96 -39.00 -77.37
C GLY U 69 -43.12 -37.77 -77.68
N SER U 70 -43.75 -36.73 -78.26
CA SER U 70 -43.06 -35.53 -78.70
C SER U 70 -44.06 -34.39 -78.97
N LYS U 71 -43.53 -33.17 -79.11
CA LYS U 71 -44.34 -31.97 -79.32
C LYS U 71 -43.50 -30.83 -79.86
N SER U 72 -44.07 -30.09 -80.83
CA SER U 72 -43.44 -28.91 -81.43
C SER U 72 -44.51 -27.94 -81.88
N GLY U 73 -44.79 -26.94 -81.02
CA GLY U 73 -45.76 -25.90 -81.31
C GLY U 73 -47.20 -26.43 -81.26
N THR U 74 -47.77 -26.69 -82.44
CA THR U 74 -49.14 -27.17 -82.57
C THR U 74 -49.14 -28.57 -83.19
N SER U 75 -48.02 -29.28 -83.04
CA SER U 75 -47.82 -30.61 -83.60
C SER U 75 -47.22 -31.53 -82.54
N ALA U 76 -47.86 -32.67 -82.30
CA ALA U 76 -47.32 -33.71 -81.44
C ALA U 76 -47.20 -35.01 -82.23
N SER U 77 -46.48 -35.99 -81.66
CA SER U 77 -46.31 -37.28 -82.30
C SER U 77 -45.92 -38.36 -81.28
N LEU U 78 -46.52 -39.54 -81.45
CA LEU U 78 -46.07 -40.77 -80.84
C LEU U 78 -45.21 -41.52 -81.84
N ALA U 79 -44.03 -41.94 -81.37
CA ALA U 79 -43.00 -42.51 -82.22
C ALA U 79 -42.49 -43.79 -81.58
N ILE U 80 -42.95 -44.93 -82.10
CA ILE U 80 -42.49 -46.23 -81.64
C ILE U 80 -41.26 -46.60 -82.47
N SER U 81 -40.43 -47.53 -81.96
CA SER U 81 -39.20 -47.90 -82.64
C SER U 81 -38.78 -49.33 -82.25
N GLY U 82 -38.80 -50.24 -83.23
CA GLY U 82 -38.70 -51.67 -83.01
C GLY U 82 -40.08 -52.27 -82.78
N LEU U 83 -40.84 -52.44 -83.86
CA LEU U 83 -42.19 -52.99 -83.82
C LEU U 83 -42.12 -54.48 -83.49
N GLN U 84 -43.27 -55.02 -83.06
CA GLN U 84 -43.44 -56.43 -82.74
C GLN U 84 -44.85 -56.87 -83.14
N SER U 85 -45.17 -58.14 -82.88
CA SER U 85 -46.51 -58.67 -83.02
C SER U 85 -47.47 -58.01 -82.03
N GLU U 86 -46.97 -57.67 -80.84
CA GLU U 86 -47.76 -57.05 -79.78
C GLU U 86 -48.12 -55.62 -80.18
N ASP U 87 -47.16 -54.93 -80.82
CA ASP U 87 -47.32 -53.59 -81.33
C ASP U 87 -47.99 -53.93 -82.67
N GLU U 88 -49.25 -53.57 -82.81
CA GLU U 88 -50.10 -54.01 -83.91
C GLU U 88 -51.39 -54.45 -83.21
N TYR U 92 -54.05 -44.40 -79.05
CA TYR U 92 -54.82 -43.13 -78.94
C TYR U 92 -54.19 -42.23 -77.89
N CYS U 93 -54.51 -40.94 -77.99
CA CYS U 93 -53.87 -39.86 -77.24
C CYS U 93 -54.91 -39.24 -76.30
N ALA U 94 -54.41 -38.47 -75.33
CA ALA U 94 -55.25 -37.75 -74.38
C ALA U 94 -54.69 -36.35 -74.16
N ALA U 95 -55.61 -35.36 -74.15
CA ALA U 95 -55.29 -33.99 -73.87
C ALA U 95 -56.52 -33.27 -73.28
N TRP U 96 -56.26 -32.24 -72.47
CA TRP U 96 -57.26 -31.56 -71.67
C TRP U 96 -57.71 -30.27 -72.35
N ASP U 97 -58.99 -29.91 -72.14
CA ASP U 97 -59.61 -28.74 -72.74
C ASP U 97 -60.16 -27.80 -71.66
N ASP U 98 -59.46 -26.68 -71.43
CA ASP U 98 -59.75 -25.74 -70.36
C ASP U 98 -61.10 -25.03 -70.59
N ARG U 99 -61.50 -24.85 -71.86
CA ARG U 99 -62.61 -24.00 -72.22
C ARG U 99 -63.95 -24.65 -71.86
N LEU U 100 -64.07 -25.97 -72.11
CA LEU U 100 -65.32 -26.70 -71.89
C LEU U 100 -65.13 -27.62 -70.68
N ASN U 101 -65.88 -27.35 -69.59
CA ASN U 101 -65.81 -28.15 -68.38
C ASN U 101 -67.03 -27.92 -67.51
N GLY U 102 -67.02 -26.80 -66.77
CA GLY U 102 -68.12 -26.42 -65.89
C GLY U 102 -67.76 -25.98 -64.48
N VAL U 103 -66.75 -26.63 -63.88
CA VAL U 103 -66.44 -26.61 -62.46
C VAL U 103 -66.80 -25.26 -61.78
N GLU V 6 -52.78 -55.06 -54.62
CA GLU V 6 -51.97 -54.22 -55.53
C GLU V 6 -52.75 -54.02 -56.82
N VAL V 7 -52.63 -52.82 -57.39
CA VAL V 7 -53.39 -52.26 -58.50
C VAL V 7 -54.77 -52.89 -58.66
N GLN V 8 -55.72 -52.45 -57.81
CA GLN V 8 -57.07 -52.98 -57.80
C GLN V 8 -58.07 -51.91 -58.23
N LEU V 9 -58.82 -52.19 -59.29
CA LEU V 9 -59.97 -51.39 -59.71
C LEU V 9 -61.08 -52.35 -60.16
N VAL V 10 -61.95 -52.71 -59.20
CA VAL V 10 -62.92 -53.79 -59.36
C VAL V 10 -64.31 -53.18 -59.57
N GLU V 11 -64.83 -53.30 -60.80
CA GLU V 11 -66.18 -52.86 -61.14
C GLU V 11 -67.21 -53.78 -60.50
N SER V 12 -68.39 -53.21 -60.19
CA SER V 12 -69.53 -53.95 -59.69
C SER V 12 -70.81 -53.39 -60.30
N GLY V 13 -71.79 -54.27 -60.55
CA GLY V 13 -73.02 -53.89 -61.21
C GLY V 13 -72.83 -53.73 -62.72
N GLY V 14 -73.73 -52.96 -63.35
CA GLY V 14 -73.77 -52.80 -64.79
C GLY V 14 -74.48 -53.98 -65.45
N GLY V 15 -75.35 -53.69 -66.42
CA GLY V 15 -76.19 -54.71 -67.05
C GLY V 15 -77.07 -54.14 -68.14
N LEU V 16 -78.38 -54.39 -68.06
CA LEU V 16 -79.35 -53.87 -69.02
C LEU V 16 -80.56 -53.31 -68.26
N VAL V 17 -81.01 -52.12 -68.70
CA VAL V 17 -82.21 -51.48 -68.20
C VAL V 17 -82.93 -50.79 -69.37
N GLN V 18 -84.25 -50.69 -69.25
CA GLN V 18 -85.12 -50.12 -70.27
C GLN V 18 -84.90 -48.61 -70.34
N PRO V 19 -85.16 -47.95 -71.51
CA PRO V 19 -84.94 -46.50 -71.68
C PRO V 19 -85.46 -45.63 -70.54
N GLY V 20 -84.59 -44.72 -70.06
CA GLY V 20 -84.91 -43.83 -68.95
C GLY V 20 -84.88 -44.56 -67.61
N GLY V 21 -83.88 -45.43 -67.44
CA GLY V 21 -83.70 -46.20 -66.22
C GLY V 21 -82.70 -45.56 -65.27
N SER V 22 -82.66 -46.09 -64.04
CA SER V 22 -81.63 -45.79 -63.06
C SER V 22 -80.61 -46.92 -63.05
N LEU V 23 -79.32 -46.56 -63.00
CA LEU V 23 -78.25 -47.52 -62.86
C LEU V 23 -77.06 -46.85 -62.17
N ARG V 24 -76.59 -47.47 -61.08
CA ARG V 24 -75.49 -46.96 -60.29
C ARG V 24 -74.31 -47.92 -60.41
N LEU V 25 -73.21 -47.43 -60.99
CA LEU V 25 -71.98 -48.20 -61.15
C LEU V 25 -71.13 -48.03 -59.90
N SER V 26 -70.04 -48.81 -59.80
CA SER V 26 -69.22 -48.81 -58.60
C SER V 26 -67.75 -49.08 -58.91
N CYS V 27 -66.90 -48.94 -57.89
CA CYS V 27 -65.54 -49.45 -57.88
C CYS V 27 -65.18 -49.89 -56.47
N ALA V 28 -64.04 -50.57 -56.36
CA ALA V 28 -63.33 -50.80 -55.11
C ALA V 28 -61.84 -50.81 -55.39
N ALA V 29 -61.05 -50.51 -54.34
CA ALA V 29 -59.59 -50.51 -54.41
C ALA V 29 -59.02 -50.61 -52.99
N SER V 30 -57.71 -50.84 -52.90
CA SER V 30 -56.99 -50.90 -51.64
C SER V 30 -55.49 -50.71 -51.88
N GLY V 31 -54.72 -50.62 -50.79
CA GLY V 31 -53.27 -50.48 -50.85
C GLY V 31 -52.86 -49.03 -51.14
N PHE V 32 -53.07 -48.61 -52.39
CA PHE V 32 -52.97 -47.21 -52.78
C PHE V 32 -54.14 -46.48 -52.14
N THR V 33 -53.82 -45.48 -51.32
CA THR V 33 -54.77 -44.76 -50.47
C THR V 33 -55.67 -43.88 -51.33
N PHE V 34 -56.89 -44.38 -51.59
CA PHE V 34 -57.85 -43.83 -52.54
C PHE V 34 -58.16 -42.36 -52.26
N ASN V 35 -58.14 -41.97 -50.98
CA ASN V 35 -58.49 -40.63 -50.51
C ASN V 35 -57.55 -39.56 -51.09
N THR V 36 -56.30 -39.93 -51.37
CA THR V 36 -55.25 -38.98 -51.70
C THR V 36 -55.19 -38.69 -53.20
N TYR V 37 -55.90 -39.47 -54.03
CA TYR V 37 -55.73 -39.40 -55.48
C TYR V 37 -57.05 -39.08 -56.19
N TRP V 38 -56.95 -38.50 -57.39
CA TRP V 38 -58.07 -38.19 -58.26
C TRP V 38 -58.60 -39.45 -58.94
N MET V 39 -59.92 -39.49 -59.16
CA MET V 39 -60.59 -40.57 -59.89
C MET V 39 -61.30 -40.00 -61.11
N SER V 40 -61.81 -40.89 -61.97
CA SER V 40 -62.52 -40.50 -63.18
C SER V 40 -63.49 -41.60 -63.59
N TRP V 41 -64.17 -41.36 -64.72
CA TRP V 41 -64.88 -42.38 -65.46
C TRP V 41 -64.62 -42.18 -66.95
N VAL V 42 -64.40 -43.30 -67.65
CA VAL V 42 -64.24 -43.33 -69.09
C VAL V 42 -65.13 -44.44 -69.64
N ARG V 43 -65.71 -44.21 -70.82
CA ARG V 43 -66.63 -45.15 -71.45
C ARG V 43 -66.19 -45.45 -72.87
N GLN V 44 -66.49 -46.67 -73.34
CA GLN V 44 -66.23 -47.10 -74.70
C GLN V 44 -67.42 -47.92 -75.21
N ALA V 45 -68.10 -47.41 -76.23
CA ALA V 45 -69.18 -48.13 -76.90
C ALA V 45 -68.60 -49.17 -77.84
N PRO V 46 -69.23 -50.36 -77.99
CA PRO V 46 -68.84 -51.33 -79.02
C PRO V 46 -68.78 -50.75 -80.44
N GLY V 47 -67.61 -50.89 -81.06
CA GLY V 47 -67.34 -50.33 -82.38
C GLY V 47 -67.16 -48.81 -82.31
N LYS V 48 -66.64 -48.32 -81.18
CA LYS V 48 -66.37 -46.91 -80.94
C LYS V 48 -65.16 -46.84 -79.99
N GLY V 49 -64.45 -45.72 -80.01
CA GLY V 49 -63.28 -45.54 -79.16
C GLY V 49 -63.64 -44.86 -77.83
N LEU V 50 -62.61 -44.43 -77.09
CA LEU V 50 -62.74 -43.95 -75.73
C LEU V 50 -63.44 -42.58 -75.70
N GLU V 51 -64.12 -42.32 -74.58
CA GLU V 51 -64.81 -41.07 -74.33
C GLU V 51 -64.84 -40.83 -72.82
N TRP V 52 -64.33 -39.66 -72.40
CA TRP V 52 -64.29 -39.27 -71.00
C TRP V 52 -65.71 -38.98 -70.51
N VAL V 53 -65.99 -39.36 -69.26
CA VAL V 53 -67.30 -39.21 -68.66
C VAL V 53 -67.25 -38.07 -67.63
N ALA V 54 -66.46 -38.24 -66.57
CA ALA V 54 -66.47 -37.32 -65.44
C ALA V 54 -65.16 -37.38 -64.63
N ASN V 55 -65.02 -36.40 -63.73
CA ASN V 55 -63.89 -36.26 -62.81
C ASN V 55 -64.36 -35.76 -61.45
N ILE V 56 -63.63 -36.15 -60.41
CA ILE V 56 -63.95 -35.86 -59.02
C ILE V 56 -62.70 -35.30 -58.33
N GLN V 57 -62.84 -34.91 -57.05
CA GLN V 57 -61.76 -34.37 -56.23
C GLN V 57 -61.52 -35.32 -55.06
N GLN V 58 -60.42 -35.11 -54.32
CA GLN V 58 -60.05 -35.90 -53.14
C GLN V 58 -61.14 -35.85 -52.07
N ASP V 59 -61.88 -34.74 -52.01
CA ASP V 59 -62.96 -34.57 -51.04
C ASP V 59 -64.28 -34.27 -51.75
N GLY V 60 -64.27 -34.37 -53.08
CA GLY V 60 -65.44 -34.10 -53.90
C GLY V 60 -65.82 -32.62 -53.89
N SER V 61 -64.82 -31.75 -53.80
CA SER V 61 -65.01 -30.31 -53.92
C SER V 61 -65.49 -29.99 -55.34
N GLU V 62 -64.61 -30.29 -56.31
CA GLU V 62 -64.92 -30.08 -57.72
C GLU V 62 -65.55 -31.35 -58.28
N LYS V 63 -66.54 -31.15 -59.18
CA LYS V 63 -67.13 -32.20 -59.99
C LYS V 63 -67.26 -31.67 -61.41
N ASP V 64 -66.97 -32.51 -62.41
CA ASP V 64 -67.05 -32.08 -63.80
C ASP V 64 -67.47 -33.24 -64.70
N TYR V 65 -68.13 -32.89 -65.81
CA TYR V 65 -68.73 -33.83 -66.76
C TYR V 65 -68.46 -33.35 -68.18
N LEU V 66 -69.01 -34.07 -69.18
CA LEU V 66 -68.83 -33.77 -70.59
C LEU V 66 -69.78 -32.64 -71.00
N ASN V 67 -70.39 -32.72 -72.19
CA ASN V 67 -71.09 -31.61 -72.82
C ASN V 67 -72.30 -32.09 -73.63
N SER V 68 -73.05 -33.00 -72.99
CA SER V 68 -74.45 -33.21 -73.25
C SER V 68 -75.13 -33.31 -71.88
N VAL V 69 -76.37 -32.82 -71.82
CA VAL V 69 -77.18 -32.82 -70.60
C VAL V 69 -76.44 -33.41 -69.38
N ARG V 70 -75.60 -32.55 -68.77
CA ARG V 70 -74.55 -32.98 -67.85
C ARG V 70 -75.10 -33.35 -66.47
N GLY V 71 -76.31 -32.92 -66.09
CA GLY V 71 -76.88 -33.22 -64.80
C GLY V 71 -77.74 -34.49 -64.81
N ARG V 72 -77.51 -35.38 -65.80
CA ARG V 72 -78.03 -36.74 -65.73
C ARG V 72 -77.18 -37.58 -64.76
N PHE V 73 -75.87 -37.61 -65.05
CA PHE V 73 -74.91 -38.39 -64.29
C PHE V 73 -74.60 -37.68 -62.99
N THR V 74 -74.11 -38.45 -62.00
CA THR V 74 -73.75 -37.94 -60.68
C THR V 74 -72.56 -38.75 -60.15
N ILE V 75 -71.35 -38.18 -60.29
CA ILE V 75 -70.14 -38.76 -59.74
C ILE V 75 -70.09 -38.49 -58.24
N SER V 76 -69.61 -39.48 -57.47
CA SER V 76 -69.52 -39.41 -56.02
C SER V 76 -68.49 -40.42 -55.52
N ARG V 77 -68.12 -40.32 -54.24
CA ARG V 77 -67.14 -41.23 -53.64
C ARG V 77 -67.23 -41.22 -52.12
N ASP V 78 -67.00 -42.39 -51.52
CA ASP V 78 -66.78 -42.54 -50.09
C ASP V 78 -65.30 -42.88 -49.87
N ASN V 79 -64.59 -41.99 -49.18
CA ASN V 79 -63.13 -42.05 -49.06
C ASN V 79 -62.71 -42.64 -47.72
N ALA V 80 -63.70 -43.13 -46.94
CA ALA V 80 -63.42 -43.96 -45.78
C ALA V 80 -63.33 -45.43 -46.19
N LYS V 81 -64.12 -45.80 -47.22
CA LYS V 81 -64.23 -47.17 -47.71
C LYS V 81 -63.52 -47.34 -49.05
N LYS V 82 -62.96 -46.25 -49.58
CA LYS V 82 -62.15 -46.29 -50.81
C LYS V 82 -63.01 -46.81 -51.96
N SER V 83 -63.97 -45.98 -52.41
CA SER V 83 -65.02 -46.42 -53.31
C SER V 83 -65.55 -45.27 -54.15
N LEU V 84 -65.37 -45.37 -55.48
CA LEU V 84 -65.98 -44.45 -56.42
C LEU V 84 -67.37 -44.97 -56.80
N TYR V 85 -68.25 -44.07 -57.26
CA TYR V 85 -69.57 -44.43 -57.75
C TYR V 85 -69.92 -43.56 -58.96
N LEU V 86 -71.02 -43.93 -59.62
CA LEU V 86 -71.56 -43.16 -60.73
C LEU V 86 -73.03 -43.51 -60.93
N GLN V 87 -73.90 -42.74 -60.26
CA GLN V 87 -75.35 -42.79 -60.46
C GLN V 87 -75.68 -42.16 -61.81
N MET V 88 -76.32 -42.95 -62.67
CA MET V 88 -76.65 -42.53 -64.02
C MET V 88 -78.15 -42.66 -64.23
N ASN V 89 -78.85 -41.52 -64.15
CA ASN V 89 -80.29 -41.44 -64.29
C ASN V 89 -80.65 -40.95 -65.69
N SER V 90 -81.91 -41.17 -66.06
CA SER V 90 -82.43 -40.80 -67.36
C SER V 90 -81.56 -41.39 -68.46
N LEU V 91 -81.31 -42.71 -68.39
CA LEU V 91 -80.36 -43.39 -69.25
C LEU V 91 -80.93 -43.49 -70.67
N ARG V 92 -80.07 -43.19 -71.66
CA ARG V 92 -80.42 -43.30 -73.07
C ARG V 92 -79.63 -44.45 -73.67
N ALA V 93 -79.63 -44.59 -75.00
CA ALA V 93 -79.07 -45.76 -75.68
C ALA V 93 -77.73 -45.44 -76.35
N GLU V 94 -77.45 -44.14 -76.53
CA GLU V 94 -76.11 -43.65 -76.83
C GLU V 94 -75.16 -44.01 -75.70
N ASP V 95 -75.72 -44.13 -74.48
CA ASP V 95 -74.96 -44.44 -73.27
C ASP V 95 -74.51 -45.91 -73.25
N THR V 96 -74.78 -46.67 -74.33
CA THR V 96 -74.24 -48.01 -74.45
C THR V 96 -72.72 -47.91 -74.46
N ALA V 97 -72.09 -48.46 -73.41
CA ALA V 97 -70.63 -48.49 -73.32
C ALA V 97 -70.18 -49.43 -72.20
N VAL V 98 -68.90 -49.83 -72.29
CA VAL V 98 -68.18 -50.40 -71.17
C VAL V 98 -67.62 -49.23 -70.35
N TYR V 99 -68.15 -49.07 -69.13
CA TYR V 99 -67.78 -47.98 -68.25
C TYR V 99 -66.61 -48.41 -67.37
N TYR V 100 -65.43 -47.83 -67.65
CA TYR V 100 -64.23 -48.11 -66.88
C TYR V 100 -64.15 -47.12 -65.72
N CYS V 101 -63.98 -47.65 -64.50
CA CYS V 101 -63.54 -46.84 -63.39
C CYS V 101 -62.10 -46.41 -63.64
N ALA V 102 -61.94 -45.24 -64.26
CA ALA V 102 -60.63 -44.65 -64.46
C ALA V 102 -60.16 -44.00 -63.16
N ARG V 103 -58.86 -44.11 -62.91
CA ARG V 103 -58.17 -43.30 -61.90
C ARG V 103 -57.18 -42.40 -62.64
N ASP V 104 -57.06 -41.15 -62.19
CA ASP V 104 -56.09 -40.23 -62.76
C ASP V 104 -54.75 -40.39 -62.06
N ASN V 105 -53.70 -39.88 -62.70
CA ASN V 105 -52.32 -39.96 -62.21
C ASN V 105 -52.21 -38.78 -61.23
N PRO V 106 -51.36 -38.85 -60.17
CA PRO V 106 -51.51 -38.04 -58.96
C PRO V 106 -52.56 -36.94 -58.86
N ALA V 107 -52.39 -35.81 -59.56
CA ALA V 107 -53.48 -34.89 -59.86
C ALA V 107 -52.97 -33.66 -60.59
N SER V 108 -53.11 -33.66 -61.92
CA SER V 108 -53.00 -32.45 -62.73
C SER V 108 -53.83 -32.61 -64.01
N ALA V 109 -53.22 -32.28 -65.17
CA ALA V 109 -53.74 -32.72 -66.46
C ALA V 109 -53.52 -34.23 -66.61
N VAL V 110 -52.94 -34.90 -65.59
CA VAL V 110 -52.37 -36.21 -65.77
C VAL V 110 -53.50 -37.24 -65.80
N ALA V 111 -53.78 -37.79 -67.00
CA ALA V 111 -55.06 -38.42 -67.27
C ALA V 111 -55.10 -39.82 -66.68
N PHE V 112 -55.66 -40.77 -67.44
CA PHE V 112 -56.14 -42.04 -66.93
C PHE V 112 -54.96 -42.95 -66.56
N ASP V 113 -54.52 -42.85 -65.30
CA ASP V 113 -53.40 -43.62 -64.77
C ASP V 113 -53.63 -45.11 -65.05
N VAL V 114 -54.69 -45.65 -64.45
CA VAL V 114 -55.03 -47.06 -64.50
C VAL V 114 -56.48 -47.19 -64.97
N TRP V 115 -56.81 -48.40 -65.42
CA TRP V 115 -58.14 -48.70 -65.94
C TRP V 115 -58.61 -50.00 -65.28
N GLY V 116 -59.87 -50.00 -64.85
CA GLY V 116 -60.50 -51.20 -64.32
C GLY V 116 -60.93 -52.13 -65.46
N GLN V 117 -61.53 -53.27 -65.08
CA GLN V 117 -61.92 -54.29 -66.02
C GLN V 117 -63.06 -53.77 -66.90
N GLY V 118 -64.06 -53.16 -66.26
CA GLY V 118 -65.10 -52.42 -66.94
C GLY V 118 -66.49 -53.05 -66.75
N ALA V 119 -67.51 -52.19 -66.72
CA ALA V 119 -68.89 -52.61 -66.56
C ALA V 119 -69.65 -52.40 -67.86
N MET V 120 -70.08 -53.50 -68.49
CA MET V 120 -70.92 -53.47 -69.66
C MET V 120 -72.30 -52.94 -69.27
N VAL V 121 -72.63 -51.75 -69.79
CA VAL V 121 -73.94 -51.15 -69.68
C VAL V 121 -74.52 -51.04 -71.09
N THR V 122 -75.43 -51.96 -71.43
CA THR V 122 -76.19 -51.92 -72.66
C THR V 122 -77.59 -51.39 -72.35
N VAL V 123 -78.11 -50.52 -73.23
CA VAL V 123 -79.44 -49.94 -73.05
C VAL V 123 -80.25 -50.20 -74.33
N SER V 124 -81.36 -50.95 -74.18
CA SER V 124 -82.13 -51.47 -75.32
C SER V 124 -82.85 -50.34 -76.04
N SER V 125 -83.30 -50.58 -77.26
CA SER V 125 -84.08 -49.62 -78.03
C SER V 125 -85.43 -49.32 -77.34
N ALA W 7 4.88 -55.42 -47.27
CA ALA W 7 4.58 -54.35 -46.29
C ALA W 7 3.16 -54.49 -45.76
N LEU W 8 2.20 -54.55 -46.68
CA LEU W 8 0.74 -54.41 -46.46
C LEU W 8 0.19 -55.64 -45.72
N THR W 9 -0.71 -55.50 -44.73
CA THR W 9 -0.91 -56.55 -43.72
C THR W 9 -2.39 -56.87 -43.53
N GLN W 10 -2.71 -58.11 -43.10
CA GLN W 10 -3.98 -58.46 -42.50
C GLN W 10 -3.94 -59.91 -42.02
N PRO W 11 -3.98 -60.22 -40.70
CA PRO W 11 -4.22 -61.60 -40.23
C PRO W 11 -5.67 -62.08 -40.31
N PRO W 12 -5.94 -63.39 -40.61
CA PRO W 12 -7.20 -63.85 -41.22
C PRO W 12 -8.35 -64.61 -40.53
N SER W 13 -9.56 -64.56 -41.10
CA SER W 13 -10.70 -65.43 -40.78
C SER W 13 -11.86 -65.22 -41.77
N VAL W 14 -12.20 -66.26 -42.57
CA VAL W 14 -13.33 -66.20 -43.49
C VAL W 14 -14.15 -67.49 -43.33
N SER W 15 -14.77 -67.58 -42.16
CA SER W 15 -15.22 -68.86 -41.66
C SER W 15 -16.50 -68.82 -40.83
N GLU W 16 -17.50 -68.03 -41.23
CA GLU W 16 -18.72 -67.95 -40.44
C GLU W 16 -19.90 -67.46 -41.29
N ALA W 17 -21.13 -67.88 -40.96
CA ALA W 17 -22.20 -68.13 -41.92
C ALA W 17 -22.96 -66.86 -42.35
N PRO W 18 -24.31 -66.90 -42.62
CA PRO W 18 -24.96 -65.94 -43.49
C PRO W 18 -25.36 -64.56 -42.94
N ARG W 19 -25.54 -63.56 -43.84
CA ARG W 19 -26.61 -62.54 -43.78
C ARG W 19 -26.44 -61.45 -42.71
N ARG W 20 -25.53 -60.49 -42.95
CA ARG W 20 -25.34 -59.33 -42.08
C ARG W 20 -24.25 -58.44 -42.68
N ARG W 21 -23.56 -57.65 -41.81
CA ARG W 21 -22.46 -56.71 -42.05
C ARG W 21 -21.24 -57.08 -41.20
N VAL W 22 -20.02 -56.89 -41.76
CA VAL W 22 -18.66 -57.34 -41.40
C VAL W 22 -17.57 -56.53 -42.15
N THR W 23 -16.32 -56.25 -41.66
CA THR W 23 -15.40 -55.22 -42.25
C THR W 23 -13.98 -55.69 -42.64
N ILE W 24 -13.25 -54.93 -43.51
CA ILE W 24 -11.79 -54.95 -43.52
C ILE W 24 -11.32 -53.55 -43.11
N TYR W 25 -10.90 -53.38 -41.86
CA TYR W 25 -10.31 -52.10 -41.44
C TYR W 25 -8.86 -52.03 -41.87
N CYS W 26 -8.27 -50.83 -41.83
CA CYS W 26 -6.89 -50.57 -42.22
C CYS W 26 -6.33 -49.34 -41.49
N SER W 27 -5.30 -49.55 -40.69
CA SER W 27 -4.60 -48.55 -39.91
C SER W 27 -3.53 -47.86 -40.79
N GLY W 28 -2.84 -46.83 -40.25
CA GLY W 28 -2.17 -45.86 -41.11
C GLY W 28 -1.07 -45.04 -40.45
N SER W 29 -0.38 -44.25 -41.34
CA SER W 29 1.05 -43.83 -41.46
C SER W 29 1.46 -43.32 -42.88
N SER W 30 2.24 -42.25 -42.95
CA SER W 30 2.42 -41.34 -44.10
C SER W 30 2.44 -41.82 -45.58
N SER W 31 3.58 -42.07 -46.27
CA SER W 31 3.83 -41.68 -47.67
C SER W 31 3.16 -42.61 -48.72
N ASN W 32 2.03 -43.15 -48.30
CA ASN W 32 1.29 -44.19 -49.01
C ASN W 32 -0.17 -43.78 -49.11
N ILE W 33 -0.97 -44.05 -48.06
CA ILE W 33 -2.39 -43.69 -48.02
C ILE W 33 -2.57 -42.20 -48.29
N GLY W 34 -1.70 -41.36 -47.71
CA GLY W 34 -1.98 -39.93 -47.59
C GLY W 34 -2.08 -39.21 -48.94
N ASN W 35 -1.42 -39.77 -49.97
CA ASN W 35 -1.29 -39.13 -51.26
C ASN W 35 -1.81 -40.01 -52.41
N ASN W 36 -2.04 -41.31 -52.17
CA ASN W 36 -2.28 -42.24 -53.27
C ASN W 36 -3.70 -42.80 -53.23
N ALA W 37 -4.20 -43.21 -54.41
CA ALA W 37 -5.52 -43.78 -54.57
C ALA W 37 -5.46 -45.29 -54.35
N VAL W 38 -6.41 -45.80 -53.55
CA VAL W 38 -6.50 -47.23 -53.24
C VAL W 38 -7.42 -47.93 -54.25
N SER W 39 -7.08 -49.18 -54.57
CA SER W 39 -7.94 -50.08 -55.34
C SER W 39 -8.11 -51.41 -54.58
N TRP W 40 -9.15 -52.17 -54.93
CA TRP W 40 -9.50 -53.42 -54.26
C TRP W 40 -9.84 -54.50 -55.29
N TYR W 41 -9.54 -55.77 -54.98
CA TYR W 41 -9.60 -56.90 -55.90
C TYR W 41 -10.14 -58.13 -55.20
N GLN W 42 -10.86 -58.98 -55.96
CA GLN W 42 -11.35 -60.28 -55.50
C GLN W 42 -10.66 -61.39 -56.28
N GLN W 43 -10.83 -62.62 -55.77
CA GLN W 43 -10.39 -63.84 -56.44
C GLN W 43 -11.46 -64.87 -56.85
N LEU W 44 -12.68 -64.93 -56.23
CA LEU W 44 -13.76 -65.75 -56.76
C LEU W 44 -14.82 -64.88 -57.48
N PRO W 45 -14.50 -64.32 -58.67
CA PRO W 45 -15.53 -63.97 -59.67
C PRO W 45 -15.79 -65.07 -60.70
N GLY W 46 -15.74 -64.68 -61.98
CA GLY W 46 -15.69 -65.61 -63.11
C GLY W 46 -14.32 -66.28 -63.24
N LYS W 47 -13.27 -65.57 -62.82
CA LYS W 47 -11.88 -65.96 -63.07
C LYS W 47 -10.97 -65.19 -62.11
N SER W 48 -9.84 -65.81 -61.75
CA SER W 48 -8.95 -65.40 -60.67
C SER W 48 -9.04 -63.95 -60.17
N PRO W 49 -8.18 -62.94 -60.46
CA PRO W 49 -8.46 -61.57 -60.04
C PRO W 49 -9.61 -60.91 -60.79
N LYS W 50 -10.27 -59.97 -60.11
CA LYS W 50 -11.23 -59.04 -60.68
C LYS W 50 -11.26 -57.80 -59.80
N LEU W 51 -11.33 -56.61 -60.44
CA LEU W 51 -11.38 -55.33 -59.75
C LEU W 51 -12.82 -55.06 -59.30
N LEU W 52 -12.97 -54.52 -58.10
CA LEU W 52 -14.27 -54.06 -57.60
C LEU W 52 -14.24 -52.54 -57.41
N ILE W 53 -13.26 -52.06 -56.64
CA ILE W 53 -13.13 -50.65 -56.28
C ILE W 53 -11.83 -50.10 -56.85
N TYR W 54 -11.92 -48.89 -57.42
CA TYR W 54 -10.79 -48.07 -57.78
C TYR W 54 -11.15 -46.60 -57.54
N PHE W 55 -10.14 -45.72 -57.54
CA PHE W 55 -10.27 -44.33 -57.13
C PHE W 55 -10.77 -44.26 -55.69
N ASP W 56 -10.35 -45.21 -54.85
CA ASP W 56 -10.67 -45.26 -53.43
C ASP W 56 -12.10 -45.77 -53.22
N ASP W 57 -13.06 -45.25 -53.99
CA ASP W 57 -14.41 -45.78 -54.05
C ASP W 57 -15.07 -45.43 -55.39
N LEU W 58 -15.06 -46.40 -56.31
CA LEU W 58 -15.85 -46.33 -57.53
C LEU W 58 -16.13 -47.75 -58.04
N VAL W 59 -17.37 -47.97 -58.50
CA VAL W 59 -17.83 -49.30 -58.88
C VAL W 59 -17.51 -49.59 -60.35
N THR W 60 -16.95 -50.78 -60.60
CA THR W 60 -16.68 -51.24 -61.96
C THR W 60 -17.99 -51.65 -62.62
N SER W 61 -18.07 -51.48 -63.94
CA SER W 61 -19.29 -51.72 -64.70
C SER W 61 -19.66 -53.21 -64.68
N GLY W 62 -20.59 -53.57 -63.78
CA GLY W 62 -21.03 -54.94 -63.61
C GLY W 62 -21.01 -55.35 -62.13
N VAL W 63 -20.02 -54.84 -61.39
CA VAL W 63 -19.80 -55.19 -59.99
C VAL W 63 -20.85 -54.51 -59.12
N SER W 64 -21.23 -55.18 -58.03
CA SER W 64 -22.31 -54.72 -57.17
C SER W 64 -21.84 -53.59 -56.24
N ASP W 65 -22.79 -52.78 -55.79
CA ASP W 65 -22.56 -51.67 -54.88
C ASP W 65 -22.43 -52.15 -53.43
N ARG W 66 -22.63 -53.46 -53.22
CA ARG W 66 -22.48 -54.13 -51.95
C ARG W 66 -21.09 -53.87 -51.36
N PHE W 67 -20.08 -53.87 -52.23
CA PHE W 67 -18.72 -53.53 -51.87
C PHE W 67 -18.59 -52.00 -51.82
N SER W 68 -17.73 -51.51 -50.92
CA SER W 68 -17.33 -50.10 -50.91
C SER W 68 -15.97 -49.95 -50.24
N GLY W 69 -15.07 -49.19 -50.88
CA GLY W 69 -13.81 -48.76 -50.30
C GLY W 69 -13.96 -47.42 -49.57
N SER W 70 -12.94 -47.07 -48.78
CA SER W 70 -13.00 -45.86 -47.96
C SER W 70 -11.62 -45.45 -47.47
N LYS W 71 -11.54 -44.20 -47.03
CA LYS W 71 -10.32 -43.54 -46.56
C LYS W 71 -10.72 -42.27 -45.80
N SER W 72 -10.08 -42.09 -44.63
CA SER W 72 -10.33 -40.94 -43.78
C SER W 72 -9.09 -40.68 -42.92
N GLY W 73 -8.24 -39.76 -43.39
CA GLY W 73 -7.01 -39.41 -42.70
C GLY W 73 -5.97 -40.53 -42.79
N THR W 74 -5.86 -41.29 -41.69
CA THR W 74 -4.89 -42.37 -41.56
C THR W 74 -5.62 -43.70 -41.38
N SER W 75 -6.88 -43.75 -41.85
CA SER W 75 -7.76 -44.91 -41.70
C SER W 75 -8.46 -45.21 -43.01
N ALA W 76 -8.32 -46.45 -43.49
CA ALA W 76 -8.99 -46.91 -44.70
C ALA W 76 -9.76 -48.18 -44.41
N SER W 77 -10.55 -48.67 -45.39
CA SER W 77 -11.39 -49.85 -45.19
C SER W 77 -12.03 -50.31 -46.51
N LEU W 78 -12.08 -51.65 -46.72
CA LEU W 78 -13.07 -52.25 -47.63
C LEU W 78 -14.27 -52.70 -46.81
N ALA W 79 -15.47 -52.27 -47.24
CA ALA W 79 -16.67 -52.32 -46.42
C ALA W 79 -17.83 -52.87 -47.27
N ILE W 80 -18.07 -54.18 -47.15
CA ILE W 80 -18.96 -54.91 -48.05
C ILE W 80 -20.34 -54.84 -47.41
N SER W 81 -21.38 -55.46 -47.99
CA SER W 81 -22.70 -55.60 -47.39
C SER W 81 -23.49 -56.66 -48.15
N GLY W 82 -23.81 -57.76 -47.44
CA GLY W 82 -24.54 -58.85 -48.06
C GLY W 82 -23.58 -59.89 -48.65
N LEU W 83 -23.15 -60.78 -47.77
CA LEU W 83 -22.23 -61.89 -48.08
C LEU W 83 -22.94 -62.92 -48.96
N GLN W 84 -22.15 -63.76 -49.66
CA GLN W 84 -22.69 -64.88 -50.42
C GLN W 84 -21.76 -66.07 -50.37
N SER W 85 -22.19 -67.20 -50.92
CA SER W 85 -21.34 -68.38 -51.11
C SER W 85 -20.23 -68.08 -52.12
N GLU W 86 -20.52 -67.25 -53.10
CA GLU W 86 -19.58 -66.83 -54.15
C GLU W 86 -18.47 -65.97 -53.56
N ASP W 87 -18.84 -65.11 -52.62
CA ASP W 87 -18.03 -64.13 -51.92
C ASP W 87 -16.90 -64.75 -51.08
N GLU W 88 -16.97 -66.03 -50.75
CA GLU W 88 -15.89 -66.74 -50.08
C GLU W 88 -14.78 -67.00 -51.11
N ALA W 89 -13.69 -66.20 -51.06
CA ALA W 89 -12.73 -66.16 -52.15
C ALA W 89 -11.32 -65.85 -51.63
N ASP W 90 -10.57 -65.03 -52.36
CA ASP W 90 -9.43 -64.27 -51.84
C ASP W 90 -9.67 -62.81 -52.26
N TYR W 91 -9.50 -61.85 -51.35
CA TYR W 91 -9.69 -60.43 -51.67
C TYR W 91 -8.44 -59.65 -51.33
N TYR W 92 -7.81 -59.05 -52.35
CA TYR W 92 -6.55 -58.31 -52.25
C TYR W 92 -6.80 -56.84 -52.58
N CYS W 93 -5.87 -55.98 -52.19
CA CYS W 93 -5.96 -54.52 -52.37
C CYS W 93 -4.72 -54.12 -53.14
N ALA W 94 -4.70 -52.88 -53.67
CA ALA W 94 -3.57 -52.34 -54.41
C ALA W 94 -3.33 -50.88 -54.00
N ALA W 95 -2.09 -50.56 -53.62
CA ALA W 95 -1.80 -49.29 -52.96
C ALA W 95 -0.31 -48.96 -53.01
N TRP W 96 0.02 -47.70 -53.31
CA TRP W 96 1.37 -47.31 -53.72
C TRP W 96 2.07 -46.57 -52.59
N ASP W 97 3.39 -46.74 -52.48
CA ASP W 97 4.21 -46.12 -51.43
C ASP W 97 5.37 -45.38 -52.10
N ASP W 98 5.29 -44.03 -52.09
CA ASP W 98 6.25 -43.15 -52.75
C ASP W 98 7.68 -43.29 -52.21
N ARG W 99 7.84 -43.62 -50.91
CA ARG W 99 9.16 -43.48 -50.29
C ARG W 99 10.10 -44.62 -50.69
N LEU W 100 9.55 -45.83 -50.75
CA LEU W 100 10.31 -47.02 -51.10
C LEU W 100 10.03 -47.46 -52.54
N ASN W 101 9.09 -46.76 -53.22
CA ASN W 101 8.88 -46.89 -54.65
C ASN W 101 8.38 -48.30 -54.98
N GLY W 102 7.12 -48.58 -54.63
CA GLY W 102 6.53 -49.88 -54.84
C GLY W 102 5.19 -50.03 -54.12
N VAL W 103 4.58 -51.20 -54.37
CA VAL W 103 3.38 -51.68 -53.71
C VAL W 103 3.78 -52.16 -52.30
N GLU X 6 -12.09 -57.17 -77.46
CA GLU X 6 -12.25 -58.34 -76.53
C GLU X 6 -11.13 -58.28 -75.49
N VAL X 7 -11.48 -58.56 -74.22
CA VAL X 7 -10.54 -58.61 -73.12
C VAL X 7 -9.63 -59.83 -73.26
N GLN X 8 -8.52 -59.64 -73.98
CA GLN X 8 -7.58 -60.71 -74.27
C GLN X 8 -6.22 -60.38 -73.66
N LEU X 9 -5.72 -61.30 -72.81
CA LEU X 9 -4.36 -61.26 -72.29
C LEU X 9 -3.81 -62.68 -72.29
N VAL X 10 -3.15 -63.06 -73.40
CA VAL X 10 -2.74 -64.42 -73.67
C VAL X 10 -1.24 -64.57 -73.43
N GLU X 11 -0.88 -65.28 -72.35
CA GLU X 11 0.52 -65.56 -72.04
C GLU X 11 1.09 -66.59 -73.02
N SER X 12 2.41 -66.50 -73.25
CA SER X 12 3.15 -67.46 -74.04
C SER X 12 4.51 -67.73 -73.39
N GLY X 13 5.01 -68.96 -73.53
CA GLY X 13 6.29 -69.34 -72.97
C GLY X 13 6.19 -69.62 -71.47
N GLY X 14 7.34 -69.53 -70.77
CA GLY X 14 7.40 -69.83 -69.36
C GLY X 14 7.56 -71.32 -69.11
N GLY X 15 8.39 -71.67 -68.12
CA GLY X 15 8.63 -73.06 -67.78
C GLY X 15 9.86 -73.24 -66.89
N LEU X 16 10.76 -74.12 -67.36
CA LEU X 16 12.07 -74.36 -66.77
C LEU X 16 13.11 -74.36 -67.89
N VAL X 17 14.26 -73.74 -67.62
CA VAL X 17 15.49 -73.86 -68.41
C VAL X 17 16.66 -73.92 -67.44
N GLN X 18 17.51 -75.00 -67.44
CA GLN X 18 18.53 -75.11 -66.41
C GLN X 18 19.65 -74.09 -66.58
N PRO X 19 20.34 -74.00 -67.75
CA PRO X 19 21.36 -72.97 -67.99
C PRO X 19 21.00 -71.54 -67.55
N GLY X 20 21.89 -70.90 -66.78
CA GLY X 20 21.93 -69.47 -66.53
C GLY X 20 20.64 -68.80 -65.99
N GLY X 21 20.34 -67.58 -66.46
CA GLY X 21 18.97 -67.18 -66.78
C GLY X 21 18.66 -67.39 -68.26
N SER X 22 17.81 -66.53 -68.83
CA SER X 22 17.40 -66.59 -70.22
C SER X 22 16.01 -67.21 -70.31
N LEU X 23 15.01 -66.38 -70.03
CA LEU X 23 13.61 -66.71 -70.26
C LEU X 23 12.85 -65.41 -70.55
N ARG X 24 12.17 -65.41 -71.69
CA ARG X 24 11.43 -64.24 -72.15
C ARG X 24 9.95 -64.58 -72.17
N LEU X 25 9.18 -63.88 -71.32
CA LEU X 25 7.74 -64.05 -71.24
C LEU X 25 7.08 -63.15 -72.28
N SER X 26 5.77 -63.34 -72.49
CA SER X 26 5.07 -62.63 -73.56
C SER X 26 3.63 -62.33 -73.19
N CYS X 27 2.99 -61.52 -74.04
CA CYS X 27 1.54 -61.37 -74.06
C CYS X 27 1.08 -61.16 -75.50
N ALA X 28 -0.24 -61.24 -75.68
CA ALA X 28 -0.92 -60.74 -76.87
C ALA X 28 -2.29 -60.20 -76.45
N ALA X 29 -2.81 -59.26 -77.25
CA ALA X 29 -4.09 -58.63 -77.00
C ALA X 29 -4.65 -58.04 -78.29
N SER X 30 -5.94 -57.70 -78.25
CA SER X 30 -6.62 -57.06 -79.36
C SER X 30 -7.91 -56.41 -78.87
N GLY X 31 -8.57 -55.66 -79.76
CA GLY X 31 -9.82 -54.98 -79.44
C GLY X 31 -9.57 -53.68 -78.67
N PHE X 32 -9.21 -53.84 -77.38
CA PHE X 32 -8.70 -52.74 -76.57
C PHE X 32 -7.32 -52.38 -77.10
N THR X 33 -7.17 -51.12 -77.54
CA THR X 33 -6.00 -50.66 -78.28
C THR X 33 -4.79 -50.54 -77.35
N PHE X 34 -3.92 -51.57 -77.42
CA PHE X 34 -2.84 -51.82 -76.46
C PHE X 34 -1.89 -50.63 -76.35
N ASN X 35 -1.70 -49.89 -77.47
CA ASN X 35 -0.75 -48.80 -77.55
C ASN X 35 -1.11 -47.64 -76.63
N THR X 36 -2.42 -47.48 -76.34
CA THR X 36 -2.92 -46.29 -75.68
C THR X 36 -2.91 -46.44 -74.15
N TYR X 37 -2.65 -47.67 -73.65
CA TYR X 37 -2.82 -47.95 -72.23
C TYR X 37 -1.53 -48.47 -71.61
N TRP X 38 -1.39 -48.30 -70.28
CA TRP X 38 -0.27 -48.78 -69.49
C TRP X 38 -0.37 -50.29 -69.27
N MET X 39 0.79 -50.96 -69.24
CA MET X 39 0.90 -52.37 -68.94
C MET X 39 1.75 -52.58 -67.68
N SER X 40 1.79 -53.82 -67.19
CA SER X 40 2.55 -54.17 -66.01
C SER X 40 2.93 -55.65 -66.05
N TRP X 41 3.61 -56.10 -64.99
CA TRP X 41 3.78 -57.51 -64.66
C TRP X 41 3.56 -57.69 -63.17
N VAL X 42 2.85 -58.77 -62.83
CA VAL X 42 2.63 -59.17 -61.45
C VAL X 42 2.91 -60.67 -61.36
N ARG X 43 3.47 -61.09 -60.22
CA ARG X 43 3.85 -62.48 -60.02
C ARG X 43 3.26 -63.00 -58.71
N GLN X 44 3.00 -64.31 -58.68
CA GLN X 44 2.52 -65.01 -57.49
C GLN X 44 3.22 -66.36 -57.39
N ALA X 45 4.01 -66.55 -56.33
CA ALA X 45 4.65 -67.81 -56.03
C ALA X 45 3.64 -68.77 -55.41
N PRO X 46 3.70 -70.10 -55.68
CA PRO X 46 2.93 -71.09 -54.92
C PRO X 46 3.12 -70.99 -53.40
N GLY X 47 1.99 -70.82 -52.70
CA GLY X 47 1.98 -70.60 -51.26
C GLY X 47 2.45 -69.21 -50.88
N LYS X 48 2.20 -68.24 -51.77
CA LYS X 48 2.54 -66.84 -51.60
C LYS X 48 1.49 -66.01 -52.34
N GLY X 49 1.29 -64.76 -51.91
CA GLY X 49 0.34 -63.87 -52.57
C GLY X 49 1.02 -63.00 -53.62
N LEU X 50 0.32 -61.95 -54.06
CA LEU X 50 0.72 -61.15 -55.20
C LEU X 50 1.94 -60.29 -54.89
N GLU X 51 2.72 -60.01 -55.94
CA GLU X 51 3.91 -59.16 -55.86
C GLU X 51 4.12 -58.49 -57.22
N TRP X 52 4.20 -57.15 -57.21
CA TRP X 52 4.40 -56.36 -58.42
C TRP X 52 5.82 -56.57 -58.94
N VAL X 53 5.95 -56.61 -60.28
CA VAL X 53 7.22 -56.85 -60.95
C VAL X 53 7.71 -55.55 -61.57
N ALA X 54 6.96 -55.01 -62.55
CA ALA X 54 7.42 -53.88 -63.34
C ALA X 54 6.25 -53.12 -63.98
N ASN X 55 6.57 -51.94 -64.53
CA ASN X 55 5.65 -51.05 -65.23
C ASN X 55 6.34 -50.40 -66.43
N ILE X 56 5.54 -50.09 -67.46
CA ILE X 56 6.00 -49.53 -68.73
C ILE X 56 5.15 -48.32 -69.08
N GLN X 57 5.48 -47.64 -70.19
CA GLN X 57 4.78 -46.47 -70.70
C GLN X 57 4.20 -46.81 -72.08
N GLN X 58 3.33 -45.93 -72.60
CA GLN X 58 2.70 -46.09 -73.91
C GLN X 58 3.75 -46.16 -75.03
N ASP X 59 4.90 -45.50 -74.83
CA ASP X 59 5.98 -45.51 -75.81
C ASP X 59 7.27 -46.04 -75.17
N GLY X 60 7.16 -46.54 -73.93
CA GLY X 60 8.30 -47.05 -73.18
C GLY X 60 9.29 -45.93 -72.81
N SER X 61 8.76 -44.74 -72.54
CA SER X 61 9.54 -43.64 -71.99
C SER X 61 10.05 -44.01 -70.61
N GLU X 62 9.10 -44.20 -69.68
CA GLU X 62 9.40 -44.59 -68.31
C GLU X 62 9.42 -46.12 -68.24
N LYS X 63 10.36 -46.64 -67.43
CA LYS X 63 10.41 -48.03 -67.03
C LYS X 63 10.70 -48.08 -65.53
N ASP X 64 10.04 -49.00 -64.82
CA ASP X 64 10.27 -49.12 -63.38
C ASP X 64 10.11 -50.58 -62.94
N TYR X 65 10.82 -50.93 -61.85
CA TYR X 65 10.91 -52.28 -61.32
C TYR X 65 10.85 -52.22 -59.79
N LEU X 66 11.02 -53.38 -59.11
CA LEU X 66 11.02 -53.43 -57.65
C LEU X 66 12.36 -52.89 -57.09
N ASN X 67 12.68 -53.29 -55.86
CA ASN X 67 13.80 -52.71 -55.12
C ASN X 67 14.52 -53.77 -54.27
N SER X 68 14.64 -54.96 -54.84
CA SER X 68 15.43 -56.07 -54.37
C SER X 68 16.03 -56.81 -55.57
N VAL X 69 15.23 -57.01 -56.60
CA VAL X 69 15.66 -57.47 -57.91
C VAL X 69 16.95 -56.75 -58.30
N ARG X 70 18.08 -57.41 -58.04
CA ARG X 70 19.41 -56.83 -58.11
C ARG X 70 19.91 -56.42 -59.49
N GLY X 71 19.37 -56.96 -60.61
CA GLY X 71 19.89 -56.56 -61.91
C GLY X 71 19.06 -57.04 -63.09
N ARG X 72 18.47 -58.22 -62.92
CA ARG X 72 17.65 -58.96 -63.88
C ARG X 72 16.78 -58.17 -64.87
N PHE X 73 15.48 -58.49 -64.96
CA PHE X 73 14.43 -57.62 -65.46
C PHE X 73 14.71 -56.78 -66.72
N THR X 74 13.96 -56.97 -67.83
CA THR X 74 13.87 -55.97 -68.90
C THR X 74 12.46 -55.97 -69.49
N ILE X 75 11.63 -55.02 -69.04
CA ILE X 75 10.29 -54.84 -69.61
C ILE X 75 10.41 -54.11 -70.95
N SER X 76 9.57 -54.50 -71.92
CA SER X 76 9.57 -53.95 -73.26
C SER X 76 8.21 -54.21 -73.91
N ARG X 77 7.96 -53.56 -75.05
CA ARG X 77 6.71 -53.74 -75.78
C ARG X 77 6.85 -53.29 -77.24
N ASP X 78 6.16 -54.00 -78.13
CA ASP X 78 5.94 -53.59 -79.51
C ASP X 78 4.48 -53.18 -79.65
N ASN X 79 4.26 -51.89 -79.96
CA ASN X 79 2.94 -51.29 -79.95
C ASN X 79 2.37 -51.17 -81.37
N ALA X 80 3.06 -51.77 -82.35
CA ALA X 80 2.49 -52.00 -83.68
C ALA X 80 1.73 -53.32 -83.69
N LYS X 81 2.22 -54.29 -82.91
CA LYS X 81 1.69 -55.65 -82.87
C LYS X 81 0.96 -55.93 -81.56
N LYS X 82 0.90 -54.92 -80.67
CA LYS X 82 0.12 -55.01 -79.44
C LYS X 82 0.63 -56.18 -78.60
N SER X 83 1.83 -56.02 -78.02
CA SER X 83 2.55 -57.14 -77.43
C SER X 83 3.51 -56.66 -76.33
N LEU X 84 3.24 -57.08 -75.09
CA LEU X 84 4.17 -56.87 -73.98
C LEU X 84 5.17 -58.01 -73.93
N TYR X 85 6.34 -57.76 -73.32
CA TYR X 85 7.36 -58.77 -73.11
C TYR X 85 8.00 -58.57 -71.74
N LEU X 86 8.81 -59.55 -71.33
CA LEU X 86 9.60 -59.48 -70.11
C LEU X 86 10.77 -60.46 -70.22
N GLN X 87 11.90 -59.95 -70.74
CA GLN X 87 13.16 -60.68 -70.77
C GLN X 87 13.73 -60.72 -69.34
N MET X 88 13.93 -61.95 -68.85
CA MET X 88 14.39 -62.18 -67.49
C MET X 88 15.68 -63.00 -67.55
N ASN X 89 16.81 -62.30 -67.40
CA ASN X 89 18.14 -62.90 -67.42
C ASN X 89 18.64 -63.06 -65.99
N SER X 90 19.62 -63.94 -65.79
CA SER X 90 20.19 -64.22 -64.49
C SER X 90 19.08 -64.58 -63.49
N LEU X 91 18.28 -65.58 -63.86
CA LEU X 91 17.05 -65.94 -63.16
C LEU X 91 17.34 -66.55 -61.79
N ARG X 92 16.57 -66.14 -60.80
CA ARG X 92 16.72 -66.57 -59.40
C ARG X 92 15.59 -67.56 -59.05
N ALA X 93 15.57 -67.99 -57.78
CA ALA X 93 14.66 -69.02 -57.31
C ALA X 93 13.51 -68.45 -56.48
N GLU X 94 13.71 -67.24 -55.96
CA GLU X 94 12.62 -66.44 -55.40
C GLU X 94 11.64 -66.10 -56.52
N ASP X 95 12.16 -66.03 -57.75
CA ASP X 95 11.41 -65.70 -58.96
C ASP X 95 10.52 -66.87 -59.36
N THR X 96 10.42 -67.94 -58.56
CA THR X 96 9.41 -68.97 -58.79
C THR X 96 8.04 -68.31 -58.65
N ALA X 97 7.27 -68.20 -59.74
CA ALA X 97 5.94 -67.60 -59.68
C ALA X 97 5.17 -67.85 -60.98
N VAL X 98 3.85 -67.68 -60.88
CA VAL X 98 2.98 -67.50 -62.04
C VAL X 98 3.02 -66.01 -62.40
N TYR X 99 3.62 -65.71 -63.56
CA TYR X 99 3.79 -64.35 -64.02
C TYR X 99 2.59 -63.94 -64.86
N TYR X 100 1.77 -63.04 -64.31
CA TYR X 100 0.61 -62.52 -64.98
C TYR X 100 1.02 -61.27 -65.78
N CYS X 101 0.68 -61.27 -67.07
CA CYS X 101 0.69 -60.05 -67.85
C CYS X 101 -0.44 -59.16 -67.32
N ALA X 102 -0.08 -58.30 -66.36
CA ALA X 102 -1.01 -57.30 -65.84
C ALA X 102 -1.10 -56.14 -66.83
N ARG X 103 -2.31 -55.60 -66.96
CA ARG X 103 -2.54 -54.31 -67.58
C ARG X 103 -3.06 -53.36 -66.50
N ASP X 104 -2.60 -52.10 -66.53
CA ASP X 104 -3.09 -51.10 -65.61
C ASP X 104 -4.34 -50.43 -66.19
N ASN X 105 -5.08 -49.73 -65.33
CA ASN X 105 -6.33 -49.10 -65.66
C ASN X 105 -6.05 -47.79 -66.39
N PRO X 106 -6.92 -47.32 -67.31
CA PRO X 106 -6.72 -46.03 -67.97
C PRO X 106 -7.05 -44.87 -67.02
N ALA X 107 -6.26 -44.78 -65.93
CA ALA X 107 -6.43 -43.75 -64.93
C ALA X 107 -5.25 -43.70 -63.96
N SER X 108 -4.31 -42.79 -64.23
CA SER X 108 -3.31 -42.32 -63.27
C SER X 108 -2.53 -43.45 -62.61
N ALA X 109 -2.14 -44.46 -63.39
CA ALA X 109 -1.39 -45.62 -62.91
C ALA X 109 -2.22 -46.39 -61.88
N VAL X 110 -3.54 -46.16 -61.91
CA VAL X 110 -4.52 -47.01 -61.26
C VAL X 110 -4.09 -48.42 -61.59
N ALA X 111 -3.94 -49.30 -60.60
CA ALA X 111 -3.25 -50.57 -60.72
C ALA X 111 -3.92 -51.56 -61.67
N PHE X 112 -3.87 -52.84 -61.28
CA PHE X 112 -3.98 -53.97 -62.21
C PHE X 112 -5.42 -54.12 -62.70
N ASP X 113 -5.73 -53.44 -63.82
CA ASP X 113 -7.05 -53.47 -64.41
C ASP X 113 -7.51 -54.90 -64.62
N VAL X 114 -6.78 -55.62 -65.48
CA VAL X 114 -7.11 -56.97 -65.90
C VAL X 114 -5.89 -57.85 -65.66
N TRP X 115 -6.11 -59.16 -65.62
CA TRP X 115 -5.08 -60.15 -65.38
C TRP X 115 -5.19 -61.24 -66.44
N GLY X 116 -4.05 -61.65 -66.99
CA GLY X 116 -4.01 -62.76 -67.93
C GLY X 116 -4.07 -64.10 -67.18
N GLN X 117 -4.01 -65.19 -67.95
CA GLN X 117 -4.14 -66.53 -67.41
C GLN X 117 -2.91 -66.84 -66.53
N GLY X 118 -1.73 -66.54 -67.07
CA GLY X 118 -0.49 -66.57 -66.32
C GLY X 118 0.49 -67.63 -66.84
N ALA X 119 1.78 -67.30 -66.72
CA ALA X 119 2.85 -68.19 -67.16
C ALA X 119 3.59 -68.75 -65.94
N MET X 120 3.48 -70.07 -65.75
CA MET X 120 4.19 -70.77 -64.70
C MET X 120 5.68 -70.78 -65.03
N VAL X 121 6.46 -70.09 -64.21
CA VAL X 121 7.92 -70.11 -64.28
C VAL X 121 8.42 -70.70 -62.97
N THR X 122 8.85 -71.98 -63.06
CA THR X 122 9.29 -72.77 -61.92
C THR X 122 10.82 -72.77 -61.85
N VAL X 123 11.31 -72.76 -60.62
CA VAL X 123 12.72 -72.79 -60.28
C VAL X 123 12.69 -73.92 -59.25
N SER X 124 13.58 -73.94 -58.24
CA SER X 124 13.61 -75.04 -57.29
C SER X 124 14.34 -74.71 -55.99
N SER X 125 15.56 -74.20 -56.11
CA SER X 125 16.44 -74.01 -54.96
C SER X 125 15.88 -72.98 -53.97
#